data_8IP9
#
_entry.id   8IP9
#
loop_
_entity.id
_entity.type
_entity.pdbx_description
1 polymer '18S ribosomal RNA'
2 polymer '40S ribosomal protein eS24'
3 polymer '40S ribosomal protein eS8'
4 polymer '40S ribosomal protein eS10'
5 polymer '40S ribosomal protein S23'
6 polymer RACK1
7 polymer '40S ribosomal protein uS3'
8 polymer '40S ribosomal protein eS4'
9 polymer '40S ribosomal protein uS7'
10 polymer '40S ribosomal protein uS9'
11 polymer '40S ribosomal protein uS10'
12 polymer '40S ribosomal protein uS11'
13 polymer '40S ribosomal protein uS13'
14 polymer '40S ribosomal protein uS15'
15 polymer '40S ribosomal protein eS17'
16 polymer '40S ribosomal protein eS19'
17 polymer '40S ribosomal protein uS19'
18 polymer '40S ribosomal protein eS25'
19 polymer '40S ribosomal protein eS28'
20 polymer '40S ribosomal protein uS8'
21 polymer '40S ribosomal protein uS14'
22 polymer '40S ribosomal protein eS27'
23 polymer '40S ribosomal protein eS30'
24 polymer '40S ribosomal protein uS2'
25 polymer '40S ribosomal protein eS1'
26 polymer '40S ribosomal protein eS21'
27 polymer '40S ribosomal protein eS26'
28 polymer '40S ribosomal protein uS4'
29 polymer '40S ribosomal protein uS5'
30 polymer '40S ribosomal protein eS6'
31 polymer '40S ribosomal protein eS7'
32 polymer '40S ribosomal protein uS17'
33 polymer '60S ribosomal protein eL41'
34 polymer mRNA
35 polymer tRNAi
36 non-polymer 'MAGNESIUM ION'
37 non-polymer 'ZINC ION'
#
loop_
_entity_poly.entity_id
_entity_poly.type
_entity_poly.pdbx_seq_one_letter_code
_entity_poly.pdbx_strand_id
1 'polyribonucleotide'
;UACCUGGUUGAUCCUGCCAGUAGUCAUAUGCUUGUCUCAAAGAUUAAGCCAUGCAUGUGCAAGUAUGAACCAAUUUGAAC
UGUGAAACUGCGAAUGGCUCAUUAAAUCAGUUAUAGUUUGUUUGAUGGUACGUGCUACUCGGAUAACCGUAGUAAUUCUA
GAGCUAAUACGUGCAACAAACCCCGACUUCUGGGAGGGGCGCAUUUAUUAGAUAAAAGGCUGACGCGGGCUCUGCUCGCU
GAUCCGAUGAUUCAUGAUAACUCGACGGAUCGCACGGCCUUCGUGCCGGCGACGCAUCAUUCAAAUUUCUGCCCUAUCAA
CUUUCGAUGGUAGGAUAGGGGCCUACCAUGGUGGUGACGGGUGACGGAGAAUUAGGGUUCGAUUCCGGAGAGGGAGCCUG
AGAAACGGCUACCACAUCCAAGGAAGGCAGCAGGCGCGCAAAUUACCCAAUCCUGACACGGGGAGGUAGUGACAAUAAAU
AACAAUACCGGGCGCAUUAGUGUCUGGUAAUUGGAAUGAGUACAAUCUAAAUCCCUUAACGAGGAUCCAUUGGAGGGCAA
GUCUGGUGCCAGCAGCCGCGGUAAUUCCAGCUCCAAUAGCGUAUAUUUAAGUUGUUGCAGUUAAAAAGCUCGUAGUUGGA
CCUUGGGCCGGGUCGGCCGGUCCGCCUCACGGCGAGCACCGACCUACUCGACCCUUCGGCCGGCAUCGCGCUCCUAGCCU
UAAUUGGCCGGGUCGUGUUUCCGGCAUCGUUACUUUGAAGAAAUUAGAGUGCUCAAAGCAAGCCAUCGCUCUGGAUACAU
UAGCAUGGGAUAACAUCAUAGGAUUCCGGUCCUAUUGUGUUGGCCUUCGGGAUCGGAGUAAUGAUUAAUAGGGACAGUCG
GGGGCAUUCGUAUUUCAUAGUCAGAGGUGAAAUUCUUGGAUUUAUGAAAGACGAACAACUGCGAAAGCAUUUGCCAAGGA
UGUUUUCAUUAAUCAAGAACGAAAGUUGGGGGCUCGAAGACGAUCAGAUACCGUCCUAGUCUCAACCAUAAACGAUGCCG
ACCAGGGAUCGGCGGAUGUUGCUUAUAGGACUCCGCCGGCACCUUAUGAGAAAUCAAAGUCUUUGGGUUCCGGGGGGAGU
AUGGUCGCAAGGCUGAAACUUAAAGGAAUUGACGGAAGGGCACCACCAGGCGUGGAGCCUGCGCUUAAUUUGACUCAACA
CGGGGAAACUUACCAGGUCCAGACAUAGCAAGGAUUGACAGACUGAGAGCUCUUUCUUGAUUCUAUGGGUGGUGGUGCAU
GGCCGUUCUUAGUUGGUGGAGCGAUUUGUCUGGUUAAUUCCGUUAACGAACGAGACCUCAGCCUGCUAACUAGCUAUGCG
GAGCCAUCCCUCCGCAGCUAGCUUCUUAGAGGGACUAUGGCCGUUUAGGCCACGGAAGUUUGAGGCAAUAACAGGUCUGU
CAUGCCCUUAGAUGUUCUGGGCCGCACGCGCGCUACACUGAUGUAUUCAACGAGUAUAUAGCCUUGGCCGACAGGCCCGG
GUAAUCUUGGGAAAUUUCAUCGUGAUGGGGAUAGAUCAUUGCAAUUGUUGGUCUUCAACGAGGAAUGCCUAGUAAGCGCG
AGUCAUCAGCUCGCGUUGACUACGUCCCUGCCCUUUGUACACACCGCCCGUCGCUCCUACCGAUUGAAUGGUCCGGUGAA
GUGUUCGGAUCGCGGCGACGGGGGCGGUUCGCCGCCCCCGACGUCGCGAGAAGUCCAUUGAACCUUAUCAUUUAGAGGAA
GCAGAAGUCGUAACAAGGUUUCCGUAGGUGAACCUGCGGAAGGAUCAUUG
;
aa
2 'polypeptide(L)'
;MADAKTAPAVTLRTRKFMTNRLLSRKQFVLEVIHPGRANVSKADLKERLAKIYEVKDSNCIFVFKFRTHFGGGKSTGFGL
IYDNLEAAKKFEPKYRLIRNGLATKVEKSRKQIKERKNRTKKIRGVKKTKAGDAKKK
;
ba
3 'polypeptide(L)'
;MGISRDSMHKRRATGGKQKAWRKKRKYELGRQPANTKLSSNKTVRRVRVRGGNVKWRALRLDTGNFSWGSEAVTRKTRLL
DVVYNSSNNELVRTQTLVKNAIVQVDAAPFKQWYLTHYGVEIGRKKKAAAAAKKEPAEGQEAEVAAAATEEAKKSNNVQR
KLEKRQQGRTLDSHIEEQFSGGRLLACISSRPGQCGRADGYILEGKELEFYMRKLQKKKGKGATA
;
ca
4 'polypeptide(L)'
;MIISKKNRNEICKYLFQEGVLYAKKDYNLAKHPQIDVPNLQVIKLMQSFKSKEYVRETFSWQHYYWYLTNDGIEFLRNFL
NLPSEIVPATLKKSARPPGRPLGSGPPGDRPRGPPRFEGDRPRYGDRDGYRGGPRGAPGDFGGEKGGAPAEFQPSFRSSG
GGGFGRGGGGGFGRGGGGGGGFGASPME
;
da
5 'polypeptide(L)'
;MGKTRGMGAGRKLKTHRRNQRWADKAYKKSHLGNEWKKPFAGSSHAKGIVLEKIGIEAKQPNSAIRKCARVQLVKNGKKI
AAFVPNDGCLNFIEENDEVLIAGFGRKGHAVGDIPGVRFKVVKVSGVSLLALFKEKKEKPRS
;
ga
6 'polypeptide(L)'
;MAGAQESLVYAGVMRGHNDVVTAIATPIDNSPFIVSSSRDKSLLVWDLTNPIQATQDSSSEYGVPFRRLTGHGHFVQDVV
LSSDGQFALSGSWDGELRLWDLSTGVTTRRFVGHEKDVLSVAFSIDNRQIVSASRDRTIKLWNTLGECKYTIGGDLGGGE
GHTGWVSCVRFSPNNFAPTIVSGSWDRSVKVWNLTNCKLRCTLDGHGGYVSAVAVSPDGSLCASGGKDGVTLLWDLTEGK
RLYSLDAGSIINSLCFSPNRYWLCAATQDSIKIWDLESKHIVQDLRPEVPVSTKQMLYCTCLSWSADGSTLYAGYTDGTI
RIYKISGFSYSS
;
ha
7 'polypeptide(L)'
;MATQISKKKKFVSDGVFYAELNEMLTRELAEDGYSGVEVRVTPMRTEIIIRATRTQNVLGEKGRRIRELTSVVQKRFNFL
ENGVELYAEKVVNRGLCAIAQAESLRYKLLGGLAVRRACYGVLRFVMESGAKGCEVIVSGKLRAQRAKSMKFKDGYMISS
GQPVNEYIDAAVRHVLLRQGVLGIKVKIMLDWDPKGKLGPTTPLPDLVTIHPPKEENELRPPALVEV
;
ia
8 'polypeptide(L)'
;MARGLKKHLKRLNAPSHWMLDKLGGAFAPKPSSGPHKARECLPLILILRNRLKYALTYREVQSILMQRHIMVDGKVRTDK
TYPAGFMDIISIPKTGENYRLLYDTKGRFRLHSVRDEDAKFKLCKVRSVQFGQKGIPYLNTYDGRTIRYPDPLIKANDTI
KLDLETNKIVDFIKFDVGNVVMVTGGRNTGRVGVIKNREKHKGTFETIHVEDAQGHQFATRLGNVFTIGKGTKPWVSLPK
GKGIKLTIIEEQRKRDAAAQAAAKA
;
ja
9 'polypeptide(L)'
;MAVVEPVPGGDVKLFNRWTFEDVQVSDISLNDYLAVTSMKHYTFLPHSAGRYSAKRFRKAQCPIIERLTNSLMMHGRNNG
KKIMAVRIIKHTMEIIHLLTDANPIQIIVDAIINSGPREDATRIGSAGVVRRQAVDISPLRRVNQAIYLLTTGARESAFR
NVKTIAECLADELINAAKGSSNSYAIKKKDEIERVAKANR
;
ka
10 'polypeptide(L)'
;MAAVLTRPTPGTVQCFGRKKTAVAVAYCKPGRGLIKVNGAPIELIRPEMLRLKAFEPILLAGRSRFKDIDMRIRVRGGGK
TSQIYSIRQAIAKSLVAYYQKYVDEAAKKEVKEIFARYDRTLLVADPRRCEPKKFGGRGARARFQKSYR
;
la
11 'polypeptide(L)'
;MATELAYAPPMKSGKLGFEGTQEVQHRIRITLSSKSVKNLEKVCSDLVKGAKEKQLKVKGPVRMPTKVLNITTRKSPCGE
GTNTWDRFEMRVHKRVIDLVSSPDVVKQITSITIEPGVEVEVTISDQ
;
ma
12 'polypeptide(L)'
;MSSKRKTREPKEENVTLGPAVREGEHVFGVAHIFASFNDTFIHVTDLSGRETLVRITGGMKVKADRDESSPYAAMLASQD
VATRCKELGITALHIKLRATGGNKTKTPGPGAQSALRALARSGMKIGRIEDVTPVPTDSTRRKGGRRGRRL
;
na
13 'polypeptide(L)'
;MSLIAGEEFQHILRVLNTNVDGKQKIMFALTSIKGVGRRFSNIVCKKADIDMNKRAGELSAEEMDRLMAVVHNPRQFKVP
DWFLNRKKDYKDGRFSQVVSNAVDMKLRDDLERLKKIRNHRGLRHYWGVRVRGQHTKTTGRRGKTVGVSKKR
;
oa
14 'polypeptide(L)'
;MGRMHSRGKGISSSALPYKRTPPSWVKTAVADVDELITKAAKKGQMPSQIGVLLRDQHGIPLVKSVTGSKILRILKAHGL
APEIPEDLYFLIKKAVAIRKHLERNRKDKDSKFRLILVESRIHRLARYYKRTKKLPPTWKYESATASTLVA
;
pa
15 'polypeptide(L)'
;MGRVRTKTVKKTSRQVIEKYYSRMTLDFHTNKKVLEEVSILQSKRLRNKVAGFTTHLMRRIQRGPVRGISLKLQEEERER
RMDFVPEKSALEVDEIRVDKETMDMLAFLGMADLPGVERAPEVTSSAAPYRQPFNGPRGGNRA
;
qa
16 'polypeptide(L)'
;MATVPAPAAETAASTARTVKDVNPHEFVKAYSAHLKRSGKMELPEWVDIVKTARFKELPPSDADWYYIRAASMARKIYLR
QGIGIGGFQKIYGGRQRNGSRPPHFCKSSGAVSRNILQELQKMGIIDVDPKGGRLITSQGRRDLDQVAGTVPAEF
;
ra
17 'polypeptide(L)'
;MADVDVDTEVAAGAQPKKRTFRKFSYRGVDLDALLDMSTDDLVQMFPARARRRFKRGLKRKPMALVKKLRKAKKDAPAGE
KPEPVRTHLRNMIIVPEMIGSLIGVYNGKTFNQVEIKPEMIGHYLAEFSISYKPVKHGRPGIGATHSSRFIPLK
;
sa
18 'polypeptide(L)'
;MAPKKEKAPAASSKPAKSGGGKQKKKKWSKGKQKEKVNNAVLFDQATYDKLLTEVPKYKQITPSVLSERLRINGSLARRA
IKDLMERGLIRMVSIHSSQQIFTRATNT
;
ta
19 'polypeptide(L)'
;RGRLHRCSRSSDPPSPTPQESMDTQVKLAVVVKVMGRTGSRGQVTQVRVKFLDDQNRLIMRNVKGPVREGDILTLLESER
EARRLR
;
ua
20 'polypeptide(L)'
;MGRRILNDALRTMVNAERRGKATAQLQPISGVMISFLNIMKHRGYIKNFEVFDPHRVGKITVELQGRIKDCKALTYRQDL
RATEIEKYRTRMLPTRQWGYVVVTTPNGVLDHEEAIRQNVGGQVLGYFH
;
va
21 'polypeptide(L)' MGHSNVWNSHPKNYGAGSRVCRVCGNSHGLIRKYGLMCCRQCFRSNAKDIGFIKYR wa
22 'polypeptide(L)'
;MVLQNDIDLLNPPAELEKLKHKKKRLVQSPNSFFMDVKCQGCFNITTVFSHSQTVVVCPGCQTVLCQPTGGKARLTEGCS
FRRKGD
;
xa
23 'polypeptide(L)' MGKVHGSLARAGKVRGQTPKVAKQDKKKQPRGRAHKRIQYNRRFVTAVVGFGKKRGPNSSEK ya
24 'polypeptide(L)'
;MAAAAGEAPRALSQKEQDIQMMLAADVHLGTKNCDFQMERYAYKRRSDGIYIINLGKTWEKLQLAARVIVAIENPQDIIV
QSARPYGQRAVLKFAQHTGANAIAGRHTPGTFTNQMQTSFSEPRLLILTDPRTDHQPIKESALGNIPTIAFCDTDSPMRY
VDIGIPANNKGRNSIGCLYWLLARMVLQMRGTILPGHKWDVMVDLFFYRDPEEAKEQEDEAAGAPEYAAITDYGAAAGQW
GGDQWTSDAPAPPPVTGGEWPMAEAPVAGGDGWDAAGAPVAVEGAVPAPVVAATGWDAAVQPPAQGWE
;
za
25 'polypeptide(L)'
;MAVGKNKRISKGRKGSKKKAVDPFTKKQWYDIKAPLLFTSRNVGKTLVSRTQGTKIASEGLKHRVFEVSLADLQNDEDQA
YRKIRLRAEDVQGMNVLTNFWGMDFTTDKLRSLVRKWQTLIEAHVDVKTTDNYMLRMFAIGFTKRRPNQVKRTCYAQASQ
IRQIRRKMVEIMVNQAASCDLKELVNKFIPEVIGKEIEKATSSIFPLQNVYVRKVKILKAPKFDLGKLMEVHGDYKEDVG
VKLDRPADGDEVIPGAEEVAAAE
;
bb
26 'polypeptide(L)'
;MQNEVGDMVDLYVPRKCSATNRIITAKDHASVQINIGHVDENGLYDGRFTTFALSGFVRAQGDADGSLDRLWQKRKAEIK
QL
;
cb
27 'polypeptide(L)'
;MTFKRRNGGRNKHGRGHVKYIRCSNCAKCCPKDKAIKRFLVRNIVEQAAVRDVQEACVHDGYVLPKLYAKVHHCVSCAIH
AHIVRVRSRENRRNREPPQRFRRRDDGPRPGQGGPPRAGGPGAPGGAPAGAGAVPGAPGGAPAGAGAVPGAPAPRV
;
db
28 'polypeptide(L)'
;MVHVNFYRNYGKTFKKPRRPYEKERLDAELKLVGEYGLRCKRELWRVQYALSRIRNAARHLLTLDEKNPRRIFEGAALLR
RMNRYGLLAEGQDKLDYVLALTAENFLARRLQTLVFKAGMAKSIHHARVLIRQRHIRVGRQIVNVPSFMVRVESEKHIDF
SLTSPFGGGPAGRVKRKNQKKASGGGDAGGDEEEE
;
eb
29 'polypeptide(L)'
;MADRGGERGVDRGGFGRGFGRGGRGDRGGRRGGRRGPRQEEEKWVPVTKLGRLVKEGRFTKMEEIYLHSLPVKEHQIVET
LCPGLKDEVMKITPVQKQTRAGQRTRFKAFVVVGDSNGHVGLGVKCAKEVATAIRGAIILAKLSIVPVRRGYWGNKIGLP
HTVPCKVTGKCGSVTVRMVPAPRGSGIVAARVPKKVLQFAGIDDVFTSSRGSTKTLGNFVKATFDCLMKTYGFLTPDFWR
ETTFTKAPYQEFTDILAKPTKALMLDAPAEKVEA
;
fb
30 'polypeptide(L)'
;MKLNIANPTTGCQKKVEIDDDMKLRNLYDKRISQEVVGDLLGEEFEGYIFKIMGGCDKQGFPMKQGVLTPGRVRLLLHRG
TSCFRGHGRRVGERRRKSVRGCIVSQDLSVINLVIVKKGKNDLPGLTDTEKPRMRGPKRASKIKKLFNLGKDDDVRQYVN
TYRRSFTNKKGKTVSKAPKIQRLVTPLTLQRKRARIADKKKRIAKKKSEAAEYQKLLAQRLKEQRDRRSESMAKRRSKLS
AATKAPAASA
;
gb
31 'polypeptide(L)'
;MYTARKKIQKDKGVEPSEFEDTVAQAFFDLENGNQELKSDLKDLYINTAIQMDVVGNRKAVVIHVPYRLRKPFRKIHVRL
VRELEKKFSGKDVVFVATRRIVRPPKKGSAVQRPRTRTLTAVHDGILEDVVYPAEIVGKRVRYRLDGAKVIKIYLDPKER
NNTEYKLETFSAVYRRLCGKDVVFEYPVTETA
;
hb
32 'polypeptide(L)'
;MAEQTEKSFLKQPKVFLSTKKADKAKRPGKAGNRFWKSVGLGFKTPREAIDGTYIDKKCPFTGTVAIRGRIIAGTCHSAK
MNRTIIVRRNYLHFVKKYQRYEKRHSNIPAHISPCFRVKEGDHVIIGQCRPLSKTVRFNVLKVVPAGTTGGGKKAFIAA
;
ib
33 'polypeptide(L)' MRAKWKKKRMRRLKRKRRKMRQRSK IB
34 'polyribonucleotide' AUGUAAA al
35 'polyribonucleotide'
;AUCAGAGU(1MG)(2MG)CGCAGCGGAAGCGU(2MG)G(PSU)GGGCCCAU(MIA)ACCCACAG(G7M)(H2U)(5MC)
(5MC)CAGGA(PSU)CG(1MA)AACCUGGCUCUGAUACCA
;
cl
#
loop_
_chem_comp.id
_chem_comp.type
_chem_comp.name
_chem_comp.formula
1MA RNA linking 6-HYDRO-1-METHYLADENOSINE-5'-MONOPHOSPHATE 'C11 H16 N5 O7 P'
1MG RNA linking 1N-METHYLGUANOSINE-5'-MONOPHOSPHATE 'C11 H16 N5 O8 P'
2MG RNA linking 2N-METHYLGUANOSINE-5'-MONOPHOSPHATE 'C11 H16 N5 O8 P'
5MC RNA linking 5-METHYLCYTIDINE-5'-MONOPHOSPHATE 'C10 H16 N3 O8 P'
A RNA linking ADENOSINE-5'-MONOPHOSPHATE 'C10 H14 N5 O7 P'
C RNA linking CYTIDINE-5'-MONOPHOSPHATE 'C9 H14 N3 O8 P'
G RNA linking GUANOSINE-5'-MONOPHOSPHATE 'C10 H14 N5 O8 P'
G7M RNA linking N7-METHYL-GUANOSINE-5'-MONOPHOSPHATE 'C11 H17 N5 O8 P 1'
H2U RNA linking 5,6-DIHYDROURIDINE-5'-MONOPHOSPHATE 'C9 H15 N2 O9 P'
MG non-polymer 'MAGNESIUM ION' 'Mg 2'
MIA RNA linking 2-METHYLTHIO-N6-ISOPENTENYL-ADENOSINE-5'-MONOPHOSPHATE 'C16 H24 N5 O7 P S'
PSU RNA linking PSEUDOURIDINE-5'-MONOPHOSPHATE 'C9 H13 N2 O9 P'
U RNA linking URIDINE-5'-MONOPHOSPHATE 'C9 H13 N2 O9 P'
ZN non-polymer 'ZINC ION' 'Zn 2'
#
# COMPACT_ATOMS: atom_id res chain seq x y z
N ALA B 9 -30.90 74.65 -49.24
CA ALA B 9 -29.86 74.86 -50.24
C ALA B 9 -29.27 73.54 -50.72
N VAL B 10 -29.50 73.21 -51.98
CA VAL B 10 -28.93 72.02 -52.59
C VAL B 10 -27.77 72.44 -53.46
N THR B 11 -26.74 71.59 -53.50
CA THR B 11 -25.62 71.79 -54.37
C THR B 11 -25.45 70.58 -55.26
N LEU B 12 -24.72 70.76 -56.35
CA LEU B 12 -24.46 69.71 -57.32
C LEU B 12 -22.97 69.70 -57.59
N ARG B 13 -22.38 68.50 -57.62
CA ARG B 13 -20.93 68.37 -57.63
C ARG B 13 -20.58 67.07 -58.35
N THR B 14 -20.18 67.20 -59.62
CA THR B 14 -19.96 66.06 -60.48
C THR B 14 -18.48 65.66 -60.51
N ARG B 15 -18.24 64.35 -60.50
CA ARG B 15 -16.89 63.82 -60.47
C ARG B 15 -16.75 62.67 -61.46
N LYS B 16 -15.51 62.24 -61.67
CA LYS B 16 -15.16 61.17 -62.60
C LYS B 16 -15.74 61.46 -63.98
N PHE B 17 -15.74 62.73 -64.35
CA PHE B 17 -16.56 63.19 -65.46
C PHE B 17 -15.70 63.33 -66.70
N MET B 18 -16.15 62.73 -67.79
CA MET B 18 -15.39 62.66 -69.02
C MET B 18 -16.34 62.76 -70.20
N THR B 19 -15.95 63.55 -71.19
CA THR B 19 -16.69 63.67 -72.44
C THR B 19 -16.08 62.71 -73.45
N ASN B 20 -16.93 61.85 -74.03
CA ASN B 20 -16.51 60.95 -75.08
C ASN B 20 -17.19 61.34 -76.38
N ARG B 21 -16.41 61.39 -77.46
CA ARG B 21 -16.98 61.63 -78.77
C ARG B 21 -17.40 60.35 -79.48
N LEU B 22 -17.09 59.18 -78.91
CA LEU B 22 -17.55 57.94 -79.53
C LEU B 22 -19.06 57.83 -79.47
N LEU B 23 -19.64 58.04 -78.29
CA LEU B 23 -21.08 58.11 -78.12
C LEU B 23 -21.57 59.53 -77.97
N SER B 24 -20.72 60.51 -78.26
CA SER B 24 -21.09 61.91 -78.40
C SER B 24 -21.88 62.40 -77.18
N ARG B 25 -21.23 62.30 -76.02
CA ARG B 25 -21.87 62.70 -74.78
C ARG B 25 -20.81 62.91 -73.71
N LYS B 26 -21.26 63.09 -72.49
CA LYS B 26 -20.38 63.27 -71.35
C LYS B 26 -20.98 62.60 -70.12
N GLN B 27 -20.15 61.85 -69.42
CA GLN B 27 -20.56 61.01 -68.30
C GLN B 27 -19.96 61.57 -67.02
N PHE B 28 -20.67 61.38 -65.91
CA PHE B 28 -20.20 61.95 -64.64
C PHE B 28 -20.94 61.30 -63.49
N VAL B 29 -20.43 61.54 -62.29
CA VAL B 29 -21.04 61.06 -61.05
C VAL B 29 -21.59 62.27 -60.32
N LEU B 30 -22.90 62.31 -60.16
CA LEU B 30 -23.56 63.35 -59.39
C LEU B 30 -23.47 63.06 -57.90
N GLU B 31 -23.12 64.09 -57.13
CA GLU B 31 -22.90 63.95 -55.70
C GLU B 31 -23.64 65.09 -54.99
N VAL B 32 -24.93 65.23 -55.34
CA VAL B 32 -25.78 66.28 -54.78
C VAL B 32 -25.76 66.27 -53.26
N ILE B 33 -25.65 67.46 -52.68
CA ILE B 33 -25.77 67.67 -51.24
C ILE B 33 -27.07 68.42 -50.97
N HIS B 34 -27.91 67.85 -50.10
CA HIS B 34 -29.20 68.44 -49.75
C HIS B 34 -29.40 68.44 -48.23
N PRO B 35 -28.67 69.27 -47.50
CA PRO B 35 -28.93 69.39 -46.06
C PRO B 35 -30.33 69.92 -45.78
N GLY B 36 -31.11 69.13 -45.04
CA GLY B 36 -32.47 69.48 -44.73
C GLY B 36 -33.51 68.80 -45.60
N ARG B 37 -33.15 68.44 -46.83
CA ARG B 37 -34.09 67.75 -47.70
C ARG B 37 -34.05 66.25 -47.48
N ALA B 38 -35.06 65.57 -48.00
CA ALA B 38 -35.03 64.11 -48.02
C ALA B 38 -34.12 63.61 -49.13
N ASN B 39 -34.45 63.97 -50.37
CA ASN B 39 -33.65 63.64 -51.54
C ASN B 39 -34.11 64.51 -52.69
N VAL B 40 -33.31 64.58 -53.73
CA VAL B 40 -33.63 65.39 -54.90
C VAL B 40 -34.23 64.48 -55.96
N SER B 41 -35.41 64.84 -56.46
CA SER B 41 -36.03 64.07 -57.52
C SER B 41 -35.22 64.19 -58.81
N LYS B 42 -35.29 63.15 -59.64
CA LYS B 42 -34.49 63.17 -60.86
C LYS B 42 -34.93 64.24 -61.83
N ALA B 43 -36.21 64.63 -61.81
CA ALA B 43 -36.66 65.72 -62.67
C ALA B 43 -36.01 67.04 -62.28
N ASP B 44 -35.99 67.35 -60.98
CA ASP B 44 -35.36 68.57 -60.52
C ASP B 44 -33.85 68.52 -60.77
N LEU B 45 -33.25 67.34 -60.59
CA LEU B 45 -31.85 67.17 -60.97
C LEU B 45 -31.65 67.48 -62.44
N LYS B 46 -32.57 67.04 -63.29
CA LYS B 46 -32.52 67.34 -64.72
C LYS B 46 -32.47 68.84 -64.93
N GLU B 47 -33.44 69.54 -64.33
CA GLU B 47 -33.51 70.99 -64.52
C GLU B 47 -32.25 71.67 -64.03
N ARG B 48 -31.84 71.39 -62.79
CA ARG B 48 -30.66 72.05 -62.26
C ARG B 48 -29.44 71.80 -63.13
N LEU B 49 -29.27 70.56 -63.58
CA LEU B 49 -28.13 70.21 -64.41
C LEU B 49 -28.14 70.98 -65.72
N ALA B 50 -29.33 71.22 -66.27
CA ALA B 50 -29.43 71.96 -67.51
C ALA B 50 -28.82 73.35 -67.40
N LYS B 51 -28.85 73.95 -66.21
CA LYS B 51 -28.40 75.32 -66.03
C LYS B 51 -26.99 75.42 -65.46
N ILE B 52 -26.29 74.31 -65.28
CA ILE B 52 -24.85 74.34 -65.20
C ILE B 52 -24.21 73.94 -66.53
N TYR B 53 -24.91 73.15 -67.35
CA TYR B 53 -24.33 72.72 -68.61
C TYR B 53 -25.06 73.24 -69.85
N GLU B 54 -26.13 74.02 -69.68
CA GLU B 54 -26.63 74.92 -70.72
C GLU B 54 -26.95 74.15 -72.00
N VAL B 55 -27.94 73.27 -71.89
CA VAL B 55 -28.12 72.21 -72.88
C VAL B 55 -29.13 72.56 -73.97
N LYS B 56 -29.93 73.62 -73.80
CA LYS B 56 -30.89 74.08 -74.80
C LYS B 56 -32.06 73.11 -74.90
N ASP B 57 -31.92 71.96 -74.25
CA ASP B 57 -32.94 70.92 -74.33
C ASP B 57 -32.71 69.98 -73.15
N SER B 58 -33.68 69.95 -72.23
CA SER B 58 -33.55 69.18 -71.00
C SER B 58 -34.06 67.76 -71.16
N ASN B 59 -34.06 67.23 -72.38
CA ASN B 59 -34.43 65.85 -72.62
C ASN B 59 -33.23 64.96 -72.91
N CYS B 60 -32.08 65.54 -73.24
CA CYS B 60 -30.85 64.81 -73.47
C CYS B 60 -30.10 64.52 -72.17
N ILE B 61 -30.71 64.78 -71.02
CA ILE B 61 -30.09 64.61 -69.72
C ILE B 61 -30.71 63.39 -69.07
N PHE B 62 -29.86 62.50 -68.55
CA PHE B 62 -30.30 61.24 -67.95
C PHE B 62 -29.57 61.03 -66.64
N VAL B 63 -30.29 60.53 -65.64
CA VAL B 63 -29.74 60.29 -64.32
C VAL B 63 -30.28 58.96 -63.82
N PHE B 64 -29.45 58.20 -63.12
CA PHE B 64 -29.88 56.90 -62.64
C PHE B 64 -28.97 56.43 -61.53
N LYS B 65 -29.38 55.33 -60.88
CA LYS B 65 -28.58 54.63 -59.87
C LYS B 65 -28.25 55.54 -58.68
N PHE B 66 -29.30 56.05 -58.04
CA PHE B 66 -29.11 56.95 -56.92
C PHE B 66 -29.22 56.20 -55.60
N ARG B 67 -28.44 56.66 -54.61
CA ARG B 67 -28.25 55.85 -53.41
C ARG B 67 -28.82 56.47 -52.15
N THR B 68 -28.60 57.76 -51.91
CA THR B 68 -29.04 58.45 -50.69
C THR B 68 -28.36 57.87 -49.44
N HIS B 69 -27.08 58.21 -49.32
CA HIS B 69 -26.21 57.76 -48.23
C HIS B 69 -26.84 57.69 -46.84
N PHE B 70 -26.42 56.70 -46.06
CA PHE B 70 -26.91 56.52 -44.71
C PHE B 70 -26.56 57.72 -43.86
N GLY B 71 -27.52 58.20 -43.07
CA GLY B 71 -27.37 59.42 -42.33
C GLY B 71 -27.99 60.63 -43.00
N GLY B 72 -28.30 60.54 -44.28
CA GLY B 72 -29.05 61.58 -44.95
C GLY B 72 -28.18 62.74 -45.37
N GLY B 73 -28.79 63.64 -46.13
CA GLY B 73 -28.11 64.85 -46.54
C GLY B 73 -27.05 64.66 -47.59
N LYS B 74 -27.14 63.59 -48.38
CA LYS B 74 -26.15 63.30 -49.39
C LYS B 74 -26.70 62.24 -50.33
N SER B 75 -26.52 62.44 -51.62
CA SER B 75 -26.94 61.47 -52.61
C SER B 75 -25.96 61.47 -53.77
N THR B 76 -25.68 60.28 -54.28
CA THR B 76 -24.80 60.07 -55.41
C THR B 76 -25.53 59.23 -56.46
N GLY B 77 -25.04 59.31 -57.69
CA GLY B 77 -25.68 58.62 -58.80
C GLY B 77 -24.94 58.95 -60.07
N PHE B 78 -25.41 58.38 -61.17
CA PHE B 78 -24.71 58.52 -62.42
C PHE B 78 -25.50 59.41 -63.38
N GLY B 79 -24.79 60.28 -64.09
CA GLY B 79 -25.39 61.23 -65.00
C GLY B 79 -24.79 61.22 -66.39
N LEU B 80 -25.67 61.30 -67.39
CA LEU B 80 -25.32 61.30 -68.80
C LEU B 80 -25.90 62.56 -69.44
N ILE B 81 -25.07 63.37 -70.08
CA ILE B 81 -25.53 64.50 -70.88
C ILE B 81 -25.15 64.25 -72.32
N TYR B 82 -26.13 64.30 -73.20
CA TYR B 82 -25.92 63.98 -74.59
C TYR B 82 -25.66 65.30 -75.34
N ASP B 83 -25.65 65.26 -76.66
CA ASP B 83 -25.57 66.51 -77.41
C ASP B 83 -26.62 66.60 -78.51
N ASN B 84 -27.49 65.61 -78.65
CA ASN B 84 -28.56 65.59 -79.64
C ASN B 84 -29.78 64.95 -79.01
N LEU B 85 -30.92 65.09 -79.68
CA LEU B 85 -31.99 64.13 -79.45
C LEU B 85 -31.75 62.85 -80.24
N GLU B 86 -31.13 62.97 -81.42
CA GLU B 86 -30.82 61.80 -82.22
C GLU B 86 -29.86 60.87 -81.47
N ALA B 87 -28.82 61.44 -80.89
CA ALA B 87 -27.85 60.63 -80.16
C ALA B 87 -28.49 59.96 -78.95
N ALA B 88 -29.36 60.68 -78.26
CA ALA B 88 -30.08 60.07 -77.14
C ALA B 88 -31.02 58.97 -77.58
N LYS B 89 -31.56 59.06 -78.80
CA LYS B 89 -32.41 57.96 -79.26
C LYS B 89 -31.60 56.76 -79.71
N LYS B 90 -30.41 56.96 -80.29
CA LYS B 90 -29.65 55.79 -80.70
C LYS B 90 -28.84 55.19 -79.56
N PHE B 91 -28.26 56.02 -78.70
CA PHE B 91 -27.30 55.57 -77.71
C PHE B 91 -27.90 55.36 -76.33
N GLU B 92 -29.22 55.26 -76.23
CA GLU B 92 -29.79 55.04 -74.91
C GLU B 92 -30.77 53.88 -74.96
N PRO B 93 -30.84 53.09 -73.89
CA PRO B 93 -31.77 51.97 -73.87
C PRO B 93 -33.21 52.46 -73.83
N LYS B 94 -34.12 51.59 -74.25
CA LYS B 94 -35.50 52.00 -74.41
C LYS B 94 -36.14 52.39 -73.09
N TYR B 95 -35.88 51.64 -72.02
CA TYR B 95 -36.59 51.90 -70.78
C TYR B 95 -36.19 53.26 -70.21
N ARG B 96 -34.93 53.67 -70.42
CA ARG B 96 -34.48 54.97 -69.95
C ARG B 96 -35.22 56.10 -70.66
N LEU B 97 -35.40 55.97 -71.97
CA LEU B 97 -36.16 56.97 -72.71
C LEU B 97 -37.61 56.97 -72.28
N ILE B 98 -38.18 55.78 -72.04
CA ILE B 98 -39.54 55.70 -71.52
C ILE B 98 -39.65 56.47 -70.21
N ARG B 99 -38.64 56.32 -69.35
CA ARG B 99 -38.64 57.06 -68.09
C ARG B 99 -38.58 58.56 -68.33
N ASN B 100 -37.78 59.00 -69.29
CA ASN B 100 -37.73 60.43 -69.60
C ASN B 100 -38.86 60.88 -70.51
N GLY B 101 -39.72 59.96 -70.96
CA GLY B 101 -40.91 60.33 -71.68
C GLY B 101 -40.78 60.43 -73.19
N LEU B 102 -39.85 59.70 -73.80
CA LEU B 102 -39.68 59.72 -75.24
C LEU B 102 -40.14 58.44 -75.93
N ALA B 103 -40.81 57.53 -75.22
CA ALA B 103 -41.20 56.27 -75.82
C ALA B 103 -42.35 55.65 -75.03
N THR B 104 -42.81 54.50 -75.50
CA THR B 104 -43.95 53.78 -74.92
C THR B 104 -43.65 52.29 -74.92
N LYS B 105 -44.42 51.53 -74.14
CA LYS B 105 -44.05 50.14 -73.83
C LYS B 105 -45.12 49.16 -74.27
N VAL B 106 -44.76 47.87 -74.19
CA VAL B 106 -45.61 46.73 -74.55
C VAL B 106 -45.37 45.59 -73.56
N GLU B 107 -46.07 44.46 -73.74
CA GLU B 107 -46.08 43.35 -72.79
C GLU B 107 -45.92 42.01 -73.50
N LYS B 108 -46.14 40.87 -72.82
CA LYS B 108 -46.01 39.58 -73.50
C LYS B 108 -46.98 38.54 -72.98
N SER B 109 -47.21 37.52 -73.81
CA SER B 109 -47.96 36.32 -73.48
C SER B 109 -47.37 35.18 -74.30
N ARG B 110 -46.86 34.13 -73.64
CA ARG B 110 -45.85 33.28 -74.25
C ARG B 110 -46.41 32.05 -74.97
N LYS B 111 -47.57 31.54 -74.55
CA LYS B 111 -48.24 30.54 -75.35
C LYS B 111 -48.68 31.20 -76.66
N GLN B 112 -48.44 30.52 -77.78
CA GLN B 112 -48.74 31.05 -79.10
C GLN B 112 -47.98 32.31 -79.43
N ILE B 113 -47.05 32.75 -78.57
CA ILE B 113 -46.17 33.83 -78.99
C ILE B 113 -45.28 33.31 -80.11
N LYS B 114 -44.90 32.03 -80.06
CA LYS B 114 -44.42 31.30 -81.23
C LYS B 114 -44.93 29.86 -81.32
N GLU B 115 -45.46 29.27 -80.26
CA GLU B 115 -45.56 27.81 -80.18
C GLU B 115 -46.51 27.24 -81.24
N ARG B 116 -47.77 27.67 -81.24
CA ARG B 116 -48.68 27.12 -82.25
C ARG B 116 -48.53 27.79 -83.61
N LYS B 117 -47.83 28.92 -83.71
CA LYS B 117 -47.46 29.41 -85.02
C LYS B 117 -46.43 28.51 -85.69
N ASN B 118 -45.72 27.70 -84.91
CA ASN B 118 -44.71 26.79 -85.47
C ASN B 118 -45.32 25.81 -86.46
N ARG B 119 -46.56 25.41 -86.22
CA ARG B 119 -47.03 24.10 -86.64
C ARG B 119 -48.08 24.10 -87.74
N THR B 120 -48.43 25.26 -88.31
CA THR B 120 -49.51 25.30 -89.31
C THR B 120 -49.01 25.11 -90.73
N LYS B 121 -48.13 25.99 -91.22
CA LYS B 121 -47.71 25.91 -92.62
C LYS B 121 -46.55 24.96 -92.85
N GLY C 2 -20.85 0.50 -84.17
CA GLY C 2 -20.44 -0.59 -85.02
C GLY C 2 -19.01 -1.04 -84.74
N ILE C 3 -18.31 -1.41 -85.81
CA ILE C 3 -16.92 -1.81 -85.66
C ILE C 3 -16.14 -0.65 -85.06
N SER C 4 -15.27 -0.96 -84.10
CA SER C 4 -14.70 0.06 -83.24
C SER C 4 -13.21 -0.14 -83.12
N ARG C 5 -12.49 0.94 -82.78
CA ARG C 5 -11.05 0.90 -82.62
C ARG C 5 -10.60 1.34 -81.22
N ASP C 6 -11.44 1.19 -80.22
CA ASP C 6 -11.03 1.56 -78.87
C ASP C 6 -10.34 0.37 -78.19
N SER C 7 -9.66 0.65 -77.10
CA SER C 7 -8.97 -0.38 -76.35
C SER C 7 -9.82 -1.00 -75.25
N MET C 8 -11.07 -0.55 -75.10
CA MET C 8 -11.85 -0.91 -73.93
C MET C 8 -12.16 -2.40 -73.87
N HIS C 9 -12.52 -3.01 -75.00
CA HIS C 9 -12.85 -4.43 -74.95
C HIS C 9 -11.62 -5.30 -74.71
N LYS C 10 -10.42 -4.75 -74.85
CA LYS C 10 -9.20 -5.50 -74.62
C LYS C 10 -8.98 -5.74 -73.13
N ARG C 11 -8.26 -6.80 -72.83
CA ARG C 11 -7.83 -7.09 -71.48
C ARG C 11 -6.60 -6.26 -71.16
N ARG C 12 -6.42 -5.93 -69.89
CA ARG C 12 -5.20 -5.23 -69.49
C ARG C 12 -3.99 -6.11 -69.73
N ALA C 13 -2.82 -5.47 -69.72
CA ALA C 13 -1.58 -6.22 -69.86
C ALA C 13 -1.41 -7.25 -68.76
N THR C 14 -1.92 -6.96 -67.57
CA THR C 14 -1.94 -7.94 -66.49
C THR C 14 -2.86 -9.11 -66.81
N GLY C 15 -3.72 -8.99 -67.80
CA GLY C 15 -4.72 -9.98 -68.05
C GLY C 15 -6.02 -9.77 -67.30
N GLY C 16 -6.11 -8.72 -66.50
CA GLY C 16 -7.34 -8.43 -65.82
C GLY C 16 -8.39 -7.84 -66.74
N LYS C 17 -9.63 -8.21 -66.48
CA LYS C 17 -10.74 -7.75 -67.30
C LYS C 17 -10.98 -6.27 -67.03
N GLN C 18 -11.55 -5.60 -68.03
CA GLN C 18 -11.68 -4.14 -68.03
C GLN C 18 -13.14 -3.75 -68.09
N LYS C 19 -13.59 -3.00 -67.08
CA LYS C 19 -14.99 -2.65 -66.99
C LYS C 19 -15.36 -1.54 -67.96
N ALA C 20 -16.61 -1.53 -68.38
CA ALA C 20 -17.12 -0.54 -69.32
C ALA C 20 -17.51 0.71 -68.55
N TRP C 21 -16.79 1.80 -68.78
CA TRP C 21 -17.11 3.09 -68.18
C TRP C 21 -17.62 4.08 -69.21
N ARG C 22 -17.95 3.62 -70.41
CA ARG C 22 -18.26 4.51 -71.51
C ARG C 22 -19.03 3.75 -72.57
N LYS C 23 -19.78 4.49 -73.38
CA LYS C 23 -20.34 3.96 -74.61
C LYS C 23 -19.36 4.18 -75.75
N LYS C 24 -19.68 3.61 -76.91
CA LYS C 24 -18.79 3.70 -78.06
C LYS C 24 -18.93 5.06 -78.74
N ARG C 25 -17.80 5.68 -79.02
CA ARG C 25 -17.76 7.02 -79.58
C ARG C 25 -17.53 6.96 -81.08
N LYS C 26 -18.11 7.91 -81.80
CA LYS C 26 -18.01 7.86 -83.25
C LYS C 26 -16.60 8.15 -83.73
N TYR C 27 -15.83 8.89 -82.98
CA TYR C 27 -14.45 9.09 -83.41
C TYR C 27 -13.60 7.86 -83.25
N GLU C 28 -14.21 6.73 -82.90
CA GLU C 28 -13.49 5.51 -82.65
C GLU C 28 -13.80 4.43 -83.67
N LEU C 29 -14.58 4.76 -84.69
CA LEU C 29 -15.17 3.75 -85.55
C LEU C 29 -14.17 3.14 -86.52
N GLY C 30 -14.51 1.95 -87.00
CA GLY C 30 -13.96 1.42 -88.22
C GLY C 30 -15.10 1.04 -89.15
N ARG C 31 -14.74 0.63 -90.36
CA ARG C 31 -15.71 0.23 -91.37
C ARG C 31 -15.34 -1.16 -91.89
N GLN C 32 -16.25 -1.77 -92.66
CA GLN C 32 -15.82 -3.05 -93.17
C GLN C 32 -14.89 -2.88 -94.36
N PRO C 33 -13.99 -3.84 -94.59
CA PRO C 33 -13.01 -3.70 -95.66
C PRO C 33 -13.61 -3.65 -97.05
N ALA C 34 -12.78 -3.35 -98.04
CA ALA C 34 -13.24 -3.24 -99.42
C ALA C 34 -12.95 -4.46 -100.27
N ASN C 35 -11.98 -5.29 -99.87
CA ASN C 35 -11.50 -6.48 -100.59
C ASN C 35 -11.62 -6.28 -102.10
N THR C 36 -10.96 -5.25 -102.62
CA THR C 36 -11.01 -4.90 -104.02
C THR C 36 -10.76 -6.11 -104.91
N LYS C 37 -11.80 -6.53 -105.62
CA LYS C 37 -11.64 -7.61 -106.58
C LYS C 37 -10.97 -7.11 -107.84
N LEU C 38 -10.36 -8.03 -108.56
CA LEU C 38 -9.71 -7.72 -109.84
C LEU C 38 -10.66 -8.17 -110.93
N SER C 39 -11.41 -7.23 -111.48
CA SER C 39 -12.41 -7.52 -112.49
C SER C 39 -12.55 -6.34 -113.43
N SER C 40 -13.23 -6.59 -114.55
CA SER C 40 -13.29 -5.60 -115.61
C SER C 40 -14.17 -4.42 -115.24
N ASN C 41 -15.33 -4.68 -114.63
CA ASN C 41 -16.34 -3.65 -114.37
C ASN C 41 -15.83 -2.81 -113.21
N LYS C 42 -15.06 -1.77 -113.53
CA LYS C 42 -14.49 -0.93 -112.50
C LYS C 42 -15.58 -0.22 -111.69
N THR C 43 -15.40 -0.20 -110.38
CA THR C 43 -16.29 0.51 -109.47
C THR C 43 -15.46 1.02 -108.31
N VAL C 44 -15.51 2.33 -108.09
CA VAL C 44 -14.86 3.01 -106.98
C VAL C 44 -15.88 3.95 -106.35
N ARG C 45 -16.17 3.76 -105.07
CA ARG C 45 -17.32 4.37 -104.44
C ARG C 45 -16.86 5.25 -103.29
N ARG C 46 -17.29 6.51 -103.30
CA ARG C 46 -16.76 7.50 -102.39
C ARG C 46 -17.29 7.29 -100.97
N VAL C 47 -16.51 7.76 -100.00
CA VAL C 47 -16.84 7.66 -98.59
C VAL C 47 -16.69 9.01 -97.94
N ARG C 48 -17.68 9.42 -97.17
CA ARG C 48 -17.60 10.64 -96.38
C ARG C 48 -16.96 10.29 -95.04
N VAL C 49 -15.81 10.90 -94.75
CA VAL C 49 -15.04 10.57 -93.56
C VAL C 49 -14.81 11.83 -92.74
N ARG C 50 -14.08 11.69 -91.64
CA ARG C 50 -13.95 12.77 -90.67
C ARG C 50 -13.34 14.02 -91.30
N GLY C 51 -13.82 15.17 -90.87
CA GLY C 51 -13.40 16.44 -91.41
C GLY C 51 -14.11 16.86 -92.67
N GLY C 52 -15.14 16.11 -93.09
CA GLY C 52 -15.79 16.37 -94.35
C GLY C 52 -15.05 15.85 -95.56
N ASN C 53 -13.94 15.14 -95.37
CA ASN C 53 -13.07 14.74 -96.46
C ASN C 53 -13.64 13.50 -97.15
N VAL C 54 -12.90 12.98 -98.13
CA VAL C 54 -13.33 11.84 -98.91
C VAL C 54 -12.20 10.83 -98.98
N LYS C 55 -12.55 9.55 -98.83
CA LYS C 55 -11.71 8.45 -99.27
C LYS C 55 -12.45 7.72 -100.37
N TRP C 56 -11.69 7.14 -101.29
CA TRP C 56 -12.24 6.40 -102.43
C TRP C 56 -12.07 4.92 -102.19
N ARG C 57 -13.14 4.26 -101.80
CA ARG C 57 -13.15 2.80 -101.70
C ARG C 57 -13.35 2.22 -103.10
N ALA C 58 -12.31 1.58 -103.63
CA ALA C 58 -12.39 0.91 -104.91
C ALA C 58 -12.89 -0.51 -104.68
N LEU C 59 -14.04 -0.83 -105.26
CA LEU C 59 -14.58 -2.16 -105.13
C LEU C 59 -14.06 -3.10 -106.20
N ARG C 60 -13.83 -2.59 -107.42
CA ARG C 60 -13.36 -3.43 -108.51
C ARG C 60 -12.47 -2.60 -109.41
N LEU C 61 -11.25 -3.07 -109.66
CA LEU C 61 -10.31 -2.36 -110.50
C LEU C 61 -9.84 -3.27 -111.63
N ASP C 62 -9.44 -2.67 -112.73
CA ASP C 62 -8.92 -3.47 -113.84
C ASP C 62 -7.53 -3.04 -114.29
N THR C 63 -7.27 -1.75 -114.38
CA THR C 63 -5.97 -1.26 -114.82
C THR C 63 -5.21 -0.72 -113.64
N GLY C 64 -3.93 -0.43 -113.87
CA GLY C 64 -3.07 0.09 -112.83
C GLY C 64 -1.96 0.93 -113.40
N ASN C 65 -1.25 1.62 -112.51
CA ASN C 65 -0.08 2.41 -112.84
C ASN C 65 1.13 1.73 -112.25
N PHE C 66 2.11 1.40 -113.07
CA PHE C 66 3.24 0.62 -112.58
C PHE C 66 4.55 1.23 -113.02
N SER C 67 5.49 1.28 -112.09
CA SER C 67 6.79 1.88 -112.33
C SER C 67 7.86 0.79 -112.46
N TRP C 68 8.78 1.03 -113.38
CA TRP C 68 9.93 0.16 -113.61
C TRP C 68 11.14 0.97 -113.14
N GLY C 69 11.66 0.63 -111.97
CA GLY C 69 12.52 1.56 -111.25
C GLY C 69 13.82 1.86 -111.97
N SER C 70 14.54 0.82 -112.38
CA SER C 70 15.86 1.04 -112.98
C SER C 70 15.76 1.79 -114.30
N GLU C 71 14.63 1.71 -115.00
CA GLU C 71 14.46 2.42 -116.25
C GLU C 71 13.74 3.74 -116.09
N ALA C 72 13.27 4.04 -114.88
CA ALA C 72 12.70 5.34 -114.53
C ALA C 72 11.52 5.72 -115.42
N VAL C 73 10.63 4.75 -115.66
CA VAL C 73 9.43 5.00 -116.44
C VAL C 73 8.23 4.37 -115.73
N THR C 74 7.10 5.07 -115.78
CA THR C 74 5.86 4.63 -115.13
C THR C 74 4.77 4.64 -116.19
N ARG C 75 4.06 3.52 -116.34
CA ARG C 75 3.05 3.41 -117.38
C ARG C 75 1.79 2.74 -116.87
N LYS C 76 0.67 3.12 -117.49
CA LYS C 76 -0.61 2.46 -117.23
C LYS C 76 -0.67 1.15 -117.98
N THR C 77 -1.26 0.15 -117.34
CA THR C 77 -1.30 -1.19 -117.89
C THR C 77 -2.50 -1.91 -117.30
N ARG C 78 -2.64 -3.19 -117.63
CA ARG C 78 -3.71 -4.00 -117.08
C ARG C 78 -3.15 -4.99 -116.07
N LEU C 79 -4.04 -5.44 -115.19
CA LEU C 79 -3.71 -6.48 -114.23
C LEU C 79 -4.32 -7.78 -114.73
N LEU C 80 -3.50 -8.81 -114.84
CA LEU C 80 -3.99 -10.08 -115.34
C LEU C 80 -4.37 -11.05 -114.25
N ASP C 81 -3.63 -11.08 -113.14
CA ASP C 81 -4.00 -11.92 -112.02
C ASP C 81 -3.20 -11.53 -110.79
N VAL C 82 -3.64 -12.05 -109.64
CA VAL C 82 -2.89 -12.06 -108.39
C VAL C 82 -2.35 -13.47 -108.20
N VAL C 83 -1.06 -13.58 -107.86
CA VAL C 83 -0.46 -14.90 -107.78
C VAL C 83 0.07 -15.22 -106.38
N TYR C 84 0.46 -14.20 -105.63
CA TYR C 84 0.94 -14.48 -104.28
C TYR C 84 0.56 -13.35 -103.36
N ASN C 85 0.08 -13.70 -102.18
CA ASN C 85 -0.18 -12.74 -101.10
C ASN C 85 0.45 -13.28 -99.83
N SER C 86 1.29 -12.47 -99.20
CA SER C 86 2.03 -12.93 -98.03
C SER C 86 1.18 -13.02 -96.78
N SER C 87 0.01 -12.38 -96.76
CA SER C 87 -0.83 -12.43 -95.56
C SER C 87 -1.67 -13.69 -95.53
N ASN C 88 -2.48 -13.93 -96.56
CA ASN C 88 -3.38 -15.06 -96.58
C ASN C 88 -3.48 -15.55 -98.01
N ASN C 89 -3.37 -16.86 -98.20
CA ASN C 89 -3.49 -17.42 -99.54
C ASN C 89 -4.91 -17.26 -100.09
N GLU C 90 -5.91 -17.40 -99.22
CA GLU C 90 -7.30 -17.30 -99.67
C GLU C 90 -7.58 -15.96 -100.32
N LEU C 91 -6.79 -14.94 -100.00
CA LEU C 91 -6.85 -13.70 -100.77
C LEU C 91 -6.44 -13.94 -102.21
N VAL C 92 -5.39 -14.75 -102.43
CA VAL C 92 -5.00 -15.09 -103.80
C VAL C 92 -6.11 -15.86 -104.48
N ARG C 93 -6.66 -16.86 -103.79
CA ARG C 93 -7.75 -17.63 -104.38
C ARG C 93 -8.92 -16.74 -104.74
N THR C 94 -9.13 -15.66 -104.01
CA THR C 94 -10.24 -14.75 -104.28
C THR C 94 -9.88 -13.60 -105.20
N GLN C 95 -8.64 -13.55 -105.69
CA GLN C 95 -8.17 -12.48 -106.57
C GLN C 95 -8.50 -11.11 -105.99
N THR C 96 -8.04 -10.91 -104.76
CA THR C 96 -8.30 -9.69 -104.02
C THR C 96 -7.04 -8.83 -104.02
N LEU C 97 -7.21 -7.55 -104.35
CA LEU C 97 -6.09 -6.63 -104.40
C LEU C 97 -5.94 -5.91 -103.07
N VAL C 98 -4.72 -5.95 -102.53
CA VAL C 98 -4.34 -5.20 -101.35
C VAL C 98 -2.93 -4.70 -101.58
N LYS C 99 -2.44 -3.86 -100.69
CA LYS C 99 -1.05 -3.46 -100.77
C LYS C 99 -0.17 -4.69 -100.57
N ASN C 100 0.97 -4.70 -101.25
CA ASN C 100 2.00 -5.72 -101.17
C ASN C 100 1.56 -7.07 -101.73
N ALA C 101 0.50 -7.10 -102.53
CA ALA C 101 0.17 -8.31 -103.26
C ALA C 101 1.00 -8.38 -104.54
N ILE C 102 1.17 -9.61 -105.04
CA ILE C 102 1.94 -9.86 -106.25
C ILE C 102 0.99 -10.15 -107.39
N VAL C 103 1.16 -9.42 -108.50
CA VAL C 103 0.24 -9.43 -109.62
C VAL C 103 1.04 -9.59 -110.90
N GLN C 104 0.40 -10.13 -111.93
CA GLN C 104 1.03 -10.13 -113.25
C GLN C 104 0.42 -9.05 -114.13
N VAL C 105 1.26 -8.47 -114.98
CA VAL C 105 0.97 -7.23 -115.69
C VAL C 105 1.27 -7.39 -117.17
N ASP C 106 0.39 -6.81 -117.99
CA ASP C 106 0.42 -7.02 -119.45
C ASP C 106 1.75 -6.62 -120.07
N ALA C 107 2.38 -5.57 -119.56
CA ALA C 107 3.78 -5.27 -119.85
C ALA C 107 4.01 -4.76 -121.27
N ALA C 108 3.00 -4.80 -122.12
CA ALA C 108 3.16 -4.30 -123.48
C ALA C 108 3.49 -2.80 -123.54
N PRO C 109 2.87 -1.92 -122.75
CA PRO C 109 3.30 -0.52 -122.76
C PRO C 109 4.75 -0.34 -122.35
N PHE C 110 5.26 -1.21 -121.48
CA PHE C 110 6.67 -1.16 -121.12
C PHE C 110 7.53 -1.63 -122.28
N LYS C 111 7.08 -2.69 -122.96
CA LYS C 111 7.82 -3.22 -124.10
C LYS C 111 7.93 -2.18 -125.20
N GLN C 112 6.87 -1.43 -125.43
CA GLN C 112 6.89 -0.44 -126.48
C GLN C 112 7.72 0.78 -126.10
N TRP C 113 7.82 1.09 -124.81
CA TRP C 113 8.77 2.10 -124.37
C TRP C 113 10.20 1.64 -124.60
N TYR C 114 10.46 0.36 -124.34
CA TYR C 114 11.81 -0.15 -124.53
C TYR C 114 12.14 -0.41 -125.99
N LEU C 115 11.14 -0.42 -126.87
CA LEU C 115 11.45 -0.44 -128.30
C LEU C 115 12.18 0.83 -128.70
N THR C 116 11.73 1.97 -128.18
CA THR C 116 12.52 3.19 -128.22
C THR C 116 13.66 3.05 -127.19
N HIS C 117 14.56 4.04 -127.17
CA HIS C 117 15.79 3.97 -126.38
C HIS C 117 16.69 2.84 -126.84
N SER C 155 16.70 9.03 -137.83
CA SER C 155 17.78 9.24 -138.79
C SER C 155 19.11 9.47 -138.09
N ASN C 156 19.96 10.30 -138.72
CA ASN C 156 21.33 10.48 -138.24
C ASN C 156 21.38 10.86 -136.77
N ASN C 157 20.65 11.90 -136.39
CA ASN C 157 20.70 12.36 -135.00
C ASN C 157 19.99 11.39 -134.07
N VAL C 158 19.02 10.63 -134.58
CA VAL C 158 18.34 9.64 -133.77
C VAL C 158 19.29 8.50 -133.43
N GLN C 159 20.00 7.96 -134.44
CA GLN C 159 20.99 6.93 -134.14
C GLN C 159 22.17 7.48 -133.36
N ARG C 160 22.53 8.74 -133.55
CA ARG C 160 23.62 9.19 -132.67
C ARG C 160 23.18 9.35 -131.23
N LYS C 161 21.94 8.94 -130.94
CA LYS C 161 21.43 8.85 -129.57
C LYS C 161 21.12 7.42 -129.16
N LEU C 162 20.52 6.59 -130.03
CA LEU C 162 20.49 5.16 -129.73
C LEU C 162 21.90 4.65 -129.41
N GLU C 163 22.90 5.16 -130.13
CA GLU C 163 24.28 4.74 -129.87
C GLU C 163 24.84 5.39 -128.60
N LYS C 164 24.37 6.58 -128.23
CA LYS C 164 24.72 7.11 -126.91
C LYS C 164 24.25 6.17 -125.81
N ARG C 165 22.98 5.79 -125.84
CA ARG C 165 22.52 4.66 -125.06
C ARG C 165 23.08 3.37 -125.65
N GLN C 166 22.66 2.24 -125.08
CA GLN C 166 23.18 0.92 -125.44
C GLN C 166 24.63 0.80 -125.01
N GLN C 167 25.20 1.90 -124.51
CA GLN C 167 26.48 1.83 -123.81
C GLN C 167 26.30 1.22 -122.43
N GLY C 168 25.17 1.51 -121.78
CA GLY C 168 24.83 0.97 -120.48
C GLY C 168 23.70 -0.02 -120.44
N ARG C 169 23.30 -0.59 -121.58
CA ARG C 169 22.23 -1.59 -121.58
C ARG C 169 22.66 -2.83 -120.81
N THR C 170 21.91 -3.16 -119.75
CA THR C 170 22.14 -4.41 -119.03
C THR C 170 20.95 -5.36 -119.10
N LEU C 171 19.78 -4.92 -118.64
CA LEU C 171 18.51 -5.64 -118.78
C LEU C 171 18.69 -7.11 -118.39
N ASP C 172 18.93 -7.32 -117.09
CA ASP C 172 19.22 -8.66 -116.59
C ASP C 172 18.21 -9.68 -117.08
N SER C 173 18.70 -10.89 -117.37
CA SER C 173 17.94 -11.89 -118.11
C SER C 173 16.61 -12.22 -117.45
N HIS C 174 16.50 -12.01 -116.14
CA HIS C 174 15.28 -12.34 -115.43
C HIS C 174 14.10 -11.53 -115.94
N ILE C 175 14.33 -10.24 -116.22
CA ILE C 175 13.30 -9.42 -116.84
C ILE C 175 13.07 -9.83 -118.29
N GLU C 176 14.13 -10.17 -119.02
CA GLU C 176 14.00 -10.52 -120.43
C GLU C 176 13.09 -11.73 -120.61
N GLU C 177 13.28 -12.76 -119.77
CA GLU C 177 12.47 -13.96 -119.89
C GLU C 177 10.99 -13.64 -119.67
N GLN C 178 10.69 -12.87 -118.62
CA GLN C 178 9.32 -12.45 -118.37
C GLN C 178 8.74 -11.73 -119.58
N PHE C 179 9.54 -10.83 -120.17
CA PHE C 179 9.09 -10.10 -121.36
C PHE C 179 8.68 -11.05 -122.47
N SER C 180 9.54 -12.01 -122.79
CA SER C 180 9.19 -12.99 -123.81
C SER C 180 7.94 -13.77 -123.43
N GLY C 181 7.74 -14.00 -122.13
CA GLY C 181 6.47 -14.55 -121.69
C GLY C 181 5.30 -13.61 -121.94
N GLY C 182 5.54 -12.30 -121.86
CA GLY C 182 4.53 -11.28 -122.13
C GLY C 182 4.13 -10.43 -120.94
N ARG C 183 4.39 -10.87 -119.71
CA ARG C 183 3.95 -10.16 -118.52
C ARG C 183 5.11 -9.89 -117.59
N LEU C 184 4.88 -9.01 -116.62
CA LEU C 184 5.83 -8.76 -115.55
C LEU C 184 5.18 -9.00 -114.21
N LEU C 185 5.96 -9.58 -113.28
CA LEU C 185 5.54 -9.65 -111.90
C LEU C 185 5.70 -8.27 -111.26
N ALA C 186 4.68 -7.86 -110.51
CA ALA C 186 4.64 -6.53 -109.94
C ALA C 186 4.07 -6.60 -108.54
N CYS C 187 4.40 -5.59 -107.74
CA CYS C 187 3.93 -5.45 -106.38
C CYS C 187 3.14 -4.16 -106.25
N ILE C 188 1.98 -4.26 -105.60
CA ILE C 188 1.14 -3.09 -105.35
C ILE C 188 1.76 -2.25 -104.24
N SER C 189 1.89 -0.95 -104.49
CA SER C 189 2.44 -0.05 -103.48
C SER C 189 1.43 0.98 -103.00
N SER C 190 0.16 0.80 -103.32
CA SER C 190 -0.89 1.71 -102.86
C SER C 190 -1.98 0.90 -102.17
N ARG C 191 -2.88 1.63 -101.51
CA ARG C 191 -3.94 1.02 -100.71
C ARG C 191 -5.26 1.12 -101.46
N PRO C 192 -5.67 0.10 -102.20
CA PRO C 192 -6.86 0.26 -103.07
C PRO C 192 -8.12 0.64 -102.32
N GLY C 193 -8.32 0.13 -101.13
CA GLY C 193 -9.49 0.49 -100.36
C GLY C 193 -9.40 1.84 -99.69
N GLN C 194 -8.30 2.55 -99.86
CA GLN C 194 -8.08 3.84 -99.23
C GLN C 194 -8.08 4.97 -100.24
N CYS C 195 -7.33 4.82 -101.34
CA CYS C 195 -7.25 5.83 -102.38
C CYS C 195 -7.99 5.43 -103.65
N GLY C 196 -8.53 4.24 -103.72
CA GLY C 196 -9.29 3.83 -104.89
C GLY C 196 -8.46 3.58 -106.12
N ARG C 197 -7.22 3.14 -105.97
CA ARG C 197 -6.33 2.93 -107.09
C ARG C 197 -5.48 1.70 -106.84
N ALA C 198 -4.98 1.13 -107.92
CA ALA C 198 -3.99 0.04 -107.86
C ALA C 198 -2.73 0.54 -108.54
N ASP C 199 -1.73 0.88 -107.75
CA ASP C 199 -0.46 1.37 -108.25
C ASP C 199 0.64 0.45 -107.73
N GLY C 200 1.80 0.50 -108.35
CA GLY C 200 2.85 -0.38 -107.92
C GLY C 200 4.11 -0.26 -108.76
N TYR C 201 4.93 -1.29 -108.64
CA TYR C 201 6.22 -1.35 -109.31
C TYR C 201 6.47 -2.77 -109.80
N ILE C 202 7.39 -2.91 -110.74
CA ILE C 202 7.84 -4.24 -111.17
C ILE C 202 9.01 -4.69 -110.31
N LEU C 203 8.99 -5.97 -109.97
CA LEU C 203 10.02 -6.56 -109.13
C LEU C 203 11.35 -6.63 -109.86
N GLU C 204 12.42 -6.35 -109.14
CA GLU C 204 13.76 -6.35 -109.70
C GLU C 204 14.74 -6.87 -108.66
N GLY C 205 15.83 -7.44 -109.15
CA GLY C 205 16.94 -7.83 -108.30
C GLY C 205 16.54 -8.82 -107.22
N LYS C 206 17.02 -8.55 -106.01
CA LYS C 206 16.81 -9.46 -104.87
C LYS C 206 15.34 -9.77 -104.66
N GLU C 207 14.49 -8.73 -104.72
CA GLU C 207 13.06 -8.94 -104.54
C GLU C 207 12.49 -9.85 -105.61
N LEU C 208 12.84 -9.58 -106.87
CA LEU C 208 12.35 -10.39 -107.96
C LEU C 208 12.72 -11.85 -107.77
N GLU C 209 14.00 -12.11 -107.47
CA GLU C 209 14.41 -13.49 -107.35
C GLU C 209 13.78 -14.16 -106.14
N PHE C 210 13.58 -13.42 -105.04
CA PHE C 210 12.94 -14.00 -103.87
C PHE C 210 11.52 -14.45 -104.20
N TYR C 211 10.74 -13.56 -104.82
CA TYR C 211 9.36 -13.97 -105.13
C TYR C 211 9.34 -15.07 -106.17
N MET C 212 10.33 -15.10 -107.08
CA MET C 212 10.41 -16.21 -108.01
C MET C 212 10.57 -17.53 -107.29
N ARG C 213 11.57 -17.63 -106.40
CA ARG C 213 11.74 -18.88 -105.66
C ARG C 213 10.54 -19.20 -104.76
N LYS C 214 9.78 -18.19 -104.35
CA LYS C 214 8.61 -18.52 -103.56
C LYS C 214 7.44 -19.02 -104.42
N LEU C 215 7.31 -18.52 -105.64
CA LEU C 215 6.31 -19.02 -106.58
C LEU C 215 6.59 -20.43 -107.06
N GLN C 216 7.79 -20.96 -106.83
CA GLN C 216 8.10 -22.33 -107.19
C GLN C 216 7.25 -23.30 -106.40
N MET D 1 -63.80 28.87 31.69
CA MET D 1 -64.00 28.42 33.06
C MET D 1 -65.11 29.25 33.69
N ILE D 2 -65.95 28.63 34.51
CA ILE D 2 -67.07 29.30 35.16
C ILE D 2 -66.73 29.43 36.64
N ILE D 3 -66.42 30.65 37.06
CA ILE D 3 -66.06 30.95 38.43
C ILE D 3 -66.92 32.12 38.90
N SER D 4 -67.35 32.08 40.16
CA SER D 4 -68.13 33.17 40.71
C SER D 4 -67.26 34.43 40.82
N LYS D 5 -67.91 35.59 40.77
CA LYS D 5 -67.18 36.85 40.92
C LYS D 5 -66.52 36.97 42.28
N LYS D 6 -67.07 36.33 43.31
CA LYS D 6 -66.46 36.41 44.63
C LYS D 6 -65.14 35.65 44.65
N ASN D 7 -65.13 34.45 44.06
CA ASN D 7 -63.94 33.60 44.02
C ASN D 7 -62.81 34.29 43.27
N ARG D 8 -63.10 34.86 42.10
CA ARG D 8 -62.04 35.57 41.41
C ARG D 8 -61.63 36.82 42.16
N ASN D 9 -62.56 37.44 42.89
CA ASN D 9 -62.19 38.61 43.68
C ASN D 9 -61.16 38.25 44.73
N GLU D 10 -61.34 37.11 45.38
CA GLU D 10 -60.33 36.71 46.36
C GLU D 10 -59.03 36.27 45.71
N ILE D 11 -59.10 35.64 44.53
CA ILE D 11 -57.85 35.36 43.83
C ILE D 11 -57.09 36.64 43.51
N CYS D 12 -57.79 37.70 43.10
CA CYS D 12 -57.06 38.93 42.79
C CYS D 12 -56.59 39.68 44.03
N LYS D 13 -57.36 39.67 45.13
CA LYS D 13 -56.82 40.35 46.31
C LYS D 13 -55.57 39.64 46.81
N TYR D 14 -55.58 38.29 46.82
CA TYR D 14 -54.36 37.60 47.26
C TYR D 14 -53.25 37.79 46.24
N LEU D 15 -53.56 37.83 44.94
CA LEU D 15 -52.54 38.19 43.98
C LEU D 15 -52.00 39.57 44.22
N PHE D 16 -52.78 40.44 44.86
CA PHE D 16 -52.30 41.78 45.17
C PHE D 16 -51.34 41.81 46.35
N GLN D 17 -51.80 41.37 47.51
CA GLN D 17 -51.07 41.70 48.74
C GLN D 17 -49.59 41.36 48.63
N GLU D 18 -49.28 40.14 48.17
CA GLU D 18 -47.89 39.75 47.99
C GLU D 18 -47.43 39.80 46.54
N GLY D 19 -48.29 39.49 45.58
CA GLY D 19 -47.91 39.53 44.19
C GLY D 19 -47.50 38.20 43.62
N VAL D 20 -47.41 37.16 44.45
CA VAL D 20 -46.88 35.86 44.04
C VAL D 20 -47.92 34.80 44.39
N LEU D 21 -47.86 33.69 43.67
CA LEU D 21 -48.87 32.65 43.87
C LEU D 21 -48.31 31.29 43.47
N TYR D 22 -48.86 30.24 44.08
CA TYR D 22 -48.49 28.88 43.72
C TYR D 22 -49.70 27.98 43.94
N ALA D 23 -49.87 27.01 43.07
CA ALA D 23 -50.71 25.86 43.35
C ALA D 23 -49.86 24.60 43.31
N LYS D 24 -50.49 23.46 43.54
CA LYS D 24 -49.90 22.20 43.15
C LYS D 24 -50.63 21.74 41.89
N LYS D 25 -50.27 20.56 41.39
CA LYS D 25 -51.00 20.05 40.25
C LYS D 25 -52.23 19.24 40.63
N ASP D 26 -52.34 18.84 41.90
CA ASP D 26 -53.44 17.98 42.34
C ASP D 26 -54.76 18.61 41.91
N TYR D 27 -55.44 17.96 40.99
CA TYR D 27 -56.64 18.51 40.40
C TYR D 27 -57.82 18.03 41.24
N ASN D 28 -58.77 18.93 41.47
CA ASN D 28 -59.88 18.67 42.38
C ASN D 28 -59.37 18.52 43.83
N LEU D 29 -58.46 19.40 44.23
CA LEU D 29 -58.00 19.40 45.62
C LEU D 29 -59.09 19.91 46.55
N ALA D 30 -59.94 20.81 46.07
CA ALA D 30 -61.19 21.29 46.65
C ALA D 30 -60.99 22.33 47.76
N LYS D 31 -59.77 22.60 48.20
CA LYS D 31 -59.54 23.74 49.10
C LYS D 31 -58.08 24.20 48.97
N HIS D 32 -57.86 25.22 48.16
CA HIS D 32 -56.54 25.82 48.10
C HIS D 32 -56.20 26.41 49.46
N PRO D 33 -54.96 26.28 49.94
CA PRO D 33 -54.55 27.09 51.07
C PRO D 33 -54.28 28.54 50.67
N GLN D 34 -54.22 29.40 51.69
CA GLN D 34 -53.98 30.84 51.64
C GLN D 34 -55.17 31.63 51.12
N ILE D 35 -56.13 30.95 50.48
CA ILE D 35 -57.37 31.50 49.94
C ILE D 35 -58.39 30.41 49.68
N ASP D 36 -59.67 30.78 49.61
CA ASP D 36 -60.78 29.82 49.63
C ASP D 36 -61.31 29.61 48.22
N VAL D 37 -61.03 28.44 47.65
CA VAL D 37 -61.34 28.13 46.27
C VAL D 37 -60.86 26.70 46.04
N PRO D 38 -61.50 25.92 45.16
CA PRO D 38 -61.11 24.50 45.01
C PRO D 38 -59.82 24.23 44.25
N ASN D 39 -58.99 25.26 44.06
CA ASN D 39 -57.66 25.08 43.46
C ASN D 39 -57.72 24.77 41.97
N LEU D 40 -58.90 24.54 41.43
CA LEU D 40 -59.01 24.44 39.98
C LEU D 40 -59.07 25.82 39.35
N GLN D 41 -59.97 26.67 39.85
CA GLN D 41 -60.04 28.02 39.31
C GLN D 41 -58.71 28.73 39.40
N VAL D 42 -58.04 28.69 40.57
CA VAL D 42 -56.77 29.39 40.71
C VAL D 42 -55.87 29.13 39.50
N ILE D 43 -55.64 27.84 39.19
CA ILE D 43 -54.86 27.51 38.01
C ILE D 43 -55.51 28.09 36.76
N LYS D 44 -56.84 28.04 36.67
CA LYS D 44 -57.44 28.34 35.39
C LYS D 44 -57.60 29.83 35.11
N LEU D 45 -57.55 30.70 36.12
CA LEU D 45 -57.48 32.14 35.86
C LEU D 45 -56.04 32.66 35.83
N MET D 46 -55.10 32.01 36.53
CA MET D 46 -53.70 32.27 36.16
C MET D 46 -53.43 31.85 34.73
N GLN D 47 -54.14 30.83 34.24
CA GLN D 47 -53.99 30.45 32.83
C GLN D 47 -54.47 31.55 31.90
N SER D 48 -55.38 32.40 32.37
CA SER D 48 -55.78 33.55 31.58
C SER D 48 -54.75 34.66 31.69
N PHE D 49 -54.40 35.06 32.91
CA PHE D 49 -53.48 36.18 33.07
C PHE D 49 -52.11 35.90 32.46
N LYS D 50 -51.71 34.63 32.39
CA LYS D 50 -50.49 34.30 31.65
C LYS D 50 -50.65 34.62 30.17
N SER D 51 -51.83 34.31 29.60
CA SER D 51 -52.08 34.61 28.20
C SER D 51 -52.13 36.11 27.95
N LYS D 52 -52.53 36.89 28.93
CA LYS D 52 -52.49 38.34 28.82
C LYS D 52 -51.25 38.95 29.48
N GLU D 53 -50.23 38.13 29.74
CA GLU D 53 -48.98 38.53 30.38
C GLU D 53 -49.20 39.49 31.54
N TYR D 54 -50.29 39.31 32.26
CA TYR D 54 -50.43 39.95 33.56
C TYR D 54 -49.56 39.27 34.58
N VAL D 55 -49.32 37.98 34.41
CA VAL D 55 -48.48 37.18 35.28
C VAL D 55 -47.47 36.43 34.43
N ARG D 56 -46.24 36.30 34.93
CA ARG D 56 -45.24 35.45 34.33
C ARG D 56 -45.18 34.13 35.10
N GLU D 57 -45.20 33.03 34.36
CA GLU D 57 -45.38 31.68 34.89
C GLU D 57 -44.10 30.87 34.74
N THR D 58 -43.73 30.17 35.79
CA THR D 58 -42.78 29.06 35.68
C THR D 58 -43.53 27.77 35.98
N PHE D 59 -43.51 26.85 35.02
CA PHE D 59 -44.20 25.57 35.19
C PHE D 59 -43.65 24.81 36.39
N SER D 60 -42.42 25.11 36.80
CA SER D 60 -41.80 24.58 38.01
C SER D 60 -41.82 23.07 38.05
N TRP D 61 -41.87 22.46 36.87
CA TRP D 61 -42.12 21.03 36.72
C TRP D 61 -43.48 20.68 37.31
N GLN D 62 -44.51 21.17 36.60
CA GLN D 62 -45.95 20.90 36.77
C GLN D 62 -46.54 21.44 38.06
N HIS D 63 -45.89 22.39 38.73
CA HIS D 63 -46.36 22.85 40.03
C HIS D 63 -46.49 24.38 40.15
N TYR D 64 -46.57 25.10 39.04
CA TYR D 64 -47.34 26.33 38.98
C TYR D 64 -46.86 27.51 39.84
N TYR D 65 -45.80 28.17 39.42
CA TYR D 65 -45.33 29.37 40.10
C TYR D 65 -45.75 30.60 39.28
N TRP D 66 -46.36 31.59 39.93
CA TRP D 66 -46.90 32.79 39.29
C TRP D 66 -46.36 34.06 39.93
N TYR D 67 -45.87 34.99 39.10
CA TYR D 67 -45.42 36.30 39.57
C TYR D 67 -46.10 37.40 38.78
N LEU D 68 -46.65 38.39 39.48
CA LEU D 68 -47.37 39.46 38.83
C LEU D 68 -46.42 40.36 38.03
N THR D 69 -46.87 40.78 36.85
CA THR D 69 -46.06 41.53 35.91
C THR D 69 -46.45 43.00 35.95
N ASN D 70 -45.50 43.87 35.61
CA ASN D 70 -45.76 45.31 35.58
C ASN D 70 -46.92 45.65 34.65
N ASP D 71 -47.15 44.83 33.62
CA ASP D 71 -48.26 45.09 32.71
C ASP D 71 -49.61 44.74 33.34
N GLY D 72 -49.66 43.70 34.16
CA GLY D 72 -50.92 43.27 34.71
C GLY D 72 -51.31 43.88 36.02
N ILE D 73 -50.35 44.48 36.73
CA ILE D 73 -50.68 45.24 37.93
C ILE D 73 -51.54 46.44 37.58
N GLU D 74 -51.22 47.12 36.47
CA GLU D 74 -52.03 48.27 36.07
C GLU D 74 -53.44 47.84 35.71
N PHE D 75 -53.62 46.67 35.11
CA PHE D 75 -54.97 46.20 34.86
C PHE D 75 -55.68 45.89 36.17
N LEU D 76 -54.98 45.21 37.08
CA LEU D 76 -55.71 44.68 38.22
C LEU D 76 -56.01 45.77 39.24
N ARG D 77 -55.30 46.90 39.18
CA ARG D 77 -55.64 48.02 40.07
C ARG D 77 -57.01 48.58 39.74
N ASN D 78 -57.34 48.71 38.46
CA ASN D 78 -58.63 49.23 38.06
C ASN D 78 -59.75 48.23 38.28
N PHE D 79 -59.49 47.12 38.94
CA PHE D 79 -60.44 46.03 39.05
C PHE D 79 -60.82 45.76 40.49
N LEU D 80 -59.86 45.74 41.41
CA LEU D 80 -60.15 45.76 42.86
C LEU D 80 -59.03 46.55 43.53
N ASN D 81 -59.26 47.85 43.69
CA ASN D 81 -58.34 48.73 44.42
C ASN D 81 -58.90 50.14 44.46
N GLY E 2 10.81 -3.98 -30.20
CA GLY E 2 10.69 -2.55 -30.35
C GLY E 2 10.22 -2.14 -31.73
N LYS E 3 10.03 -0.84 -31.91
CA LYS E 3 9.49 -0.33 -33.16
C LYS E 3 10.54 -0.35 -34.26
N THR E 4 10.11 -0.69 -35.49
CA THR E 4 10.97 -0.54 -36.65
C THR E 4 11.29 0.93 -36.86
N ARG E 5 12.55 1.22 -37.15
CA ARG E 5 12.99 2.60 -37.28
C ARG E 5 13.73 2.88 -38.58
N GLY E 6 13.85 1.91 -39.48
CA GLY E 6 14.65 2.12 -40.67
C GLY E 6 14.09 3.21 -41.56
N MET E 7 15.00 3.85 -42.29
CA MET E 7 14.59 4.83 -43.29
C MET E 7 13.76 4.20 -44.39
N GLY E 8 14.05 2.97 -44.75
CA GLY E 8 13.35 2.32 -45.83
C GLY E 8 12.23 1.45 -45.32
N ALA E 9 11.72 1.75 -44.13
CA ALA E 9 10.74 0.91 -43.49
C ALA E 9 9.31 1.45 -43.61
N GLY E 10 9.09 2.45 -44.47
CA GLY E 10 7.77 3.07 -44.55
C GLY E 10 6.64 2.10 -44.84
N ARG E 11 6.89 1.09 -45.66
CA ARG E 11 5.86 0.09 -45.93
C ARG E 11 5.51 -0.69 -44.67
N LYS E 12 6.53 -1.09 -43.90
CA LYS E 12 6.27 -1.87 -42.71
C LYS E 12 5.45 -1.08 -41.70
N LEU E 13 5.81 0.18 -41.45
CA LEU E 13 5.02 0.98 -40.52
C LEU E 13 3.61 1.19 -41.03
N LYS E 14 3.46 1.52 -42.30
CA LYS E 14 2.13 1.88 -42.78
C LYS E 14 1.22 0.65 -42.82
N THR E 15 1.74 -0.49 -43.27
CA THR E 15 0.96 -1.72 -43.25
C THR E 15 0.66 -2.17 -41.83
N HIS E 16 1.57 -1.97 -40.89
CA HIS E 16 1.31 -2.32 -39.51
C HIS E 16 0.18 -1.50 -38.91
N ARG E 17 0.22 -0.18 -39.09
CA ARG E 17 -0.90 0.63 -38.63
C ARG E 17 -2.20 0.21 -39.28
N ARG E 18 -2.14 -0.12 -40.57
CA ARG E 18 -3.35 -0.56 -41.27
C ARG E 18 -3.93 -1.82 -40.64
N ASN E 19 -3.08 -2.79 -40.31
CA ASN E 19 -3.57 -4.01 -39.67
C ASN E 19 -4.09 -3.75 -38.27
N GLN E 20 -3.38 -2.92 -37.50
CA GLN E 20 -3.72 -2.77 -36.10
C GLN E 20 -4.92 -1.88 -35.85
N ARG E 21 -5.28 -1.03 -36.81
CA ARG E 21 -6.46 -0.20 -36.58
C ARG E 21 -7.73 -1.03 -36.43
N TRP E 22 -7.76 -2.24 -36.97
CA TRP E 22 -8.93 -3.08 -36.84
C TRP E 22 -9.13 -3.57 -35.41
N ALA E 23 -8.10 -3.48 -34.58
CA ALA E 23 -8.23 -3.86 -33.18
C ALA E 23 -8.96 -2.81 -32.37
N ASP E 24 -9.33 -1.69 -32.96
CA ASP E 24 -9.95 -0.58 -32.25
C ASP E 24 -11.44 -0.63 -32.53
N LYS E 25 -12.23 -0.64 -31.46
CA LYS E 25 -13.66 -0.92 -31.59
C LYS E 25 -14.39 0.17 -32.38
N ALA E 26 -13.99 1.43 -32.23
CA ALA E 26 -14.68 2.50 -32.95
C ALA E 26 -14.39 2.42 -34.44
N TYR E 27 -13.12 2.28 -34.81
CA TYR E 27 -12.77 2.13 -36.21
C TYR E 27 -13.50 0.95 -36.83
N LYS E 28 -13.48 -0.19 -36.15
CA LYS E 28 -14.11 -1.37 -36.71
C LYS E 28 -15.61 -1.19 -36.80
N LYS E 29 -16.21 -0.51 -35.82
CA LYS E 29 -17.65 -0.27 -35.85
C LYS E 29 -18.04 0.59 -37.04
N SER E 30 -17.23 1.60 -37.36
CA SER E 30 -17.60 2.47 -38.47
C SER E 30 -17.13 1.96 -39.83
N HIS E 31 -16.21 1.00 -39.89
CA HIS E 31 -15.63 0.58 -41.16
C HIS E 31 -15.97 -0.84 -41.54
N LEU E 32 -16.89 -1.49 -40.83
CA LEU E 32 -17.20 -2.89 -41.09
C LEU E 32 -18.53 -3.07 -41.78
N GLY E 33 -19.43 -2.10 -41.71
CA GLY E 33 -20.64 -2.09 -42.51
C GLY E 33 -21.88 -2.59 -41.81
N ASN E 34 -21.78 -3.12 -40.61
CA ASN E 34 -22.97 -3.64 -39.94
C ASN E 34 -23.88 -2.55 -39.44
N GLU E 35 -23.59 -1.27 -39.65
CA GLU E 35 -24.56 -0.26 -39.28
C GLU E 35 -25.72 -0.18 -40.26
N TRP E 36 -25.52 -0.64 -41.50
CA TRP E 36 -26.61 -0.64 -42.46
C TRP E 36 -27.57 -1.80 -42.25
N LYS E 37 -27.22 -2.74 -41.38
CA LYS E 37 -28.09 -3.82 -40.98
C LYS E 37 -28.93 -3.49 -39.75
N LYS E 38 -28.68 -2.36 -39.11
CA LYS E 38 -29.39 -1.95 -37.91
C LYS E 38 -30.78 -1.46 -38.26
N PRO E 39 -31.70 -1.41 -37.28
CA PRO E 39 -33.03 -0.85 -37.52
C PRO E 39 -33.08 0.43 -38.34
N PHE E 40 -32.34 1.44 -37.91
CA PHE E 40 -32.44 2.75 -38.55
C PHE E 40 -31.67 2.82 -39.86
N ALA E 41 -30.71 1.92 -40.07
CA ALA E 41 -29.91 1.89 -41.29
C ALA E 41 -29.19 3.21 -41.51
N GLY E 42 -28.43 3.63 -40.50
CA GLY E 42 -27.67 4.85 -40.60
C GLY E 42 -28.51 6.09 -40.72
N SER E 43 -29.54 6.20 -39.88
CA SER E 43 -30.40 7.37 -39.86
C SER E 43 -30.54 7.89 -38.45
N SER E 44 -30.78 9.20 -38.34
CA SER E 44 -31.02 9.79 -37.02
C SER E 44 -32.41 9.44 -36.49
N HIS E 45 -33.42 9.54 -37.33
CA HIS E 45 -34.81 9.34 -36.95
C HIS E 45 -35.46 8.33 -37.89
N ALA E 46 -36.65 7.88 -37.51
CA ALA E 46 -37.43 7.00 -38.36
C ALA E 46 -38.89 7.06 -37.95
N LYS E 47 -39.77 6.91 -38.91
CA LYS E 47 -41.20 6.95 -38.66
C LYS E 47 -41.73 5.53 -38.54
N GLY E 48 -42.78 5.36 -37.73
CA GLY E 48 -43.33 4.04 -37.51
C GLY E 48 -44.79 4.09 -37.11
N ILE E 49 -45.38 2.89 -37.05
CA ILE E 49 -46.76 2.69 -36.63
C ILE E 49 -46.72 1.93 -35.32
N VAL E 50 -47.47 2.42 -34.33
CA VAL E 50 -47.47 1.76 -33.02
C VAL E 50 -48.25 0.46 -33.11
N LEU E 51 -47.62 -0.64 -32.68
CA LEU E 51 -48.24 -1.95 -32.73
C LEU E 51 -48.98 -2.29 -31.44
N GLU E 52 -48.43 -1.90 -30.29
CA GLU E 52 -48.99 -2.22 -29.00
C GLU E 52 -48.19 -1.45 -27.96
N LYS E 53 -48.74 -1.36 -26.76
CA LYS E 53 -48.07 -0.74 -25.63
C LYS E 53 -47.78 -1.80 -24.58
N ILE E 54 -46.53 -1.90 -24.15
CA ILE E 54 -46.07 -3.07 -23.42
C ILE E 54 -45.73 -2.77 -21.97
N GLY E 55 -44.80 -1.87 -21.73
CA GLY E 55 -44.39 -1.60 -20.36
C GLY E 55 -43.32 -2.56 -19.89
N ILE E 56 -42.19 -2.03 -19.41
CA ILE E 56 -41.03 -2.83 -19.06
C ILE E 56 -40.53 -2.44 -17.68
N GLU E 57 -40.08 -3.44 -16.92
CA GLU E 57 -39.54 -3.18 -15.59
C GLU E 57 -38.16 -2.54 -15.69
N ALA E 58 -37.74 -1.95 -14.59
CA ALA E 58 -36.42 -1.36 -14.46
C ALA E 58 -35.48 -2.35 -13.77
N LYS E 59 -34.19 -2.16 -13.97
CA LYS E 59 -33.21 -3.09 -13.42
C LYS E 59 -33.17 -3.00 -11.89
N GLN E 60 -32.31 -3.83 -11.31
CA GLN E 60 -32.37 -4.13 -9.88
C GLN E 60 -32.31 -2.90 -8.96
N PRO E 61 -31.35 -1.98 -9.08
CA PRO E 61 -31.27 -0.90 -8.07
C PRO E 61 -32.50 -0.01 -8.09
N ASN E 62 -33.29 -0.03 -9.15
CA ASN E 62 -34.51 0.73 -9.24
C ASN E 62 -35.71 -0.19 -9.09
N SER E 63 -36.90 0.41 -9.15
CA SER E 63 -38.13 -0.35 -9.13
C SER E 63 -39.21 0.57 -9.68
N ALA E 64 -39.77 0.20 -10.83
CA ALA E 64 -40.76 1.01 -11.53
C ALA E 64 -41.19 0.23 -12.76
N ILE E 65 -42.17 0.77 -13.46
CA ILE E 65 -42.61 0.27 -14.76
C ILE E 65 -42.30 1.33 -15.78
N ARG E 66 -41.48 0.99 -16.76
CA ARG E 66 -41.10 1.93 -17.81
C ARG E 66 -41.98 1.67 -19.02
N LYS E 67 -42.74 2.68 -19.42
CA LYS E 67 -43.84 2.49 -20.35
C LYS E 67 -43.36 2.76 -21.77
N CYS E 68 -43.37 1.72 -22.59
CA CYS E 68 -42.81 1.77 -23.93
C CYS E 68 -43.84 1.25 -24.92
N ALA E 69 -43.71 1.69 -26.16
CA ALA E 69 -44.59 1.30 -27.24
C ALA E 69 -43.78 0.55 -28.28
N ARG E 70 -44.27 -0.62 -28.68
CA ARG E 70 -43.60 -1.35 -29.75
C ARG E 70 -44.08 -0.84 -31.10
N VAL E 71 -43.12 -0.42 -31.92
CA VAL E 71 -43.37 0.25 -33.19
C VAL E 71 -42.84 -0.63 -34.32
N GLN E 72 -43.44 -0.49 -35.49
CA GLN E 72 -42.91 -1.08 -36.71
C GLN E 72 -42.42 0.02 -37.62
N LEU E 73 -41.18 -0.10 -38.07
CA LEU E 73 -40.58 0.94 -38.89
C LEU E 73 -41.15 0.88 -40.30
N VAL E 74 -41.53 2.04 -40.83
CA VAL E 74 -42.12 2.09 -42.16
C VAL E 74 -41.10 1.70 -43.23
N LYS E 75 -39.87 2.20 -43.11
CA LYS E 75 -38.92 2.05 -44.21
C LYS E 75 -38.51 0.61 -44.44
N ASN E 76 -38.46 -0.20 -43.38
CA ASN E 76 -37.94 -1.55 -43.51
C ASN E 76 -38.74 -2.62 -42.79
N GLY E 77 -39.80 -2.27 -42.07
CA GLY E 77 -40.63 -3.29 -41.46
C GLY E 77 -40.07 -3.95 -40.22
N LYS E 78 -38.99 -3.41 -39.64
CA LYS E 78 -38.46 -3.96 -38.41
C LYS E 78 -39.39 -3.62 -37.25
N LYS E 79 -39.18 -4.29 -36.12
CA LYS E 79 -40.02 -4.08 -34.94
C LYS E 79 -39.15 -3.73 -33.75
N ILE E 80 -39.41 -2.58 -33.13
CA ILE E 80 -38.57 -2.07 -32.05
C ILE E 80 -39.47 -1.63 -30.90
N ALA E 81 -38.87 -1.32 -29.76
CA ALA E 81 -39.57 -0.75 -28.62
C ALA E 81 -39.03 0.64 -28.33
N ALA E 82 -39.93 1.61 -28.15
CA ALA E 82 -39.54 2.99 -27.91
C ALA E 82 -40.13 3.49 -26.60
N PHE E 83 -39.26 4.03 -25.75
CA PHE E 83 -39.69 4.69 -24.52
C PHE E 83 -40.46 5.97 -24.84
N VAL E 84 -41.45 6.26 -24.01
CA VAL E 84 -42.26 7.46 -24.20
C VAL E 84 -41.94 8.42 -23.06
N PRO E 85 -41.06 9.39 -23.27
CA PRO E 85 -40.54 10.14 -22.12
C PRO E 85 -41.45 11.27 -21.68
N ASN E 86 -42.21 11.06 -20.61
CA ASN E 86 -42.68 12.08 -19.67
C ASN E 86 -43.67 11.42 -18.72
N ASP E 87 -44.19 12.16 -17.75
CA ASP E 87 -45.21 11.61 -16.87
C ASP E 87 -46.56 11.74 -17.58
N GLY E 88 -47.20 10.61 -17.85
CA GLY E 88 -48.50 10.58 -18.47
C GLY E 88 -48.53 10.65 -19.99
N CYS E 89 -47.38 10.63 -20.66
CA CYS E 89 -47.37 10.76 -22.11
C CYS E 89 -47.75 9.47 -22.82
N LEU E 90 -47.77 8.35 -22.11
CA LEU E 90 -48.24 7.10 -22.70
C LEU E 90 -49.71 7.20 -23.09
N ASN E 91 -50.48 8.01 -22.37
CA ASN E 91 -51.90 8.17 -22.67
C ASN E 91 -52.14 8.99 -23.93
N PHE E 92 -51.11 9.66 -24.44
CA PHE E 92 -51.25 10.26 -25.77
C PHE E 92 -51.15 9.20 -26.84
N ILE E 93 -50.30 8.20 -26.62
CA ILE E 93 -50.11 7.14 -27.60
C ILE E 93 -51.38 6.33 -27.74
N GLU E 94 -51.83 6.15 -28.98
CA GLU E 94 -52.95 5.28 -29.28
C GLU E 94 -52.48 4.21 -30.25
N GLU E 95 -53.39 3.32 -30.63
CA GLU E 95 -53.03 2.17 -31.44
C GLU E 95 -53.10 2.53 -32.92
N ASN E 96 -52.05 2.20 -33.65
CA ASN E 96 -51.97 2.40 -35.10
C ASN E 96 -51.95 3.87 -35.50
N ASP E 97 -51.18 4.68 -34.77
CA ASP E 97 -50.94 6.07 -35.13
C ASP E 97 -49.47 6.28 -35.50
N GLU E 98 -49.25 7.18 -36.45
CA GLU E 98 -47.89 7.46 -36.90
C GLU E 98 -47.09 8.14 -35.80
N VAL E 99 -45.82 7.74 -35.67
CA VAL E 99 -44.98 8.18 -34.57
C VAL E 99 -43.55 8.34 -35.09
N LEU E 100 -42.90 9.42 -34.68
CA LEU E 100 -41.52 9.70 -35.07
C LEU E 100 -40.59 9.32 -33.92
N ILE E 101 -39.67 8.40 -34.19
CA ILE E 101 -38.77 7.80 -33.21
C ILE E 101 -37.35 8.29 -33.49
N ALA E 102 -36.60 8.52 -32.42
CA ALA E 102 -35.20 8.90 -32.48
C ALA E 102 -34.39 7.97 -31.58
N GLY E 103 -33.09 8.16 -31.57
CA GLY E 103 -32.23 7.39 -30.69
C GLY E 103 -32.32 7.88 -29.26
N PHE E 104 -31.73 7.12 -28.35
CA PHE E 104 -31.81 7.42 -26.93
C PHE E 104 -30.62 8.20 -26.41
N GLY E 105 -29.66 8.50 -27.27
CA GLY E 105 -28.33 8.82 -26.81
C GLY E 105 -27.51 7.56 -26.80
N ARG E 106 -26.23 7.70 -26.47
CA ARG E 106 -25.32 6.57 -26.35
C ARG E 106 -25.20 5.74 -27.63
N LYS E 107 -25.79 6.21 -28.74
CA LYS E 107 -25.53 5.69 -30.07
C LYS E 107 -25.75 4.17 -30.16
N GLY E 108 -26.99 3.78 -29.97
CA GLY E 108 -27.37 2.39 -30.12
C GLY E 108 -27.18 1.53 -28.90
N HIS E 109 -26.80 2.10 -27.76
CA HIS E 109 -26.57 1.34 -26.55
C HIS E 109 -27.63 1.78 -25.54
N ALA E 110 -28.12 0.82 -24.74
CA ALA E 110 -29.22 1.09 -23.84
C ALA E 110 -28.87 2.16 -22.81
N VAL E 111 -29.86 2.97 -22.46
CA VAL E 111 -29.68 4.13 -21.59
C VAL E 111 -30.31 3.83 -20.25
N GLY E 112 -29.62 4.19 -19.17
CA GLY E 112 -30.24 4.20 -17.87
C GLY E 112 -30.63 2.82 -17.39
N ASP E 113 -31.79 2.73 -16.76
CA ASP E 113 -32.26 1.51 -16.15
C ASP E 113 -33.29 0.76 -16.98
N ILE E 114 -33.50 1.16 -18.23
CA ILE E 114 -34.47 0.50 -19.11
C ILE E 114 -33.75 -0.60 -19.86
N PRO E 115 -34.13 -1.87 -19.70
CA PRO E 115 -33.38 -2.99 -20.29
C PRO E 115 -33.67 -3.14 -21.78
N GLY E 116 -32.62 -3.09 -22.59
CA GLY E 116 -32.73 -3.41 -24.01
C GLY E 116 -33.60 -2.47 -24.82
N VAL E 117 -33.63 -1.20 -24.45
CA VAL E 117 -34.36 -0.18 -25.20
C VAL E 117 -33.39 0.93 -25.55
N ARG E 118 -33.20 1.19 -26.84
CA ARG E 118 -32.34 2.28 -27.29
C ARG E 118 -33.06 3.24 -28.22
N PHE E 119 -34.38 3.31 -28.14
CA PHE E 119 -35.15 4.24 -28.97
C PHE E 119 -36.15 4.97 -28.09
N LYS E 120 -36.52 6.17 -28.53
CA LYS E 120 -37.44 7.02 -27.81
C LYS E 120 -38.45 7.60 -28.78
N VAL E 121 -39.67 7.78 -28.31
CA VAL E 121 -40.73 8.40 -29.11
C VAL E 121 -40.59 9.90 -28.99
N VAL E 122 -40.60 10.61 -30.11
CA VAL E 122 -40.46 12.06 -30.07
C VAL E 122 -41.62 12.78 -30.73
N LYS E 123 -42.35 12.17 -31.66
CA LYS E 123 -43.52 12.84 -32.22
C LYS E 123 -44.65 11.84 -32.35
N VAL E 124 -45.89 12.31 -32.20
CA VAL E 124 -47.05 11.45 -32.45
C VAL E 124 -48.05 12.24 -33.29
N SER E 125 -48.56 11.60 -34.35
CA SER E 125 -49.59 12.18 -35.21
C SER E 125 -49.16 13.53 -35.77
N GLY E 126 -47.86 13.70 -36.00
CA GLY E 126 -47.37 14.96 -36.52
C GLY E 126 -47.25 16.07 -35.51
N VAL E 127 -47.31 15.75 -34.22
CA VAL E 127 -47.24 16.74 -33.16
C VAL E 127 -46.30 16.25 -32.08
N SER E 128 -45.52 17.18 -31.53
CA SER E 128 -44.51 16.83 -30.53
C SER E 128 -45.11 16.34 -29.23
N LEU E 129 -44.44 15.34 -28.65
CA LEU E 129 -44.73 14.97 -27.27
C LEU E 129 -44.44 16.11 -26.32
N LEU E 130 -43.47 16.94 -26.66
CA LEU E 130 -43.16 18.10 -25.84
C LEU E 130 -44.32 19.08 -25.81
N ALA E 131 -44.94 19.33 -26.96
CA ALA E 131 -46.05 20.26 -26.99
C ALA E 131 -47.30 19.67 -26.37
N LEU E 132 -47.46 18.35 -26.40
CA LEU E 132 -48.60 17.72 -25.76
C LEU E 132 -48.44 17.66 -24.25
N PHE E 133 -47.22 17.45 -23.77
CA PHE E 133 -46.96 17.42 -22.35
C PHE E 133 -46.95 18.82 -21.74
N LYS E 134 -46.69 19.83 -22.56
CA LYS E 134 -46.64 21.22 -22.11
C LYS E 134 -47.82 22.03 -22.61
N GLU E 135 -48.81 21.37 -23.21
CA GLU E 135 -50.11 21.93 -23.58
C GLU E 135 -50.03 23.03 -24.63
N LYS E 136 -48.93 23.11 -25.37
CA LYS E 136 -48.80 24.15 -26.38
C LYS E 136 -49.62 23.84 -27.62
N LYS E 137 -49.84 22.57 -27.93
CA LYS E 137 -50.57 22.13 -29.09
C LYS E 137 -51.27 20.83 -28.75
N GLU E 138 -52.38 20.56 -29.44
CA GLU E 138 -53.12 19.33 -29.21
C GLU E 138 -53.25 18.57 -30.54
N LYS E 139 -53.63 17.30 -30.45
CA LYS E 139 -53.85 16.51 -31.67
C LYS E 139 -55.32 16.14 -31.84
N GLU F 6 45.93 -8.02 79.25
CA GLU F 6 44.63 -8.64 79.48
C GLU F 6 43.60 -7.96 78.58
N SER F 7 42.34 -8.36 78.64
CA SER F 7 41.36 -7.83 77.70
C SER F 7 39.91 -8.15 78.09
N LEU F 8 38.99 -7.91 77.17
CA LEU F 8 37.62 -8.36 77.30
C LEU F 8 37.49 -9.80 76.81
N VAL F 9 36.58 -10.55 77.43
CA VAL F 9 36.39 -11.97 77.15
C VAL F 9 34.90 -12.22 76.95
N TYR F 10 34.60 -13.41 76.43
CA TYR F 10 33.27 -13.80 75.98
C TYR F 10 32.71 -14.79 76.98
N ALA F 11 31.45 -14.64 77.38
CA ALA F 11 30.79 -15.70 78.14
C ALA F 11 29.61 -16.32 77.40
N GLY F 12 28.69 -15.52 76.89
CA GLY F 12 27.53 -16.05 76.21
C GLY F 12 26.74 -14.96 75.51
N VAL F 13 25.58 -15.38 74.98
CA VAL F 13 24.65 -14.48 74.32
C VAL F 13 23.25 -14.84 74.80
N MET F 14 22.44 -13.82 75.07
CA MET F 14 21.04 -14.04 75.42
C MET F 14 20.15 -13.51 74.32
N ARG F 15 19.00 -14.16 74.15
CA ARG F 15 18.06 -13.87 73.06
C ARG F 15 16.68 -13.70 73.67
N GLY F 16 16.24 -12.46 73.85
CA GLY F 16 14.94 -12.23 74.44
C GLY F 16 14.08 -11.26 73.67
N HIS F 17 14.65 -10.70 72.60
CA HIS F 17 13.97 -9.67 71.81
C HIS F 17 13.87 -10.15 70.37
N ASN F 18 12.68 -10.01 69.78
CA ASN F 18 12.48 -10.49 68.43
C ASN F 18 13.14 -9.58 67.40
N ASP F 19 13.07 -8.25 67.60
CA ASP F 19 13.62 -7.29 66.66
C ASP F 19 14.84 -6.61 67.28
N VAL F 20 15.39 -5.62 66.58
CA VAL F 20 16.68 -5.04 66.94
C VAL F 20 16.61 -4.39 68.31
N VAL F 21 17.54 -4.78 69.19
CA VAL F 21 17.68 -4.12 70.49
C VAL F 21 18.23 -2.72 70.28
N THR F 22 17.59 -1.74 70.91
CA THR F 22 17.92 -0.34 70.66
C THR F 22 18.53 0.36 71.85
N ALA F 23 18.51 -0.24 73.04
CA ALA F 23 19.14 0.37 74.21
C ALA F 23 19.26 -0.67 75.31
N ILE F 24 20.31 -0.53 76.11
CA ILE F 24 20.43 -1.23 77.39
C ILE F 24 20.70 -0.19 78.46
N ALA F 25 20.13 -0.43 79.65
CA ALA F 25 20.42 0.38 80.82
C ALA F 25 20.65 -0.56 81.99
N THR F 26 21.53 -0.13 82.89
CA THR F 26 21.88 -0.96 84.03
C THR F 26 21.86 -0.11 85.29
N PRO F 27 21.49 -0.69 86.42
CA PRO F 27 21.49 0.06 87.67
C PRO F 27 22.83 0.00 88.38
N ILE F 28 22.97 0.89 89.35
CA ILE F 28 24.15 0.93 90.20
C ILE F 28 23.87 0.42 91.60
N ASP F 29 22.65 0.65 92.11
CA ASP F 29 22.29 0.26 93.47
C ASP F 29 21.54 -1.06 93.52
N ASN F 30 20.72 -1.36 92.51
CA ASN F 30 20.03 -2.65 92.40
C ASN F 30 20.69 -3.37 91.22
N SER F 31 21.80 -4.06 91.50
CA SER F 31 22.72 -4.44 90.42
C SER F 31 22.18 -5.51 89.50
N PRO F 32 21.69 -6.67 89.96
CA PRO F 32 21.41 -7.76 89.01
C PRO F 32 20.09 -7.62 88.27
N PHE F 33 19.79 -6.42 87.77
CA PHE F 33 18.53 -6.13 87.05
C PHE F 33 18.89 -5.37 85.77
N ILE F 34 19.16 -6.07 84.68
CA ILE F 34 19.39 -5.34 83.42
C ILE F 34 18.08 -5.12 82.71
N VAL F 35 17.97 -3.99 82.01
CA VAL F 35 16.77 -3.66 81.24
C VAL F 35 17.20 -3.27 79.84
N SER F 36 16.52 -3.82 78.84
CA SER F 36 16.82 -3.53 77.45
C SER F 36 15.54 -3.29 76.68
N SER F 37 15.61 -2.34 75.75
CA SER F 37 14.49 -1.99 74.89
C SER F 37 14.73 -2.51 73.49
N SER F 38 13.64 -2.60 72.73
CA SER F 38 13.75 -3.12 71.38
C SER F 38 12.73 -2.42 70.49
N ARG F 39 12.69 -2.86 69.24
CA ARG F 39 11.67 -2.44 68.30
C ARG F 39 10.35 -3.14 68.57
N ASP F 40 10.40 -4.36 69.11
CA ASP F 40 9.23 -4.91 69.75
C ASP F 40 8.81 -3.95 70.84
N LYS F 41 7.54 -3.61 70.87
CA LYS F 41 7.09 -2.58 71.81
C LYS F 41 7.26 -3.00 73.25
N SER F 42 7.74 -4.21 73.52
CA SER F 42 8.05 -4.64 74.87
C SER F 42 9.32 -3.96 75.36
N LEU F 43 9.61 -4.17 76.63
CA LEU F 43 10.74 -3.55 77.33
C LEU F 43 11.23 -4.56 78.36
N LEU F 44 12.20 -5.38 77.99
CA LEU F 44 12.47 -6.57 78.79
C LEU F 44 13.45 -6.26 79.93
N VAL F 45 13.28 -6.98 81.04
CA VAL F 45 14.12 -6.88 82.22
C VAL F 45 14.63 -8.27 82.54
N TRP F 46 15.96 -8.41 82.59
CA TRP F 46 16.69 -9.65 82.78
C TRP F 46 17.23 -9.75 84.20
N ASP F 47 17.15 -10.97 84.74
CA ASP F 47 17.61 -11.32 86.07
C ASP F 47 18.88 -12.16 85.96
N LEU F 48 19.81 -11.95 86.89
CA LEU F 48 21.17 -12.47 86.75
C LEU F 48 21.56 -13.33 87.95
N THR F 49 21.45 -14.64 87.79
CA THR F 49 22.17 -15.63 88.59
C THR F 49 23.49 -15.99 87.92
N ASN F 50 23.70 -15.53 86.69
CA ASN F 50 24.90 -15.67 85.86
C ASN F 50 25.21 -17.11 85.49
N PRO F 51 24.26 -17.85 84.89
CA PRO F 51 24.52 -19.26 84.60
C PRO F 51 25.30 -19.46 83.32
N ILE F 52 26.22 -20.42 83.37
CA ILE F 52 26.92 -20.92 82.19
C ILE F 52 26.79 -22.44 82.30
N GLN F 53 25.86 -23.00 81.53
CA GLN F 53 25.50 -24.42 81.63
C GLN F 53 26.48 -25.21 80.77
N ALA F 54 27.61 -25.58 81.38
CA ALA F 54 28.64 -26.39 80.71
C ALA F 54 28.24 -27.87 80.77
N THR F 55 27.05 -28.16 80.22
CA THR F 55 26.50 -29.51 80.24
C THR F 55 26.07 -29.92 78.84
N GLN F 56 25.67 -28.93 78.03
CA GLN F 56 25.18 -29.17 76.65
C GLN F 56 25.99 -28.27 75.72
N ASP F 57 27.18 -28.74 75.34
CA ASP F 57 28.07 -28.00 74.44
C ASP F 57 28.26 -26.56 74.91
N SER F 58 28.38 -26.40 76.24
CA SER F 58 28.40 -25.08 76.88
C SER F 58 27.13 -24.32 76.55
N SER F 59 26.02 -24.86 77.06
CA SER F 59 24.67 -24.40 76.73
C SER F 59 24.56 -22.88 76.86
N SER F 60 24.04 -22.25 75.81
CA SER F 60 24.10 -20.81 75.65
C SER F 60 22.88 -20.16 76.27
N GLU F 61 23.07 -19.57 77.45
CA GLU F 61 22.19 -18.56 78.02
C GLU F 61 22.94 -17.85 79.14
N TYR F 62 22.96 -16.53 79.10
CA TYR F 62 23.63 -15.76 80.13
C TYR F 62 22.73 -15.46 81.31
N GLY F 63 21.44 -15.71 81.15
CA GLY F 63 20.46 -15.38 82.18
C GLY F 63 19.09 -15.76 81.70
N VAL F 64 18.09 -15.44 82.53
CA VAL F 64 16.71 -15.82 82.28
C VAL F 64 15.86 -14.56 82.27
N PRO F 65 15.09 -14.30 81.21
CA PRO F 65 14.25 -13.10 81.18
C PRO F 65 13.28 -13.05 82.35
N PHE F 66 13.03 -11.84 82.85
CA PHE F 66 12.16 -11.71 84.01
C PHE F 66 10.88 -10.96 83.76
N ARG F 67 10.90 -9.86 83.01
CA ARG F 67 9.66 -9.09 82.94
C ARG F 67 9.60 -8.21 81.70
N ARG F 68 8.50 -8.27 80.96
CA ARG F 68 8.27 -7.35 79.84
C ARG F 68 7.34 -6.23 80.24
N LEU F 69 7.80 -4.99 80.04
CA LEU F 69 6.96 -3.81 80.17
C LEU F 69 6.40 -3.48 78.80
N THR F 70 5.33 -4.18 78.43
CA THR F 70 4.62 -3.88 77.21
C THR F 70 3.68 -2.69 77.44
N GLY F 71 3.38 -1.97 76.36
CA GLY F 71 2.48 -0.85 76.49
C GLY F 71 2.77 0.33 75.58
N HIS F 72 3.94 0.35 74.97
CA HIS F 72 4.24 1.42 74.04
C HIS F 72 3.65 1.09 72.68
N GLY F 73 3.23 2.12 71.95
CA GLY F 73 2.52 1.87 70.72
C GLY F 73 3.37 1.73 69.47
N HIS F 74 4.68 1.68 69.59
CA HIS F 74 5.58 1.66 68.43
C HIS F 74 6.95 1.24 68.96
N PHE F 75 7.98 1.32 68.11
CA PHE F 75 9.33 0.99 68.54
C PHE F 75 9.75 1.84 69.72
N VAL F 76 10.32 1.19 70.74
CA VAL F 76 10.98 1.88 71.83
C VAL F 76 12.42 2.17 71.41
N GLN F 77 12.82 3.43 71.49
CA GLN F 77 14.11 3.84 70.96
C GLN F 77 15.19 3.89 72.03
N ASP F 78 14.92 4.54 73.17
CA ASP F 78 15.91 4.68 74.22
C ASP F 78 15.27 4.54 75.59
N VAL F 79 16.03 3.95 76.51
CA VAL F 79 15.59 3.78 77.90
C VAL F 79 16.73 4.11 78.86
N VAL F 80 16.33 4.45 80.08
CA VAL F 80 17.24 4.80 81.18
C VAL F 80 16.58 4.32 82.47
N LEU F 81 17.36 4.32 83.56
CA LEU F 81 16.85 3.93 84.87
C LEU F 81 16.94 5.05 85.88
N SER F 82 16.05 4.98 86.87
CA SER F 82 16.08 5.91 88.01
C SER F 82 17.37 5.71 88.79
N SER F 83 17.97 6.84 89.20
CA SER F 83 19.27 6.81 89.86
C SER F 83 19.17 6.43 91.32
N ASP F 84 17.97 6.36 91.88
CA ASP F 84 17.80 6.07 93.29
C ASP F 84 16.98 4.82 93.55
N GLY F 85 16.05 4.47 92.67
CA GLY F 85 15.24 3.30 92.90
C GLY F 85 15.00 2.45 91.68
N GLN F 86 13.75 2.06 91.46
CA GLN F 86 13.42 1.07 90.45
C GLN F 86 13.00 1.71 89.14
N PHE F 87 12.43 2.91 89.20
CA PHE F 87 11.70 3.50 88.08
C PHE F 87 12.55 3.49 86.82
N ALA F 88 11.89 3.38 85.68
CA ALA F 88 12.57 3.47 84.39
C ALA F 88 11.81 4.42 83.50
N LEU F 89 12.50 5.04 82.56
CA LEU F 89 11.86 5.97 81.65
C LEU F 89 12.25 5.61 80.22
N SER F 90 11.27 5.60 79.33
CA SER F 90 11.47 5.11 77.98
C SER F 90 10.78 6.02 76.97
N GLY F 91 11.38 6.16 75.81
CA GLY F 91 10.84 6.96 74.74
C GLY F 91 10.68 6.13 73.49
N SER F 92 9.72 6.49 72.66
CA SER F 92 9.34 5.63 71.55
C SER F 92 8.84 6.45 70.39
N TRP F 93 8.46 5.73 69.33
CA TRP F 93 8.13 6.37 68.07
C TRP F 93 6.71 6.93 68.06
N ASP F 94 5.89 6.51 69.03
CA ASP F 94 4.54 7.03 69.21
C ASP F 94 4.50 8.43 69.79
N GLY F 95 5.64 9.08 69.98
CA GLY F 95 5.66 10.43 70.48
C GLY F 95 5.48 10.57 71.97
N GLU F 96 5.60 9.49 72.72
CA GLU F 96 5.34 9.49 74.15
C GLU F 96 6.61 9.20 74.92
N LEU F 97 6.57 9.50 76.22
CA LEU F 97 7.54 9.03 77.19
C LEU F 97 6.77 8.31 78.28
N ARG F 98 7.37 7.25 78.83
CA ARG F 98 6.69 6.49 79.87
C ARG F 98 7.62 6.20 81.04
N LEU F 99 7.05 6.23 82.24
CA LEU F 99 7.71 5.86 83.47
C LEU F 99 7.16 4.54 83.96
N TRP F 100 8.01 3.53 84.03
CA TRP F 100 7.64 2.19 84.46
C TRP F 100 8.15 1.93 85.87
N ASP F 101 7.44 1.05 86.57
CA ASP F 101 7.85 0.58 87.89
C ASP F 101 8.18 -0.90 87.77
N LEU F 102 9.46 -1.23 87.89
CA LEU F 102 9.93 -2.58 87.63
C LEU F 102 9.59 -3.56 88.74
N SER F 103 9.06 -3.09 89.87
CA SER F 103 8.68 -4.02 90.93
C SER F 103 7.28 -4.59 90.75
N THR F 104 6.49 -4.01 89.85
CA THR F 104 5.15 -4.51 89.58
C THR F 104 4.84 -4.64 88.10
N GLY F 105 5.63 -4.02 87.22
CA GLY F 105 5.42 -4.16 85.80
C GLY F 105 4.33 -3.30 85.21
N VAL F 106 3.93 -2.24 85.90
CA VAL F 106 2.90 -1.35 85.41
C VAL F 106 3.55 0.00 85.14
N THR F 107 2.98 0.75 84.20
CA THR F 107 3.37 2.12 84.00
C THR F 107 2.78 3.01 85.10
N THR F 108 3.47 4.11 85.39
CA THR F 108 3.05 5.00 86.46
C THR F 108 2.76 6.42 86.02
N ARG F 109 3.44 6.92 84.99
CA ARG F 109 3.26 8.28 84.54
C ARG F 109 3.33 8.23 83.01
N ARG F 110 3.14 9.38 82.34
CA ARG F 110 3.11 9.41 80.88
C ARG F 110 3.32 10.84 80.42
N PHE F 111 4.37 11.09 79.62
CA PHE F 111 4.70 12.45 79.19
C PHE F 111 4.14 12.70 77.79
N VAL F 112 2.92 13.22 77.75
CA VAL F 112 2.30 13.59 76.48
C VAL F 112 2.77 14.98 76.07
N GLY F 113 2.91 15.18 74.76
CA GLY F 113 3.13 16.53 74.26
C GLY F 113 4.15 16.67 73.17
N HIS F 114 4.99 15.66 72.96
CA HIS F 114 5.95 15.74 71.87
C HIS F 114 5.21 15.54 70.55
N GLU F 115 5.20 16.59 69.73
CA GLU F 115 4.33 16.63 68.56
C GLU F 115 4.69 15.57 67.54
N LYS F 116 5.86 14.95 67.66
CA LYS F 116 6.24 13.92 66.71
C LYS F 116 7.13 12.91 67.44
N ASP F 117 7.86 12.10 66.69
CA ASP F 117 8.55 10.96 67.27
C ASP F 117 9.65 11.42 68.24
N VAL F 118 9.94 10.57 69.23
CA VAL F 118 10.90 10.86 70.30
C VAL F 118 12.01 9.82 70.25
N LEU F 119 13.27 10.28 70.32
CA LEU F 119 14.41 9.39 70.15
C LEU F 119 15.32 9.22 71.36
N SER F 120 15.24 10.07 72.38
CA SER F 120 16.15 9.92 73.50
C SER F 120 15.53 10.38 74.81
N VAL F 121 15.88 9.69 75.90
CA VAL F 121 15.44 10.02 77.25
C VAL F 121 16.66 10.00 78.16
N ALA F 122 16.54 10.68 79.30
CA ALA F 122 17.61 10.70 80.30
C ALA F 122 17.10 11.29 81.60
N PHE F 123 17.49 10.69 82.72
CA PHE F 123 17.20 11.19 84.06
C PHE F 123 18.23 12.23 84.51
N SER F 124 18.18 12.57 85.80
CA SER F 124 19.03 13.59 86.40
C SER F 124 19.46 13.14 87.79
N ILE F 125 20.21 14.02 88.46
CA ILE F 125 20.73 13.72 89.79
C ILE F 125 19.59 13.73 90.81
N ASP F 126 18.88 14.85 90.91
CA ASP F 126 17.71 14.92 91.78
C ASP F 126 16.50 14.23 91.17
N ASN F 127 16.61 13.76 89.93
CA ASN F 127 15.54 13.07 89.20
C ASN F 127 14.33 13.97 88.97
N ARG F 128 14.48 15.27 89.17
CA ARG F 128 13.41 16.22 88.88
C ARG F 128 13.54 16.85 87.50
N GLN F 129 14.69 16.67 86.86
CA GLN F 129 15.00 17.30 85.58
C GLN F 129 15.05 16.21 84.52
N ILE F 130 14.06 16.19 83.64
CA ILE F 130 13.92 15.15 82.63
C ILE F 130 14.05 15.79 81.26
N VAL F 131 14.78 15.15 80.35
CA VAL F 131 15.00 15.69 79.03
C VAL F 131 14.44 14.72 78.00
N SER F 132 13.83 15.24 76.95
CA SER F 132 13.37 14.44 75.83
C SER F 132 13.85 15.07 74.54
N ALA F 133 14.50 14.27 73.71
CA ALA F 133 14.92 14.67 72.37
C ALA F 133 14.02 14.00 71.34
N SER F 134 13.81 14.67 70.21
CA SER F 134 12.75 14.24 69.32
C SER F 134 13.09 14.47 67.86
N ARG F 135 12.32 13.79 67.02
CA ARG F 135 12.22 14.10 65.60
C ARG F 135 11.39 15.35 65.37
N ASP F 136 10.67 15.82 66.39
CA ASP F 136 10.04 17.14 66.39
C ASP F 136 10.99 18.25 65.99
N ARG F 137 12.31 17.98 66.03
CA ARG F 137 13.35 18.99 65.96
C ARG F 137 13.33 19.91 67.18
N THR F 138 12.89 19.39 68.32
CA THR F 138 12.84 20.15 69.56
C THR F 138 13.26 19.26 70.73
N ILE F 139 13.84 19.88 71.75
CA ILE F 139 14.06 19.27 73.06
C ILE F 139 12.99 19.79 74.01
N LYS F 140 12.54 18.94 74.92
CA LYS F 140 11.64 19.43 75.96
C LYS F 140 12.04 18.91 77.33
N LEU F 141 12.03 19.78 78.32
CA LEU F 141 12.30 19.40 79.69
C LEU F 141 11.00 19.16 80.44
N TRP F 142 10.98 18.10 81.22
CA TRP F 142 9.82 17.65 81.97
C TRP F 142 10.20 17.52 83.43
N ASN F 143 9.22 17.72 84.30
CA ASN F 143 9.39 17.43 85.71
C ASN F 143 9.08 15.95 85.96
N THR F 144 9.14 15.53 87.22
CA THR F 144 8.75 14.18 87.57
C THR F 144 7.25 13.95 87.42
N LEU F 145 6.47 15.02 87.33
CA LEU F 145 5.02 14.90 87.22
C LEU F 145 4.56 14.75 85.78
N GLY F 146 5.49 14.72 84.84
CA GLY F 146 5.11 14.67 83.44
C GLY F 146 4.30 15.85 82.98
N GLU F 147 4.70 17.05 83.38
CA GLU F 147 4.04 18.25 82.90
C GLU F 147 5.16 19.17 82.42
N CYS F 148 4.80 20.24 81.71
CA CYS F 148 5.81 21.03 80.99
C CYS F 148 6.36 22.15 81.85
N LYS F 149 7.63 22.46 81.64
CA LYS F 149 8.17 23.74 82.12
C LYS F 149 8.93 24.47 81.03
N TYR F 150 9.65 23.76 80.18
CA TYR F 150 10.25 24.45 79.05
C TYR F 150 10.52 23.51 77.89
N THR F 151 10.67 24.13 76.74
CA THR F 151 10.75 23.44 75.46
C THR F 151 11.66 24.28 74.60
N ILE F 152 12.85 23.78 74.30
CA ILE F 152 13.84 24.52 73.52
C ILE F 152 13.83 24.00 72.10
N GLY F 153 13.72 24.92 71.16
CA GLY F 153 13.54 24.56 69.77
C GLY F 153 13.00 25.74 68.99
N GLY F 154 12.34 25.42 67.89
CA GLY F 154 11.95 26.43 66.94
C GLY F 154 13.09 26.76 65.99
N ASP F 155 12.75 27.43 64.89
CA ASP F 155 13.74 27.82 63.91
C ASP F 155 14.54 29.00 64.48
N LEU F 156 15.38 29.60 63.62
CA LEU F 156 16.30 30.64 64.08
C LEU F 156 15.56 31.76 64.80
N GLY F 157 14.43 32.20 64.25
CA GLY F 157 13.67 33.27 64.89
C GLY F 157 13.12 32.85 66.24
N GLY F 158 12.45 31.70 66.30
CA GLY F 158 11.96 31.20 67.58
C GLY F 158 13.08 31.02 68.58
N GLY F 159 14.22 30.51 68.14
CA GLY F 159 15.35 30.38 69.02
C GLY F 159 16.52 29.71 68.33
N GLU F 160 17.34 29.09 69.14
CA GLU F 160 18.58 28.44 68.72
C GLU F 160 18.45 26.94 68.50
N GLY F 161 17.24 26.40 68.52
CA GLY F 161 17.02 24.99 68.26
C GLY F 161 17.61 24.53 66.94
N HIS F 162 17.91 23.25 66.80
CA HIS F 162 18.45 22.76 65.54
C HIS F 162 17.40 22.85 64.45
N THR F 163 17.79 22.44 63.24
CA THR F 163 16.88 22.37 62.12
C THR F 163 16.56 20.96 61.67
N GLY F 164 17.47 20.01 61.84
CA GLY F 164 17.17 18.61 61.68
C GLY F 164 16.58 18.03 62.94
N TRP F 165 16.43 16.70 62.95
CA TRP F 165 15.98 16.05 64.16
C TRP F 165 17.11 15.93 65.16
N VAL F 166 16.77 16.06 66.44
CA VAL F 166 17.70 15.71 67.50
C VAL F 166 17.76 14.19 67.59
N SER F 167 18.93 13.66 67.93
CA SER F 167 19.11 12.22 67.93
C SER F 167 19.55 11.63 69.26
N CYS F 168 20.09 12.43 70.17
CA CYS F 168 20.54 11.91 71.46
C CYS F 168 20.83 13.10 72.36
N VAL F 169 20.58 12.92 73.65
CA VAL F 169 20.89 13.92 74.66
C VAL F 169 21.38 13.21 75.91
N ARG F 170 22.31 13.84 76.62
CA ARG F 170 22.79 13.36 77.90
C ARG F 170 23.19 14.54 78.77
N PHE F 171 23.25 14.29 80.07
CA PHE F 171 23.66 15.31 81.02
C PHE F 171 25.17 15.38 81.16
N SER F 172 25.61 16.46 81.80
CA SER F 172 26.96 16.57 82.31
C SER F 172 26.94 16.20 83.79
N PRO F 173 27.69 15.18 84.21
CA PRO F 173 27.54 14.70 85.58
C PRO F 173 28.26 15.54 86.63
N ASN F 174 28.63 16.77 86.29
CA ASN F 174 29.16 17.70 87.28
C ASN F 174 28.02 18.45 87.96
N ASN F 175 28.08 18.52 89.29
CA ASN F 175 26.92 18.89 90.09
C ASN F 175 26.76 20.40 90.21
N PHE F 176 27.84 21.16 90.08
CA PHE F 176 27.80 22.61 90.13
C PHE F 176 27.57 23.25 88.76
N ALA F 177 27.30 22.46 87.72
CA ALA F 177 27.08 23.03 86.40
C ALA F 177 26.26 22.09 85.52
N PRO F 178 24.97 21.89 85.81
CA PRO F 178 24.17 20.95 85.00
C PRO F 178 23.96 21.49 83.59
N THR F 179 24.24 20.64 82.60
CA THR F 179 24.07 20.98 81.19
C THR F 179 23.53 19.76 80.45
N ILE F 180 23.26 19.94 79.15
CA ILE F 180 22.72 18.88 78.31
C ILE F 180 23.29 19.05 76.91
N VAL F 181 23.82 17.96 76.36
CA VAL F 181 24.49 17.98 75.06
C VAL F 181 23.64 17.22 74.06
N SER F 182 23.39 17.84 72.91
CA SER F 182 22.45 17.31 71.93
C SER F 182 23.14 17.14 70.59
N GLY F 183 23.05 15.94 70.04
CA GLY F 183 23.52 15.64 68.70
C GLY F 183 22.34 15.63 67.74
N SER F 184 22.59 16.01 66.49
CA SER F 184 21.49 16.29 65.58
C SER F 184 21.77 15.73 64.20
N TRP F 185 20.70 15.55 63.43
CA TRP F 185 20.79 15.18 62.03
C TRP F 185 21.14 16.35 61.14
N ASP F 186 21.10 17.57 61.68
CA ASP F 186 21.59 18.75 60.99
C ASP F 186 23.12 18.84 61.02
N ARG F 187 23.80 17.79 61.48
CA ARG F 187 25.26 17.75 61.59
C ARG F 187 25.78 18.86 62.50
N SER F 188 25.29 18.85 63.74
CA SER F 188 25.68 19.87 64.71
C SER F 188 25.40 19.34 66.11
N VAL F 189 26.36 19.54 67.00
CA VAL F 189 26.19 19.25 68.42
C VAL F 189 26.08 20.59 69.14
N LYS F 190 25.13 20.70 70.06
CA LYS F 190 25.02 21.87 70.93
C LYS F 190 25.15 21.48 72.40
N VAL F 191 25.62 22.43 73.21
CA VAL F 191 25.56 22.30 74.66
C VAL F 191 24.62 23.36 75.20
N TRP F 192 23.78 22.96 76.15
CA TRP F 192 22.74 23.80 76.72
C TRP F 192 22.99 23.99 78.21
N ASN F 193 22.05 24.64 78.89
CA ASN F 193 22.11 24.76 80.33
C ASN F 193 20.72 24.57 80.89
N LEU F 194 20.60 23.88 82.03
CA LEU F 194 19.31 23.80 82.70
C LEU F 194 18.98 25.07 83.48
N THR F 195 19.95 25.96 83.67
CA THR F 195 19.66 27.21 84.38
C THR F 195 18.74 28.11 83.55
N ASN F 196 19.07 28.31 82.27
CA ASN F 196 18.33 29.24 81.43
C ASN F 196 17.82 28.61 80.14
N CYS F 197 18.16 27.35 79.86
CA CYS F 197 17.80 26.69 78.59
C CYS F 197 18.30 27.50 77.40
N LYS F 198 19.43 28.16 77.59
CA LYS F 198 20.21 28.79 76.55
C LYS F 198 21.34 27.82 76.19
N LEU F 199 22.09 28.13 75.13
CA LEU F 199 23.23 27.31 74.76
C LEU F 199 24.51 27.98 75.24
N ARG F 200 25.37 27.21 75.89
CA ARG F 200 26.73 27.67 76.12
C ARG F 200 27.47 27.81 74.80
N CYS F 201 27.56 26.72 74.05
CA CYS F 201 28.38 26.68 72.84
C CYS F 201 27.72 25.79 71.79
N THR F 202 28.11 26.05 70.55
CA THR F 202 27.78 25.20 69.41
C THR F 202 29.07 24.52 68.97
N LEU F 203 29.07 23.19 69.03
CA LEU F 203 30.26 22.38 68.82
C LEU F 203 30.24 21.83 67.40
N ASP F 204 30.43 22.75 66.44
CA ASP F 204 30.17 22.46 65.04
C ASP F 204 31.21 21.47 64.51
N GLY F 205 30.77 20.23 64.35
CA GLY F 205 31.67 19.15 63.99
C GLY F 205 31.42 18.46 62.67
N HIS F 206 30.67 17.36 62.74
CA HIS F 206 30.68 16.32 61.74
C HIS F 206 30.22 16.83 60.37
N GLY F 207 30.49 16.03 59.35
CA GLY F 207 30.04 16.32 58.00
C GLY F 207 28.81 15.52 57.60
N GLY F 208 28.53 14.45 58.36
CA GLY F 208 27.32 13.68 58.19
C GLY F 208 26.46 13.78 59.42
N TYR F 209 25.32 13.07 59.39
CA TYR F 209 24.39 13.17 60.50
C TYR F 209 24.97 12.51 61.75
N VAL F 210 24.61 13.04 62.90
CA VAL F 210 25.07 12.53 64.19
C VAL F 210 24.00 11.60 64.75
N SER F 211 24.45 10.51 65.36
CA SER F 211 23.56 9.60 66.05
C SER F 211 23.97 9.33 67.49
N ALA F 212 25.09 9.90 67.95
CA ALA F 212 25.56 9.59 69.29
C ALA F 212 26.27 10.79 69.88
N VAL F 213 26.10 10.97 71.19
CA VAL F 213 26.85 11.92 71.98
C VAL F 213 27.18 11.26 73.31
N ALA F 214 28.37 11.55 73.82
CA ALA F 214 28.83 11.01 75.08
C ALA F 214 29.40 12.11 75.96
N VAL F 215 29.17 12.00 77.26
CA VAL F 215 29.75 12.90 78.25
C VAL F 215 30.57 12.06 79.22
N SER F 216 31.77 12.52 79.54
CA SER F 216 32.68 11.78 80.40
C SER F 216 32.05 11.53 81.76
N PRO F 217 32.37 10.41 82.43
CA PRO F 217 31.81 10.17 83.77
C PRO F 217 32.14 11.25 84.76
N ASP F 218 33.21 12.00 84.55
CA ASP F 218 33.55 13.16 85.36
C ASP F 218 33.13 14.46 84.71
N GLY F 219 32.52 14.40 83.53
CA GLY F 219 32.08 15.61 82.84
C GLY F 219 33.23 16.51 82.45
N SER F 220 34.09 16.02 81.56
CA SER F 220 35.25 16.78 81.11
C SER F 220 35.43 16.81 79.61
N LEU F 221 34.88 15.86 78.87
CA LEU F 221 35.10 15.78 77.42
C LEU F 221 33.97 14.98 76.80
N CYS F 222 33.71 15.25 75.52
CA CYS F 222 32.36 15.22 74.96
C CYS F 222 32.30 14.39 73.67
N ALA F 223 32.78 13.14 73.75
CA ALA F 223 32.76 12.23 72.61
C ALA F 223 31.42 12.26 71.87
N SER F 224 31.48 12.36 70.55
CA SER F 224 30.32 12.30 69.69
C SER F 224 30.70 11.57 68.41
N GLY F 225 29.80 10.72 67.93
CA GLY F 225 30.07 9.93 66.74
C GLY F 225 29.11 10.23 65.61
N GLY F 226 28.78 9.24 64.78
CA GLY F 226 27.78 9.46 63.77
C GLY F 226 28.03 8.89 62.39
N LYS F 227 27.83 9.71 61.36
CA LYS F 227 27.72 9.17 60.00
C LYS F 227 29.08 8.79 59.44
N ASP F 228 30.03 9.72 59.41
CA ASP F 228 31.22 9.56 58.60
C ASP F 228 32.10 8.40 59.03
N GLY F 229 31.95 7.92 60.26
CA GLY F 229 32.90 7.01 60.85
C GLY F 229 33.98 7.68 61.65
N VAL F 230 34.04 9.01 61.63
CA VAL F 230 35.03 9.75 62.39
C VAL F 230 34.40 10.22 63.69
N THR F 231 35.01 9.81 64.80
CA THR F 231 34.60 10.26 66.11
C THR F 231 35.41 11.49 66.48
N LEU F 232 34.75 12.48 67.05
CA LEU F 232 35.41 13.69 67.51
C LEU F 232 35.21 13.85 69.01
N LEU F 233 36.31 14.07 69.72
CA LEU F 233 36.25 14.33 71.15
C LEU F 233 36.37 15.83 71.37
N TRP F 234 35.60 16.34 72.34
CA TRP F 234 35.54 17.78 72.48
C TRP F 234 35.84 18.14 73.93
N ASP F 235 35.81 19.44 74.22
CA ASP F 235 36.10 19.95 75.54
C ASP F 235 34.79 20.38 76.19
N LEU F 236 34.45 19.79 77.33
CA LEU F 236 33.22 20.17 78.00
C LEU F 236 33.30 21.56 78.58
N THR F 237 34.48 21.94 79.11
CA THR F 237 34.60 23.25 79.74
C THR F 237 34.27 24.37 78.76
N GLU F 238 34.94 24.40 77.62
CA GLU F 238 34.53 25.30 76.55
C GLU F 238 34.91 24.68 75.19
N GLY F 239 34.00 23.87 74.66
CA GLY F 239 33.91 23.60 73.23
C GLY F 239 35.16 23.54 72.39
N LYS F 240 36.12 22.68 72.71
CA LYS F 240 37.37 22.59 71.95
C LYS F 240 37.58 21.17 71.47
N ARG F 241 37.90 21.02 70.19
CA ARG F 241 38.07 19.69 69.59
C ARG F 241 39.46 19.17 69.91
N LEU F 242 39.54 18.24 70.85
CA LEU F 242 40.83 17.67 71.23
C LEU F 242 41.48 16.94 70.07
N TYR F 243 40.88 15.83 69.66
CA TYR F 243 41.49 15.01 68.62
C TYR F 243 40.41 14.20 67.93
N SER F 244 40.78 13.64 66.77
CA SER F 244 39.87 12.85 65.95
C SER F 244 40.27 11.39 65.98
N LEU F 245 39.28 10.51 66.01
CA LEU F 245 39.46 9.07 65.91
C LEU F 245 38.68 8.56 64.70
N ASP F 246 39.06 7.38 64.21
CA ASP F 246 38.60 6.89 62.92
C ASP F 246 38.13 5.45 63.06
N ALA F 247 36.85 5.21 62.79
CA ALA F 247 36.27 3.87 62.85
C ALA F 247 35.96 3.29 61.48
N GLY F 248 35.76 4.12 60.46
CA GLY F 248 35.45 3.65 59.13
C GLY F 248 33.99 3.67 58.76
N SER F 249 33.19 2.82 59.41
CA SER F 249 31.79 2.64 59.05
C SER F 249 30.90 3.56 59.89
N ILE F 250 29.59 3.31 59.85
CA ILE F 250 28.62 4.10 60.61
C ILE F 250 28.84 3.89 62.11
N ILE F 251 28.35 4.84 62.90
CA ILE F 251 28.41 4.77 64.35
C ILE F 251 27.02 4.99 64.92
N ASN F 252 26.63 4.14 65.87
CA ASN F 252 25.32 4.24 66.51
C ASN F 252 25.42 4.55 67.99
N SER F 253 26.14 3.74 68.76
CA SER F 253 26.19 3.90 70.20
C SER F 253 27.61 4.18 70.66
N LEU F 254 27.71 4.94 71.75
CA LEU F 254 28.99 5.33 72.32
C LEU F 254 28.88 5.26 73.82
N CYS F 255 30.00 4.97 74.48
CA CYS F 255 29.98 4.93 75.94
C CYS F 255 31.40 5.04 76.46
N PHE F 256 31.51 5.41 77.72
CA PHE F 256 32.76 5.49 78.44
C PHE F 256 32.74 4.44 79.54
N SER F 257 33.90 3.87 79.85
CA SER F 257 33.97 3.01 81.02
C SER F 257 33.73 3.83 82.28
N PRO F 258 33.05 3.26 83.28
CA PRO F 258 32.68 4.06 84.45
C PRO F 258 33.87 4.68 85.17
N ASN F 259 34.95 3.93 85.35
CA ASN F 259 36.12 4.46 86.04
C ASN F 259 37.39 4.34 85.20
N ARG F 260 37.56 3.25 84.45
CA ARG F 260 38.73 3.14 83.59
C ARG F 260 38.57 4.08 82.40
N TYR F 261 39.70 4.49 81.83
CA TYR F 261 39.71 5.55 80.82
C TYR F 261 39.61 4.93 79.43
N TRP F 262 38.44 4.36 79.15
CA TRP F 262 38.14 3.68 77.90
C TRP F 262 36.91 4.27 77.23
N LEU F 263 36.94 4.28 75.90
CA LEU F 263 35.81 4.71 75.08
C LEU F 263 35.47 3.59 74.11
N CYS F 264 34.20 3.22 74.06
CA CYS F 264 33.74 2.10 73.27
C CYS F 264 32.82 2.59 72.16
N ALA F 265 32.78 1.85 71.05
CA ALA F 265 31.92 2.26 69.94
C ALA F 265 31.41 1.04 69.18
N ALA F 266 30.21 1.19 68.61
CA ALA F 266 29.62 0.20 67.74
C ALA F 266 29.68 0.73 66.31
N THR F 267 30.45 0.05 65.46
CA THR F 267 30.79 0.57 64.13
C THR F 267 30.48 -0.43 63.01
N GLN F 268 29.36 -1.13 63.09
CA GLN F 268 28.70 -1.74 61.94
C GLN F 268 29.47 -2.91 61.31
N ASP F 269 30.71 -3.14 61.73
CA ASP F 269 31.41 -4.37 61.40
C ASP F 269 31.96 -5.09 62.61
N SER F 270 32.17 -4.39 63.73
CA SER F 270 32.50 -4.99 65.02
C SER F 270 32.51 -3.85 66.03
N ILE F 271 32.65 -4.21 67.30
CA ILE F 271 32.75 -3.22 68.37
C ILE F 271 34.21 -2.82 68.53
N LYS F 272 34.47 -1.52 68.52
CA LYS F 272 35.83 -1.01 68.54
C LYS F 272 36.03 -0.25 69.85
N ILE F 273 36.97 -0.72 70.67
CA ILE F 273 37.36 -0.01 71.89
C ILE F 273 38.72 0.63 71.64
N TRP F 274 38.77 1.95 71.78
CA TRP F 274 40.04 2.66 71.70
C TRP F 274 40.73 2.61 73.05
N ASP F 275 41.78 3.42 73.22
CA ASP F 275 42.23 3.85 74.53
C ASP F 275 42.31 5.35 74.52
N LEU F 276 42.07 5.96 75.68
CA LEU F 276 42.35 7.37 75.85
C LEU F 276 43.68 7.60 76.53
N GLU F 277 44.19 6.60 77.23
CA GLU F 277 45.58 6.60 77.69
C GLU F 277 46.53 6.66 76.50
N SER F 278 46.15 6.00 75.40
CA SER F 278 46.89 6.01 74.15
C SER F 278 45.86 6.00 73.03
N LYS F 279 45.86 7.06 72.21
CA LYS F 279 44.73 7.35 71.32
C LYS F 279 44.70 6.36 70.15
N HIS F 280 44.59 5.09 70.52
CA HIS F 280 44.87 4.01 69.58
C HIS F 280 44.11 2.75 70.01
N ILE F 281 43.55 2.05 69.02
CA ILE F 281 42.68 0.91 69.31
C ILE F 281 43.45 -0.27 69.87
N VAL F 282 42.86 -0.94 70.85
CA VAL F 282 43.51 -2.09 71.49
C VAL F 282 42.54 -3.25 71.67
N GLN F 283 41.35 -3.17 71.08
CA GLN F 283 40.36 -4.22 71.31
C GLN F 283 39.27 -4.14 70.26
N ASP F 284 39.08 -5.23 69.51
CA ASP F 284 37.98 -5.36 68.57
C ASP F 284 37.14 -6.57 68.97
N LEU F 285 35.83 -6.46 68.80
CA LEU F 285 34.93 -7.51 69.29
C LEU F 285 33.96 -7.89 68.18
N ARG F 286 34.03 -9.13 67.76
CA ARG F 286 33.34 -9.70 66.63
C ARG F 286 32.18 -10.58 67.09
N PRO F 287 31.12 -10.69 66.29
CA PRO F 287 30.07 -11.66 66.61
C PRO F 287 30.61 -13.09 66.56
N GLU F 288 30.11 -13.93 67.48
CA GLU F 288 30.64 -15.27 67.61
C GLU F 288 30.33 -16.13 66.39
N VAL F 289 29.11 -16.04 65.86
CA VAL F 289 28.65 -16.94 64.81
C VAL F 289 28.88 -16.26 63.47
N PRO F 290 29.81 -16.74 62.65
CA PRO F 290 30.16 -16.02 61.41
C PRO F 290 29.37 -16.39 60.17
N VAL F 291 28.18 -16.99 60.31
CA VAL F 291 27.37 -17.44 59.16
C VAL F 291 27.34 -16.40 58.05
N SER F 292 27.47 -16.87 56.81
CA SER F 292 27.56 -16.12 55.56
C SER F 292 26.24 -15.54 55.08
N THR F 293 25.20 -15.42 55.89
CA THR F 293 24.02 -14.66 55.52
C THR F 293 24.41 -13.21 55.21
N LYS F 294 23.48 -12.46 54.62
CA LYS F 294 23.78 -11.09 54.21
C LYS F 294 24.04 -10.21 55.42
N GLN F 295 24.54 -8.99 55.12
CA GLN F 295 25.43 -8.24 55.99
C GLN F 295 25.09 -8.43 57.46
N MET F 296 26.09 -8.88 58.20
CA MET F 296 25.85 -9.44 59.52
C MET F 296 25.29 -8.39 60.45
N LEU F 297 24.55 -8.86 61.44
CA LEU F 297 24.10 -8.07 62.56
C LEU F 297 25.14 -7.03 63.00
N TYR F 298 24.73 -5.76 62.99
CA TYR F 298 25.51 -4.75 63.66
C TYR F 298 25.26 -4.85 65.16
N CYS F 299 26.12 -4.21 65.94
CA CYS F 299 25.76 -3.90 67.32
C CYS F 299 25.12 -2.54 67.31
N THR F 300 23.94 -2.44 67.92
CA THR F 300 23.18 -1.20 67.86
C THR F 300 23.28 -0.39 69.14
N CYS F 301 23.68 -1.00 70.25
CA CYS F 301 23.76 -0.27 71.50
C CYS F 301 24.67 -1.00 72.48
N LEU F 302 25.27 -0.24 73.40
CA LEU F 302 26.18 -0.81 74.40
C LEU F 302 26.01 -0.08 75.73
N SER F 303 26.41 -0.77 76.79
CA SER F 303 26.45 -0.13 78.11
C SER F 303 27.39 -0.90 79.02
N TRP F 304 28.02 -0.18 79.93
CA TRP F 304 28.83 -0.81 80.97
C TRP F 304 28.01 -1.03 82.23
N SER F 305 28.50 -1.92 83.07
CA SER F 305 27.90 -2.11 84.38
C SER F 305 28.35 -0.99 85.31
N ALA F 306 27.84 -1.02 86.54
CA ALA F 306 28.23 -0.02 87.53
C ALA F 306 29.71 -0.11 87.86
N ASP F 307 30.24 -1.32 87.97
CA ASP F 307 31.63 -1.54 88.32
C ASP F 307 32.54 -1.66 87.11
N GLY F 308 32.01 -1.50 85.90
CA GLY F 308 32.83 -1.70 84.72
C GLY F 308 33.28 -3.13 84.53
N SER F 309 32.75 -4.07 85.30
CA SER F 309 33.19 -5.46 85.17
C SER F 309 32.60 -6.13 83.94
N THR F 310 31.54 -5.59 83.38
CA THR F 310 30.88 -6.25 82.25
C THR F 310 30.23 -5.21 81.34
N LEU F 311 30.46 -5.37 80.04
CA LEU F 311 29.86 -4.54 79.01
C LEU F 311 28.83 -5.36 78.22
N TYR F 312 27.71 -4.73 77.91
CA TYR F 312 26.60 -5.37 77.23
C TYR F 312 26.47 -4.76 75.85
N ALA F 313 26.26 -5.61 74.85
CA ALA F 313 26.04 -5.13 73.50
C ALA F 313 24.74 -5.72 72.96
N GLY F 314 23.85 -4.85 72.51
CA GLY F 314 22.58 -5.25 71.93
C GLY F 314 22.60 -4.98 70.43
N TYR F 315 22.24 -6.01 69.66
CA TYR F 315 22.46 -6.04 68.23
C TYR F 315 21.14 -5.94 67.48
N THR F 316 21.21 -6.12 66.16
CA THR F 316 20.05 -5.93 65.30
C THR F 316 19.10 -7.12 65.26
N ASP F 317 19.45 -8.26 65.84
CA ASP F 317 18.58 -9.42 65.80
C ASP F 317 17.90 -9.69 67.14
N GLY F 318 17.86 -8.72 68.02
CA GLY F 318 17.32 -8.95 69.34
C GLY F 318 18.23 -9.81 70.18
N THR F 319 19.44 -10.03 69.70
CA THR F 319 20.46 -10.73 70.46
C THR F 319 21.34 -9.75 71.22
N ILE F 320 21.62 -10.08 72.47
CA ILE F 320 22.47 -9.28 73.34
C ILE F 320 23.61 -10.18 73.80
N ARG F 321 24.84 -9.77 73.49
CA ARG F 321 26.02 -10.52 73.88
C ARG F 321 26.79 -9.77 74.95
N ILE F 322 27.19 -10.50 75.97
CA ILE F 322 27.77 -9.95 77.19
C ILE F 322 29.27 -10.18 77.16
N TYR F 323 30.02 -9.20 77.66
CA TYR F 323 31.49 -9.17 77.59
C TYR F 323 32.02 -8.93 78.99
N LYS F 324 32.81 -9.86 79.51
CA LYS F 324 33.39 -9.65 80.83
C LYS F 324 34.84 -9.21 80.69
N ILE F 325 35.46 -8.97 81.83
CA ILE F 325 36.89 -8.66 81.87
C ILE F 325 37.59 -9.85 82.49
N SER F 326 38.91 -9.86 82.43
CA SER F 326 39.67 -11.05 82.83
C SER F 326 40.00 -11.04 84.32
N GLY F 327 40.74 -10.03 84.76
CA GLY F 327 41.11 -9.91 86.15
C GLY F 327 41.63 -8.52 86.47
N GLN G 4 -42.57 16.62 66.08
CA GLN G 4 -41.25 16.06 66.27
C GLN G 4 -40.92 15.07 65.17
N ILE G 5 -39.71 15.18 64.63
CA ILE G 5 -39.28 14.45 63.44
C ILE G 5 -37.95 13.78 63.75
N SER G 6 -37.80 12.53 63.33
CA SER G 6 -36.57 11.80 63.58
C SER G 6 -35.41 12.40 62.79
N LYS G 7 -34.21 11.85 63.03
CA LYS G 7 -33.03 12.35 62.33
C LYS G 7 -33.01 11.89 60.88
N LYS G 8 -33.34 10.62 60.62
CA LYS G 8 -33.37 10.12 59.25
C LYS G 8 -34.28 10.98 58.39
N LYS G 9 -35.50 11.16 58.84
CA LYS G 9 -36.50 11.88 58.05
C LYS G 9 -36.16 13.36 57.97
N LYS G 10 -35.55 13.90 59.02
CA LYS G 10 -35.07 15.28 59.00
C LYS G 10 -34.03 15.50 57.90
N PHE G 11 -33.01 14.65 57.86
CA PHE G 11 -31.95 14.86 56.87
C PHE G 11 -32.45 14.59 55.46
N VAL G 12 -33.31 13.59 55.31
CA VAL G 12 -33.86 13.31 53.98
C VAL G 12 -34.69 14.49 53.50
N SER G 13 -35.50 15.06 54.38
CA SER G 13 -36.29 16.24 54.01
C SER G 13 -35.40 17.42 53.68
N ASP G 14 -34.30 17.60 54.41
CA ASP G 14 -33.38 18.70 54.12
C ASP G 14 -32.81 18.54 52.71
N GLY G 15 -32.37 17.32 52.38
CA GLY G 15 -31.83 17.10 51.05
C GLY G 15 -32.87 17.27 49.95
N VAL G 16 -34.10 16.82 50.23
CA VAL G 16 -35.18 16.96 49.25
C VAL G 16 -35.52 18.43 49.05
N PHE G 17 -35.56 19.21 50.13
CA PHE G 17 -35.75 20.65 50.00
C PHE G 17 -34.69 21.28 49.13
N TYR G 18 -33.43 20.95 49.37
CA TYR G 18 -32.39 21.56 48.54
C TYR G 18 -32.52 21.14 47.08
N ALA G 19 -32.85 19.87 46.83
CA ALA G 19 -33.00 19.43 45.44
C ALA G 19 -34.15 20.15 44.76
N GLU G 20 -35.30 20.22 45.43
CA GLU G 20 -36.46 20.89 44.86
C GLU G 20 -36.20 22.35 44.62
N LEU G 21 -35.55 23.01 45.59
CA LEU G 21 -35.25 24.42 45.46
C LEU G 21 -34.35 24.70 44.27
N ASN G 22 -33.30 23.89 44.11
CA ASN G 22 -32.37 24.14 43.01
C ASN G 22 -33.04 23.83 41.67
N GLU G 23 -33.81 22.74 41.61
CA GLU G 23 -34.51 22.40 40.37
C GLU G 23 -35.64 23.37 40.06
N MET G 24 -36.08 24.15 41.04
CA MET G 24 -36.88 25.33 40.77
C MET G 24 -36.02 26.43 40.17
N LEU G 25 -35.06 26.93 40.94
CA LEU G 25 -34.25 28.08 40.62
C LEU G 25 -33.44 27.93 39.34
N THR G 26 -33.38 26.75 38.75
CA THR G 26 -32.80 26.64 37.41
C THR G 26 -33.81 26.94 36.32
N ARG G 27 -35.08 27.12 36.66
CA ARG G 27 -36.08 27.53 35.67
C ARG G 27 -36.18 29.05 35.55
N GLU G 28 -36.11 29.77 36.67
CA GLU G 28 -36.28 31.22 36.62
C GLU G 28 -34.98 31.88 36.19
N LEU G 29 -33.89 31.57 36.87
CA LEU G 29 -32.62 32.25 36.60
C LEU G 29 -31.88 31.58 35.45
N ALA G 30 -32.60 31.36 34.35
CA ALA G 30 -32.01 30.68 33.21
C ALA G 30 -31.16 31.65 32.39
N GLU G 31 -31.77 32.70 31.84
CA GLU G 31 -30.99 33.74 31.19
C GLU G 31 -30.47 34.72 32.24
N ASP G 32 -29.88 34.20 33.31
CA ASP G 32 -29.32 35.04 34.36
C ASP G 32 -27.97 34.55 34.84
N GLY G 33 -27.49 33.43 34.33
CA GLY G 33 -26.21 32.91 34.76
C GLY G 33 -26.26 32.15 36.07
N TYR G 34 -27.41 31.58 36.42
CA TYR G 34 -27.56 30.83 37.65
C TYR G 34 -26.45 29.80 37.77
N SER G 35 -25.84 29.73 38.95
CA SER G 35 -24.71 28.84 39.11
C SER G 35 -24.66 28.15 40.46
N GLY G 36 -25.66 28.29 41.30
CA GLY G 36 -25.74 27.45 42.48
C GLY G 36 -26.62 28.06 43.56
N VAL G 37 -26.93 27.23 44.54
CA VAL G 37 -27.72 27.63 45.69
C VAL G 37 -27.11 26.95 46.91
N GLU G 38 -27.04 27.66 48.03
CA GLU G 38 -26.51 27.10 49.26
C GLU G 38 -27.46 27.45 50.41
N VAL G 39 -27.90 26.44 51.14
CA VAL G 39 -28.85 26.64 52.23
C VAL G 39 -28.07 26.54 53.54
N ARG G 40 -27.85 27.68 54.17
CA ARG G 40 -27.20 27.76 55.48
C ARG G 40 -28.27 28.03 56.52
N VAL G 41 -28.25 27.27 57.60
CA VAL G 41 -29.28 27.39 58.63
C VAL G 41 -28.65 28.03 59.86
N THR G 42 -29.10 29.22 60.16
CA THR G 42 -28.77 29.95 61.38
C THR G 42 -29.92 29.82 62.36
N PRO G 43 -29.73 30.23 63.62
CA PRO G 43 -30.88 30.29 64.52
C PRO G 43 -31.89 31.31 64.02
N MET G 44 -33.17 30.92 64.05
CA MET G 44 -34.30 31.79 63.78
C MET G 44 -34.37 32.23 62.31
N ARG G 45 -33.37 31.87 61.52
CA ARG G 45 -33.29 32.28 60.11
C ARG G 45 -32.65 31.17 59.29
N THR G 46 -33.05 31.10 58.01
CA THR G 46 -32.42 30.19 57.05
C THR G 46 -31.99 31.02 55.83
N GLU G 47 -30.68 31.17 55.68
CA GLU G 47 -30.08 31.91 54.58
C GLU G 47 -29.96 31.01 53.37
N ILE G 48 -30.34 31.51 52.20
CA ILE G 48 -30.28 30.73 50.96
C ILE G 48 -29.51 31.57 49.94
N ILE G 49 -28.21 31.39 49.89
CA ILE G 49 -27.35 32.17 49.00
C ILE G 49 -27.51 31.60 47.61
N ILE G 50 -28.21 32.34 46.74
CA ILE G 50 -28.13 32.08 45.32
C ILE G 50 -26.84 32.66 44.79
N ARG G 51 -26.21 31.95 43.86
CA ARG G 51 -25.04 32.47 43.19
C ARG G 51 -25.21 32.29 41.70
N ALA G 52 -24.82 33.32 40.95
CA ALA G 52 -24.99 33.41 39.52
C ALA G 52 -23.86 34.26 38.97
N THR G 53 -23.79 34.35 37.64
CA THR G 53 -22.75 35.16 37.02
C THR G 53 -23.17 36.60 36.81
N ARG G 54 -24.46 36.90 36.86
CA ARG G 54 -24.98 38.24 36.63
C ARG G 54 -25.93 38.52 37.79
N THR G 55 -25.36 39.00 38.90
CA THR G 55 -26.15 39.23 40.11
C THR G 55 -27.15 40.37 39.92
N GLN G 56 -26.84 41.33 39.06
CA GLN G 56 -27.81 42.41 38.80
C GLN G 56 -29.10 41.85 38.22
N ASN G 57 -28.99 40.87 37.32
CA ASN G 57 -30.17 40.33 36.65
C ASN G 57 -31.08 39.59 37.63
N VAL G 58 -30.52 38.76 38.50
CA VAL G 58 -31.35 38.07 39.48
C VAL G 58 -31.93 39.07 40.47
N LEU G 59 -31.13 40.05 40.90
CA LEU G 59 -31.66 41.13 41.74
C LEU G 59 -32.75 41.89 41.01
N GLY G 60 -32.51 42.27 39.76
CA GLY G 60 -33.52 42.94 38.97
C GLY G 60 -33.49 44.45 39.17
N GLU G 61 -34.68 45.05 39.10
CA GLU G 61 -34.84 46.47 39.39
C GLU G 61 -35.21 46.62 40.86
N LYS G 62 -34.33 47.30 41.61
CA LYS G 62 -34.47 47.52 43.06
C LYS G 62 -34.90 46.27 43.81
N GLY G 63 -34.50 45.11 43.31
CA GLY G 63 -34.74 43.85 43.99
C GLY G 63 -36.17 43.35 43.99
N ARG G 64 -36.95 43.66 42.96
CA ARG G 64 -38.32 43.15 42.93
C ARG G 64 -38.30 41.64 42.73
N ARG G 65 -37.41 41.16 41.85
CA ARG G 65 -37.32 39.72 41.60
C ARG G 65 -36.89 38.96 42.85
N ILE G 66 -35.87 39.47 43.55
CA ILE G 66 -35.42 38.75 44.74
C ILE G 66 -36.49 38.80 45.82
N ARG G 67 -37.24 39.91 45.91
CA ARG G 67 -38.38 39.97 46.81
C ARG G 67 -39.40 38.89 46.48
N GLU G 68 -39.76 38.78 45.20
CA GLU G 68 -40.72 37.76 44.78
C GLU G 68 -40.23 36.36 45.11
N LEU G 69 -38.96 36.09 44.82
CA LEU G 69 -38.40 34.78 45.11
C LEU G 69 -38.45 34.48 46.60
N THR G 70 -38.07 35.45 47.44
CA THR G 70 -38.13 35.23 48.88
C THR G 70 -39.56 34.93 49.31
N SER G 71 -40.51 35.72 48.82
CA SER G 71 -41.90 35.57 49.25
C SER G 71 -42.46 34.21 48.84
N VAL G 72 -42.21 33.79 47.60
CA VAL G 72 -42.81 32.54 47.14
C VAL G 72 -42.08 31.34 47.73
N VAL G 73 -40.78 31.44 47.97
CA VAL G 73 -40.07 30.38 48.67
C VAL G 73 -40.61 30.23 50.08
N GLN G 74 -40.88 31.36 50.74
CA GLN G 74 -41.54 31.33 52.05
C GLN G 74 -42.88 30.61 51.97
N LYS G 75 -43.69 30.95 50.99
CA LYS G 75 -45.06 30.48 50.98
C LYS G 75 -45.16 29.01 50.60
N ARG G 76 -44.40 28.57 49.59
CA ARG G 76 -44.44 27.16 49.21
C ARG G 76 -43.96 26.25 50.32
N PHE G 77 -42.77 26.53 50.85
CA PHE G 77 -42.15 25.67 51.85
C PHE G 77 -42.44 26.11 53.27
N ASN G 78 -43.65 26.65 53.50
CA ASN G 78 -44.24 26.91 54.82
C ASN G 78 -43.20 27.32 55.86
N PHE G 79 -42.26 28.17 55.46
CA PHE G 79 -41.34 28.76 56.42
C PHE G 79 -42.10 29.71 57.32
N LEU G 80 -41.65 29.85 58.56
CA LEU G 80 -42.18 30.91 59.40
C LEU G 80 -41.92 32.24 58.70
N GLU G 81 -42.94 33.09 58.66
CA GLU G 81 -42.86 34.32 57.87
C GLU G 81 -41.68 35.17 58.35
N ASN G 82 -40.97 35.76 57.40
CA ASN G 82 -39.74 36.52 57.61
C ASN G 82 -38.57 35.66 58.09
N GLY G 83 -38.74 34.34 58.16
CA GLY G 83 -37.67 33.47 58.59
C GLY G 83 -36.73 33.04 57.46
N VAL G 84 -37.20 33.11 56.23
CA VAL G 84 -36.47 32.65 55.06
C VAL G 84 -36.08 33.85 54.21
N GLU G 85 -34.81 33.91 53.81
CA GLU G 85 -34.34 35.02 53.01
C GLU G 85 -33.37 34.51 51.95
N LEU G 86 -33.30 35.24 50.84
CA LEU G 86 -32.42 34.90 49.73
C LEU G 86 -31.41 36.02 49.52
N TYR G 87 -30.23 35.65 49.06
CA TYR G 87 -29.19 36.60 48.72
C TYR G 87 -28.71 36.30 47.31
N ALA G 88 -27.77 37.10 46.82
CA ALA G 88 -27.22 36.89 45.47
C ALA G 88 -25.72 37.16 45.51
N GLU G 89 -24.94 36.12 45.78
CA GLU G 89 -23.52 36.20 45.53
C GLU G 89 -23.22 35.89 44.06
N LYS G 90 -21.96 36.04 43.69
CA LYS G 90 -21.53 35.90 42.31
C LYS G 90 -20.39 34.88 42.26
N VAL G 91 -20.39 34.02 41.25
CA VAL G 91 -19.39 32.96 41.18
C VAL G 91 -18.00 33.55 41.00
N VAL G 92 -17.04 33.05 41.78
CA VAL G 92 -15.69 33.60 41.76
C VAL G 92 -15.12 33.58 40.35
N ASN G 93 -15.21 32.43 39.69
CA ASN G 93 -14.74 32.30 38.31
C ASN G 93 -15.87 31.72 37.47
N ARG G 94 -16.35 32.52 36.52
CA ARG G 94 -17.40 32.04 35.62
C ARG G 94 -16.89 30.94 34.70
N GLY G 95 -15.62 31.01 34.32
CA GLY G 95 -15.03 30.07 33.38
C GLY G 95 -14.57 28.77 33.98
N LEU G 96 -14.81 28.55 35.27
CA LEU G 96 -14.50 27.27 35.91
C LEU G 96 -15.75 26.62 36.48
N CYS G 97 -16.91 27.02 36.00
CA CYS G 97 -18.18 26.41 36.39
C CYS G 97 -18.87 25.90 35.13
N ALA G 98 -19.16 24.61 35.09
CA ALA G 98 -19.76 24.02 33.89
C ALA G 98 -21.25 24.29 33.79
N ILE G 99 -21.91 24.62 34.90
CA ILE G 99 -23.32 25.01 34.80
C ILE G 99 -23.44 26.30 34.01
N ALA G 100 -22.68 27.32 34.39
CA ALA G 100 -22.71 28.59 33.69
C ALA G 100 -22.21 28.44 32.27
N GLN G 101 -21.17 27.63 32.07
CA GLN G 101 -20.59 27.48 30.75
C GLN G 101 -21.54 26.72 29.82
N ALA G 102 -22.18 25.68 30.34
CA ALA G 102 -23.16 24.94 29.56
C ALA G 102 -24.34 25.83 29.19
N GLU G 103 -24.80 26.66 30.12
CA GLU G 103 -25.89 27.59 29.81
C GLU G 103 -25.47 28.61 28.76
N SER G 104 -24.26 29.14 28.86
CA SER G 104 -23.75 30.05 27.85
C SER G 104 -23.78 29.38 26.48
N LEU G 105 -23.23 28.16 26.39
CA LEU G 105 -23.19 27.45 25.11
C LEU G 105 -24.60 27.21 24.60
N ARG G 106 -25.51 26.86 25.49
CA ARG G 106 -26.91 26.67 25.15
C ARG G 106 -27.49 27.89 24.47
N TYR G 107 -27.25 29.06 25.06
CA TYR G 107 -27.83 30.27 24.51
C TYR G 107 -27.20 30.63 23.19
N LYS G 108 -25.89 30.44 23.05
CA LYS G 108 -25.27 30.69 21.76
C LYS G 108 -25.86 29.77 20.69
N LEU G 109 -26.08 28.51 21.04
CA LEU G 109 -26.61 27.55 20.07
C LEU G 109 -28.02 27.95 19.65
N LEU G 110 -28.89 28.21 20.61
CA LEU G 110 -30.26 28.61 20.30
C LEU G 110 -30.31 29.95 19.58
N GLY G 111 -29.26 30.75 19.69
CA GLY G 111 -29.18 31.97 18.89
C GLY G 111 -29.03 31.69 17.42
N GLY G 112 -28.55 30.50 17.06
CA GLY G 112 -28.29 30.14 15.69
C GLY G 112 -26.83 30.05 15.35
N LEU G 113 -25.94 30.22 16.32
CA LEU G 113 -24.51 30.19 16.06
C LEU G 113 -24.09 28.79 15.65
N ALA G 114 -23.22 28.71 14.65
CA ALA G 114 -22.78 27.41 14.17
C ALA G 114 -22.13 26.61 15.29
N VAL G 115 -22.35 25.29 15.26
CA VAL G 115 -22.07 24.46 16.42
C VAL G 115 -20.60 24.49 16.80
N ARG G 116 -19.71 24.27 15.84
CA ARG G 116 -18.30 24.18 16.17
C ARG G 116 -17.75 25.51 16.67
N ARG G 117 -18.20 26.62 16.09
CA ARG G 117 -17.75 27.91 16.59
C ARG G 117 -18.11 28.08 18.06
N ALA G 118 -19.35 27.76 18.43
CA ALA G 118 -19.78 27.89 19.82
C ALA G 118 -19.02 26.96 20.74
N CYS G 119 -18.77 25.72 20.30
CA CYS G 119 -18.11 24.77 21.18
C CYS G 119 -16.65 25.13 21.40
N TYR G 120 -15.92 25.52 20.35
CA TYR G 120 -14.56 26.00 20.56
C TYR G 120 -14.53 27.29 21.33
N GLY G 121 -15.56 28.14 21.21
CA GLY G 121 -15.60 29.32 22.06
C GLY G 121 -15.67 28.96 23.53
N VAL G 122 -16.56 28.05 23.87
CA VAL G 122 -16.66 27.58 25.25
C VAL G 122 -15.34 26.96 25.69
N LEU G 123 -14.76 26.12 24.83
CA LEU G 123 -13.48 25.49 25.13
C LEU G 123 -12.41 26.51 25.45
N ARG G 124 -12.23 27.49 24.57
CA ARG G 124 -11.16 28.46 24.76
C ARG G 124 -11.40 29.29 26.00
N PHE G 125 -12.66 29.66 26.26
CA PHE G 125 -12.89 30.45 27.47
C PHE G 125 -12.53 29.66 28.71
N VAL G 126 -12.92 28.37 28.77
CA VAL G 126 -12.56 27.59 29.95
C VAL G 126 -11.06 27.42 30.08
N MET G 127 -10.34 27.32 28.96
CA MET G 127 -8.89 27.15 29.09
C MET G 127 -8.20 28.44 29.51
N GLU G 128 -8.68 29.59 29.00
CA GLU G 128 -8.07 30.86 29.37
C GLU G 128 -8.35 31.28 30.82
N SER G 129 -9.33 30.67 31.49
CA SER G 129 -9.62 31.00 32.86
C SER G 129 -8.88 30.10 33.85
N GLY G 130 -7.87 29.40 33.38
CA GLY G 130 -7.06 28.57 34.25
C GLY G 130 -7.70 27.27 34.71
N ALA G 131 -8.04 26.40 33.76
CA ALA G 131 -8.49 25.05 34.05
C ALA G 131 -7.50 24.07 33.44
N LYS G 132 -7.36 22.90 34.07
CA LYS G 132 -6.40 21.91 33.58
C LYS G 132 -6.82 21.35 32.24
N GLY G 133 -8.11 21.24 31.99
CA GLY G 133 -8.58 20.74 30.73
C GLY G 133 -10.09 20.82 30.66
N CYS G 134 -10.58 20.75 29.43
CA CYS G 134 -12.00 20.86 29.18
C CYS G 134 -12.43 19.84 28.15
N GLU G 135 -13.70 19.47 28.23
CA GLU G 135 -14.30 18.51 27.31
C GLU G 135 -15.73 18.95 27.08
N VAL G 136 -16.11 19.14 25.82
CA VAL G 136 -17.45 19.54 25.46
C VAL G 136 -18.01 18.50 24.50
N ILE G 137 -19.16 17.96 24.82
CA ILE G 137 -19.83 16.95 24.01
C ILE G 137 -21.13 17.56 23.52
N VAL G 138 -21.35 17.50 22.22
CA VAL G 138 -22.60 17.96 21.62
C VAL G 138 -23.19 16.79 20.86
N SER G 139 -24.46 16.49 21.10
CA SER G 139 -25.04 15.30 20.50
C SER G 139 -26.43 15.61 19.98
N GLY G 140 -26.79 15.01 18.85
CA GLY G 140 -28.15 15.13 18.37
C GLY G 140 -28.18 15.04 16.85
N LYS G 141 -29.25 15.58 16.27
CA LYS G 141 -29.34 15.68 14.82
C LYS G 141 -28.67 16.98 14.40
N LEU G 142 -27.42 16.88 14.00
CA LEU G 142 -26.62 18.04 13.60
C LEU G 142 -26.60 18.05 12.08
N ARG G 143 -27.41 18.93 11.50
CA ARG G 143 -27.51 19.17 10.06
C ARG G 143 -28.17 18.02 9.29
N ALA G 144 -28.45 16.89 9.92
CA ALA G 144 -28.86 15.70 9.19
C ALA G 144 -29.90 14.93 9.99
N GLN G 145 -30.55 13.98 9.29
CA GLN G 145 -31.56 13.16 9.94
C GLN G 145 -30.95 12.12 10.88
N ARG G 146 -29.75 11.65 10.59
CA ARG G 146 -29.08 10.74 11.51
C ARG G 146 -28.40 11.52 12.62
N ALA G 147 -28.46 10.96 13.84
CA ALA G 147 -27.87 11.61 14.99
C ALA G 147 -26.39 11.28 15.10
N LYS G 148 -25.60 12.31 15.38
CA LYS G 148 -24.17 12.17 15.58
C LYS G 148 -23.77 13.03 16.77
N SER G 149 -22.51 12.88 17.18
CA SER G 149 -21.99 13.60 18.32
C SER G 149 -20.58 14.08 18.01
N MET G 150 -20.26 15.30 18.46
CA MET G 150 -18.92 15.83 18.34
C MET G 150 -18.34 16.10 19.73
N LYS G 151 -17.07 15.70 19.89
CA LYS G 151 -16.33 15.88 21.11
C LYS G 151 -15.21 16.88 20.88
N PHE G 152 -15.08 17.84 21.77
CA PHE G 152 -14.01 18.82 21.73
C PHE G 152 -13.23 18.71 23.04
N LYS G 153 -11.93 18.47 22.95
CA LYS G 153 -11.13 18.24 24.14
C LYS G 153 -9.94 19.16 24.15
N ASP G 154 -9.42 19.40 25.36
CA ASP G 154 -8.21 20.18 25.50
C ASP G 154 -7.63 19.93 26.88
N GLY G 155 -6.30 19.92 26.95
CA GLY G 155 -5.62 19.82 28.22
C GLY G 155 -5.77 18.47 28.88
N TYR G 156 -5.61 18.47 30.20
CA TYR G 156 -5.65 17.25 30.99
C TYR G 156 -7.08 16.87 31.27
N MET G 157 -7.34 15.57 31.33
CA MET G 157 -8.70 15.11 31.55
C MET G 157 -8.63 13.71 32.14
N ILE G 158 -9.25 13.51 33.29
CA ILE G 158 -9.23 12.20 33.94
C ILE G 158 -10.67 11.74 34.17
N SER G 159 -10.86 10.42 34.21
CA SER G 159 -12.20 9.87 34.11
C SER G 159 -12.50 8.71 35.06
N SER G 160 -11.52 8.19 35.78
CA SER G 160 -11.74 7.10 36.70
C SER G 160 -11.22 7.48 38.09
N GLY G 161 -11.62 6.69 39.07
CA GLY G 161 -11.13 6.87 40.41
C GLY G 161 -11.89 7.91 41.22
N GLN G 162 -11.43 8.06 42.45
CA GLN G 162 -12.04 9.03 43.36
C GLN G 162 -11.90 10.50 42.95
N PRO G 163 -10.74 11.01 42.52
CA PRO G 163 -10.63 12.46 42.31
C PRO G 163 -11.59 13.01 41.27
N VAL G 164 -12.18 12.16 40.44
CA VAL G 164 -13.23 12.59 39.52
C VAL G 164 -14.29 13.40 40.26
N ASN G 165 -14.62 12.98 41.48
CA ASN G 165 -15.65 13.68 42.23
C ASN G 165 -15.22 15.09 42.61
N GLU G 166 -13.96 15.26 43.00
CA GLU G 166 -13.50 16.54 43.52
C GLU G 166 -12.69 17.35 42.52
N TYR G 167 -12.21 16.74 41.43
CA TYR G 167 -11.41 17.45 40.45
C TYR G 167 -12.14 17.71 39.15
N ILE G 168 -13.33 17.16 38.98
CA ILE G 168 -14.09 17.32 37.75
C ILE G 168 -15.39 18.04 38.11
N ASP G 169 -15.73 19.06 37.35
CA ASP G 169 -17.04 19.68 37.45
C ASP G 169 -17.74 19.40 36.12
N ALA G 170 -18.92 18.79 36.18
CA ALA G 170 -19.60 18.33 34.99
C ALA G 170 -21.06 18.78 35.00
N ALA G 171 -21.59 19.08 33.81
CA ALA G 171 -22.94 19.59 33.67
C ALA G 171 -23.57 19.08 32.39
N VAL G 172 -24.86 18.77 32.47
CA VAL G 172 -25.64 18.25 31.36
C VAL G 172 -26.79 19.20 31.10
N ARG G 173 -26.99 19.59 29.85
CA ARG G 173 -28.04 20.54 29.53
C ARG G 173 -28.64 20.23 28.17
N HIS G 174 -29.98 20.26 28.11
CA HIS G 174 -30.69 20.06 26.86
C HIS G 174 -30.83 21.37 26.11
N VAL G 175 -30.95 21.26 24.80
CA VAL G 175 -31.21 22.37 23.89
C VAL G 175 -32.42 21.99 23.07
N LEU G 176 -33.38 22.91 22.97
CA LEU G 176 -34.61 22.66 22.25
C LEU G 176 -34.60 23.40 20.91
N LEU G 177 -33.43 23.38 20.26
CA LEU G 177 -33.30 23.88 18.90
C LEU G 177 -34.36 23.26 18.00
N ARG G 178 -34.74 24.00 16.98
CA ARG G 178 -35.81 23.54 16.08
C ARG G 178 -35.43 22.23 15.42
N GLN G 179 -36.44 21.36 15.27
CA GLN G 179 -36.33 20.03 14.67
C GLN G 179 -35.68 19.01 15.59
N GLY G 180 -35.75 19.16 16.90
CA GLY G 180 -35.27 18.10 17.74
C GLY G 180 -34.63 18.65 19.02
N VAL G 181 -33.72 17.86 19.57
CA VAL G 181 -33.07 18.15 20.85
C VAL G 181 -31.58 17.97 20.68
N LEU G 182 -30.80 18.86 21.28
CA LEU G 182 -29.37 18.70 21.39
C LEU G 182 -29.02 18.43 22.85
N GLY G 183 -28.02 17.60 23.07
CA GLY G 183 -27.47 17.38 24.39
C GLY G 183 -26.09 18.01 24.48
N ILE G 184 -25.86 18.72 25.58
CA ILE G 184 -24.55 19.28 25.91
C ILE G 184 -24.06 18.63 27.18
N LYS G 185 -22.86 18.07 27.13
CA LYS G 185 -22.15 17.64 28.32
C LYS G 185 -20.88 18.47 28.41
N VAL G 186 -20.67 19.11 29.56
CA VAL G 186 -19.47 19.91 29.78
C VAL G 186 -18.73 19.32 30.96
N LYS G 187 -17.46 19.01 30.76
CA LYS G 187 -16.57 18.49 31.79
C LYS G 187 -15.39 19.43 31.91
N ILE G 188 -15.04 19.79 33.14
CA ILE G 188 -13.96 20.73 33.40
C ILE G 188 -13.08 20.17 34.51
N MET G 189 -11.78 20.02 34.23
CA MET G 189 -10.81 19.58 35.22
C MET G 189 -10.24 20.79 35.93
N LEU G 190 -10.52 20.89 37.22
CA LEU G 190 -10.01 21.98 38.03
C LEU G 190 -8.59 21.69 38.50
N ASP G 191 -7.92 22.74 38.98
CA ASP G 191 -6.51 22.67 39.30
C ASP G 191 -6.36 22.84 40.80
N TRP G 192 -5.27 22.30 41.33
CA TRP G 192 -4.95 22.27 42.75
C TRP G 192 -4.75 23.68 43.33
N ASP G 193 -5.65 24.09 44.22
CA ASP G 193 -5.59 25.41 44.85
C ASP G 193 -5.68 25.27 46.36
N PRO G 194 -4.55 25.26 47.07
CA PRO G 194 -4.61 25.12 48.53
C PRO G 194 -5.39 26.23 49.20
N LYS G 195 -5.52 27.37 48.55
CA LYS G 195 -6.31 28.47 49.09
C LYS G 195 -7.79 28.08 49.18
N GLY G 196 -8.29 27.35 48.18
CA GLY G 196 -9.67 26.94 48.11
C GLY G 196 -10.54 27.79 47.18
N LYS G 197 -10.05 28.95 46.75
CA LYS G 197 -10.88 29.87 45.99
C LYS G 197 -11.20 29.36 44.60
N LEU G 198 -10.29 28.63 43.95
CA LEU G 198 -10.52 28.27 42.56
C LEU G 198 -10.54 26.77 42.31
N GLY G 199 -9.83 25.97 43.11
CA GLY G 199 -9.79 24.55 42.89
C GLY G 199 -9.74 23.74 44.17
N PRO G 200 -9.72 22.41 44.02
CA PRO G 200 -9.60 21.54 45.19
C PRO G 200 -8.23 21.65 45.84
N THR G 201 -8.19 21.32 47.12
CA THR G 201 -6.99 21.51 47.93
C THR G 201 -6.09 20.29 47.95
N THR G 202 -6.65 19.09 48.02
CA THR G 202 -5.82 17.90 48.02
C THR G 202 -5.29 17.62 46.62
N PRO G 203 -4.02 17.27 46.50
CA PRO G 203 -3.43 17.04 45.17
C PRO G 203 -3.90 15.71 44.59
N LEU G 204 -3.49 15.46 43.35
CA LEU G 204 -3.86 14.22 42.69
C LEU G 204 -3.24 13.04 43.42
N PRO G 205 -3.92 11.90 43.47
CA PRO G 205 -3.39 10.77 44.26
C PRO G 205 -2.05 10.28 43.79
N ASP G 206 -1.68 10.53 42.54
CA ASP G 206 -0.35 10.21 42.02
C ASP G 206 0.34 11.49 41.59
N LEU G 207 0.90 12.17 42.58
CA LEU G 207 1.64 13.40 42.37
C LEU G 207 2.65 13.51 43.49
N VAL G 208 3.89 13.82 43.15
CA VAL G 208 4.97 13.81 44.12
C VAL G 208 5.63 15.17 44.12
N THR G 209 6.17 15.55 45.27
CA THR G 209 6.85 16.84 45.43
C THR G 209 8.06 16.62 46.32
N ILE G 210 9.25 16.51 45.71
CA ILE G 210 10.49 16.44 46.47
C ILE G 210 10.96 17.87 46.71
N HIS G 211 11.05 18.25 47.98
CA HIS G 211 11.62 19.55 48.31
C HIS G 211 13.07 19.60 47.86
N PRO G 212 13.49 20.66 47.17
CA PRO G 212 14.86 20.70 46.65
C PRO G 212 15.87 20.63 47.77
N PRO G 213 17.00 19.99 47.55
CA PRO G 213 17.92 19.69 48.64
C PRO G 213 18.70 20.92 49.10
N LYS G 214 18.10 21.69 50.00
CA LYS G 214 18.75 22.88 50.53
C LYS G 214 20.11 22.54 51.13
N GLU G 215 21.05 23.46 51.01
CA GLU G 215 22.45 23.20 51.38
C GLU G 215 22.93 24.25 52.38
N GLU G 216 23.81 23.82 53.28
CA GLU G 216 24.40 24.68 54.29
C GLU G 216 25.76 24.14 54.71
N ALA H 2 -17.37 16.65 -73.90
CA ALA H 2 -18.21 17.53 -74.70
C ALA H 2 -18.21 17.06 -76.14
N ARG H 3 -19.32 17.28 -76.85
CA ARG H 3 -19.43 16.86 -78.24
C ARG H 3 -19.03 17.95 -79.22
N GLY H 4 -18.23 18.92 -78.79
CA GLY H 4 -17.79 19.96 -79.69
C GLY H 4 -17.16 21.10 -78.93
N LEU H 5 -16.92 22.18 -79.66
CA LEU H 5 -16.24 23.34 -79.12
C LEU H 5 -17.09 24.04 -78.05
N LYS H 6 -16.41 24.62 -77.08
CA LYS H 6 -17.05 25.34 -76.00
C LYS H 6 -17.16 26.82 -76.36
N LYS H 7 -18.29 27.43 -76.06
CA LYS H 7 -18.53 28.80 -76.47
C LYS H 7 -18.73 29.78 -75.33
N HIS H 8 -18.80 29.33 -74.09
CA HIS H 8 -18.89 30.22 -72.95
C HIS H 8 -17.62 30.14 -72.13
N LEU H 9 -17.26 31.26 -71.52
CA LEU H 9 -16.16 31.33 -70.57
C LEU H 9 -16.72 31.82 -69.25
N LYS H 10 -16.78 30.95 -68.27
CA LYS H 10 -17.27 31.34 -66.95
C LYS H 10 -16.28 32.26 -66.27
N ARG H 11 -16.81 33.19 -65.48
CA ARG H 11 -16.00 34.31 -64.99
C ARG H 11 -14.84 33.86 -64.12
N LEU H 12 -15.05 32.84 -63.28
CA LEU H 12 -13.95 32.36 -62.47
C LEU H 12 -12.86 31.69 -63.30
N ASN H 13 -13.17 31.26 -64.52
CA ASN H 13 -12.18 30.62 -65.37
C ASN H 13 -11.48 31.62 -66.29
N ALA H 14 -11.89 32.87 -66.29
CA ALA H 14 -11.26 33.88 -67.12
C ALA H 14 -9.83 34.14 -66.65
N PRO H 15 -8.98 34.68 -67.52
CA PRO H 15 -7.60 34.94 -67.10
C PRO H 15 -7.54 35.90 -65.93
N SER H 16 -6.55 35.69 -65.07
CA SER H 16 -6.43 36.50 -63.86
C SER H 16 -5.99 37.92 -64.16
N HIS H 17 -5.29 38.16 -65.26
CA HIS H 17 -4.81 39.51 -65.55
C HIS H 17 -5.86 40.40 -66.20
N TRP H 18 -7.03 39.86 -66.52
CA TRP H 18 -8.14 40.70 -66.92
C TRP H 18 -8.72 41.47 -65.74
N MET H 19 -8.46 41.01 -64.52
CA MET H 19 -8.93 41.66 -63.31
C MET H 19 -10.46 41.78 -63.31
N LEU H 20 -11.14 40.78 -63.85
CA LEU H 20 -12.59 40.75 -63.76
C LEU H 20 -13.01 40.38 -62.35
N ASP H 21 -13.98 41.11 -61.82
CA ASP H 21 -14.47 40.86 -60.47
C ASP H 21 -15.40 39.66 -60.44
N LYS H 22 -15.32 38.88 -59.36
CA LYS H 22 -15.93 37.55 -59.35
C LYS H 22 -17.44 37.58 -59.17
N LEU H 23 -18.02 38.69 -58.74
CA LEU H 23 -19.46 38.77 -58.57
C LEU H 23 -20.15 39.57 -59.66
N GLY H 24 -19.42 39.93 -60.71
CA GLY H 24 -19.96 40.82 -61.72
C GLY H 24 -20.71 40.10 -62.81
N GLY H 25 -21.15 38.89 -62.52
CA GLY H 25 -21.86 38.04 -63.48
C GLY H 25 -21.35 36.63 -63.44
N ALA H 26 -22.02 35.78 -64.22
CA ALA H 26 -21.63 34.39 -64.31
C ALA H 26 -20.68 34.10 -65.46
N PHE H 27 -20.61 34.97 -66.46
CA PHE H 27 -19.81 34.69 -67.64
C PHE H 27 -18.81 35.80 -67.90
N ALA H 28 -17.83 35.46 -68.72
CA ALA H 28 -16.74 36.32 -69.14
C ALA H 28 -16.70 36.30 -70.66
N PRO H 29 -16.03 37.28 -71.28
CA PRO H 29 -16.23 37.51 -72.71
C PRO H 29 -15.80 36.39 -73.65
N LYS H 30 -14.96 35.44 -73.24
CA LYS H 30 -14.65 34.32 -74.15
C LYS H 30 -14.07 34.80 -75.47
N PRO H 31 -12.81 35.20 -75.51
CA PRO H 31 -12.26 35.79 -76.74
C PRO H 31 -12.42 34.87 -77.94
N SER H 32 -12.82 35.46 -79.05
CA SER H 32 -12.95 34.70 -80.29
C SER H 32 -11.57 34.33 -80.82
N SER H 33 -11.55 33.36 -81.71
CA SER H 33 -10.29 32.98 -82.34
C SER H 33 -9.75 34.14 -83.17
N GLY H 34 -8.43 34.26 -83.20
CA GLY H 34 -7.79 35.37 -83.85
C GLY H 34 -6.29 35.22 -83.89
N PRO H 35 -5.56 36.32 -83.84
CA PRO H 35 -4.09 36.26 -83.88
C PRO H 35 -3.39 36.11 -82.54
N HIS H 36 -4.11 35.87 -81.44
CA HIS H 36 -3.48 35.65 -80.14
C HIS H 36 -4.24 34.58 -79.38
N LYS H 37 -3.54 33.96 -78.43
CA LYS H 37 -3.93 32.67 -77.89
C LYS H 37 -4.99 32.74 -76.79
N ALA H 38 -5.66 33.87 -76.64
CA ALA H 38 -6.90 33.98 -75.87
C ALA H 38 -6.68 33.82 -74.37
N ARG H 39 -5.51 33.34 -73.99
CA ARG H 39 -5.06 33.38 -72.61
C ARG H 39 -3.99 34.43 -72.41
N GLU H 40 -3.51 35.03 -73.50
CA GLU H 40 -2.53 36.09 -73.50
C GLU H 40 -3.02 37.28 -74.31
N CYS H 41 -4.33 37.42 -74.46
CA CYS H 41 -4.91 38.51 -75.22
C CYS H 41 -5.73 39.39 -74.29
N LEU H 42 -6.30 40.45 -74.86
CA LEU H 42 -7.17 41.36 -74.13
C LEU H 42 -8.28 41.77 -75.09
N PRO H 43 -9.47 41.19 -74.97
CA PRO H 43 -10.53 41.46 -75.95
C PRO H 43 -10.96 42.91 -75.93
N LEU H 44 -11.64 43.32 -77.00
CA LEU H 44 -12.04 44.71 -77.17
C LEU H 44 -13.07 45.14 -76.14
N ILE H 45 -13.92 44.21 -75.70
CA ILE H 45 -14.89 44.51 -74.65
C ILE H 45 -14.21 45.05 -73.41
N LEU H 46 -13.06 44.48 -73.03
CA LEU H 46 -12.37 44.98 -71.86
C LEU H 46 -11.63 46.28 -72.15
N ILE H 47 -11.10 46.43 -73.36
CA ILE H 47 -10.40 47.67 -73.69
C ILE H 47 -11.35 48.85 -73.62
N LEU H 48 -12.57 48.69 -74.13
CA LEU H 48 -13.50 49.81 -74.16
C LEU H 48 -14.27 49.95 -72.85
N ARG H 49 -14.97 48.89 -72.44
CA ARG H 49 -15.85 49.02 -71.28
C ARG H 49 -15.05 49.09 -69.98
N ASN H 50 -14.05 48.22 -69.83
CA ASN H 50 -13.42 48.06 -68.52
C ASN H 50 -12.34 49.11 -68.28
N ARG H 51 -11.30 49.13 -69.11
CA ARG H 51 -10.16 50.00 -68.86
C ARG H 51 -10.49 51.45 -69.19
N LEU H 52 -10.83 51.73 -70.44
CA LEU H 52 -11.03 53.10 -70.88
C LEU H 52 -12.33 53.71 -70.40
N LYS H 53 -13.23 52.91 -69.84
CA LYS H 53 -14.53 53.39 -69.38
C LYS H 53 -15.24 54.23 -70.43
N TYR H 54 -15.06 53.86 -71.71
CA TYR H 54 -15.79 54.53 -72.77
C TYR H 54 -17.23 54.03 -72.88
N ALA H 55 -17.53 52.88 -72.29
CA ALA H 55 -18.88 52.32 -72.32
C ALA H 55 -19.19 51.70 -70.97
N LEU H 56 -20.47 51.68 -70.62
CA LEU H 56 -20.88 51.17 -69.32
C LEU H 56 -21.43 49.76 -69.35
N THR H 57 -21.80 49.23 -70.51
CA THR H 57 -22.46 47.94 -70.57
C THR H 57 -21.95 47.15 -71.76
N TYR H 58 -22.40 45.90 -71.84
CA TYR H 58 -22.13 45.06 -73.01
C TYR H 58 -22.55 45.74 -74.30
N ARG H 59 -23.80 46.18 -74.37
CA ARG H 59 -24.36 46.62 -75.64
C ARG H 59 -23.77 47.95 -76.09
N GLU H 60 -23.30 48.76 -75.15
CA GLU H 60 -22.66 50.01 -75.54
C GLU H 60 -21.38 49.75 -76.32
N VAL H 61 -20.63 48.71 -75.95
CA VAL H 61 -19.43 48.37 -76.71
C VAL H 61 -19.80 48.02 -78.13
N GLN H 62 -20.89 47.27 -78.30
CA GLN H 62 -21.35 46.93 -79.64
C GLN H 62 -21.76 48.18 -80.40
N SER H 63 -22.43 49.11 -79.74
CA SER H 63 -22.80 50.37 -80.38
C SER H 63 -21.58 51.15 -80.81
N ILE H 64 -20.49 51.08 -80.05
CA ILE H 64 -19.24 51.70 -80.47
C ILE H 64 -18.67 51.01 -81.71
N LEU H 65 -18.64 49.68 -81.69
CA LEU H 65 -17.94 48.95 -82.77
C LEU H 65 -18.69 49.01 -84.09
N MET H 66 -20.00 48.80 -84.07
CA MET H 66 -20.80 48.90 -85.30
C MET H 66 -20.60 50.23 -86.02
N GLN H 67 -20.07 51.24 -85.35
CA GLN H 67 -19.84 52.54 -85.93
C GLN H 67 -18.43 52.73 -86.47
N ARG H 68 -17.62 51.67 -86.43
CA ARG H 68 -16.34 51.63 -87.13
C ARG H 68 -15.36 52.66 -86.60
N HIS H 69 -15.37 52.90 -85.28
CA HIS H 69 -14.39 53.83 -84.72
C HIS H 69 -13.08 53.12 -84.39
N ILE H 70 -13.15 52.00 -83.69
CA ILE H 70 -11.95 51.39 -83.15
C ILE H 70 -11.20 50.72 -84.30
N MET H 71 -9.87 50.86 -84.30
CA MET H 71 -9.04 50.29 -85.35
C MET H 71 -7.91 49.52 -84.69
N VAL H 72 -7.71 48.27 -85.09
CA VAL H 72 -6.74 47.41 -84.45
C VAL H 72 -5.66 47.08 -85.45
N ASP H 73 -4.47 47.63 -85.23
CA ASP H 73 -3.25 47.37 -86.00
C ASP H 73 -3.33 47.91 -87.42
N GLY H 74 -4.34 48.72 -87.74
CA GLY H 74 -4.48 49.32 -89.04
C GLY H 74 -5.79 49.02 -89.74
N LYS H 75 -6.50 47.98 -89.33
CA LYS H 75 -7.81 47.67 -89.88
C LYS H 75 -8.89 47.86 -88.82
N VAL H 76 -10.10 48.11 -89.28
CA VAL H 76 -11.23 48.31 -88.39
C VAL H 76 -11.80 46.94 -88.04
N ARG H 77 -11.81 46.61 -86.76
CA ARG H 77 -12.30 45.32 -86.29
C ARG H 77 -13.58 45.56 -85.50
N THR H 78 -14.69 45.08 -86.05
CA THR H 78 -15.99 45.25 -85.42
C THR H 78 -16.37 44.09 -84.52
N ASP H 79 -15.60 43.00 -84.53
CA ASP H 79 -15.87 41.91 -83.62
C ASP H 79 -15.64 42.36 -82.19
N LYS H 80 -16.53 41.94 -81.29
CA LYS H 80 -16.56 42.50 -79.95
C LYS H 80 -15.66 41.77 -78.98
N THR H 81 -15.43 40.48 -79.19
CA THR H 81 -14.51 39.70 -78.38
C THR H 81 -13.19 39.46 -79.10
N TYR H 82 -12.84 40.35 -80.01
CA TYR H 82 -11.65 40.18 -80.82
C TYR H 82 -10.42 40.13 -79.92
N PRO H 83 -9.53 39.16 -80.09
CA PRO H 83 -8.36 39.01 -79.21
C PRO H 83 -7.16 39.88 -79.57
N ALA H 84 -7.23 41.15 -79.17
CA ALA H 84 -6.06 42.02 -79.26
C ALA H 84 -4.99 41.55 -78.28
N GLY H 85 -3.74 41.74 -78.66
CA GLY H 85 -2.68 41.18 -77.84
C GLY H 85 -1.44 42.04 -77.69
N PHE H 86 -0.35 41.42 -77.27
CA PHE H 86 0.88 42.13 -76.99
C PHE H 86 1.39 42.84 -78.24
N MET H 87 1.70 44.12 -78.08
CA MET H 87 2.37 44.95 -79.09
C MET H 87 1.46 45.32 -80.25
N ASP H 88 0.16 45.09 -80.13
CA ASP H 88 -0.80 45.60 -81.09
C ASP H 88 -0.98 47.10 -80.88
N ILE H 89 -1.58 47.75 -81.88
CA ILE H 89 -1.95 49.15 -81.77
C ILE H 89 -3.46 49.26 -81.87
N ILE H 90 -4.05 49.97 -80.92
CA ILE H 90 -5.46 50.34 -80.94
C ILE H 90 -5.56 51.82 -81.20
N SER H 91 -6.32 52.21 -82.21
CA SER H 91 -6.39 53.59 -82.65
C SER H 91 -7.84 54.00 -82.75
N ILE H 92 -8.15 55.17 -82.19
CA ILE H 92 -9.46 55.78 -82.38
C ILE H 92 -9.22 57.10 -83.11
N PRO H 93 -9.36 57.12 -84.44
CA PRO H 93 -9.18 58.36 -85.19
C PRO H 93 -10.17 59.43 -84.82
N LYS H 94 -11.40 59.05 -84.45
CA LYS H 94 -12.40 60.04 -84.09
C LYS H 94 -11.93 60.89 -82.92
N THR H 95 -11.22 60.27 -81.97
CA THR H 95 -10.55 61.02 -80.92
C THR H 95 -9.07 61.23 -81.21
N GLY H 96 -8.57 60.68 -82.30
CA GLY H 96 -7.17 60.83 -82.67
C GLY H 96 -6.21 60.33 -81.61
N GLU H 97 -6.49 59.14 -81.07
CA GLU H 97 -5.72 58.63 -79.93
C GLU H 97 -5.23 57.23 -80.23
N ASN H 98 -3.98 56.95 -79.85
CA ASN H 98 -3.29 55.74 -80.26
C ASN H 98 -2.62 55.07 -79.07
N TYR H 99 -2.78 53.75 -78.96
CA TYR H 99 -2.29 52.96 -77.83
C TYR H 99 -1.52 51.76 -78.33
N ARG H 100 -0.39 51.48 -77.70
CA ARG H 100 0.33 50.23 -77.87
C ARG H 100 0.07 49.37 -76.64
N LEU H 101 -0.35 48.12 -76.86
CA LEU H 101 -0.59 47.18 -75.78
C LEU H 101 0.74 46.62 -75.30
N LEU H 102 1.12 46.95 -74.07
CA LEU H 102 2.38 46.48 -73.49
C LEU H 102 2.13 46.00 -72.08
N TYR H 103 3.03 45.16 -71.58
CA TYR H 103 2.86 44.67 -70.22
C TYR H 103 3.36 45.70 -69.21
N ASP H 104 2.84 45.57 -68.00
CA ASP H 104 3.38 46.20 -66.81
C ASP H 104 4.07 45.15 -65.95
N THR H 105 4.86 45.60 -64.99
CA THR H 105 5.69 44.68 -64.22
C THR H 105 4.87 43.64 -63.48
N LYS H 106 3.61 43.91 -63.20
CA LYS H 106 2.77 42.99 -62.47
C LYS H 106 2.13 41.91 -63.35
N GLY H 107 2.39 41.95 -64.66
CA GLY H 107 1.91 40.91 -65.54
C GLY H 107 0.55 41.15 -66.15
N ARG H 108 0.15 42.41 -66.29
CA ARG H 108 -1.17 42.77 -66.78
C ARG H 108 -1.02 43.73 -67.93
N PHE H 109 -1.90 43.60 -68.93
CA PHE H 109 -1.84 44.47 -70.09
C PHE H 109 -2.15 45.91 -69.72
N ARG H 110 -1.40 46.84 -70.31
CA ARG H 110 -1.63 48.26 -70.19
C ARG H 110 -1.60 48.90 -71.57
N LEU H 111 -2.49 49.87 -71.76
CA LEU H 111 -2.56 50.66 -72.98
C LEU H 111 -1.63 51.85 -72.84
N HIS H 112 -0.43 51.73 -73.39
CA HIS H 112 0.56 52.82 -73.36
C HIS H 112 0.33 53.74 -74.54
N SER H 113 0.03 55.00 -74.27
CA SER H 113 -0.19 55.95 -75.36
C SER H 113 1.09 56.17 -76.15
N VAL H 114 0.97 56.15 -77.47
CA VAL H 114 2.08 56.41 -78.37
C VAL H 114 1.66 57.53 -79.32
N ARG H 115 2.62 58.02 -80.09
CA ARG H 115 2.31 59.05 -81.06
C ARG H 115 1.85 58.43 -82.37
N ASP H 116 1.42 59.28 -83.29
CA ASP H 116 1.01 58.80 -84.60
C ASP H 116 2.18 58.32 -85.43
N GLU H 117 3.38 58.88 -85.22
CA GLU H 117 4.58 58.33 -85.85
C GLU H 117 4.82 56.90 -85.41
N ASP H 118 4.73 56.63 -84.11
CA ASP H 118 5.01 55.29 -83.61
C ASP H 118 3.74 54.47 -83.48
N ALA H 119 2.90 54.55 -84.51
CA ALA H 119 1.69 53.77 -84.58
C ALA H 119 1.49 53.17 -85.96
N LYS H 120 2.29 53.56 -86.93
CA LYS H 120 2.29 52.97 -88.25
C LYS H 120 3.12 51.70 -88.32
N PHE H 121 3.79 51.32 -87.23
CA PHE H 121 4.65 50.16 -87.20
C PHE H 121 4.36 49.34 -85.94
N LYS H 122 4.73 48.07 -86.00
CA LYS H 122 4.80 47.21 -84.83
C LYS H 122 6.08 46.40 -84.90
N LEU H 123 6.39 45.70 -83.82
CA LEU H 123 7.38 44.63 -83.86
C LEU H 123 6.69 43.28 -83.63
N CYS H 124 7.30 42.23 -84.17
CA CYS H 124 6.70 40.92 -84.24
C CYS H 124 7.82 39.91 -84.16
N LYS H 125 7.66 38.85 -83.37
CA LYS H 125 8.72 37.87 -83.31
C LYS H 125 8.39 36.69 -84.21
N VAL H 126 9.41 36.21 -84.91
CA VAL H 126 9.25 35.17 -85.91
C VAL H 126 9.11 33.83 -85.21
N ARG H 127 8.10 33.06 -85.60
CA ARG H 127 7.95 31.70 -85.10
C ARG H 127 8.94 30.78 -85.79
N SER H 128 9.01 30.84 -87.12
CA SER H 128 9.95 30.01 -87.87
C SER H 128 10.06 30.57 -89.28
N VAL H 129 11.02 30.05 -90.03
CA VAL H 129 11.18 30.33 -91.45
C VAL H 129 11.33 29.01 -92.18
N GLN H 130 10.66 28.87 -93.33
CA GLN H 130 10.87 27.68 -94.16
C GLN H 130 10.26 27.93 -95.53
N PHE H 131 10.41 26.93 -96.40
CA PHE H 131 9.94 27.02 -97.78
C PHE H 131 8.44 26.75 -97.85
N GLY H 132 7.85 27.18 -98.95
CA GLY H 132 6.46 26.89 -99.23
C GLY H 132 6.28 26.29 -100.61
N GLN H 133 5.08 26.42 -101.17
CA GLN H 133 4.86 25.94 -102.53
C GLN H 133 5.77 26.66 -103.51
N LYS H 134 6.38 25.89 -104.41
CA LYS H 134 7.28 26.40 -105.43
C LYS H 134 8.53 27.03 -104.82
N GLY H 135 9.02 26.43 -103.74
CA GLY H 135 10.30 26.80 -103.18
C GLY H 135 10.35 28.18 -102.57
N ILE H 136 9.22 28.83 -102.43
CA ILE H 136 9.21 30.20 -101.92
C ILE H 136 9.39 30.17 -100.41
N PRO H 137 10.32 30.95 -99.86
CA PRO H 137 10.49 31.00 -98.40
C PRO H 137 9.50 31.98 -97.77
N TYR H 138 9.05 31.62 -96.59
CA TYR H 138 8.11 32.43 -95.83
C TYR H 138 8.39 32.23 -94.36
N LEU H 139 8.06 33.26 -93.58
CA LEU H 139 8.24 33.24 -92.15
C LEU H 139 6.89 33.40 -91.45
N ASN H 140 6.81 32.75 -90.29
CA ASN H 140 5.68 32.78 -89.39
C ASN H 140 5.97 33.72 -88.24
N THR H 141 4.99 34.53 -87.87
CA THR H 141 5.08 35.26 -86.62
C THR H 141 4.33 34.52 -85.53
N TYR H 142 4.38 35.05 -84.32
CA TYR H 142 3.62 34.50 -83.21
C TYR H 142 2.25 35.12 -83.07
N ASP H 143 1.84 35.97 -84.02
CA ASP H 143 0.49 36.49 -84.08
C ASP H 143 -0.05 36.32 -85.49
N GLY H 144 0.12 35.13 -86.03
CA GLY H 144 -0.62 34.72 -87.21
C GLY H 144 -0.08 35.18 -88.54
N ARG H 145 0.58 36.33 -88.56
CA ARG H 145 1.03 36.89 -89.83
C ARG H 145 2.06 35.98 -90.48
N THR H 146 1.88 35.74 -91.77
CA THR H 146 2.84 34.99 -92.57
C THR H 146 3.36 35.92 -93.65
N ILE H 147 4.67 36.08 -93.74
CA ILE H 147 5.28 36.96 -94.72
C ILE H 147 6.12 36.10 -95.66
N ARG H 148 5.93 36.30 -96.97
CA ARG H 148 6.73 35.60 -97.95
C ARG H 148 7.90 36.47 -98.40
N TYR H 149 8.95 35.81 -98.86
CA TYR H 149 10.18 36.42 -99.35
C TYR H 149 10.79 37.29 -98.25
N PRO H 150 11.17 36.71 -97.12
CA PRO H 150 11.83 37.49 -96.08
C PRO H 150 13.30 37.66 -96.41
N ASP H 151 13.97 38.50 -95.62
CA ASP H 151 15.41 38.59 -95.76
C ASP H 151 16.03 37.26 -95.37
N PRO H 152 16.90 36.70 -96.19
CA PRO H 152 17.35 35.32 -95.96
C PRO H 152 18.15 35.15 -94.67
N LEU H 153 18.36 36.23 -93.94
CA LEU H 153 19.05 36.15 -92.66
C LEU H 153 18.12 35.93 -91.48
N ILE H 154 16.86 36.37 -91.58
CA ILE H 154 15.94 36.30 -90.46
C ILE H 154 15.69 34.82 -90.13
N LYS H 155 16.14 34.39 -88.95
CA LYS H 155 15.92 33.04 -88.49
C LYS H 155 14.87 33.05 -87.39
N ALA H 156 14.49 31.87 -86.93
CA ALA H 156 13.45 31.75 -85.93
C ALA H 156 13.87 32.39 -84.62
N ASN H 157 12.88 32.88 -83.88
CA ASN H 157 12.97 33.50 -82.57
C ASN H 157 13.46 34.94 -82.66
N ASP H 158 13.74 35.45 -83.84
CA ASP H 158 14.21 36.82 -84.01
C ASP H 158 13.04 37.79 -83.96
N THR H 159 13.33 39.09 -84.10
CA THR H 159 12.31 40.12 -84.10
C THR H 159 12.35 40.87 -85.42
N ILE H 160 11.19 41.35 -85.86
CA ILE H 160 11.07 42.13 -87.08
C ILE H 160 10.23 43.38 -86.80
N LYS H 161 10.59 44.47 -87.45
CA LYS H 161 9.74 45.65 -87.51
C LYS H 161 8.87 45.56 -88.76
N LEU H 162 7.57 45.79 -88.58
CA LEU H 162 6.60 45.68 -89.66
C LEU H 162 5.80 46.95 -89.71
N ASP H 163 5.99 47.73 -90.77
CA ASP H 163 5.14 48.89 -91.03
C ASP H 163 3.73 48.44 -91.33
N LEU H 164 2.76 49.11 -90.73
CA LEU H 164 1.36 48.77 -91.00
C LEU H 164 0.89 49.31 -92.34
N GLU H 165 1.56 50.33 -92.87
CA GLU H 165 1.13 50.92 -94.15
C GLU H 165 1.48 50.00 -95.31
N THR H 166 2.78 49.76 -95.49
CA THR H 166 3.26 48.91 -96.58
C THR H 166 3.16 47.42 -96.25
N ASN H 167 2.98 47.06 -94.99
CA ASN H 167 2.76 45.69 -94.52
C ASN H 167 3.94 44.77 -94.78
N LYS H 168 5.12 45.31 -95.08
CA LYS H 168 6.32 44.50 -95.25
C LYS H 168 7.31 44.83 -94.16
N ILE H 169 8.40 44.07 -94.15
CA ILE H 169 9.45 44.27 -93.15
C ILE H 169 10.16 45.58 -93.44
N VAL H 170 10.66 46.22 -92.39
CA VAL H 170 11.49 47.40 -92.55
C VAL H 170 12.81 47.30 -91.80
N ASP H 171 12.97 46.32 -90.91
CA ASP H 171 14.17 46.12 -90.12
C ASP H 171 13.98 44.86 -89.29
N PHE H 172 15.06 44.40 -88.66
CA PHE H 172 14.93 43.23 -87.80
C PHE H 172 16.06 43.19 -86.79
N ILE H 173 15.84 42.43 -85.72
CA ILE H 173 16.81 42.23 -84.65
C ILE H 173 17.10 40.74 -84.56
N LYS H 174 18.38 40.40 -84.50
CA LYS H 174 18.84 39.02 -84.46
C LYS H 174 18.88 38.57 -83.00
N PHE H 175 18.05 37.59 -82.66
CA PHE H 175 17.97 37.13 -81.28
C PHE H 175 19.31 36.53 -80.85
N ASP H 176 19.91 37.12 -79.83
CA ASP H 176 21.24 36.72 -79.37
C ASP H 176 21.55 37.43 -78.05
N VAL H 177 22.69 37.05 -77.47
CA VAL H 177 23.09 37.60 -76.18
C VAL H 177 23.53 39.04 -76.35
N GLY H 178 22.99 39.92 -75.51
CA GLY H 178 23.36 41.33 -75.50
C GLY H 178 22.26 42.27 -75.92
N ASN H 179 21.06 41.78 -76.17
CA ASN H 179 19.94 42.60 -76.62
C ASN H 179 18.92 42.75 -75.50
N VAL H 180 18.17 43.85 -75.53
CA VAL H 180 17.12 44.03 -74.54
C VAL H 180 15.90 43.23 -74.95
N VAL H 181 15.25 42.66 -73.95
CA VAL H 181 14.14 41.73 -74.14
C VAL H 181 13.12 41.99 -73.06
N MET H 182 11.85 41.86 -73.43
CA MET H 182 10.77 42.03 -72.47
C MET H 182 10.04 40.70 -72.35
N VAL H 183 9.88 40.22 -71.12
CA VAL H 183 9.37 38.88 -70.87
C VAL H 183 7.87 38.88 -71.00
N THR H 184 7.33 37.84 -71.66
CA THR H 184 5.91 37.78 -71.99
C THR H 184 5.23 36.56 -71.39
N GLY H 185 5.85 35.90 -70.41
CA GLY H 185 5.22 34.75 -69.80
C GLY H 185 5.84 34.45 -68.47
N GLY H 186 5.13 33.63 -67.69
CA GLY H 186 5.63 33.27 -66.39
C GLY H 186 5.47 34.40 -65.38
N ARG H 187 6.20 34.27 -64.28
CA ARG H 187 6.11 35.27 -63.22
C ARG H 187 6.87 36.54 -63.56
N ASN H 188 7.76 36.48 -64.54
CA ASN H 188 8.62 37.61 -64.85
C ASN H 188 8.06 38.47 -65.97
N THR H 189 6.86 38.16 -66.46
CA THR H 189 6.27 38.94 -67.53
C THR H 189 6.19 40.40 -67.15
N GLY H 190 6.45 41.26 -68.13
CA GLY H 190 6.57 42.69 -67.87
C GLY H 190 7.99 43.17 -67.66
N ARG H 191 8.81 42.42 -66.94
CA ARG H 191 10.18 42.85 -66.71
C ARG H 191 10.96 42.86 -68.01
N VAL H 192 11.53 44.01 -68.34
CA VAL H 192 12.51 44.14 -69.40
C VAL H 192 13.86 43.72 -68.85
N GLY H 193 14.83 43.53 -69.73
CA GLY H 193 16.17 43.21 -69.29
C GLY H 193 17.07 43.08 -70.49
N VAL H 194 18.25 42.50 -70.27
CA VAL H 194 19.24 42.27 -71.31
C VAL H 194 19.67 40.82 -71.27
N ILE H 195 19.69 40.16 -72.42
CA ILE H 195 20.10 38.78 -72.48
C ILE H 195 21.57 38.69 -72.07
N LYS H 196 21.83 37.99 -70.96
CA LYS H 196 23.20 37.76 -70.52
C LYS H 196 23.68 36.35 -70.79
N ASN H 197 22.78 35.38 -70.87
CA ASN H 197 23.23 34.02 -71.08
C ASN H 197 22.10 33.21 -71.71
N ARG H 198 22.46 32.21 -72.49
CA ARG H 198 21.51 31.27 -73.05
C ARG H 198 22.12 29.89 -72.89
N GLU H 199 21.44 28.97 -72.21
CA GLU H 199 21.99 27.63 -72.08
C GLU H 199 21.08 26.64 -72.81
N LYS H 200 21.67 25.88 -73.72
CA LYS H 200 20.95 24.91 -74.50
C LYS H 200 20.75 23.63 -73.71
N HIS H 201 19.70 22.89 -74.04
CA HIS H 201 19.47 21.58 -73.48
C HIS H 201 18.81 20.72 -74.55
N LYS H 202 19.52 19.69 -74.99
CA LYS H 202 19.10 18.92 -76.15
C LYS H 202 17.87 18.10 -75.81
N GLY H 203 16.73 18.47 -76.38
CA GLY H 203 15.48 17.77 -76.16
C GLY H 203 14.52 18.41 -75.19
N THR H 204 14.84 19.60 -74.67
CA THR H 204 13.98 20.31 -73.73
C THR H 204 13.90 21.76 -74.18
N PHE H 205 13.42 22.61 -73.30
CA PHE H 205 13.32 24.03 -73.59
C PHE H 205 14.64 24.73 -73.30
N GLU H 206 14.99 25.70 -74.14
CA GLU H 206 16.15 26.53 -73.92
C GLU H 206 15.83 27.56 -72.83
N THR H 207 16.78 27.83 -71.96
CA THR H 207 16.59 28.81 -70.91
C THR H 207 17.51 30.00 -71.12
N ILE H 208 16.97 31.18 -70.82
CA ILE H 208 17.63 32.47 -70.98
C ILE H 208 17.88 33.06 -69.60
N HIS H 209 19.05 33.65 -69.41
CA HIS H 209 19.41 34.36 -68.20
C HIS H 209 19.55 35.83 -68.53
N VAL H 210 18.82 36.67 -67.79
CA VAL H 210 18.62 38.07 -68.09
C VAL H 210 19.04 38.90 -66.88
N GLU H 211 19.49 40.13 -67.14
CA GLU H 211 19.92 41.03 -66.09
C GLU H 211 19.29 42.39 -66.30
N ASP H 212 18.55 42.87 -65.30
CA ASP H 212 17.89 44.17 -65.39
C ASP H 212 18.90 45.31 -65.33
N ALA H 213 18.45 46.47 -65.80
CA ALA H 213 19.29 47.66 -65.80
C ALA H 213 19.63 48.12 -64.39
N GLN H 214 18.73 47.88 -63.42
CA GLN H 214 19.02 48.20 -62.03
C GLN H 214 19.67 47.04 -61.29
N GLY H 215 20.21 46.06 -62.03
CA GLY H 215 21.08 45.05 -61.49
C GLY H 215 20.44 43.72 -61.18
N HIS H 216 19.13 43.70 -60.94
CA HIS H 216 18.46 42.46 -60.54
C HIS H 216 18.55 41.43 -61.66
N GLN H 217 18.97 40.22 -61.30
CA GLN H 217 19.21 39.15 -62.27
C GLN H 217 18.12 38.10 -62.15
N PHE H 218 17.68 37.57 -63.29
CA PHE H 218 16.62 36.59 -63.30
C PHE H 218 16.78 35.72 -64.53
N ALA H 219 15.81 34.83 -64.76
CA ALA H 219 15.87 33.90 -65.86
C ALA H 219 14.47 33.51 -66.27
N THR H 220 14.35 33.06 -67.52
CA THR H 220 13.09 32.54 -68.06
C THR H 220 13.43 31.46 -69.08
N ARG H 221 12.44 31.05 -69.85
CA ARG H 221 12.68 30.14 -70.95
C ARG H 221 12.46 30.87 -72.27
N LEU H 222 12.98 30.28 -73.34
CA LEU H 222 13.09 30.97 -74.62
C LEU H 222 11.73 31.48 -75.09
N GLY H 223 10.72 30.63 -75.05
CA GLY H 223 9.42 30.99 -75.59
C GLY H 223 8.81 32.22 -74.96
N ASN H 224 9.25 32.59 -73.76
CA ASN H 224 8.68 33.70 -73.02
C ASN H 224 9.48 34.99 -73.18
N VAL H 225 10.52 35.01 -74.01
CA VAL H 225 11.37 36.18 -74.17
C VAL H 225 11.08 36.81 -75.53
N PHE H 226 11.02 38.14 -75.55
CA PHE H 226 10.68 38.90 -76.74
C PHE H 226 11.62 40.09 -76.84
N THR H 227 12.55 40.05 -77.79
CA THR H 227 13.52 41.13 -77.92
C THR H 227 12.81 42.39 -78.37
N ILE H 228 13.24 43.53 -77.83
CA ILE H 228 12.68 44.81 -78.19
C ILE H 228 13.62 45.61 -79.08
N GLY H 229 14.90 45.69 -78.72
CA GLY H 229 15.83 46.55 -79.42
C GLY H 229 17.19 45.92 -79.58
N LYS H 230 17.98 46.52 -80.45
CA LYS H 230 19.39 46.17 -80.64
C LYS H 230 20.24 46.96 -79.66
N GLY H 231 21.19 46.27 -79.03
CA GLY H 231 21.95 46.90 -77.99
C GLY H 231 21.06 47.17 -76.78
N THR H 232 21.57 48.04 -75.91
CA THR H 232 20.84 48.35 -74.68
C THR H 232 19.65 49.26 -74.94
N LYS H 233 19.66 50.02 -76.02
CA LYS H 233 18.55 50.92 -76.30
C LYS H 233 17.39 50.14 -76.91
N PRO H 234 16.18 50.26 -76.37
CA PRO H 234 15.00 49.67 -77.01
C PRO H 234 14.38 50.58 -78.06
N TRP H 235 13.73 49.95 -79.03
CA TRP H 235 13.16 50.63 -80.18
C TRP H 235 11.74 51.15 -79.95
N VAL H 236 11.15 50.87 -78.78
CA VAL H 236 9.76 51.24 -78.53
C VAL H 236 9.63 51.77 -77.10
N SER H 237 8.56 52.52 -76.87
CA SER H 237 8.35 53.21 -75.61
C SER H 237 8.05 52.22 -74.50
N LEU H 238 8.41 52.58 -73.25
CA LEU H 238 8.16 51.78 -72.07
C LEU H 238 7.07 52.40 -71.21
N PRO H 239 6.34 51.61 -70.44
CA PRO H 239 5.24 52.17 -69.62
C PRO H 239 5.70 52.77 -68.30
N LYS H 240 4.73 53.16 -67.46
CA LYS H 240 4.93 53.96 -66.26
C LYS H 240 6.16 53.57 -65.45
N GLY H 241 6.43 52.28 -65.35
CA GLY H 241 7.72 51.79 -64.89
C GLY H 241 8.46 51.21 -66.08
N LYS H 242 9.74 51.55 -66.20
CA LYS H 242 10.53 51.14 -67.36
C LYS H 242 10.89 49.66 -67.28
N GLY H 243 9.85 48.85 -67.09
CA GLY H 243 10.02 47.40 -67.02
C GLY H 243 10.93 46.93 -65.91
N ILE H 244 10.89 47.57 -64.76
CA ILE H 244 11.75 47.23 -63.64
C ILE H 244 10.89 46.73 -62.51
N LYS H 245 10.98 45.43 -62.23
CA LYS H 245 10.31 44.82 -61.09
C LYS H 245 10.93 45.33 -59.79
N LEU H 246 10.12 45.36 -58.74
CA LEU H 246 10.59 45.76 -57.42
C LEU H 246 9.89 44.94 -56.36
N THR H 247 10.52 44.86 -55.19
CA THR H 247 9.95 44.11 -54.08
C THR H 247 8.74 44.85 -53.51
N ILE H 248 7.98 44.14 -52.68
CA ILE H 248 6.83 44.76 -52.04
C ILE H 248 7.28 45.85 -51.07
N ILE H 249 8.43 45.68 -50.45
CA ILE H 249 8.94 46.71 -49.54
C ILE H 249 9.30 47.98 -50.30
N GLU H 250 9.82 47.85 -51.52
CA GLU H 250 10.13 49.03 -52.31
C GLU H 250 8.88 49.85 -52.58
N GLU H 251 7.77 49.20 -52.94
CA GLU H 251 6.56 49.99 -53.18
C GLU H 251 5.91 50.44 -51.90
N GLN H 252 6.09 49.73 -50.79
CA GLN H 252 5.65 50.28 -49.50
C GLN H 252 6.37 51.58 -49.20
N ARG H 253 7.69 51.59 -49.40
CA ARG H 253 8.45 52.82 -49.27
C ARG H 253 7.95 53.87 -50.26
N LYS H 254 7.59 53.45 -51.46
CA LYS H 254 7.11 54.41 -52.46
C LYS H 254 5.81 55.07 -52.01
N ARG H 255 4.90 54.29 -51.42
CA ARG H 255 3.65 54.88 -50.96
C ARG H 255 3.88 55.79 -49.76
N ASP H 256 4.67 55.36 -48.78
CA ASP H 256 4.79 56.21 -47.60
C ASP H 256 5.61 57.46 -47.88
N ALA H 257 6.65 57.34 -48.72
CA ALA H 257 7.41 58.52 -49.12
C ALA H 257 6.56 59.47 -49.93
N ALA H 258 5.69 58.95 -50.79
CA ALA H 258 4.76 59.79 -51.53
C ALA H 258 3.60 60.26 -50.65
N ALA H 259 3.51 59.78 -49.41
CA ALA H 259 2.47 60.21 -48.50
C ALA H 259 2.91 61.36 -47.61
N GLN H 260 4.13 61.87 -47.79
CA GLN H 260 4.58 63.02 -47.02
C GLN H 260 4.46 64.32 -47.79
N ALA H 261 4.46 64.25 -49.13
CA ALA H 261 4.23 65.41 -49.96
C ALA H 261 2.75 65.73 -50.12
N ALA H 262 1.87 64.85 -49.64
CA ALA H 262 0.44 65.05 -49.70
C ALA H 262 -0.17 65.00 -48.31
N PRO I 8 7.87 -41.95 72.30
CA PRO I 8 6.41 -41.93 72.16
C PRO I 8 5.70 -41.46 73.42
N GLY I 9 6.15 -40.34 74.00
CA GLY I 9 5.46 -39.74 75.13
C GLY I 9 4.48 -38.69 74.65
N GLY I 10 3.24 -39.12 74.42
CA GLY I 10 2.29 -38.34 73.66
C GLY I 10 0.89 -38.31 74.22
N ASP I 11 0.72 -38.26 75.54
CA ASP I 11 -0.58 -38.60 76.11
C ASP I 11 -1.63 -37.54 75.80
N VAL I 12 -2.04 -37.52 74.54
CA VAL I 12 -3.25 -36.87 74.05
C VAL I 12 -4.00 -37.92 73.22
N LYS I 13 -5.29 -38.11 73.49
CA LYS I 13 -6.01 -39.24 72.91
C LYS I 13 -7.34 -38.80 72.32
N LEU I 14 -7.70 -39.39 71.18
CA LEU I 14 -8.96 -39.05 70.53
C LEU I 14 -10.14 -39.28 71.45
N PHE I 15 -10.95 -38.24 71.63
CA PHE I 15 -12.13 -38.28 72.49
C PHE I 15 -11.77 -38.67 73.91
N ASN I 16 -10.50 -38.56 74.27
CA ASN I 16 -9.98 -39.11 75.52
C ASN I 16 -10.19 -40.62 75.59
N ARG I 17 -10.16 -41.29 74.45
CA ARG I 17 -10.28 -42.74 74.55
C ARG I 17 -9.21 -43.49 73.78
N TRP I 18 -8.81 -43.02 72.60
CA TRP I 18 -8.02 -43.83 71.69
C TRP I 18 -6.59 -43.28 71.63
N THR I 19 -5.63 -44.11 72.02
CA THR I 19 -4.24 -43.68 72.07
C THR I 19 -3.63 -43.59 70.68
N PHE I 20 -3.02 -42.43 70.39
CA PHE I 20 -2.33 -42.23 69.12
C PHE I 20 -0.96 -42.87 69.08
N GLU I 21 -0.40 -43.23 70.22
CA GLU I 21 0.78 -44.08 70.21
C GLU I 21 0.40 -45.45 69.67
N ASP I 22 1.37 -46.12 69.07
CA ASP I 22 1.18 -47.47 68.54
C ASP I 22 0.19 -47.50 67.38
N VAL I 23 0.31 -46.55 66.46
CA VAL I 23 -0.34 -46.65 65.15
C VAL I 23 0.78 -46.73 64.13
N GLN I 24 0.79 -47.82 63.37
CA GLN I 24 1.89 -48.14 62.48
C GLN I 24 1.41 -48.04 61.04
N VAL I 25 2.03 -47.17 60.26
CA VAL I 25 1.74 -47.04 58.84
C VAL I 25 2.76 -47.89 58.08
N SER I 26 2.26 -48.89 57.36
CA SER I 26 3.16 -49.86 56.74
C SER I 26 3.68 -49.36 55.39
N ASP I 27 2.81 -48.80 54.56
CA ASP I 27 3.23 -48.23 53.29
C ASP I 27 4.13 -47.03 53.50
N ILE I 28 5.41 -47.17 53.15
CA ILE I 28 6.28 -46.00 53.15
C ILE I 28 5.85 -45.00 52.09
N SER I 29 5.09 -45.44 51.09
CA SER I 29 4.68 -44.55 50.01
C SER I 29 3.81 -43.40 50.53
N LEU I 30 2.77 -43.73 51.30
CA LEU I 30 1.87 -42.72 51.83
C LEU I 30 2.17 -42.33 53.26
N ASN I 31 3.29 -42.80 53.83
CA ASN I 31 3.54 -42.53 55.23
C ASN I 31 3.62 -41.04 55.51
N ASP I 32 4.05 -40.26 54.51
CA ASP I 32 4.13 -38.82 54.70
C ASP I 32 2.78 -38.16 54.47
N TYR I 33 1.82 -38.85 53.87
CA TYR I 33 0.54 -38.22 53.58
C TYR I 33 -0.60 -38.71 54.46
N LEU I 34 -0.32 -39.56 55.45
CA LEU I 34 -1.26 -39.84 56.53
C LEU I 34 -0.73 -39.20 57.80
N ALA I 35 -1.56 -38.37 58.44
CA ALA I 35 -1.12 -37.61 59.62
C ALA I 35 -1.61 -38.30 60.88
N VAL I 36 -0.92 -39.37 61.27
CA VAL I 36 -1.19 -40.01 62.56
C VAL I 36 0.08 -40.33 63.33
N THR I 37 1.23 -40.30 62.66
CA THR I 37 2.43 -40.86 63.26
C THR I 37 3.22 -39.86 64.09
N SER I 38 3.22 -38.59 63.69
CA SER I 38 3.96 -37.58 64.43
C SER I 38 3.10 -36.95 65.52
N MET I 39 3.77 -36.37 66.51
CA MET I 39 3.06 -35.76 67.63
C MET I 39 2.27 -34.53 67.24
N LYS I 40 2.67 -33.85 66.18
CA LYS I 40 1.96 -32.66 65.74
C LYS I 40 0.56 -32.96 65.26
N HIS I 41 0.24 -34.23 65.01
CA HIS I 41 -0.98 -34.61 64.33
C HIS I 41 -1.95 -35.33 65.26
N TYR I 42 -1.63 -35.42 66.54
CA TYR I 42 -2.52 -36.02 67.53
C TYR I 42 -3.56 -35.00 67.95
N THR I 43 -4.77 -35.47 68.21
CA THR I 43 -5.85 -34.55 68.55
C THR I 43 -6.86 -35.21 69.46
N PHE I 44 -7.49 -34.41 70.32
CA PHE I 44 -8.67 -34.88 71.04
C PHE I 44 -9.83 -35.16 70.10
N LEU I 45 -10.05 -34.28 69.13
CA LEU I 45 -11.29 -34.24 68.36
C LEU I 45 -10.96 -34.03 66.90
N PRO I 46 -11.76 -34.57 65.98
CA PRO I 46 -11.52 -34.32 64.56
C PRO I 46 -12.16 -33.06 63.99
N HIS I 47 -12.57 -32.10 64.81
CA HIS I 47 -13.17 -30.86 64.32
C HIS I 47 -12.24 -29.71 64.67
N SER I 48 -11.24 -29.46 63.83
CA SER I 48 -10.38 -28.29 64.00
C SER I 48 -10.67 -27.33 62.86
N ALA I 49 -11.02 -26.09 63.19
CA ALA I 49 -11.44 -25.14 62.16
C ALA I 49 -10.22 -24.69 61.36
N GLY I 50 -9.56 -25.68 60.75
CA GLY I 50 -8.28 -25.44 60.12
C GLY I 50 -8.43 -24.69 58.81
N ARG I 51 -7.43 -23.86 58.52
CA ARG I 51 -7.43 -23.05 57.31
C ARG I 51 -6.60 -23.73 56.23
N TYR I 52 -6.95 -24.97 55.95
CA TYR I 52 -6.31 -25.72 54.87
C TYR I 52 -6.84 -25.19 53.55
N SER I 53 -6.46 -25.85 52.45
CA SER I 53 -6.92 -25.51 51.11
C SER I 53 -6.37 -24.17 50.66
N ALA I 54 -5.67 -23.48 51.54
CA ALA I 54 -5.10 -22.20 51.18
C ALA I 54 -3.89 -22.38 50.28
N LYS I 55 -3.17 -23.48 50.44
CA LYS I 55 -1.97 -23.74 49.66
C LYS I 55 -1.98 -25.19 49.21
N ARG I 56 -1.28 -25.46 48.12
CA ARG I 56 -1.12 -26.83 47.66
C ARG I 56 -0.46 -27.67 48.74
N PHE I 57 -0.94 -28.90 48.90
CA PHE I 57 -0.40 -29.91 49.80
C PHE I 57 -0.55 -29.55 51.28
N ARG I 58 -1.33 -28.51 51.61
CA ARG I 58 -1.57 -28.24 53.01
C ARG I 58 -2.34 -29.37 53.66
N LYS I 59 -3.39 -29.85 52.99
CA LYS I 59 -4.26 -30.88 53.53
C LYS I 59 -3.55 -32.22 53.70
N ALA I 60 -2.28 -32.34 53.31
CA ALA I 60 -1.49 -33.47 53.76
C ALA I 60 -1.18 -33.39 55.24
N GLN I 61 -1.35 -32.22 55.85
CA GLN I 61 -1.19 -32.04 57.28
C GLN I 61 -2.48 -32.19 58.06
N CYS I 62 -3.62 -32.13 57.39
CA CYS I 62 -4.89 -32.28 58.07
C CYS I 62 -5.00 -33.69 58.63
N PRO I 63 -5.37 -33.86 59.90
CA PRO I 63 -5.44 -35.21 60.46
C PRO I 63 -6.40 -36.07 59.66
N ILE I 64 -6.02 -37.35 59.50
CA ILE I 64 -6.81 -38.26 58.69
C ILE I 64 -8.22 -38.38 59.22
N ILE I 65 -8.37 -38.44 60.54
CA ILE I 65 -9.72 -38.54 61.11
C ILE I 65 -10.54 -37.33 60.72
N GLU I 66 -9.93 -36.15 60.68
CA GLU I 66 -10.66 -34.96 60.24
C GLU I 66 -10.99 -35.04 58.76
N ARG I 67 -10.07 -35.54 57.93
CA ARG I 67 -10.38 -35.68 56.51
C ARG I 67 -11.55 -36.62 56.29
N LEU I 68 -11.55 -37.75 56.99
CA LEU I 68 -12.65 -38.70 56.86
C LEU I 68 -13.96 -38.05 57.33
N THR I 69 -13.92 -37.35 58.46
CA THR I 69 -15.12 -36.68 58.96
C THR I 69 -15.62 -35.64 57.97
N ASN I 70 -14.70 -34.87 57.39
CA ASN I 70 -15.05 -33.86 56.39
C ASN I 70 -15.73 -34.48 55.19
N SER I 71 -15.37 -35.72 54.86
CA SER I 71 -15.98 -36.36 53.70
C SER I 71 -17.34 -36.98 54.00
N LEU I 72 -17.83 -36.90 55.25
CA LEU I 72 -19.16 -37.40 55.56
C LEU I 72 -20.27 -36.42 55.24
N MET I 73 -19.99 -35.12 55.26
CA MET I 73 -21.05 -34.11 55.22
C MET I 73 -21.46 -33.81 53.78
N MET I 74 -21.98 -34.83 53.11
CA MET I 74 -22.15 -34.78 51.67
C MET I 74 -23.61 -34.94 51.28
N HIS I 75 -23.91 -34.43 50.08
CA HIS I 75 -25.23 -34.43 49.43
C HIS I 75 -26.21 -33.43 50.01
N GLY I 76 -25.76 -32.19 50.17
CA GLY I 76 -26.67 -31.07 50.21
C GLY I 76 -27.49 -30.98 51.47
N ARG I 77 -28.35 -31.96 51.70
CA ARG I 77 -29.09 -31.96 52.97
C ARG I 77 -28.19 -32.24 54.16
N ASN I 78 -26.93 -32.56 53.92
CA ASN I 78 -25.95 -32.77 54.97
C ASN I 78 -24.77 -31.81 54.88
N ASN I 79 -24.80 -30.84 53.97
CA ASN I 79 -23.71 -29.87 53.89
C ASN I 79 -23.68 -28.99 55.13
N GLY I 80 -22.49 -28.83 55.69
CA GLY I 80 -22.30 -28.01 56.86
C GLY I 80 -22.56 -28.68 58.18
N LYS I 81 -22.99 -29.94 58.18
CA LYS I 81 -23.43 -30.59 59.40
C LYS I 81 -22.29 -31.43 59.98
N LYS I 82 -21.28 -30.71 60.49
CA LYS I 82 -20.06 -31.35 60.96
C LYS I 82 -20.22 -32.01 62.33
N ILE I 83 -21.00 -31.43 63.23
CA ILE I 83 -21.14 -32.03 64.56
C ILE I 83 -21.79 -33.41 64.43
N MET I 84 -22.76 -33.54 63.53
CA MET I 84 -23.37 -34.83 63.29
C MET I 84 -22.34 -35.82 62.74
N ALA I 85 -21.47 -35.37 61.84
CA ALA I 85 -20.45 -36.26 61.31
C ALA I 85 -19.44 -36.67 62.36
N VAL I 86 -19.11 -35.77 63.29
CA VAL I 86 -18.19 -36.12 64.38
C VAL I 86 -18.82 -37.15 65.29
N ARG I 87 -20.10 -36.98 65.62
CA ARG I 87 -20.80 -37.99 66.38
C ARG I 87 -20.86 -39.33 65.63
N ILE I 88 -21.04 -39.28 64.31
CA ILE I 88 -21.06 -40.49 63.50
C ILE I 88 -19.74 -41.22 63.61
N ILE I 89 -18.64 -40.49 63.46
CA ILE I 89 -17.32 -41.10 63.56
C ILE I 89 -17.07 -41.65 64.95
N LYS I 90 -17.49 -40.93 66.00
CA LYS I 90 -17.40 -41.47 67.34
C LYS I 90 -18.04 -42.84 67.45
N HIS I 91 -19.30 -42.95 67.01
CA HIS I 91 -19.96 -44.25 67.14
C HIS I 91 -19.32 -45.30 66.25
N THR I 92 -18.91 -44.92 65.06
CA THR I 92 -18.18 -45.85 64.19
C THR I 92 -16.97 -46.42 64.91
N MET I 93 -16.22 -45.57 65.60
CA MET I 93 -15.00 -46.01 66.25
C MET I 93 -15.31 -46.90 67.47
N GLU I 94 -16.34 -46.56 68.22
CA GLU I 94 -16.76 -47.42 69.32
C GLU I 94 -17.15 -48.79 68.81
N ILE I 95 -17.88 -48.85 67.70
CA ILE I 95 -18.25 -50.14 67.11
C ILE I 95 -17.02 -50.87 66.61
N ILE I 96 -16.08 -50.16 65.99
CA ILE I 96 -14.91 -50.81 65.41
C ILE I 96 -14.11 -51.50 66.51
N HIS I 97 -13.87 -50.79 67.61
CA HIS I 97 -13.22 -51.46 68.74
C HIS I 97 -14.15 -52.41 69.47
N LEU I 98 -15.45 -52.32 69.24
CA LEU I 98 -16.34 -53.32 69.80
C LEU I 98 -16.50 -54.49 68.85
N LEU I 99 -15.74 -54.51 67.75
CA LEU I 99 -15.64 -55.67 66.88
C LEU I 99 -14.24 -56.26 66.83
N THR I 100 -13.22 -55.43 66.59
CA THR I 100 -11.86 -55.92 66.42
C THR I 100 -11.06 -55.93 67.71
N ASP I 101 -11.55 -55.29 68.78
CA ASP I 101 -10.84 -55.18 70.05
C ASP I 101 -9.43 -54.65 69.85
N ALA I 102 -9.23 -53.87 68.79
CA ALA I 102 -7.93 -53.33 68.42
C ALA I 102 -8.07 -51.83 68.24
N ASN I 103 -6.94 -51.15 68.17
CA ASN I 103 -6.97 -49.69 68.15
C ASN I 103 -7.64 -49.26 66.86
N PRO I 104 -8.81 -48.64 66.92
CA PRO I 104 -9.54 -48.32 65.68
C PRO I 104 -8.83 -47.33 64.76
N ILE I 105 -7.89 -46.53 65.26
CA ILE I 105 -7.06 -45.72 64.36
C ILE I 105 -6.29 -46.61 63.41
N GLN I 106 -5.73 -47.71 63.91
CA GLN I 106 -5.01 -48.62 63.04
C GLN I 106 -5.93 -49.22 62.00
N ILE I 107 -7.16 -49.56 62.38
CA ILE I 107 -8.10 -50.12 61.42
C ILE I 107 -8.44 -49.10 60.34
N ILE I 108 -8.67 -47.84 60.75
CA ILE I 108 -8.96 -46.79 59.79
C ILE I 108 -7.79 -46.57 58.83
N VAL I 109 -6.58 -46.53 59.37
CA VAL I 109 -5.41 -46.25 58.54
C VAL I 109 -5.14 -47.42 57.58
N ASP I 110 -5.34 -48.64 58.06
CA ASP I 110 -5.19 -49.80 57.19
C ASP I 110 -6.22 -49.77 56.08
N ALA I 111 -7.45 -49.36 56.39
CA ALA I 111 -8.48 -49.27 55.36
C ALA I 111 -8.16 -48.22 54.33
N ILE I 112 -7.66 -47.05 54.76
CA ILE I 112 -7.30 -46.00 53.82
C ILE I 112 -6.18 -46.49 52.91
N ILE I 113 -5.16 -47.12 53.48
CA ILE I 113 -4.06 -47.64 52.66
C ILE I 113 -4.57 -48.68 51.68
N ASN I 114 -5.41 -49.60 52.16
CA ASN I 114 -5.84 -50.73 51.34
C ASN I 114 -6.83 -50.32 50.27
N SER I 115 -7.47 -49.17 50.38
CA SER I 115 -8.52 -48.79 49.45
C SER I 115 -8.10 -47.73 48.45
N GLY I 116 -6.80 -47.64 48.17
CA GLY I 116 -6.29 -46.64 47.25
C GLY I 116 -5.78 -47.25 45.96
N PRO I 117 -6.38 -46.85 44.84
CA PRO I 117 -5.92 -47.35 43.54
C PRO I 117 -4.54 -46.83 43.20
N ARG I 118 -3.75 -47.66 42.51
CA ARG I 118 -2.40 -47.31 42.15
C ARG I 118 -2.21 -47.08 40.65
N GLU I 119 -3.27 -47.22 39.85
CA GLU I 119 -3.18 -46.98 38.42
C GLU I 119 -4.51 -46.43 37.93
N ASP I 120 -4.46 -45.71 36.80
CA ASP I 120 -5.70 -45.20 36.23
C ASP I 120 -5.45 -45.05 34.73
N ALA I 121 -6.52 -44.92 33.96
CA ALA I 121 -6.40 -44.81 32.50
C ALA I 121 -7.11 -43.55 32.03
N THR I 122 -6.37 -42.65 31.38
CA THR I 122 -6.89 -41.38 30.89
C THR I 122 -6.41 -41.12 29.47
N ARG I 123 -7.18 -40.30 28.76
CA ARG I 123 -6.95 -39.97 27.34
C ARG I 123 -5.85 -38.93 27.21
N ILE I 124 -4.66 -39.36 26.80
CA ILE I 124 -3.54 -38.46 26.54
C ILE I 124 -3.24 -38.48 25.04
N GLY I 125 -2.58 -37.43 24.56
CA GLY I 125 -2.19 -37.33 23.18
C GLY I 125 -0.77 -37.79 22.93
N SER I 126 -0.64 -38.89 22.18
CA SER I 126 0.66 -39.47 21.85
C SER I 126 0.97 -39.22 20.39
N ALA I 127 2.09 -38.54 20.12
CA ALA I 127 2.71 -38.36 18.82
C ALA I 127 1.80 -37.66 17.80
N GLY I 128 0.57 -37.34 18.16
CA GLY I 128 -0.34 -36.67 17.24
C GLY I 128 -1.79 -37.11 17.37
N VAL I 129 -2.03 -38.23 18.06
CA VAL I 129 -3.37 -38.80 18.21
C VAL I 129 -3.67 -39.00 19.68
N VAL I 130 -4.86 -38.61 20.11
CA VAL I 130 -5.30 -38.79 21.50
C VAL I 130 -5.99 -40.15 21.66
N ARG I 131 -5.68 -40.83 22.76
CA ARG I 131 -6.33 -42.06 23.20
C ARG I 131 -5.83 -42.35 24.62
N ARG I 132 -6.55 -43.21 25.35
CA ARG I 132 -6.27 -43.31 26.78
C ARG I 132 -5.16 -44.33 27.06
N GLN I 133 -4.17 -43.87 27.80
CA GLN I 133 -3.06 -44.64 28.34
C GLN I 133 -3.19 -44.72 29.85
N ALA I 134 -2.48 -45.67 30.44
CA ALA I 134 -2.42 -45.83 31.88
C ALA I 134 -1.37 -44.93 32.49
N VAL I 135 -1.67 -44.40 33.68
CA VAL I 135 -0.82 -43.48 34.42
C VAL I 135 -0.81 -43.90 35.88
N ASP I 136 0.19 -43.39 36.59
CA ASP I 136 0.34 -43.61 38.02
C ASP I 136 -0.56 -42.66 38.80
N ILE I 137 -0.74 -42.98 40.08
CA ILE I 137 -1.50 -42.14 40.99
C ILE I 137 -0.55 -41.63 42.06
N SER I 138 -0.60 -40.33 42.30
CA SER I 138 0.22 -39.74 43.34
C SER I 138 -0.27 -40.20 44.71
N PRO I 139 0.62 -40.23 45.71
CA PRO I 139 0.17 -40.64 47.04
C PRO I 139 -0.96 -39.81 47.62
N LEU I 140 -0.95 -38.50 47.40
CA LEU I 140 -2.00 -37.68 48.00
C LEU I 140 -3.34 -37.96 47.34
N ARG I 141 -3.35 -38.14 46.02
CA ARG I 141 -4.60 -38.47 45.37
C ARG I 141 -5.00 -39.90 45.67
N ARG I 142 -4.04 -40.76 46.03
CA ARG I 142 -4.38 -42.09 46.53
C ARG I 142 -5.18 -41.98 47.82
N VAL I 143 -4.71 -41.18 48.76
CA VAL I 143 -5.44 -41.00 50.01
C VAL I 143 -6.80 -40.34 49.77
N ASN I 144 -6.82 -39.34 48.90
CA ASN I 144 -8.05 -38.64 48.56
C ASN I 144 -9.09 -39.61 48.04
N GLN I 145 -8.71 -40.43 47.06
CA GLN I 145 -9.62 -41.38 46.45
C GLN I 145 -10.01 -42.47 47.43
N ALA I 146 -9.10 -42.86 48.33
CA ALA I 146 -9.43 -43.89 49.30
C ALA I 146 -10.56 -43.43 50.21
N ILE I 147 -10.43 -42.23 50.77
CA ILE I 147 -11.51 -41.69 51.60
C ILE I 147 -12.78 -41.53 50.79
N TYR I 148 -12.66 -41.04 49.56
CA TYR I 148 -13.84 -40.86 48.72
C TYR I 148 -14.60 -42.17 48.59
N LEU I 149 -13.87 -43.25 48.26
CA LEU I 149 -14.50 -44.54 48.03
C LEU I 149 -15.15 -45.09 49.29
N LEU I 150 -14.42 -45.09 50.41
CA LEU I 150 -15.02 -45.60 51.65
C LEU I 150 -16.27 -44.83 52.05
N THR I 151 -16.19 -43.49 52.07
CA THR I 151 -17.35 -42.71 52.47
C THR I 151 -18.53 -42.93 51.52
N THR I 152 -18.28 -42.94 50.21
CA THR I 152 -19.37 -43.16 49.26
C THR I 152 -19.99 -44.53 49.45
N GLY I 153 -19.17 -45.55 49.69
CA GLY I 153 -19.70 -46.87 49.96
C GLY I 153 -20.58 -46.91 51.18
N ALA I 154 -20.14 -46.28 52.27
CA ALA I 154 -20.94 -46.29 53.48
C ALA I 154 -22.25 -45.52 53.28
N ARG I 155 -22.18 -44.36 52.61
CA ARG I 155 -23.38 -43.56 52.39
C ARG I 155 -24.36 -44.29 51.49
N GLU I 156 -23.85 -45.06 50.54
CA GLU I 156 -24.71 -45.80 49.62
C GLU I 156 -25.31 -47.03 50.30
N SER I 157 -24.59 -47.64 51.24
CA SER I 157 -25.19 -48.69 52.05
C SER I 157 -26.30 -48.14 52.93
N ALA I 158 -26.07 -47.00 53.57
CA ALA I 158 -27.02 -46.52 54.58
C ALA I 158 -28.33 -46.03 53.98
N PHE I 159 -28.35 -45.67 52.71
CA PHE I 159 -29.56 -45.13 52.09
C PHE I 159 -30.65 -46.18 52.01
N ARG I 160 -31.85 -45.79 52.47
CA ARG I 160 -33.02 -46.67 52.47
C ARG I 160 -32.71 -48.01 53.14
N ASN I 161 -32.25 -47.92 54.39
CA ASN I 161 -31.87 -49.09 55.15
C ASN I 161 -32.05 -48.78 56.63
N VAL I 162 -32.44 -49.79 57.41
CA VAL I 162 -32.55 -49.57 58.86
C VAL I 162 -31.19 -49.55 59.52
N LYS I 163 -30.13 -49.91 58.81
CA LYS I 163 -28.79 -49.78 59.34
C LYS I 163 -28.41 -48.30 59.45
N THR I 164 -27.77 -47.95 60.56
CA THR I 164 -27.35 -46.59 60.81
C THR I 164 -26.04 -46.32 60.07
N ILE I 165 -25.87 -45.08 59.60
CA ILE I 165 -24.68 -44.69 58.86
C ILE I 165 -23.41 -44.96 59.66
N ALA I 166 -23.48 -44.89 60.99
CA ALA I 166 -22.31 -45.21 61.81
C ALA I 166 -21.92 -46.67 61.64
N GLU I 167 -22.91 -47.56 61.62
CA GLU I 167 -22.62 -48.98 61.55
C GLU I 167 -22.21 -49.38 60.15
N CYS I 168 -22.84 -48.77 59.15
CA CYS I 168 -22.44 -48.98 57.76
C CYS I 168 -21.00 -48.53 57.56
N LEU I 169 -20.63 -47.39 58.12
CA LEU I 169 -19.26 -46.92 58.01
C LEU I 169 -18.30 -47.86 58.72
N ALA I 170 -18.67 -48.34 59.90
CA ALA I 170 -17.79 -49.24 60.63
C ALA I 170 -17.56 -50.53 59.87
N ASP I 171 -18.62 -51.12 59.32
CA ASP I 171 -18.46 -52.32 58.51
C ASP I 171 -17.58 -52.05 57.30
N GLU I 172 -17.77 -50.90 56.64
CA GLU I 172 -16.96 -50.54 55.50
C GLU I 172 -15.49 -50.47 55.87
N LEU I 173 -15.18 -49.81 56.99
CA LEU I 173 -13.78 -49.63 57.37
C LEU I 173 -13.13 -50.92 57.80
N ILE I 174 -13.83 -51.76 58.57
CA ILE I 174 -13.23 -53.03 58.96
C ILE I 174 -13.00 -53.92 57.74
N ASN I 175 -13.95 -53.91 56.79
CA ASN I 175 -13.78 -54.75 55.61
C ASN I 175 -12.65 -54.26 54.73
N ALA I 176 -12.50 -52.95 54.59
CA ALA I 176 -11.38 -52.43 53.80
C ALA I 176 -10.06 -52.65 54.51
N ALA I 177 -10.05 -52.62 55.84
CA ALA I 177 -8.82 -52.88 56.57
C ALA I 177 -8.41 -54.34 56.43
N LYS I 178 -9.40 -55.24 56.40
CA LYS I 178 -9.10 -56.63 56.11
C LYS I 178 -8.57 -56.79 54.70
N GLY I 179 -8.95 -55.88 53.80
CA GLY I 179 -8.69 -56.04 52.40
C GLY I 179 -9.66 -56.96 51.70
N SER I 180 -10.65 -57.49 52.42
CA SER I 180 -11.60 -58.42 51.83
C SER I 180 -12.36 -57.72 50.70
N SER I 181 -12.54 -58.44 49.61
CA SER I 181 -13.18 -57.85 48.43
C SER I 181 -14.69 -57.84 48.53
N ASN I 182 -15.22 -57.34 49.66
CA ASN I 182 -16.65 -57.26 49.89
C ASN I 182 -17.14 -55.84 50.16
N SER I 183 -16.25 -54.94 50.57
CA SER I 183 -16.63 -53.56 50.74
C SER I 183 -16.62 -52.84 49.39
N TYR I 184 -17.44 -51.80 49.30
CA TYR I 184 -17.46 -50.96 48.11
C TYR I 184 -16.07 -50.44 47.76
N ALA I 185 -15.29 -50.09 48.77
CA ALA I 185 -13.99 -49.48 48.54
C ALA I 185 -13.06 -50.42 47.79
N ILE I 186 -13.01 -51.69 48.19
CA ILE I 186 -12.09 -52.64 47.57
C ILE I 186 -12.52 -52.94 46.14
N LYS I 187 -13.82 -53.19 45.93
CA LYS I 187 -14.28 -53.51 44.60
C LYS I 187 -14.05 -52.36 43.63
N LYS I 188 -14.32 -51.12 44.07
CA LYS I 188 -14.03 -49.98 43.20
C LYS I 188 -12.53 -49.84 42.95
N LYS I 189 -11.71 -50.01 43.97
CA LYS I 189 -10.26 -49.95 43.76
C LYS I 189 -9.84 -50.93 42.69
N ASP I 190 -10.27 -52.17 42.82
CA ASP I 190 -9.83 -53.20 41.89
C ASP I 190 -10.40 -52.98 40.50
N GLU I 191 -11.60 -52.42 40.38
CA GLU I 191 -12.17 -52.19 39.05
C GLU I 191 -11.46 -51.04 38.34
N ILE I 192 -11.14 -49.96 39.05
CA ILE I 192 -10.32 -48.91 38.47
C ILE I 192 -8.98 -49.47 38.04
N GLU I 193 -8.35 -50.29 38.88
CA GLU I 193 -7.03 -50.79 38.51
C GLU I 193 -7.10 -51.81 37.37
N ARG I 194 -8.23 -52.49 37.20
CA ARG I 194 -8.38 -53.39 36.07
C ARG I 194 -8.57 -52.61 34.77
N VAL I 195 -9.39 -51.56 34.81
CA VAL I 195 -9.53 -50.69 33.64
C VAL I 195 -8.20 -50.07 33.28
N ALA I 196 -7.37 -49.80 34.28
CA ALA I 196 -6.03 -49.26 34.02
C ALA I 196 -5.11 -50.31 33.41
N LYS I 197 -5.12 -51.54 33.93
CA LYS I 197 -4.27 -52.59 33.39
C LYS I 197 -4.63 -52.90 31.95
N ALA I 198 -5.93 -52.95 31.65
CA ALA I 198 -6.38 -53.34 30.32
C ALA I 198 -5.76 -52.48 29.23
N ASN I 199 -5.48 -51.22 29.53
CA ASN I 199 -4.93 -50.29 28.55
C ASN I 199 -3.46 -49.97 28.82
N ARG I 200 -2.74 -50.83 29.51
CA ARG I 200 -1.34 -50.59 29.83
C ARG I 200 -0.47 -50.41 28.59
N PRO J 10 -2.66 -10.00 94.07
CA PRO J 10 -3.17 -8.89 93.26
C PRO J 10 -3.68 -9.38 91.91
N GLY J 11 -3.41 -10.64 91.62
CA GLY J 11 -3.62 -11.19 90.30
C GLY J 11 -5.00 -11.00 89.70
N THR J 12 -5.11 -10.20 88.65
CA THR J 12 -6.33 -10.09 87.88
C THR J 12 -6.02 -9.59 86.47
N VAL J 13 -6.44 -10.36 85.47
CA VAL J 13 -6.37 -9.96 84.08
C VAL J 13 -7.71 -10.27 83.44
N GLN J 14 -7.99 -9.57 82.34
CA GLN J 14 -9.28 -9.68 81.65
C GLN J 14 -8.99 -9.69 80.16
N CYS J 15 -8.96 -10.90 79.58
CA CYS J 15 -8.47 -11.10 78.22
C CYS J 15 -9.54 -11.71 77.35
N PHE J 16 -9.58 -11.31 76.08
CA PHE J 16 -10.66 -11.74 75.20
C PHE J 16 -10.15 -12.68 74.13
N GLY J 17 -11.11 -13.30 73.46
CA GLY J 17 -10.85 -14.19 72.35
C GLY J 17 -11.98 -14.06 71.34
N ARG J 18 -11.62 -14.06 70.06
CA ARG J 18 -12.57 -13.68 69.02
C ARG J 18 -12.56 -14.71 67.91
N LYS J 19 -13.73 -14.90 67.31
CA LYS J 19 -13.95 -15.79 66.17
C LYS J 19 -14.88 -15.01 65.25
N LYS J 20 -15.61 -15.68 64.36
CA LYS J 20 -16.34 -15.05 63.27
C LYS J 20 -17.02 -13.74 63.69
N THR J 21 -17.92 -13.83 64.66
CA THR J 21 -18.49 -12.67 65.33
C THR J 21 -18.55 -12.84 66.83
N ALA J 22 -18.52 -14.08 67.32
CA ALA J 22 -18.51 -14.35 68.75
C ALA J 22 -17.25 -13.79 69.39
N VAL J 23 -17.42 -13.25 70.60
CA VAL J 23 -16.31 -12.82 71.44
C VAL J 23 -16.54 -13.34 72.85
N ALA J 24 -15.48 -13.89 73.45
CA ALA J 24 -15.50 -14.29 74.84
C ALA J 24 -14.49 -13.44 75.59
N VAL J 25 -14.76 -13.18 76.86
CA VAL J 25 -13.85 -12.41 77.71
C VAL J 25 -13.70 -13.15 79.03
N ALA J 26 -12.47 -13.43 79.41
CA ALA J 26 -12.14 -14.18 80.61
C ALA J 26 -11.59 -13.20 81.64
N TYR J 27 -12.29 -13.05 82.76
CA TYR J 27 -11.82 -12.29 83.91
C TYR J 27 -11.22 -13.24 84.92
N CYS J 28 -10.06 -12.87 85.46
CA CYS J 28 -9.27 -13.75 86.31
C CYS J 28 -9.12 -13.17 87.70
N LYS J 29 -9.27 -14.04 88.70
CA LYS J 29 -9.00 -13.73 90.09
C LYS J 29 -8.06 -14.77 90.65
N PRO J 30 -7.38 -14.48 91.76
CA PRO J 30 -6.59 -15.52 92.42
C PRO J 30 -7.44 -16.33 93.40
N GLY J 31 -8.15 -17.30 92.87
CA GLY J 31 -8.96 -18.19 93.68
C GLY J 31 -8.40 -19.60 93.75
N ARG J 32 -9.24 -20.63 93.58
CA ARG J 32 -8.77 -22.00 93.77
C ARG J 32 -8.78 -22.84 92.51
N GLY J 33 -9.91 -23.06 91.84
CA GLY J 33 -9.87 -23.84 90.63
C GLY J 33 -10.95 -23.48 89.63
N LEU J 34 -11.68 -22.41 89.96
CA LEU J 34 -13.00 -22.19 89.38
C LEU J 34 -12.91 -21.70 87.94
N ILE J 35 -13.65 -22.36 87.06
CA ILE J 35 -13.85 -21.91 85.68
C ILE J 35 -15.35 -21.93 85.41
N LYS J 36 -15.93 -20.77 85.13
CA LYS J 36 -17.36 -20.67 84.86
C LYS J 36 -17.61 -19.76 83.67
N VAL J 37 -18.35 -20.27 82.69
CA VAL J 37 -18.73 -19.52 81.50
C VAL J 37 -20.18 -19.11 81.67
N ASN J 38 -20.41 -17.80 81.77
CA ASN J 38 -21.73 -17.22 81.96
C ASN J 38 -22.37 -17.66 83.26
N GLY J 39 -21.58 -18.08 84.24
CA GLY J 39 -22.08 -18.59 85.49
C GLY J 39 -22.15 -20.10 85.58
N ALA J 40 -21.99 -20.80 84.51
CA ALA J 40 -22.07 -22.25 84.62
C ALA J 40 -20.69 -22.88 84.52
N PRO J 41 -20.48 -24.04 85.12
CA PRO J 41 -19.18 -24.70 85.04
C PRO J 41 -18.80 -25.01 83.59
N ILE J 42 -17.51 -24.84 83.28
CA ILE J 42 -16.99 -25.20 81.97
C ILE J 42 -17.22 -26.66 81.65
N GLU J 43 -17.50 -27.48 82.66
CA GLU J 43 -17.84 -28.88 82.41
C GLU J 43 -19.12 -29.02 81.62
N LEU J 44 -19.90 -27.94 81.48
CA LEU J 44 -21.25 -28.03 80.96
C LEU J 44 -21.50 -27.11 79.77
N ILE J 45 -20.45 -26.68 79.06
CA ILE J 45 -20.68 -26.00 77.79
C ILE J 45 -21.34 -26.99 76.85
N ARG J 46 -22.47 -26.62 76.26
CA ARG J 46 -23.36 -27.71 75.87
C ARG J 46 -23.73 -27.83 74.40
N PRO J 47 -22.81 -27.71 73.46
CA PRO J 47 -22.68 -28.76 72.46
C PRO J 47 -21.62 -29.73 72.95
N GLU J 48 -22.00 -30.95 73.32
CA GLU J 48 -21.02 -31.77 74.03
C GLU J 48 -20.06 -32.46 73.09
N MET J 49 -20.35 -32.51 71.80
CA MET J 49 -19.37 -33.05 70.86
C MET J 49 -18.14 -32.16 70.80
N LEU J 50 -18.34 -30.85 70.77
CA LEU J 50 -17.24 -29.90 70.91
C LEU J 50 -17.01 -29.52 72.36
N ARG J 51 -16.97 -30.51 73.24
CA ARG J 51 -16.67 -30.20 74.62
C ARG J 51 -15.20 -30.37 74.93
N LEU J 52 -14.56 -31.40 74.37
CA LEU J 52 -13.12 -31.51 74.50
C LEU J 52 -12.40 -30.34 73.86
N LYS J 53 -13.06 -29.59 72.99
CA LYS J 53 -12.42 -28.39 72.45
C LYS J 53 -12.30 -27.28 73.49
N ALA J 54 -13.32 -27.09 74.32
CA ALA J 54 -13.17 -26.09 75.38
C ALA J 54 -12.16 -26.55 76.42
N PHE J 55 -12.12 -27.85 76.72
CA PHE J 55 -11.13 -28.40 77.62
C PHE J 55 -9.73 -28.49 77.03
N GLU J 56 -9.54 -28.20 75.74
CA GLU J 56 -8.19 -28.31 75.17
C GLU J 56 -7.12 -27.59 75.99
N PRO J 57 -7.31 -26.35 76.43
CA PRO J 57 -6.22 -25.71 77.18
C PRO J 57 -5.98 -26.33 78.55
N ILE J 58 -7.04 -26.70 79.26
CA ILE J 58 -6.86 -27.18 80.63
C ILE J 58 -6.05 -28.47 80.64
N LEU J 59 -6.38 -29.40 79.75
CA LEU J 59 -5.54 -30.59 79.60
C LEU J 59 -4.24 -30.31 78.87
N LEU J 60 -4.13 -29.19 78.16
CA LEU J 60 -2.85 -28.84 77.55
C LEU J 60 -1.86 -28.36 78.59
N ALA J 61 -2.31 -27.54 79.54
CA ALA J 61 -1.47 -27.08 80.63
C ALA J 61 -1.54 -28.04 81.81
N GLY J 62 -2.74 -28.43 82.21
CA GLY J 62 -2.93 -29.24 83.38
C GLY J 62 -3.79 -28.43 84.33
N ARG J 63 -4.65 -29.11 85.07
CA ARG J 63 -5.41 -28.43 86.11
C ARG J 63 -4.50 -27.77 87.12
N SER J 64 -3.28 -28.31 87.28
CA SER J 64 -2.35 -27.79 88.27
C SER J 64 -1.97 -26.35 87.98
N ARG J 65 -1.82 -25.99 86.70
CA ARG J 65 -1.48 -24.63 86.34
C ARG J 65 -2.59 -23.66 86.68
N PHE J 66 -3.78 -24.15 87.01
CA PHE J 66 -4.93 -23.34 87.40
C PHE J 66 -5.29 -23.53 88.87
N LYS J 67 -4.32 -23.85 89.72
CA LYS J 67 -4.69 -24.09 91.11
C LYS J 67 -4.90 -22.80 91.89
N ASP J 68 -4.65 -21.64 91.30
CA ASP J 68 -4.77 -20.40 92.06
C ASP J 68 -5.40 -19.29 91.23
N ILE J 69 -6.39 -19.63 90.41
CA ILE J 69 -7.17 -18.64 89.69
C ILE J 69 -8.61 -19.12 89.50
N ASP J 70 -9.55 -18.18 89.62
CA ASP J 70 -10.93 -18.36 89.19
C ASP J 70 -11.18 -17.55 87.93
N MET J 71 -11.81 -18.20 86.95
CA MET J 71 -12.06 -17.64 85.64
C MET J 71 -13.57 -17.44 85.52
N ARG J 72 -14.00 -16.20 85.30
CA ARG J 72 -15.38 -15.92 84.91
C ARG J 72 -15.36 -15.45 83.48
N ILE J 73 -15.90 -16.27 82.60
CA ILE J 73 -15.80 -16.08 81.16
C ILE J 73 -17.19 -15.71 80.68
N ARG J 74 -17.35 -14.48 80.24
CA ARG J 74 -18.58 -14.05 79.59
C ARG J 74 -18.43 -14.13 78.09
N VAL J 75 -19.33 -14.87 77.44
CA VAL J 75 -19.25 -15.12 76.00
C VAL J 75 -20.51 -14.60 75.34
N ARG J 76 -20.38 -14.15 74.10
CA ARG J 76 -21.49 -13.46 73.46
C ARG J 76 -21.28 -13.43 71.95
N GLY J 77 -22.39 -13.36 71.22
CA GLY J 77 -22.32 -13.23 69.77
C GLY J 77 -22.01 -14.55 69.09
N GLY J 78 -22.01 -14.50 67.76
CA GLY J 78 -21.64 -15.66 66.97
C GLY J 78 -22.65 -16.78 67.12
N GLY J 79 -22.17 -18.01 66.95
CA GLY J 79 -22.99 -19.17 67.14
C GLY J 79 -22.37 -20.15 68.10
N LYS J 80 -22.82 -21.40 68.11
CA LYS J 80 -22.37 -22.33 69.15
C LYS J 80 -20.91 -22.70 68.97
N THR J 81 -20.51 -23.06 67.75
CA THR J 81 -19.12 -23.40 67.48
C THR J 81 -18.21 -22.18 67.63
N SER J 82 -18.64 -21.04 67.11
CA SER J 82 -17.84 -19.84 67.22
C SER J 82 -17.65 -19.42 68.67
N GLN J 83 -18.69 -19.54 69.50
CA GLN J 83 -18.50 -19.28 70.92
C GLN J 83 -17.54 -20.27 71.56
N ILE J 84 -17.62 -21.56 71.21
CA ILE J 84 -16.67 -22.50 71.79
C ILE J 84 -15.23 -22.11 71.44
N TYR J 85 -15.00 -21.71 70.20
CA TYR J 85 -13.63 -21.37 69.80
C TYR J 85 -13.17 -20.08 70.47
N SER J 86 -14.09 -19.13 70.64
CA SER J 86 -13.77 -17.91 71.37
C SER J 86 -13.39 -18.21 72.80
N ILE J 87 -14.11 -19.11 73.46
CA ILE J 87 -13.77 -19.47 74.83
C ILE J 87 -12.40 -20.13 74.88
N ARG J 88 -12.14 -21.07 73.97
CA ARG J 88 -10.80 -21.62 73.84
C ARG J 88 -9.74 -20.54 73.87
N GLN J 89 -9.87 -19.57 72.98
CA GLN J 89 -8.90 -18.49 72.92
C GLN J 89 -8.88 -17.69 74.21
N ALA J 90 -10.03 -17.60 74.89
CA ALA J 90 -10.08 -16.85 76.13
C ALA J 90 -9.24 -17.49 77.22
N ILE J 91 -9.43 -18.79 77.48
CA ILE J 91 -8.56 -19.47 78.44
C ILE J 91 -7.10 -19.32 78.03
N ALA J 92 -6.78 -19.56 76.76
CA ALA J 92 -5.37 -19.59 76.39
C ALA J 92 -4.71 -18.22 76.59
N LYS J 93 -5.29 -17.16 76.01
CA LYS J 93 -4.65 -15.86 76.13
C LYS J 93 -4.72 -15.33 77.56
N SER J 94 -5.76 -15.66 78.32
CA SER J 94 -5.82 -15.23 79.70
C SER J 94 -4.71 -15.86 80.53
N LEU J 95 -4.47 -17.16 80.34
CA LEU J 95 -3.37 -17.79 81.03
C LEU J 95 -2.04 -17.18 80.63
N VAL J 96 -1.86 -16.91 79.34
CA VAL J 96 -0.61 -16.30 78.90
C VAL J 96 -0.41 -14.95 79.56
N ALA J 97 -1.47 -14.15 79.65
CA ALA J 97 -1.36 -12.83 80.23
C ALA J 97 -1.14 -12.90 81.74
N TYR J 98 -1.74 -13.89 82.40
CA TYR J 98 -1.52 -14.03 83.84
C TYR J 98 -0.08 -14.41 84.14
N TYR J 99 0.47 -15.36 83.39
CA TYR J 99 1.86 -15.71 83.59
C TYR J 99 2.79 -14.59 83.15
N GLN J 100 2.34 -13.76 82.20
CA GLN J 100 3.08 -12.57 81.82
C GLN J 100 3.20 -11.60 82.98
N LYS J 101 2.07 -11.26 83.60
CA LYS J 101 2.06 -10.12 84.51
C LYS J 101 2.30 -10.50 85.96
N TYR J 102 2.13 -11.76 86.36
CA TYR J 102 2.20 -12.12 87.77
C TYR J 102 3.12 -13.27 88.12
N VAL J 103 3.43 -14.18 87.20
CA VAL J 103 4.15 -15.38 87.62
C VAL J 103 5.61 -15.24 87.24
N ASP J 104 5.91 -15.25 85.94
CA ASP J 104 7.29 -15.18 85.47
C ASP J 104 7.33 -15.09 83.96
N GLU J 105 8.35 -14.42 83.43
CA GLU J 105 8.50 -14.30 81.99
C GLU J 105 8.97 -15.58 81.33
N ALA J 106 9.66 -16.45 82.08
CA ALA J 106 10.17 -17.69 81.49
C ALA J 106 9.12 -18.80 81.51
N ALA J 107 8.34 -18.89 82.58
CA ALA J 107 7.30 -19.89 82.65
C ALA J 107 6.04 -19.46 81.94
N LYS J 108 6.00 -18.24 81.39
CA LYS J 108 4.96 -17.98 80.41
C LYS J 108 5.42 -18.36 79.02
N LYS J 109 6.72 -18.24 78.74
CA LYS J 109 7.24 -18.78 77.49
C LYS J 109 7.03 -20.27 77.41
N GLU J 110 7.23 -20.96 78.54
CA GLU J 110 6.93 -22.39 78.57
C GLU J 110 5.52 -22.67 78.06
N VAL J 111 4.51 -22.14 78.77
CA VAL J 111 3.12 -22.40 78.45
C VAL J 111 2.76 -21.90 77.07
N LYS J 112 3.37 -20.79 76.63
CA LYS J 112 3.17 -20.34 75.27
C LYS J 112 3.61 -21.41 74.27
N GLU J 113 4.78 -21.99 74.49
CA GLU J 113 5.23 -23.01 73.55
C GLU J 113 4.35 -24.26 73.59
N ILE J 114 3.90 -24.71 74.76
CA ILE J 114 2.97 -25.84 74.74
C ILE J 114 1.68 -25.47 74.02
N PHE J 115 1.20 -24.24 74.18
CA PHE J 115 -0.07 -23.91 73.58
C PHE J 115 0.06 -23.76 72.07
N ALA J 116 1.18 -23.20 71.62
CA ALA J 116 1.38 -22.88 70.22
C ALA J 116 2.10 -23.97 69.44
N ARG J 117 2.46 -25.07 70.09
CA ARG J 117 2.85 -26.24 69.30
C ARG J 117 1.65 -27.08 68.93
N TYR J 118 0.60 -27.04 69.74
CA TYR J 118 -0.60 -27.79 69.45
C TYR J 118 -1.45 -27.10 68.38
N ASP J 119 -1.67 -25.80 68.54
CA ASP J 119 -2.54 -25.07 67.62
C ASP J 119 -2.23 -23.59 67.72
N ARG J 120 -1.95 -22.96 66.58
CA ARG J 120 -1.59 -21.55 66.58
C ARG J 120 -2.79 -20.65 66.79
N THR J 121 -4.01 -21.18 66.73
CA THR J 121 -5.20 -20.37 66.95
C THR J 121 -5.87 -20.66 68.29
N LEU J 122 -5.07 -20.97 69.31
CA LEU J 122 -5.48 -20.64 70.66
C LEU J 122 -4.98 -19.27 71.09
N LEU J 123 -4.10 -18.66 70.32
CA LEU J 123 -3.57 -17.35 70.64
C LEU J 123 -3.81 -16.32 69.56
N VAL J 124 -3.88 -16.73 68.30
CA VAL J 124 -4.12 -15.85 67.17
C VAL J 124 -5.51 -16.14 66.64
N ALA J 125 -6.32 -15.10 66.48
CA ALA J 125 -7.68 -15.32 66.02
C ALA J 125 -7.74 -15.41 64.50
N ASP J 126 -8.81 -16.00 64.01
CA ASP J 126 -9.04 -16.14 62.59
C ASP J 126 -9.46 -14.80 62.00
N PRO J 127 -8.77 -14.26 61.00
CA PRO J 127 -9.24 -13.06 60.33
C PRO J 127 -10.36 -13.32 59.33
N ARG J 128 -10.85 -14.55 59.26
CA ARG J 128 -11.86 -14.92 58.29
C ARG J 128 -13.23 -14.39 58.69
N ARG J 129 -13.88 -13.68 57.78
CA ARG J 129 -15.21 -13.14 57.97
C ARG J 129 -16.07 -13.59 56.81
N CYS J 130 -17.37 -13.36 56.91
CA CYS J 130 -18.32 -13.79 55.90
C CYS J 130 -18.32 -12.78 54.76
N GLU J 131 -17.95 -13.23 53.57
CA GLU J 131 -17.83 -12.34 52.43
C GLU J 131 -19.20 -11.81 52.02
N PRO J 132 -19.31 -10.52 51.71
CA PRO J 132 -20.62 -9.96 51.36
C PRO J 132 -21.21 -10.61 50.13
N LYS J 133 -22.47 -10.30 49.88
CA LYS J 133 -23.19 -10.85 48.75
C LYS J 133 -23.29 -9.79 47.65
N LYS J 134 -23.20 -10.24 46.41
CA LYS J 134 -23.24 -9.35 45.25
C LYS J 134 -24.40 -9.72 44.36
N PHE J 135 -25.01 -8.70 43.74
CA PHE J 135 -26.21 -8.93 42.96
C PHE J 135 -25.90 -9.73 41.72
N GLY J 136 -26.92 -10.42 41.21
CA GLY J 136 -26.72 -11.37 40.14
C GLY J 136 -26.63 -12.80 40.59
N GLY J 137 -26.82 -13.05 41.88
CA GLY J 137 -26.84 -14.38 42.42
C GLY J 137 -27.12 -14.25 43.89
N ARG J 138 -27.46 -15.38 44.52
CA ARG J 138 -27.68 -15.39 45.95
C ARG J 138 -26.47 -16.01 46.63
N GLY J 139 -25.45 -15.19 46.82
CA GLY J 139 -24.23 -15.62 47.46
C GLY J 139 -23.08 -14.75 47.01
N ALA J 140 -21.96 -14.89 47.72
CA ALA J 140 -20.77 -14.11 47.39
C ALA J 140 -20.26 -14.46 46.00
N ARG J 141 -20.18 -15.76 45.70
CA ARG J 141 -19.62 -16.22 44.44
C ARG J 141 -20.63 -16.81 43.49
N ALA J 142 -21.68 -17.48 43.99
CA ALA J 142 -22.66 -18.11 43.12
C ALA J 142 -23.43 -17.07 42.33
N ARG J 143 -23.91 -17.47 41.16
CA ARG J 143 -24.73 -16.64 40.29
C ARG J 143 -26.00 -17.39 39.91
N PHE J 144 -26.98 -16.63 39.42
CA PHE J 144 -28.22 -17.23 38.94
C PHE J 144 -27.97 -18.12 37.75
N GLN J 145 -28.73 -19.20 37.66
CA GLN J 145 -28.50 -20.19 36.62
C GLN J 145 -28.86 -19.59 35.27
N LYS J 146 -27.98 -19.74 34.30
CA LYS J 146 -28.07 -19.06 33.02
C LYS J 146 -28.74 -19.97 32.01
N SER J 147 -29.66 -19.41 31.23
CA SER J 147 -30.33 -20.12 30.17
C SER J 147 -30.19 -19.36 28.87
N TYR J 148 -29.93 -20.08 27.79
CA TYR J 148 -29.71 -19.46 26.49
C TYR J 148 -30.95 -19.51 25.62
N ARG J 149 -31.58 -20.67 25.50
CA ARG J 149 -32.83 -20.81 24.76
C ARG J 149 -33.99 -21.02 25.74
N VAL K 24 -28.63 26.76 90.28
CA VAL K 24 -27.87 27.63 89.38
C VAL K 24 -27.14 26.80 88.32
N GLN K 25 -26.83 25.55 88.65
CA GLN K 25 -26.24 24.61 87.71
C GLN K 25 -27.31 23.61 87.30
N HIS K 26 -27.54 23.48 86.00
CA HIS K 26 -28.45 22.47 85.47
C HIS K 26 -27.66 21.32 84.85
N ARG K 27 -28.38 20.41 84.20
CA ARG K 27 -27.81 19.33 83.40
C ARG K 27 -28.20 19.62 81.95
N ILE K 28 -27.29 20.20 81.19
CA ILE K 28 -27.55 20.63 79.82
C ILE K 28 -26.95 19.62 78.86
N ARG K 29 -27.77 19.07 77.99
CA ARG K 29 -27.34 18.12 76.98
C ARG K 29 -27.47 18.77 75.61
N ILE K 30 -26.35 18.86 74.89
CA ILE K 30 -26.34 19.40 73.54
C ILE K 30 -26.02 18.27 72.57
N THR K 31 -26.92 18.05 71.61
CA THR K 31 -26.85 16.95 70.67
C THR K 31 -26.60 17.49 69.27
N LEU K 32 -25.66 16.88 68.57
CA LEU K 32 -25.23 17.32 67.26
C LEU K 32 -25.40 16.19 66.26
N SER K 33 -25.92 16.51 65.08
CA SER K 33 -26.10 15.53 64.03
C SER K 33 -25.54 16.11 62.73
N SER K 34 -25.03 15.22 61.90
CA SER K 34 -24.45 15.70 60.64
C SER K 34 -24.35 14.56 59.65
N LYS K 35 -24.10 14.92 58.40
CA LYS K 35 -23.74 13.97 57.36
C LYS K 35 -22.25 13.86 57.13
N SER K 36 -21.47 14.84 57.59
CA SER K 36 -20.03 14.88 57.36
C SER K 36 -19.30 14.77 58.68
N VAL K 37 -18.37 13.83 58.76
CA VAL K 37 -17.65 13.60 60.02
C VAL K 37 -16.87 14.84 60.43
N LYS K 38 -16.09 15.40 59.49
CA LYS K 38 -15.11 16.41 59.89
C LYS K 38 -15.77 17.72 60.29
N ASN K 39 -16.74 18.19 59.50
CA ASN K 39 -17.42 19.43 59.85
C ASN K 39 -18.11 19.29 61.20
N LEU K 40 -18.59 18.10 61.52
CA LEU K 40 -19.17 17.87 62.83
C LEU K 40 -18.12 17.90 63.92
N GLU K 41 -16.99 17.24 63.69
CA GLU K 41 -15.99 17.12 64.76
C GLU K 41 -15.29 18.44 65.03
N LYS K 42 -15.18 19.30 64.02
CA LYS K 42 -14.61 20.62 64.25
C LYS K 42 -15.46 21.39 65.26
N VAL K 43 -16.76 21.49 65.00
CA VAL K 43 -17.68 22.18 65.91
C VAL K 43 -17.72 21.49 67.26
N CYS K 44 -17.71 20.16 67.25
CA CYS K 44 -17.77 19.40 68.50
C CYS K 44 -16.56 19.67 69.38
N SER K 45 -15.38 19.75 68.79
CA SER K 45 -14.19 20.11 69.56
C SER K 45 -14.24 21.56 70.00
N ASP K 46 -14.76 22.44 69.13
CA ASP K 46 -14.81 23.86 69.47
C ASP K 46 -15.70 24.09 70.68
N LEU K 47 -16.86 23.44 70.73
CA LEU K 47 -17.73 23.59 71.89
C LEU K 47 -17.06 23.10 73.15
N VAL K 48 -16.42 21.92 73.07
CA VAL K 48 -15.80 21.34 74.26
C VAL K 48 -14.70 22.25 74.77
N LYS K 49 -13.89 22.82 73.88
CA LYS K 49 -12.84 23.70 74.36
C LYS K 49 -13.39 25.03 74.85
N GLY K 50 -14.42 25.56 74.20
CA GLY K 50 -15.04 26.78 74.69
C GLY K 50 -15.68 26.61 76.05
N ALA K 51 -16.08 25.39 76.39
CA ALA K 51 -16.55 25.09 77.73
C ALA K 51 -15.44 24.58 78.64
N LYS K 52 -14.24 24.34 78.13
CA LYS K 52 -13.10 24.03 78.99
C LYS K 52 -12.47 25.28 79.58
N GLU K 53 -12.55 26.41 78.87
CA GLU K 53 -12.02 27.65 79.42
C GLU K 53 -12.84 28.14 80.60
N LYS K 54 -14.12 27.81 80.65
CA LYS K 54 -14.97 28.20 81.77
C LYS K 54 -14.93 27.21 82.92
N GLN K 55 -13.98 26.27 82.89
CA GLN K 55 -13.82 25.28 83.96
C GLN K 55 -15.15 24.59 84.29
N LEU K 56 -15.94 24.36 83.26
CA LEU K 56 -17.21 23.66 83.41
C LEU K 56 -16.97 22.16 83.34
N LYS K 57 -17.98 21.40 83.76
CA LYS K 57 -17.91 19.94 83.67
C LYS K 57 -18.46 19.54 82.31
N VAL K 58 -17.57 19.17 81.39
CA VAL K 58 -17.95 18.73 80.06
C VAL K 58 -17.73 17.23 80.00
N LYS K 59 -18.82 16.46 79.98
CA LYS K 59 -18.75 15.01 79.86
C LYS K 59 -19.05 14.65 78.41
N GLY K 60 -18.01 14.72 77.58
CA GLY K 60 -18.16 14.46 76.17
C GLY K 60 -16.87 14.58 75.40
N PRO K 61 -16.90 14.31 74.09
CA PRO K 61 -18.09 13.98 73.30
C PRO K 61 -18.41 12.49 73.23
N VAL K 62 -19.70 12.18 73.36
CA VAL K 62 -20.21 10.82 73.28
C VAL K 62 -20.65 10.53 71.86
N ARG K 63 -20.25 9.38 71.33
CA ARG K 63 -20.38 9.03 69.92
C ARG K 63 -21.46 7.97 69.79
N MET K 64 -22.46 8.23 68.97
CA MET K 64 -23.48 7.20 68.87
C MET K 64 -23.43 6.52 67.51
N PRO K 65 -23.86 5.26 67.45
CA PRO K 65 -23.63 4.46 66.23
C PRO K 65 -24.05 5.21 64.98
N THR K 66 -23.18 5.21 63.99
CA THR K 66 -23.48 5.89 62.74
C THR K 66 -24.71 5.27 62.12
N LYS K 67 -25.65 6.09 61.69
CA LYS K 67 -26.83 5.60 61.02
C LYS K 67 -26.63 5.72 59.53
N VAL K 68 -26.69 4.61 58.82
CA VAL K 68 -26.50 4.58 57.39
C VAL K 68 -27.85 4.33 56.75
N LEU K 69 -28.39 5.35 56.10
CA LEU K 69 -29.62 5.27 55.35
C LEU K 69 -29.30 4.73 53.97
N ASN K 70 -29.86 3.58 53.61
CA ASN K 70 -29.44 2.89 52.40
C ASN K 70 -30.64 2.66 51.50
N ILE K 71 -30.47 2.97 50.22
CA ILE K 71 -31.47 2.70 49.20
C ILE K 71 -30.77 2.05 48.02
N THR K 72 -31.24 0.88 47.61
CA THR K 72 -30.67 0.18 46.47
C THR K 72 -31.63 0.29 45.30
N THR K 73 -31.12 0.76 44.17
CA THR K 73 -31.98 1.10 43.04
C THR K 73 -31.41 0.50 41.77
N ARG K 74 -32.30 0.14 40.86
CA ARG K 74 -31.84 -0.35 39.56
C ARG K 74 -31.32 0.81 38.76
N LYS K 75 -30.15 0.63 38.14
CA LYS K 75 -29.60 1.72 37.34
C LYS K 75 -30.46 2.00 36.11
N SER K 76 -30.95 0.96 35.45
CA SER K 76 -31.63 1.17 34.19
C SER K 76 -33.01 1.78 34.41
N PRO K 77 -33.44 2.69 33.54
CA PRO K 77 -34.80 3.23 33.62
C PRO K 77 -35.85 2.38 32.92
N CYS K 78 -35.46 1.32 32.25
CA CYS K 78 -36.34 0.64 31.32
C CYS K 78 -36.35 -0.88 31.47
N GLY K 79 -35.59 -1.45 32.39
CA GLY K 79 -35.63 -2.88 32.60
C GLY K 79 -35.12 -3.74 31.46
N GLU K 80 -34.02 -3.36 30.83
CA GLU K 80 -33.40 -4.19 29.80
C GLU K 80 -31.94 -4.40 30.14
N GLY K 81 -31.40 -5.54 29.73
CA GLY K 81 -30.01 -5.84 29.90
C GLY K 81 -29.74 -6.66 31.16
N THR K 82 -28.48 -6.65 31.56
CA THR K 82 -28.12 -7.19 32.85
C THR K 82 -28.77 -6.36 33.94
N ASN K 83 -29.35 -7.02 34.93
CA ASN K 83 -29.90 -6.30 36.07
C ASN K 83 -28.75 -5.89 36.99
N THR K 84 -28.42 -4.60 37.00
CA THR K 84 -27.36 -4.05 37.81
C THR K 84 -27.96 -3.02 38.75
N TRP K 85 -27.46 -3.00 39.98
CA TRP K 85 -27.97 -2.15 41.03
C TRP K 85 -26.89 -1.19 41.49
N ASP K 86 -27.32 -0.04 41.98
CA ASP K 86 -26.42 0.86 42.71
C ASP K 86 -26.99 1.11 44.09
N ARG K 87 -26.13 0.96 45.09
CA ARG K 87 -26.48 1.14 46.49
C ARG K 87 -26.10 2.54 46.92
N PHE K 88 -27.08 3.33 47.33
CA PHE K 88 -26.88 4.68 47.80
C PHE K 88 -26.94 4.70 49.32
N GLU K 89 -26.14 5.59 49.91
CA GLU K 89 -26.03 5.62 51.36
C GLU K 89 -25.82 7.05 51.84
N MET K 90 -26.52 7.39 52.92
CA MET K 90 -26.28 8.60 53.69
C MET K 90 -25.81 8.20 55.08
N ARG K 91 -24.60 8.61 55.45
CA ARG K 91 -24.13 8.42 56.80
C ARG K 91 -24.53 9.61 57.65
N VAL K 92 -25.11 9.34 58.81
CA VAL K 92 -25.55 10.34 59.75
C VAL K 92 -24.88 10.07 61.09
N HIS K 93 -24.17 11.06 61.61
CA HIS K 93 -23.42 10.94 62.86
C HIS K 93 -24.04 11.78 63.96
N LYS K 94 -24.00 11.23 65.16
CA LYS K 94 -24.75 11.67 66.34
C LYS K 94 -23.77 11.83 67.50
N ARG K 95 -23.44 13.08 67.83
CA ARG K 95 -22.59 13.38 68.97
C ARG K 95 -23.42 13.99 70.09
N VAL K 96 -22.97 13.80 71.32
CA VAL K 96 -23.59 14.40 72.49
C VAL K 96 -22.52 15.02 73.37
N ILE K 97 -22.79 16.22 73.87
CA ILE K 97 -21.95 16.87 74.86
C ILE K 97 -22.80 17.13 76.09
N ASP K 98 -22.21 16.88 77.25
CA ASP K 98 -22.89 17.10 78.53
C ASP K 98 -22.24 18.28 79.25
N LEU K 99 -23.05 19.09 79.92
CA LEU K 99 -22.58 20.27 80.62
C LEU K 99 -23.40 20.45 81.89
N VAL K 100 -22.79 21.13 82.87
CA VAL K 100 -23.52 21.65 84.02
C VAL K 100 -23.31 23.15 84.08
N SER K 101 -24.38 23.89 83.89
CA SER K 101 -24.32 25.35 83.86
C SER K 101 -25.74 25.89 83.96
N SER K 102 -25.88 27.14 83.78
CA SER K 102 -27.13 27.81 83.48
C SER K 102 -27.26 27.97 81.98
N PRO K 103 -28.48 28.00 81.43
CA PRO K 103 -28.63 28.03 79.96
C PRO K 103 -28.05 29.26 79.31
N ASP K 104 -27.81 30.33 80.05
CA ASP K 104 -27.27 31.54 79.43
C ASP K 104 -25.79 31.42 79.16
N VAL K 105 -25.03 30.81 80.06
CA VAL K 105 -23.60 30.62 79.80
C VAL K 105 -23.39 29.72 78.60
N VAL K 106 -24.17 28.64 78.49
CA VAL K 106 -24.04 27.76 77.34
C VAL K 106 -24.45 28.49 76.07
N LYS K 107 -25.57 29.23 76.10
CA LYS K 107 -25.94 30.04 74.93
C LYS K 107 -24.86 31.04 74.56
N GLN K 108 -24.12 31.56 75.54
CA GLN K 108 -22.92 32.31 75.25
C GLN K 108 -21.91 31.46 74.49
N ILE K 109 -21.76 30.19 74.90
CA ILE K 109 -20.77 29.34 74.25
C ILE K 109 -21.27 28.85 72.90
N THR K 110 -22.46 28.25 72.86
CA THR K 110 -23.04 27.83 71.58
C THR K 110 -23.64 29.04 70.87
N SER K 111 -22.76 29.96 70.51
CA SER K 111 -23.10 31.07 69.62
C SER K 111 -21.97 31.37 68.64
N ILE K 112 -20.92 30.56 68.62
CA ILE K 112 -19.80 30.71 67.72
C ILE K 112 -20.22 30.30 66.32
N THR K 113 -19.35 30.56 65.33
CA THR K 113 -19.68 30.28 63.93
C THR K 113 -19.79 28.78 63.69
N ILE K 114 -20.96 28.35 63.20
CA ILE K 114 -21.28 26.94 63.02
C ILE K 114 -21.14 26.59 61.54
N GLU K 115 -20.41 25.50 61.25
CA GLU K 115 -20.24 25.05 59.88
C GLU K 115 -21.58 24.58 59.30
N PRO K 116 -21.76 24.68 57.99
CA PRO K 116 -23.00 24.21 57.36
C PRO K 116 -23.20 22.72 57.57
N GLY K 117 -24.47 22.32 57.71
CA GLY K 117 -24.83 20.93 57.82
C GLY K 117 -24.86 20.37 59.22
N VAL K 118 -24.48 21.15 60.21
CA VAL K 118 -24.47 20.70 61.60
C VAL K 118 -25.74 21.14 62.29
N GLU K 119 -26.38 20.23 63.01
CA GLU K 119 -27.54 20.53 63.83
C GLU K 119 -27.12 20.75 65.27
N VAL K 120 -27.60 21.84 65.86
CA VAL K 120 -27.39 22.13 67.28
C VAL K 120 -28.77 22.19 67.93
N GLU K 121 -29.02 21.31 68.88
CA GLU K 121 -30.37 21.10 69.41
C GLU K 121 -30.35 21.03 70.94
N VAL K 122 -29.73 22.03 71.57
CA VAL K 122 -29.55 22.02 73.01
C VAL K 122 -30.89 21.89 73.75
N THR K 123 -30.89 21.08 74.81
CA THR K 123 -32.05 20.94 75.69
C THR K 123 -31.55 20.89 77.14
N ILE K 124 -32.45 20.49 78.03
CA ILE K 124 -32.15 20.32 79.45
C ILE K 124 -32.59 18.91 79.84
N SER K 125 -31.65 18.08 80.26
CA SER K 125 -32.04 16.76 80.73
C SER K 125 -32.59 16.87 82.15
N ASP K 126 -33.21 15.80 82.61
CA ASP K 126 -33.84 15.77 83.92
C ASP K 126 -32.80 15.68 85.04
N VAL L 27 26.28 -69.04 23.82
CA VAL L 27 25.51 -69.58 22.70
C VAL L 27 24.70 -68.47 22.08
N PHE L 28 24.55 -68.48 20.76
CA PHE L 28 24.04 -67.34 20.03
C PHE L 28 22.92 -67.74 19.08
N GLY L 29 21.87 -66.91 19.07
CA GLY L 29 20.92 -66.92 17.97
C GLY L 29 20.72 -65.49 17.53
N VAL L 30 20.21 -65.32 16.31
CA VAL L 30 20.05 -63.99 15.73
C VAL L 30 18.57 -63.62 15.74
N ALA L 31 18.28 -62.41 16.23
CA ALA L 31 16.92 -61.92 16.42
C ALA L 31 16.62 -60.89 15.34
N HIS L 32 15.81 -61.28 14.39
CA HIS L 32 15.29 -60.39 13.36
C HIS L 32 14.07 -59.70 13.94
N ILE L 33 14.21 -58.42 14.24
CA ILE L 33 13.09 -57.57 14.62
C ILE L 33 12.61 -56.84 13.38
N PHE L 34 11.44 -57.19 12.90
CA PHE L 34 10.80 -56.50 11.79
C PHE L 34 9.72 -55.65 12.43
N ALA L 35 10.04 -54.40 12.73
CA ALA L 35 9.11 -53.49 13.38
C ALA L 35 8.62 -52.51 12.34
N SER L 36 7.53 -52.86 11.66
CA SER L 36 6.93 -51.94 10.73
C SER L 36 5.88 -51.14 11.47
N PHE L 37 5.25 -50.21 10.77
CA PHE L 37 3.98 -49.70 11.28
C PHE L 37 2.95 -50.80 11.09
N ASN L 38 1.97 -50.83 11.98
CA ASN L 38 0.90 -51.82 12.09
C ASN L 38 1.35 -53.15 12.71
N ASP L 39 2.63 -53.38 12.97
CA ASP L 39 3.03 -54.64 13.62
C ASP L 39 4.53 -54.65 13.91
N THR L 40 4.90 -55.55 14.82
CA THR L 40 6.30 -55.86 15.12
C THR L 40 6.45 -57.36 15.20
N PHE L 41 7.47 -57.90 14.53
CA PHE L 41 7.84 -59.30 14.60
C PHE L 41 9.14 -59.44 15.36
N ILE L 42 9.14 -60.31 16.36
CA ILE L 42 10.37 -60.81 16.97
C ILE L 42 10.57 -62.22 16.44
N HIS L 43 11.63 -62.44 15.66
CA HIS L 43 11.88 -63.74 15.03
C HIS L 43 13.29 -64.15 15.37
N VAL L 44 13.47 -65.13 16.23
CA VAL L 44 14.80 -65.61 16.56
C VAL L 44 15.07 -66.89 15.78
N THR L 45 16.23 -66.94 15.15
CA THR L 45 16.62 -68.04 14.28
C THR L 45 18.07 -68.39 14.55
N ASP L 46 18.54 -69.49 13.96
CA ASP L 46 19.90 -69.95 14.18
C ASP L 46 20.87 -69.03 13.44
N LEU L 47 22.15 -69.36 13.52
CA LEU L 47 23.19 -68.51 12.94
C LEU L 47 23.19 -68.55 11.41
N SER L 48 22.28 -69.29 10.81
CA SER L 48 22.16 -69.34 9.36
C SER L 48 20.81 -68.86 8.86
N GLY L 49 19.91 -68.49 9.76
CA GLY L 49 18.60 -68.06 9.34
C GLY L 49 17.70 -69.19 8.89
N ARG L 50 18.11 -70.44 9.10
CA ARG L 50 17.47 -71.58 8.47
C ARG L 50 16.58 -72.37 9.43
N GLU L 51 16.59 -72.04 10.72
CA GLU L 51 15.69 -72.68 11.68
C GLU L 51 15.06 -71.64 12.58
N THR L 52 13.74 -71.70 12.69
CA THR L 52 12.98 -70.83 13.58
C THR L 52 13.00 -71.39 14.99
N LEU L 53 13.61 -70.66 15.93
CA LEU L 53 13.52 -71.06 17.32
C LEU L 53 12.16 -70.68 17.90
N VAL L 54 11.85 -69.38 17.88
CA VAL L 54 10.53 -68.90 18.28
C VAL L 54 10.26 -67.60 17.54
N ARG L 55 9.02 -67.46 17.05
CA ARG L 55 8.58 -66.29 16.30
C ARG L 55 7.30 -65.77 16.95
N ILE L 56 7.39 -64.64 17.64
CA ILE L 56 6.22 -64.03 18.26
C ILE L 56 6.07 -62.63 17.69
N THR L 57 4.86 -62.27 17.30
CA THR L 57 4.60 -60.95 16.74
C THR L 57 3.71 -60.13 17.67
N GLY L 58 3.66 -58.83 17.40
CA GLY L 58 2.89 -57.94 18.26
C GLY L 58 1.42 -58.29 18.31
N GLY L 59 0.86 -58.72 17.18
CA GLY L 59 -0.55 -59.01 17.12
C GLY L 59 -0.99 -60.21 17.91
N MET L 60 -0.06 -60.97 18.49
CA MET L 60 -0.42 -62.07 19.37
C MET L 60 -0.74 -61.60 20.77
N LYS L 61 -0.20 -60.47 21.20
CA LYS L 61 -0.30 -60.03 22.59
C LYS L 61 -1.39 -58.99 22.81
N VAL L 62 -2.17 -58.66 21.78
CA VAL L 62 -3.27 -57.72 21.89
C VAL L 62 -4.48 -58.27 21.15
N LYS L 63 -5.61 -57.58 21.31
CA LYS L 63 -6.85 -57.95 20.62
C LYS L 63 -7.29 -56.95 19.56
N ALA L 64 -6.97 -55.66 19.71
CA ALA L 64 -7.43 -54.65 18.76
C ALA L 64 -6.36 -54.39 17.69
N ASP L 65 -6.82 -54.19 16.45
CA ASP L 65 -5.90 -54.03 15.33
C ASP L 65 -5.12 -52.74 15.41
N ARG L 66 -5.74 -51.69 15.98
CA ARG L 66 -5.12 -50.38 16.03
C ARG L 66 -3.79 -50.38 16.78
N ASP L 67 -3.64 -51.27 17.77
CA ASP L 67 -2.56 -51.20 18.72
C ASP L 67 -1.60 -52.39 18.64
N GLU L 68 -1.59 -53.11 17.52
CA GLU L 68 -0.62 -54.19 17.35
C GLU L 68 0.81 -53.66 17.38
N SER L 69 1.03 -52.48 16.81
CA SER L 69 2.36 -51.91 16.70
C SER L 69 2.83 -51.23 17.98
N SER L 70 1.98 -51.13 18.98
CA SER L 70 2.29 -50.34 20.17
C SER L 70 3.54 -50.90 20.86
N PRO L 71 4.36 -50.03 21.46
CA PRO L 71 5.51 -50.52 22.23
C PRO L 71 5.14 -51.50 23.33
N TYR L 72 3.88 -51.49 23.76
CA TYR L 72 3.45 -52.43 24.78
C TYR L 72 3.39 -53.84 24.22
N ALA L 73 2.81 -54.00 23.03
CA ALA L 73 2.82 -55.30 22.38
C ALA L 73 4.23 -55.73 22.04
N ALA L 74 5.08 -54.78 21.65
CA ALA L 74 6.46 -55.10 21.33
C ALA L 74 7.16 -55.66 22.56
N MET L 75 6.94 -55.06 23.73
CA MET L 75 7.61 -55.54 24.91
C MET L 75 7.04 -56.86 25.41
N LEU L 76 5.72 -57.07 25.30
CA LEU L 76 5.17 -58.37 25.71
C LEU L 76 5.71 -59.50 24.84
N ALA L 77 5.73 -59.29 23.52
CA ALA L 77 6.31 -60.27 22.62
C ALA L 77 7.78 -60.50 22.95
N SER L 78 8.49 -59.44 23.30
CA SER L 78 9.90 -59.58 23.67
C SER L 78 10.09 -60.45 24.90
N GLN L 79 9.29 -60.22 25.95
CA GLN L 79 9.44 -61.06 27.13
C GLN L 79 9.12 -62.51 26.81
N ASP L 80 8.09 -62.74 26.00
CA ASP L 80 7.72 -64.12 25.66
C ASP L 80 8.85 -64.83 24.91
N VAL L 81 9.46 -64.16 23.93
CA VAL L 81 10.55 -64.83 23.22
C VAL L 81 11.73 -65.01 24.15
N ALA L 82 11.92 -64.11 25.10
CA ALA L 82 12.99 -64.29 26.08
C ALA L 82 12.80 -65.59 26.84
N THR L 83 11.60 -65.83 27.34
CA THR L 83 11.36 -67.08 28.06
C THR L 83 11.57 -68.28 27.15
N ARG L 84 11.01 -68.22 25.93
CA ARG L 84 11.20 -69.35 25.03
C ARG L 84 12.66 -69.57 24.64
N CYS L 85 13.50 -68.55 24.74
CA CYS L 85 14.88 -68.73 24.34
C CYS L 85 15.75 -69.23 25.48
N LYS L 86 15.56 -68.71 26.70
CA LYS L 86 16.47 -69.17 27.74
C LYS L 86 16.22 -70.62 28.12
N GLU L 87 15.12 -71.22 27.65
CA GLU L 87 14.87 -72.64 27.78
C GLU L 87 15.47 -73.44 26.64
N LEU L 88 16.22 -72.79 25.74
CA LEU L 88 16.87 -73.45 24.61
C LEU L 88 18.38 -73.28 24.63
N GLY L 89 18.95 -72.74 25.71
CA GLY L 89 20.38 -72.71 25.87
C GLY L 89 21.06 -71.49 25.27
N ILE L 90 20.36 -70.70 24.47
CA ILE L 90 20.94 -69.48 23.93
C ILE L 90 20.89 -68.39 24.98
N THR L 91 22.02 -67.76 25.23
CA THR L 91 22.12 -66.67 26.20
C THR L 91 22.21 -65.30 25.54
N ALA L 92 22.82 -65.19 24.37
CA ALA L 92 23.12 -63.91 23.76
C ALA L 92 22.58 -63.89 22.34
N LEU L 93 21.97 -62.77 21.97
CA LEU L 93 21.30 -62.63 20.69
C LEU L 93 21.95 -61.58 19.83
N HIS L 94 22.05 -61.88 18.54
CA HIS L 94 22.53 -60.94 17.53
C HIS L 94 21.33 -60.28 16.90
N ILE L 95 21.35 -58.95 16.81
CA ILE L 95 20.14 -58.23 16.42
C ILE L 95 20.27 -57.65 15.04
N LYS L 96 19.25 -57.90 14.23
CA LYS L 96 19.13 -57.39 12.87
C LYS L 96 17.81 -56.64 12.79
N LEU L 97 17.87 -55.31 12.92
CA LEU L 97 16.69 -54.46 12.86
C LEU L 97 16.26 -54.25 11.41
N ARG L 98 14.96 -54.02 11.22
CA ARG L 98 14.46 -53.81 9.86
C ARG L 98 13.18 -52.98 9.89
N ALA L 99 13.10 -52.02 8.98
CA ALA L 99 11.85 -51.39 8.62
C ALA L 99 11.22 -52.13 7.44
N THR L 100 10.12 -51.61 6.91
CA THR L 100 9.50 -52.24 5.75
C THR L 100 10.44 -52.16 4.54
N GLY L 101 11.04 -51.00 4.31
CA GLY L 101 11.99 -50.85 3.23
C GLY L 101 11.34 -50.91 1.86
N GLY L 102 12.11 -51.39 0.88
CA GLY L 102 11.63 -51.43 -0.48
C GLY L 102 11.37 -50.02 -0.99
N ASN L 103 10.25 -49.85 -1.69
CA ASN L 103 9.84 -48.52 -2.13
C ASN L 103 8.95 -47.85 -1.09
N LYS L 104 9.32 -47.94 0.19
CA LYS L 104 8.51 -47.41 1.28
C LYS L 104 9.42 -46.92 2.39
N THR L 105 8.84 -46.71 3.56
CA THR L 105 9.53 -46.03 4.65
C THR L 105 10.76 -46.81 5.07
N LYS L 106 11.83 -46.06 5.34
CA LYS L 106 13.09 -46.66 5.78
C LYS L 106 13.24 -46.64 7.28
N THR L 107 12.29 -46.07 8.01
CA THR L 107 12.52 -45.94 9.44
C THR L 107 11.70 -46.95 10.22
N PRO L 108 12.30 -47.54 11.24
CA PRO L 108 11.61 -48.55 12.04
C PRO L 108 10.38 -47.98 12.72
N GLY L 109 9.41 -48.84 12.97
CA GLY L 109 8.16 -48.44 13.57
C GLY L 109 8.29 -48.17 15.05
N PRO L 110 7.14 -48.06 15.73
CA PRO L 110 7.17 -47.74 17.17
C PRO L 110 7.61 -48.89 18.05
N GLY L 111 7.66 -50.11 17.55
CA GLY L 111 7.97 -51.24 18.39
C GLY L 111 9.42 -51.68 18.37
N ALA L 112 10.20 -51.13 17.45
CA ALA L 112 11.60 -51.57 17.31
C ALA L 112 12.37 -51.31 18.58
N GLN L 113 12.24 -50.09 19.12
CA GLN L 113 13.01 -49.71 20.30
C GLN L 113 12.59 -50.52 21.52
N SER L 114 11.28 -50.73 21.70
CA SER L 114 10.81 -51.45 22.88
C SER L 114 11.29 -52.89 22.87
N ALA L 115 11.39 -53.51 21.70
CA ALA L 115 11.83 -54.89 21.59
C ALA L 115 13.27 -55.03 22.07
N LEU L 116 14.18 -54.16 21.61
CA LEU L 116 15.54 -54.18 22.13
C LEU L 116 15.56 -53.89 23.62
N ARG L 117 14.80 -52.88 24.06
CA ARG L 117 14.86 -52.52 25.46
C ARG L 117 14.46 -53.69 26.35
N ALA L 118 13.44 -54.44 25.93
CA ALA L 118 12.96 -55.51 26.78
C ALA L 118 13.80 -56.77 26.64
N LEU L 119 14.30 -57.09 25.44
CA LEU L 119 15.25 -58.20 25.35
C LEU L 119 16.55 -57.93 26.07
N ALA L 120 16.87 -56.66 26.32
CA ALA L 120 18.07 -56.37 27.10
C ALA L 120 17.79 -56.36 28.58
N ARG L 121 16.68 -55.76 29.01
CA ARG L 121 16.38 -55.72 30.43
C ARG L 121 15.81 -57.03 30.95
N SER L 122 15.28 -57.89 30.06
CA SER L 122 14.72 -59.17 30.50
C SER L 122 15.79 -60.10 31.02
N GLY L 123 17.02 -59.93 30.59
CA GLY L 123 18.11 -60.80 30.94
C GLY L 123 18.41 -61.74 29.79
N MET L 124 19.35 -61.29 28.96
CA MET L 124 19.92 -61.90 27.77
C MET L 124 21.04 -60.94 27.41
N LYS L 125 22.01 -61.44 26.64
CA LYS L 125 23.07 -60.55 26.19
C LYS L 125 22.83 -60.22 24.72
N ILE L 126 23.25 -59.04 24.32
CA ILE L 126 23.17 -58.63 22.93
C ILE L 126 24.56 -58.67 22.32
N GLY L 127 24.71 -59.44 21.25
CA GLY L 127 26.02 -59.61 20.66
C GLY L 127 26.40 -58.46 19.77
N ARG L 128 25.57 -58.17 18.77
CA ARG L 128 25.87 -57.13 17.80
C ARG L 128 24.58 -56.61 17.20
N ILE L 129 24.56 -55.30 16.96
CA ILE L 129 23.39 -54.57 16.49
C ILE L 129 23.67 -54.14 15.06
N GLU L 130 22.72 -54.35 14.15
CA GLU L 130 22.86 -53.68 12.85
C GLU L 130 21.55 -53.71 12.08
N ASP L 131 21.50 -52.91 11.02
CA ASP L 131 20.27 -52.58 10.30
C ASP L 131 20.21 -53.29 8.95
N VAL L 132 19.07 -53.92 8.66
CA VAL L 132 18.93 -54.70 7.43
C VAL L 132 17.79 -54.18 6.56
N THR L 133 17.31 -52.96 6.81
CA THR L 133 16.20 -52.43 6.03
C THR L 133 16.55 -52.43 4.55
N PRO L 134 15.75 -53.06 3.69
CA PRO L 134 16.07 -53.11 2.25
C PRO L 134 16.02 -51.73 1.64
N VAL L 135 17.14 -51.26 1.11
CA VAL L 135 17.22 -49.96 0.46
C VAL L 135 17.56 -50.16 -1.00
N PRO L 136 16.67 -49.84 -1.93
CA PRO L 136 16.98 -50.02 -3.34
C PRO L 136 18.07 -49.07 -3.78
N THR L 137 18.90 -49.53 -4.72
CA THR L 137 19.76 -48.61 -5.45
C THR L 137 18.99 -47.87 -6.52
N ASP L 138 17.84 -48.40 -6.91
CA ASP L 138 16.64 -47.63 -7.21
C ASP L 138 15.50 -48.57 -7.51
N SER L 139 14.29 -48.12 -7.21
CA SER L 139 13.17 -49.02 -7.01
C SER L 139 12.18 -48.93 -8.17
N THR L 140 11.12 -49.70 -8.05
CA THR L 140 9.94 -49.57 -8.87
C THR L 140 9.06 -48.46 -8.32
N ARG L 141 8.02 -48.11 -9.06
CA ARG L 141 7.13 -47.04 -8.63
C ARG L 141 6.34 -47.44 -7.39
N ARG L 142 6.06 -46.46 -6.55
CA ARG L 142 5.43 -46.64 -5.26
C ARG L 142 3.94 -46.35 -5.36
N LYS L 143 3.17 -46.98 -4.48
CA LYS L 143 1.72 -46.87 -4.50
C LYS L 143 1.28 -45.45 -4.20
N GLY L 144 0.18 -45.04 -4.83
CA GLY L 144 -0.49 -43.82 -4.44
C GLY L 144 -0.86 -42.89 -5.58
N GLY L 145 0.03 -42.73 -6.55
CA GLY L 145 -0.19 -41.79 -7.62
C GLY L 145 0.63 -40.51 -7.43
N ARG L 146 0.55 -39.66 -8.45
CA ARG L 146 1.45 -38.50 -8.52
C ARG L 146 1.16 -37.52 -7.40
N ARG L 147 -0.09 -37.36 -7.02
CA ARG L 147 -0.48 -36.40 -6.01
C ARG L 147 -0.39 -36.96 -4.60
N GLY L 148 -0.07 -38.24 -4.47
CA GLY L 148 0.16 -38.84 -3.17
C GLY L 148 -1.10 -39.17 -2.43
N ARG L 149 -0.93 -39.86 -1.31
CA ARG L 149 -2.04 -40.10 -0.39
C ARG L 149 -2.46 -38.79 0.25
N ARG L 150 -3.63 -38.28 -0.14
CA ARG L 150 -4.10 -36.99 0.34
C ARG L 150 -5.34 -37.18 1.21
N LEU L 151 -5.21 -36.82 2.47
CA LEU L 151 -6.30 -36.93 3.42
C LEU L 151 -6.34 -35.69 4.32
N ALA M 5 -46.21 -62.24 71.75
CA ALA M 5 -47.31 -63.20 71.87
C ALA M 5 -48.63 -62.49 72.06
N GLY M 6 -49.41 -62.46 70.99
CA GLY M 6 -50.71 -61.82 71.01
C GLY M 6 -51.83 -62.81 70.73
N GLU M 7 -51.81 -63.99 71.35
CA GLU M 7 -52.33 -65.23 70.77
C GLU M 7 -53.56 -65.07 69.87
N GLU M 8 -54.48 -64.17 70.21
CA GLU M 8 -55.59 -63.84 69.31
C GLU M 8 -55.28 -62.64 68.43
N PHE M 9 -54.01 -62.44 68.08
CA PHE M 9 -53.54 -61.23 67.42
C PHE M 9 -54.12 -61.13 66.01
N GLN M 10 -54.91 -60.10 65.78
CA GLN M 10 -55.58 -59.90 64.50
C GLN M 10 -54.70 -59.06 63.59
N HIS M 11 -54.70 -59.41 62.30
CA HIS M 11 -54.04 -58.59 61.29
C HIS M 11 -55.01 -57.79 60.45
N ILE M 12 -56.30 -58.11 60.47
CA ILE M 12 -57.34 -57.33 59.81
C ILE M 12 -58.45 -57.07 60.83
N LEU M 13 -59.06 -55.89 60.74
CA LEU M 13 -59.97 -55.43 61.77
C LEU M 13 -61.32 -54.93 61.27
N ARG M 14 -61.45 -54.60 59.99
CA ARG M 14 -62.75 -54.36 59.38
C ARG M 14 -63.58 -53.31 60.11
N VAL M 15 -62.93 -52.51 60.94
CA VAL M 15 -63.63 -51.46 61.67
C VAL M 15 -64.21 -50.48 60.67
N LEU M 16 -65.53 -50.33 60.70
CA LEU M 16 -66.22 -49.28 59.95
C LEU M 16 -65.99 -49.37 58.45
N ASN M 17 -65.87 -50.61 57.94
CA ASN M 17 -65.73 -50.86 56.50
C ASN M 17 -64.43 -50.28 55.95
N THR M 18 -63.34 -50.36 56.72
CA THR M 18 -62.09 -49.77 56.30
C THR M 18 -60.89 -50.72 56.30
N ASN M 19 -61.05 -51.96 56.77
CA ASN M 19 -60.00 -52.97 56.74
C ASN M 19 -58.73 -52.46 57.43
N VAL M 20 -58.87 -52.24 58.74
CA VAL M 20 -57.77 -51.71 59.53
C VAL M 20 -56.67 -52.75 59.66
N ASP M 21 -55.42 -52.30 59.55
CA ASP M 21 -54.30 -53.19 59.79
C ASP M 21 -54.19 -53.58 61.26
N GLY M 22 -53.89 -54.84 61.50
CA GLY M 22 -53.63 -55.36 62.82
C GLY M 22 -52.17 -55.38 63.16
N LYS M 23 -51.37 -54.77 62.30
CA LYS M 23 -49.93 -54.97 62.31
C LYS M 23 -49.24 -53.69 62.78
N GLN M 24 -50.00 -52.63 63.02
CA GLN M 24 -49.55 -51.27 63.28
C GLN M 24 -50.00 -50.81 64.66
N LYS M 25 -49.48 -49.66 65.08
CA LYS M 25 -49.93 -49.04 66.32
C LYS M 25 -51.29 -48.41 66.13
N ILE M 26 -52.02 -48.29 67.24
CA ILE M 26 -53.44 -47.95 67.17
C ILE M 26 -53.64 -46.60 66.53
N MET M 27 -52.93 -45.59 67.01
CA MET M 27 -53.22 -44.21 66.61
C MET M 27 -52.91 -43.96 65.15
N PHE M 28 -52.16 -44.86 64.50
CA PHE M 28 -51.94 -44.84 63.07
C PHE M 28 -52.63 -45.95 62.33
N ALA M 29 -53.21 -46.91 63.04
CA ALA M 29 -54.06 -47.90 62.37
C ALA M 29 -55.45 -47.33 62.14
N LEU M 30 -55.98 -46.62 63.12
CA LEU M 30 -57.32 -46.06 63.01
C LEU M 30 -57.39 -44.89 62.05
N THR M 31 -56.25 -44.38 61.57
CA THR M 31 -56.26 -43.33 60.56
C THR M 31 -56.66 -43.85 59.19
N SER M 32 -56.66 -45.17 59.01
CA SER M 32 -57.09 -45.79 57.76
C SER M 32 -58.55 -45.50 57.45
N ILE M 33 -59.33 -45.10 58.43
CA ILE M 33 -60.74 -44.76 58.20
C ILE M 33 -60.82 -43.37 57.58
N LYS M 34 -61.61 -43.26 56.52
CA LYS M 34 -61.73 -42.01 55.78
C LYS M 34 -62.53 -40.99 56.56
N GLY M 35 -61.85 -40.12 57.31
CA GLY M 35 -62.53 -39.12 58.09
C GLY M 35 -61.84 -38.91 59.42
N VAL M 36 -60.85 -39.74 59.70
CA VAL M 36 -60.05 -39.67 60.92
C VAL M 36 -58.60 -39.49 60.52
N GLY M 37 -58.03 -38.35 60.86
CA GLY M 37 -56.61 -38.10 60.66
C GLY M 37 -55.82 -38.59 61.84
N ARG M 38 -54.57 -38.11 61.92
CA ARG M 38 -53.77 -38.43 63.09
C ARG M 38 -54.26 -37.69 64.32
N ARG M 39 -54.76 -36.48 64.14
CA ARG M 39 -55.20 -35.67 65.28
C ARG M 39 -56.47 -36.24 65.91
N PHE M 40 -57.46 -36.56 65.08
CA PHE M 40 -58.68 -37.16 65.59
C PHE M 40 -58.44 -38.57 66.12
N SER M 41 -57.56 -39.33 65.47
CA SER M 41 -57.24 -40.64 66.01
C SER M 41 -56.55 -40.52 67.37
N ASN M 42 -55.74 -39.48 67.55
CA ASN M 42 -55.15 -39.24 68.86
C ASN M 42 -56.22 -38.93 69.90
N ILE M 43 -57.18 -38.07 69.55
CA ILE M 43 -58.23 -37.73 70.51
C ILE M 43 -59.05 -38.96 70.86
N VAL M 44 -59.33 -39.83 69.90
CA VAL M 44 -60.04 -41.07 70.17
C VAL M 44 -59.23 -41.97 71.10
N CYS M 45 -57.94 -42.10 70.82
CA CYS M 45 -57.10 -42.93 71.66
C CYS M 45 -56.99 -42.38 73.08
N LYS M 46 -57.23 -41.08 73.26
CA LYS M 46 -57.16 -40.52 74.60
C LYS M 46 -58.48 -40.70 75.36
N LYS M 47 -59.60 -40.32 74.73
CA LYS M 47 -60.85 -40.29 75.48
C LYS M 47 -61.40 -41.69 75.74
N ALA M 48 -61.10 -42.65 74.87
CA ALA M 48 -61.43 -44.03 75.18
C ALA M 48 -60.46 -44.63 76.19
N ASP M 49 -59.41 -43.91 76.55
CA ASP M 49 -58.44 -44.34 77.58
C ASP M 49 -57.77 -45.65 77.17
N ILE M 50 -57.01 -45.57 76.09
CA ILE M 50 -56.28 -46.70 75.53
C ILE M 50 -54.79 -46.43 75.66
N ASP M 51 -54.05 -47.42 76.13
CA ASP M 51 -52.60 -47.37 76.06
C ASP M 51 -52.19 -47.18 74.61
N MET M 52 -51.60 -46.03 74.29
CA MET M 52 -51.21 -45.80 72.91
C MET M 52 -50.01 -46.61 72.49
N ASN M 53 -49.16 -47.03 73.43
CA ASN M 53 -48.05 -47.90 73.08
C ASN M 53 -48.58 -49.33 72.96
N LYS M 54 -49.67 -49.49 72.22
CA LYS M 54 -50.28 -50.77 71.95
C LYS M 54 -50.50 -50.91 70.46
N ARG M 55 -50.06 -52.01 69.90
CA ARG M 55 -50.36 -52.30 68.51
C ARG M 55 -51.86 -52.51 68.38
N ALA M 56 -52.47 -51.93 67.36
CA ALA M 56 -53.85 -52.29 67.05
C ALA M 56 -53.84 -53.73 66.55
N GLY M 57 -54.41 -54.65 67.33
CA GLY M 57 -54.33 -56.06 67.02
C GLY M 57 -54.00 -56.85 68.26
N GLU M 58 -53.29 -56.21 69.18
CA GLU M 58 -53.13 -56.69 70.54
C GLU M 58 -54.31 -56.26 71.40
N LEU M 59 -55.20 -55.46 70.83
CA LEU M 59 -56.32 -54.85 71.54
C LEU M 59 -57.26 -55.90 72.11
N SER M 60 -58.13 -55.43 73.01
CA SER M 60 -59.34 -56.14 73.37
C SER M 60 -60.53 -55.47 72.68
N ALA M 61 -61.55 -56.27 72.38
CA ALA M 61 -62.69 -55.77 71.62
C ALA M 61 -63.54 -54.80 72.43
N GLU M 62 -63.61 -54.98 73.75
CA GLU M 62 -64.40 -54.05 74.55
C GLU M 62 -63.83 -52.65 74.47
N GLU M 63 -62.51 -52.54 74.34
CA GLU M 63 -61.87 -51.27 73.99
C GLU M 63 -62.40 -50.76 72.65
N MET M 64 -62.46 -51.66 71.66
CA MET M 64 -62.87 -51.29 70.32
C MET M 64 -64.26 -50.67 70.31
N ASP M 65 -65.17 -51.28 71.06
CA ASP M 65 -66.53 -50.75 71.14
C ASP M 65 -66.52 -49.32 71.66
N ARG M 66 -65.62 -49.02 72.61
CA ARG M 66 -65.48 -47.64 73.07
C ARG M 66 -64.89 -46.73 72.00
N LEU M 67 -63.96 -47.26 71.19
CA LEU M 67 -63.44 -46.46 70.08
C LEU M 67 -64.58 -46.00 69.19
N MET M 68 -65.42 -46.94 68.76
CA MET M 68 -66.57 -46.55 67.95
C MET M 68 -67.54 -45.66 68.71
N ALA M 69 -67.62 -45.83 70.04
CA ALA M 69 -68.50 -44.96 70.81
C ALA M 69 -68.04 -43.52 70.74
N VAL M 70 -66.73 -43.28 70.83
CA VAL M 70 -66.24 -41.90 70.79
C VAL M 70 -66.31 -41.35 69.36
N VAL M 71 -66.03 -42.19 68.35
CA VAL M 71 -66.06 -41.65 66.98
C VAL M 71 -67.47 -41.35 66.50
N HIS M 72 -68.47 -42.15 66.89
CA HIS M 72 -69.82 -41.87 66.42
C HIS M 72 -70.53 -40.81 67.24
N ASN M 73 -70.02 -40.48 68.42
CA ASN M 73 -70.58 -39.42 69.27
C ASN M 73 -69.46 -38.51 69.72
N PRO M 74 -68.92 -37.71 68.80
CA PRO M 74 -67.79 -36.84 69.17
C PRO M 74 -68.25 -35.69 70.05
N ARG M 75 -69.50 -35.26 69.87
CA ARG M 75 -70.04 -34.19 70.69
C ARG M 75 -70.25 -34.63 72.14
N GLN M 76 -70.41 -35.94 72.35
CA GLN M 76 -70.84 -36.48 73.63
C GLN M 76 -69.70 -36.67 74.63
N PHE M 77 -68.51 -37.02 74.16
CA PHE M 77 -67.35 -37.17 75.03
C PHE M 77 -66.59 -35.86 75.22
N LYS M 78 -67.27 -34.73 75.05
CA LYS M 78 -66.72 -33.40 75.30
C LYS M 78 -65.64 -33.02 74.30
N VAL M 79 -65.56 -33.72 73.17
CA VAL M 79 -64.66 -33.27 72.11
C VAL M 79 -65.17 -31.93 71.59
N PRO M 80 -64.34 -30.90 71.54
CA PRO M 80 -64.85 -29.53 71.37
C PRO M 80 -65.43 -29.30 69.99
N ASP M 81 -66.07 -28.14 69.87
CA ASP M 81 -66.79 -27.82 68.64
C ASP M 81 -65.84 -27.68 67.46
N TRP M 82 -64.71 -27.00 67.67
CA TRP M 82 -63.81 -26.69 66.57
C TRP M 82 -63.11 -27.92 66.02
N PHE M 83 -63.15 -29.03 66.74
CA PHE M 83 -62.40 -30.21 66.32
C PHE M 83 -63.01 -30.95 65.15
N LEU M 84 -64.29 -30.75 64.87
CA LEU M 84 -65.02 -31.64 63.96
C LEU M 84 -64.98 -31.10 62.55
N ASN M 85 -65.19 -32.00 61.58
CA ASN M 85 -65.03 -31.67 60.17
C ASN M 85 -66.35 -31.35 59.49
N ARG M 86 -67.43 -31.18 60.25
CA ARG M 86 -68.72 -30.79 59.69
C ARG M 86 -69.31 -29.65 60.52
N LYS M 87 -68.51 -28.63 60.77
CA LYS M 87 -68.95 -27.49 61.59
C LYS M 87 -70.12 -26.78 60.92
N LYS M 88 -71.22 -26.63 61.66
CA LYS M 88 -72.35 -25.80 61.25
C LYS M 88 -72.87 -26.21 59.88
N ASP M 89 -73.34 -27.46 59.81
CA ASP M 89 -73.82 -28.03 58.56
C ASP M 89 -74.84 -27.14 57.88
N TYR M 90 -74.94 -27.24 56.56
CA TYR M 90 -75.88 -26.43 55.80
C TYR M 90 -77.15 -27.19 55.48
N LYS M 91 -77.04 -28.52 55.37
CA LYS M 91 -78.22 -29.35 55.14
C LYS M 91 -79.07 -29.44 56.40
N ASP M 92 -78.43 -29.55 57.57
CA ASP M 92 -79.14 -29.59 58.85
C ASP M 92 -78.76 -28.43 59.75
N GLY M 93 -77.49 -28.28 60.09
CA GLY M 93 -77.07 -27.27 61.06
C GLY M 93 -76.29 -27.81 62.24
N ARG M 94 -75.91 -29.09 62.18
CA ARG M 94 -75.25 -29.76 63.29
C ARG M 94 -73.73 -29.79 63.11
N PHE M 95 -73.05 -30.06 64.21
CA PHE M 95 -71.60 -30.14 64.27
C PHE M 95 -71.25 -31.62 64.34
N SER M 96 -70.94 -32.22 63.19
CA SER M 96 -70.79 -33.66 63.11
C SER M 96 -69.36 -34.03 62.74
N GLN M 97 -69.08 -35.33 62.85
CA GLN M 97 -67.81 -35.93 62.43
C GLN M 97 -68.14 -36.98 61.38
N VAL M 98 -68.20 -36.55 60.13
CA VAL M 98 -68.47 -37.47 59.03
C VAL M 98 -67.36 -38.53 58.98
N VAL M 99 -67.75 -39.76 58.66
CA VAL M 99 -66.84 -40.90 58.73
C VAL M 99 -66.87 -41.59 57.37
N SER M 100 -66.26 -42.77 57.27
CA SER M 100 -65.64 -43.31 56.06
C SER M 100 -66.41 -43.04 54.77
N ASN M 101 -67.61 -43.60 54.63
CA ASN M 101 -68.29 -43.50 53.35
C ASN M 101 -69.16 -42.25 53.24
N ALA M 102 -69.59 -41.71 54.37
CA ALA M 102 -70.34 -40.48 54.33
C ALA M 102 -69.47 -39.29 53.93
N VAL M 103 -68.15 -39.38 54.04
CA VAL M 103 -67.29 -38.29 53.54
C VAL M 103 -67.50 -38.10 52.05
N ASP M 104 -67.38 -39.19 51.28
CA ASP M 104 -67.64 -39.12 49.85
C ASP M 104 -69.09 -38.78 49.57
N MET M 105 -70.02 -39.37 50.34
CA MET M 105 -71.44 -39.10 50.11
C MET M 105 -71.74 -37.61 50.25
N LYS M 106 -71.36 -37.01 51.38
CA LYS M 106 -71.60 -35.59 51.59
C LYS M 106 -70.88 -34.76 50.54
N LEU M 107 -69.62 -35.08 50.24
CA LEU M 107 -68.86 -34.30 49.26
C LEU M 107 -69.59 -34.24 47.93
N ARG M 108 -70.12 -35.38 47.48
CA ARG M 108 -70.80 -35.31 46.19
C ARG M 108 -72.14 -34.61 46.31
N ASP M 109 -72.79 -34.65 47.49
CA ASP M 109 -73.97 -33.81 47.67
C ASP M 109 -73.63 -32.32 47.62
N ASP M 110 -72.48 -31.89 48.15
CA ASP M 110 -72.12 -30.49 48.00
C ASP M 110 -71.90 -30.12 46.54
N LEU M 111 -71.04 -30.87 45.85
CA LEU M 111 -70.79 -30.50 44.47
C LEU M 111 -72.05 -30.61 43.61
N GLU M 112 -72.98 -31.49 43.97
CA GLU M 112 -74.24 -31.55 43.27
C GLU M 112 -75.07 -30.29 43.53
N ARG M 113 -75.08 -29.82 44.79
CA ARG M 113 -75.73 -28.56 45.10
C ARG M 113 -75.19 -27.43 44.24
N LEU M 114 -73.87 -27.27 44.23
CA LEU M 114 -73.28 -26.20 43.43
C LEU M 114 -73.54 -26.39 41.95
N LYS M 115 -73.65 -27.63 41.48
CA LYS M 115 -73.98 -27.84 40.07
C LYS M 115 -75.38 -27.35 39.77
N LYS M 116 -76.37 -27.74 40.57
CA LYS M 116 -77.74 -27.29 40.33
C LYS M 116 -77.89 -25.79 40.52
N ILE M 117 -77.04 -25.19 41.35
CA ILE M 117 -77.13 -23.76 41.62
C ILE M 117 -76.83 -22.96 40.36
N ARG M 118 -75.92 -23.46 39.52
CA ARG M 118 -75.12 -22.66 38.57
C ARG M 118 -74.09 -21.81 39.30
N ASN M 119 -73.52 -22.36 40.38
CA ASN M 119 -72.48 -21.64 41.09
C ASN M 119 -71.19 -21.63 40.29
N HIS M 120 -70.37 -20.61 40.52
CA HIS M 120 -69.06 -20.55 39.88
C HIS M 120 -68.24 -21.79 40.21
N ARG M 121 -68.19 -22.17 41.49
CA ARG M 121 -67.42 -23.32 41.90
C ARG M 121 -68.03 -24.61 41.39
N GLY M 122 -69.35 -24.67 41.27
CA GLY M 122 -69.98 -25.84 40.68
C GLY M 122 -69.56 -26.05 39.24
N LEU M 123 -69.55 -24.96 38.46
CA LEU M 123 -69.13 -25.08 37.07
C LEU M 123 -67.64 -25.37 36.95
N ARG M 124 -66.82 -24.79 37.82
CA ARG M 124 -65.41 -25.15 37.84
C ARG M 124 -65.22 -26.64 38.14
N HIS M 125 -66.00 -27.19 39.07
CA HIS M 125 -65.95 -28.62 39.35
C HIS M 125 -66.37 -29.43 38.13
N TYR M 126 -67.47 -29.02 37.48
CA TYR M 126 -68.02 -29.79 36.38
C TYR M 126 -67.06 -29.78 35.18
N TRP M 127 -66.44 -28.64 34.90
CA TRP M 127 -65.53 -28.52 33.77
C TRP M 127 -64.21 -29.23 33.99
N GLY M 128 -63.90 -29.64 35.22
CA GLY M 128 -62.62 -30.26 35.50
C GLY M 128 -61.49 -29.29 35.71
N VAL M 129 -61.74 -27.98 35.60
CA VAL M 129 -60.74 -26.94 35.82
C VAL M 129 -60.53 -26.76 37.32
N ARG M 130 -59.49 -26.03 37.69
CA ARG M 130 -59.22 -25.77 39.08
C ARG M 130 -60.23 -24.78 39.64
N VAL M 131 -60.54 -24.92 40.92
CA VAL M 131 -61.68 -24.26 41.53
C VAL M 131 -61.28 -23.23 42.58
N ARG M 132 -60.01 -23.15 42.96
CA ARG M 132 -59.60 -22.35 44.11
C ARG M 132 -58.83 -21.09 43.71
N GLY M 133 -58.85 -20.71 42.43
CA GLY M 133 -58.22 -19.49 42.00
C GLY M 133 -56.80 -19.60 41.50
N GLN M 134 -56.23 -20.80 41.45
CA GLN M 134 -54.87 -20.97 40.99
C GLN M 134 -54.75 -20.67 39.50
N HIS M 135 -53.55 -20.31 39.06
CA HIS M 135 -53.29 -20.05 37.66
C HIS M 135 -53.23 -21.35 36.87
N THR M 136 -53.56 -21.28 35.58
CA THR M 136 -53.58 -22.51 34.79
C THR M 136 -53.02 -22.34 33.39
N LYS M 137 -52.14 -21.36 33.15
CA LYS M 137 -51.38 -21.40 31.89
C LYS M 137 -50.54 -22.67 31.80
N THR M 138 -49.90 -23.04 32.90
CA THR M 138 -48.81 -24.00 32.85
C THR M 138 -48.87 -25.01 33.99
N THR M 139 -50.02 -25.20 34.61
CA THR M 139 -50.18 -26.13 35.72
C THR M 139 -51.34 -27.07 35.44
N GLY M 140 -51.13 -28.35 35.70
CA GLY M 140 -52.16 -29.35 35.47
C GLY M 140 -51.69 -30.54 34.65
N GLY N 2 28.39 -12.15 -30.77
CA GLY N 2 28.57 -13.50 -30.29
C GLY N 2 28.68 -14.51 -31.43
N ARG N 3 28.61 -15.78 -31.11
CA ARG N 3 28.72 -16.82 -32.12
C ARG N 3 27.51 -16.80 -33.03
N MET N 4 27.74 -17.14 -34.30
CA MET N 4 26.65 -17.14 -35.27
C MET N 4 25.61 -18.21 -34.95
N HIS N 5 26.03 -19.38 -34.47
CA HIS N 5 25.09 -20.48 -34.30
C HIS N 5 25.13 -21.02 -32.89
N SER N 6 25.32 -20.16 -31.89
CA SER N 6 25.17 -20.54 -30.50
C SER N 6 25.01 -19.27 -29.69
N ARG N 7 24.95 -19.42 -28.37
CA ARG N 7 24.91 -18.28 -27.49
C ARG N 7 26.25 -17.97 -26.85
N GLY N 8 27.31 -18.65 -27.27
CA GLY N 8 28.62 -18.35 -26.74
C GLY N 8 29.05 -16.94 -27.08
N LYS N 9 29.83 -16.34 -26.18
CA LYS N 9 30.25 -14.95 -26.34
C LYS N 9 31.73 -14.78 -26.06
N GLY N 10 32.54 -15.79 -26.31
CA GLY N 10 33.95 -15.69 -26.03
C GLY N 10 34.64 -14.65 -26.90
N ILE N 11 35.72 -14.10 -26.38
CA ILE N 11 36.50 -13.12 -27.12
C ILE N 11 37.95 -13.55 -27.28
N SER N 12 38.22 -14.85 -27.18
CA SER N 12 39.58 -15.34 -27.33
C SER N 12 40.02 -15.24 -28.77
N SER N 13 41.15 -14.58 -29.01
CA SER N 13 41.70 -14.40 -30.35
C SER N 13 43.11 -13.85 -30.23
N SER N 14 43.76 -13.67 -31.37
CA SER N 14 45.12 -13.18 -31.43
C SER N 14 45.15 -11.66 -31.46
N ALA N 15 46.25 -11.10 -30.97
CA ALA N 15 46.44 -9.64 -30.93
C ALA N 15 47.79 -9.32 -31.55
N LEU N 16 47.79 -8.81 -32.78
CA LEU N 16 49.04 -8.44 -33.41
C LEU N 16 49.61 -7.20 -32.73
N PRO N 17 50.93 -7.04 -32.76
CA PRO N 17 51.55 -5.90 -32.08
C PRO N 17 51.30 -4.59 -32.81
N TYR N 18 51.65 -3.49 -32.14
CA TYR N 18 51.70 -2.20 -32.82
C TYR N 18 52.63 -2.25 -34.02
N LYS N 19 53.82 -2.82 -33.83
CA LYS N 19 54.93 -2.63 -34.75
C LYS N 19 54.66 -3.41 -36.03
N ARG N 20 54.56 -2.69 -37.14
CA ARG N 20 54.31 -3.34 -38.42
C ARG N 20 55.54 -4.04 -38.96
N THR N 21 56.71 -3.43 -38.78
CA THR N 21 57.94 -3.94 -39.35
C THR N 21 58.37 -5.23 -38.67
N PRO N 22 59.16 -6.07 -39.34
CA PRO N 22 59.63 -7.29 -38.71
C PRO N 22 60.57 -6.96 -37.55
N PRO N 23 60.71 -7.87 -36.59
CA PRO N 23 61.55 -7.57 -35.42
C PRO N 23 63.02 -7.39 -35.81
N SER N 24 63.78 -6.86 -34.86
CA SER N 24 65.20 -6.63 -35.10
C SER N 24 65.94 -7.93 -35.36
N TRP N 25 65.58 -9.00 -34.63
CA TRP N 25 66.32 -10.25 -34.68
C TRP N 25 65.94 -11.13 -35.87
N VAL N 26 64.98 -10.75 -36.69
CA VAL N 26 64.58 -11.56 -37.83
C VAL N 26 65.47 -11.17 -39.00
N LYS N 27 66.32 -12.10 -39.44
CA LYS N 27 67.31 -11.82 -40.46
C LYS N 27 67.00 -12.45 -41.81
N THR N 28 65.95 -13.25 -41.91
CA THR N 28 65.71 -14.02 -43.12
C THR N 28 65.17 -13.11 -44.22
N ALA N 29 65.49 -13.44 -45.47
CA ALA N 29 65.19 -12.59 -46.60
C ALA N 29 63.91 -13.05 -47.29
N VAL N 30 63.23 -12.09 -47.93
CA VAL N 30 61.87 -12.32 -48.42
C VAL N 30 61.80 -13.50 -49.37
N ALA N 31 62.89 -13.77 -50.12
CA ALA N 31 62.86 -14.84 -51.11
C ALA N 31 62.88 -16.22 -50.45
N ASP N 32 63.63 -16.37 -49.35
CA ASP N 32 63.65 -17.64 -48.64
C ASP N 32 62.29 -17.96 -48.04
N VAL N 33 61.62 -16.95 -47.47
CA VAL N 33 60.28 -17.15 -46.92
C VAL N 33 59.31 -17.52 -48.03
N ASP N 34 59.42 -16.84 -49.16
CA ASP N 34 58.63 -17.18 -50.33
C ASP N 34 58.83 -18.66 -50.68
N GLU N 35 60.08 -19.11 -50.63
CA GLU N 35 60.41 -20.48 -50.99
C GLU N 35 59.82 -21.48 -50.00
N LEU N 36 59.89 -21.16 -48.70
CA LEU N 36 59.28 -22.03 -47.70
C LEU N 36 57.78 -22.13 -47.90
N ILE N 37 57.13 -21.01 -48.18
CA ILE N 37 55.68 -21.02 -48.36
C ILE N 37 55.30 -21.89 -49.55
N THR N 38 55.97 -21.70 -50.68
CA THR N 38 55.63 -22.52 -51.84
C THR N 38 55.94 -24.00 -51.60
N LYS N 39 57.03 -24.29 -50.88
CA LYS N 39 57.40 -25.68 -50.62
C LYS N 39 56.33 -26.37 -49.77
N ALA N 40 55.87 -25.70 -48.71
CA ALA N 40 54.84 -26.29 -47.88
C ALA N 40 53.52 -26.39 -48.62
N ALA N 41 53.21 -25.38 -49.44
CA ALA N 41 51.97 -25.40 -50.21
C ALA N 41 51.93 -26.60 -51.15
N LYS N 42 52.97 -26.78 -51.98
CA LYS N 42 52.97 -27.89 -52.92
C LYS N 42 52.85 -29.23 -52.23
N LYS N 43 53.25 -29.29 -50.96
CA LYS N 43 53.10 -30.49 -50.15
C LYS N 43 51.66 -30.69 -49.69
N GLY N 44 50.80 -29.68 -49.85
CA GLY N 44 49.41 -29.78 -49.50
C GLY N 44 48.95 -29.01 -48.28
N GLN N 45 49.75 -28.07 -47.77
CA GLN N 45 49.38 -27.30 -46.60
C GLN N 45 48.66 -26.01 -47.01
N MET N 46 47.51 -25.78 -46.38
CA MET N 46 46.74 -24.57 -46.61
C MET N 46 47.34 -23.40 -45.83
N PRO N 47 46.95 -22.16 -46.16
CA PRO N 47 47.64 -21.00 -45.58
C PRO N 47 47.66 -20.97 -44.06
N SER N 48 46.66 -21.53 -43.40
CA SER N 48 46.69 -21.54 -41.93
C SER N 48 47.77 -22.47 -41.40
N GLN N 49 47.87 -23.68 -41.95
CA GLN N 49 48.92 -24.59 -41.52
C GLN N 49 50.29 -24.02 -41.85
N ILE N 50 50.42 -23.38 -43.01
CA ILE N 50 51.69 -22.78 -43.40
C ILE N 50 52.09 -21.70 -42.40
N GLY N 51 51.15 -20.84 -42.03
CA GLY N 51 51.44 -19.83 -41.04
C GLY N 51 51.81 -20.41 -39.69
N VAL N 52 51.16 -21.50 -39.29
CA VAL N 52 51.53 -22.17 -38.04
C VAL N 52 52.95 -22.70 -38.13
N LEU N 53 53.31 -23.30 -39.28
CA LEU N 53 54.66 -23.80 -39.48
C LEU N 53 55.69 -22.68 -39.35
N LEU N 54 55.49 -21.58 -40.09
CA LEU N 54 56.50 -20.53 -40.07
C LEU N 54 56.56 -19.81 -38.73
N ARG N 55 55.46 -19.75 -38.00
CA ARG N 55 55.53 -19.28 -36.62
C ARG N 55 56.36 -20.20 -35.77
N ASP N 56 56.21 -21.51 -35.96
CA ASP N 56 56.72 -22.43 -34.96
C ASP N 56 58.15 -22.87 -35.21
N GLN N 57 58.48 -23.29 -36.43
CA GLN N 57 59.81 -23.80 -36.70
C GLN N 57 60.79 -22.68 -37.04
N HIS N 58 60.46 -21.85 -38.01
CA HIS N 58 61.43 -20.96 -38.63
C HIS N 58 61.42 -19.55 -38.05
N GLY N 59 60.73 -19.34 -36.93
CA GLY N 59 60.80 -18.05 -36.27
C GLY N 59 60.32 -16.89 -37.10
N ILE N 60 59.28 -17.09 -37.90
CA ILE N 60 58.61 -16.00 -38.62
C ILE N 60 57.36 -15.63 -37.83
N PRO N 61 57.30 -14.47 -37.22
CA PRO N 61 56.07 -14.07 -36.52
C PRO N 61 54.89 -14.02 -37.47
N LEU N 62 54.95 -13.13 -38.45
CA LEU N 62 53.90 -12.97 -39.45
C LEU N 62 54.56 -12.70 -40.79
N VAL N 63 54.09 -13.36 -41.84
CA VAL N 63 54.71 -13.17 -43.15
C VAL N 63 54.45 -11.76 -43.65
N LYS N 64 53.24 -11.22 -43.43
CA LYS N 64 52.93 -9.90 -43.95
C LYS N 64 53.83 -8.83 -43.37
N SER N 65 54.40 -9.06 -42.19
CA SER N 65 55.38 -8.12 -41.63
C SER N 65 56.75 -8.33 -42.25
N VAL N 66 57.15 -9.58 -42.45
CA VAL N 66 58.45 -9.87 -43.03
C VAL N 66 58.46 -9.58 -44.53
N THR N 67 57.52 -10.16 -45.28
CA THR N 67 57.56 -10.09 -46.73
C THR N 67 56.69 -8.99 -47.32
N GLY N 68 55.74 -8.47 -46.56
CA GLY N 68 54.88 -7.41 -47.05
C GLY N 68 53.66 -7.88 -47.81
N SER N 69 53.43 -9.18 -47.93
CA SER N 69 52.31 -9.69 -48.69
C SER N 69 51.65 -10.84 -47.94
N LYS N 70 50.32 -10.85 -47.94
CA LYS N 70 49.60 -11.92 -47.25
C LYS N 70 49.89 -13.25 -47.91
N ILE N 71 49.87 -14.30 -47.09
CA ILE N 71 50.33 -15.61 -47.55
C ILE N 71 49.45 -16.13 -48.67
N LEU N 72 48.14 -15.86 -48.60
CA LEU N 72 47.26 -16.23 -49.70
C LEU N 72 47.66 -15.53 -50.99
N ARG N 73 48.04 -14.26 -50.92
CA ARG N 73 48.49 -13.55 -52.11
C ARG N 73 49.76 -14.16 -52.65
N ILE N 74 50.64 -14.63 -51.76
CA ILE N 74 51.85 -15.33 -52.17
C ILE N 74 51.49 -16.60 -52.92
N LEU N 75 50.51 -17.34 -52.41
CA LEU N 75 50.12 -18.59 -53.05
C LEU N 75 49.41 -18.33 -54.38
N LYS N 76 48.69 -17.21 -54.48
CA LYS N 76 48.00 -16.87 -55.71
C LYS N 76 48.98 -16.46 -56.80
N ALA N 77 49.97 -15.63 -56.44
CA ALA N 77 50.93 -15.16 -57.43
C ALA N 77 51.72 -16.31 -58.05
N HIS N 78 51.95 -17.37 -57.29
CA HIS N 78 52.65 -18.54 -57.77
C HIS N 78 51.70 -19.60 -58.29
N GLY N 79 50.42 -19.26 -58.42
CA GLY N 79 49.43 -20.18 -58.93
C GLY N 79 49.25 -21.42 -58.07
N LEU N 80 49.13 -21.25 -56.76
CA LEU N 80 49.04 -22.41 -55.88
C LEU N 80 47.91 -22.33 -54.86
N ALA N 81 47.06 -21.31 -54.94
CA ALA N 81 45.93 -21.24 -54.04
C ALA N 81 44.94 -22.36 -54.38
N PRO N 82 44.28 -22.93 -53.39
CA PRO N 82 43.29 -23.98 -53.66
C PRO N 82 42.09 -23.42 -54.42
N GLU N 83 41.42 -24.32 -55.14
CA GLU N 83 40.27 -23.94 -55.93
C GLU N 83 39.06 -23.62 -55.06
N ILE N 84 38.84 -24.42 -54.02
CA ILE N 84 37.79 -24.17 -53.05
C ILE N 84 38.43 -23.48 -51.84
N PRO N 85 38.04 -22.26 -51.49
CA PRO N 85 38.69 -21.55 -50.38
C PRO N 85 38.77 -22.37 -49.10
N GLU N 86 39.69 -21.99 -48.22
CA GLU N 86 40.06 -22.87 -47.12
C GLU N 86 38.91 -23.11 -46.17
N ASP N 87 38.27 -22.04 -45.70
CA ASP N 87 37.18 -22.20 -44.74
C ASP N 87 36.01 -22.95 -45.34
N LEU N 88 35.70 -22.71 -46.61
CA LEU N 88 34.65 -23.49 -47.26
C LEU N 88 35.07 -24.93 -47.43
N TYR N 89 36.34 -25.17 -47.74
CA TYR N 89 36.84 -26.54 -47.81
C TYR N 89 36.60 -27.28 -46.51
N PHE N 90 36.94 -26.65 -45.38
CA PHE N 90 36.81 -27.33 -44.11
C PHE N 90 35.35 -27.51 -43.71
N LEU N 91 34.49 -26.53 -44.03
CA LEU N 91 33.07 -26.70 -43.77
C LEU N 91 32.50 -27.86 -44.58
N ILE N 92 32.90 -27.97 -45.84
CA ILE N 92 32.44 -29.08 -46.68
C ILE N 92 32.89 -30.41 -46.08
N LYS N 93 34.15 -30.47 -45.65
CA LYS N 93 34.66 -31.71 -45.08
C LYS N 93 33.90 -32.10 -43.82
N LYS N 94 33.62 -31.12 -42.96
CA LYS N 94 32.86 -31.43 -41.74
C LYS N 94 31.44 -31.85 -42.07
N ALA N 95 30.80 -31.21 -43.05
CA ALA N 95 29.46 -31.63 -43.44
C ALA N 95 29.45 -33.06 -43.97
N VAL N 96 30.47 -33.41 -44.74
CA VAL N 96 30.58 -34.77 -45.25
C VAL N 96 30.77 -35.76 -44.10
N ALA N 97 31.63 -35.41 -43.14
CA ALA N 97 31.82 -36.29 -41.99
C ALA N 97 30.52 -36.48 -41.22
N ILE N 98 29.76 -35.40 -41.03
CA ILE N 98 28.53 -35.50 -40.26
C ILE N 98 27.52 -36.35 -40.99
N ARG N 99 27.38 -36.14 -42.31
CA ARG N 99 26.44 -36.93 -43.09
C ARG N 99 26.84 -38.40 -43.09
N LYS N 100 28.13 -38.69 -43.19
CA LYS N 100 28.58 -40.07 -43.17
C LYS N 100 28.23 -40.73 -41.83
N HIS N 101 28.41 -39.98 -40.73
CA HIS N 101 27.99 -40.47 -39.43
C HIS N 101 26.48 -40.67 -39.36
N LEU N 102 25.72 -39.85 -40.08
CA LEU N 102 24.26 -39.83 -39.93
C LEU N 102 23.59 -41.02 -40.59
N GLU N 103 24.12 -41.50 -41.71
CA GLU N 103 23.58 -42.73 -42.29
C GLU N 103 23.81 -43.94 -41.42
N ARG N 104 24.69 -43.88 -40.44
CA ARG N 104 24.87 -44.99 -39.53
C ARG N 104 24.06 -44.84 -38.25
N ASN N 105 23.57 -43.63 -37.97
CA ASN N 105 22.75 -43.38 -36.78
C ASN N 105 21.60 -42.48 -37.22
N ARG N 106 20.49 -43.08 -37.63
CA ARG N 106 19.39 -42.29 -38.14
C ARG N 106 18.51 -41.69 -37.05
N LYS N 107 18.60 -42.18 -35.82
CA LYS N 107 17.84 -41.59 -34.71
C LYS N 107 18.69 -40.66 -33.86
N ASP N 108 19.87 -40.25 -34.34
CA ASP N 108 20.71 -39.30 -33.63
C ASP N 108 20.36 -37.89 -34.09
N LYS N 109 19.33 -37.34 -33.46
CA LYS N 109 18.76 -36.08 -33.92
C LYS N 109 19.63 -34.87 -33.59
N ASP N 110 20.52 -34.98 -32.60
CA ASP N 110 21.45 -33.89 -32.35
C ASP N 110 22.36 -33.68 -33.55
N SER N 111 22.84 -34.77 -34.16
CA SER N 111 23.71 -34.62 -35.32
C SER N 111 22.93 -34.15 -36.53
N LYS N 112 21.64 -34.45 -36.61
CA LYS N 112 20.82 -33.90 -37.68
C LYS N 112 20.69 -32.38 -37.53
N PHE N 113 20.46 -31.91 -36.31
CA PHE N 113 20.45 -30.48 -36.03
C PHE N 113 21.78 -29.83 -36.42
N ARG N 114 22.89 -30.45 -36.02
CA ARG N 114 24.20 -29.90 -36.36
C ARG N 114 24.46 -29.94 -37.86
N LEU N 115 23.98 -30.96 -38.56
CA LEU N 115 24.13 -30.98 -40.02
C LEU N 115 23.42 -29.81 -40.66
N ILE N 116 22.20 -29.52 -40.20
CA ILE N 116 21.49 -28.35 -40.69
C ILE N 116 22.30 -27.09 -40.45
N LEU N 117 22.88 -26.96 -39.25
CA LEU N 117 23.65 -25.76 -38.94
C LEU N 117 24.87 -25.62 -39.86
N VAL N 118 25.57 -26.72 -40.11
CA VAL N 118 26.76 -26.65 -40.95
C VAL N 118 26.41 -26.37 -42.40
N GLU N 119 25.35 -27.00 -42.93
CA GLU N 119 24.95 -26.66 -44.29
C GLU N 119 24.50 -25.21 -44.40
N SER N 120 23.85 -24.68 -43.37
CA SER N 120 23.53 -23.26 -43.34
C SER N 120 24.79 -22.41 -43.44
N ARG N 121 25.82 -22.77 -42.68
CA ARG N 121 27.06 -22.01 -42.75
C ARG N 121 27.71 -22.12 -44.12
N ILE N 122 27.63 -23.30 -44.73
CA ILE N 122 28.19 -23.51 -46.06
C ILE N 122 27.50 -22.64 -47.09
N HIS N 123 26.17 -22.61 -47.04
CA HIS N 123 25.41 -21.79 -47.99
C HIS N 123 25.72 -20.31 -47.81
N ARG N 124 25.88 -19.86 -46.57
CA ARG N 124 26.17 -18.44 -46.37
C ARG N 124 27.55 -18.08 -46.90
N LEU N 125 28.54 -18.94 -46.64
CA LEU N 125 29.89 -18.66 -47.14
C LEU N 125 29.96 -18.78 -48.65
N ALA N 126 29.22 -19.72 -49.23
CA ALA N 126 29.18 -19.84 -50.68
C ALA N 126 28.51 -18.63 -51.32
N ARG N 127 27.46 -18.10 -50.70
CA ARG N 127 26.87 -16.86 -51.17
C ARG N 127 27.94 -15.78 -51.23
N TYR N 128 28.71 -15.65 -50.15
CA TYR N 128 29.78 -14.66 -50.15
C TYR N 128 30.77 -14.91 -51.29
N TYR N 129 31.18 -16.16 -51.48
CA TYR N 129 32.21 -16.46 -52.46
C TYR N 129 31.74 -16.20 -53.89
N LYS N 130 30.51 -16.58 -54.23
CA LYS N 130 30.00 -16.21 -55.54
C LYS N 130 29.92 -14.71 -55.70
N ARG N 131 29.47 -13.99 -54.67
CA ARG N 131 29.36 -12.54 -54.81
C ARG N 131 30.69 -11.87 -55.10
N THR N 132 31.79 -12.40 -54.55
CA THR N 132 33.08 -11.74 -54.66
C THR N 132 34.02 -12.40 -55.66
N LYS N 133 33.50 -13.29 -56.52
CA LYS N 133 34.27 -13.88 -57.61
C LYS N 133 35.52 -14.59 -57.10
N LYS N 134 35.33 -15.47 -56.13
CA LYS N 134 36.32 -16.47 -55.77
C LYS N 134 35.84 -17.88 -56.10
N LEU N 135 34.62 -18.02 -56.55
CA LEU N 135 34.06 -19.27 -57.04
C LEU N 135 33.34 -19.01 -58.34
N PRO N 136 33.17 -20.02 -59.18
CA PRO N 136 32.35 -19.86 -60.37
C PRO N 136 30.95 -19.45 -59.97
N PRO N 137 30.29 -18.63 -60.78
CA PRO N 137 28.91 -18.26 -60.46
C PRO N 137 27.94 -19.42 -60.63
N THR N 138 28.48 -20.59 -60.93
CA THR N 138 27.67 -21.79 -61.11
C THR N 138 28.00 -22.89 -60.12
N TRP N 139 28.92 -22.64 -59.18
CA TRP N 139 29.25 -23.66 -58.20
C TRP N 139 28.08 -23.83 -57.26
N LYS N 140 27.65 -25.07 -57.04
CA LYS N 140 26.56 -25.32 -56.12
C LYS N 140 26.83 -26.64 -55.41
N TYR N 141 26.32 -26.75 -54.18
CA TYR N 141 26.75 -27.78 -53.25
C TYR N 141 25.77 -28.94 -53.25
N GLU N 142 26.23 -30.10 -53.71
CA GLU N 142 25.46 -31.35 -53.67
C GLU N 142 25.76 -32.10 -52.38
N SER N 143 24.72 -32.55 -51.70
CA SER N 143 24.91 -33.53 -50.64
C SER N 143 25.48 -34.82 -51.21
N ALA N 144 25.03 -35.21 -52.40
CA ALA N 144 25.45 -36.47 -52.99
C ALA N 144 26.92 -36.44 -53.40
N THR N 145 27.26 -35.59 -54.36
CA THR N 145 28.62 -35.54 -54.91
C THR N 145 29.45 -34.45 -54.22
N ALA N 146 29.67 -34.62 -52.92
CA ALA N 146 30.49 -33.70 -52.15
C ALA N 146 31.80 -34.31 -51.66
N SER N 147 31.88 -35.64 -51.53
CA SER N 147 33.12 -36.27 -51.14
C SER N 147 34.12 -36.37 -52.27
N THR N 148 33.66 -36.26 -53.53
CA THR N 148 34.61 -36.30 -54.64
C THR N 148 35.50 -35.07 -54.65
N LEU N 149 34.99 -33.93 -54.20
CA LEU N 149 35.73 -32.68 -54.31
C LEU N 149 36.93 -32.66 -53.37
N VAL N 150 36.76 -33.13 -52.13
CA VAL N 150 37.80 -33.03 -51.13
C VAL N 150 38.07 -34.40 -50.52
N ALA N 151 39.28 -34.56 -49.98
CA ALA N 151 39.73 -35.78 -49.31
C ALA N 151 39.60 -37.01 -50.20
N GLY O 2 1.72 -10.45 41.91
CA GLY O 2 2.33 -9.42 41.09
C GLY O 2 2.61 -8.15 41.87
N ARG O 3 3.87 -7.94 42.23
CA ARG O 3 4.28 -6.75 42.98
C ARG O 3 5.26 -5.88 42.19
N VAL O 4 5.01 -5.73 40.88
CA VAL O 4 5.82 -4.80 40.10
C VAL O 4 5.46 -3.38 40.50
N ARG O 5 6.47 -2.61 40.86
CA ARG O 5 6.27 -1.20 41.14
C ARG O 5 6.08 -0.43 39.83
N THR O 6 5.17 0.54 39.85
CA THR O 6 4.81 1.26 38.64
C THR O 6 5.77 2.43 38.43
N LYS O 7 5.43 3.31 37.48
CA LYS O 7 6.34 4.37 37.09
C LYS O 7 6.49 5.40 38.20
N THR O 8 5.38 5.80 38.83
CA THR O 8 5.46 6.86 39.82
C THR O 8 6.42 6.47 40.95
N VAL O 9 6.23 5.27 41.51
CA VAL O 9 7.09 4.83 42.61
C VAL O 9 8.54 4.75 42.16
N LYS O 10 8.80 4.10 41.04
CA LYS O 10 10.18 3.89 40.60
C LYS O 10 10.87 5.22 40.31
N LYS O 11 10.18 6.09 39.57
CA LYS O 11 10.70 7.41 39.26
C LYS O 11 10.96 8.22 40.51
N THR O 12 10.00 8.25 41.43
CA THR O 12 10.17 9.03 42.65
C THR O 12 11.28 8.46 43.51
N SER O 13 11.39 7.13 43.56
CA SER O 13 12.46 6.49 44.31
C SER O 13 13.82 6.95 43.80
N ARG O 14 14.07 6.79 42.50
CA ARG O 14 15.35 7.25 41.96
C ARG O 14 15.54 8.74 42.19
N GLN O 15 14.51 9.54 41.94
CA GLN O 15 14.67 10.98 41.99
C GLN O 15 14.82 11.50 43.41
N VAL O 16 14.42 10.73 44.42
CA VAL O 16 14.73 11.09 45.79
C VAL O 16 16.07 10.52 46.23
N ILE O 17 16.55 9.46 45.57
CA ILE O 17 17.90 8.98 45.83
C ILE O 17 18.91 10.02 45.38
N GLU O 18 18.67 10.61 44.22
CA GLU O 18 19.60 11.63 43.71
C GLU O 18 19.69 12.83 44.66
N LYS O 19 18.55 13.34 45.12
CA LYS O 19 18.57 14.60 45.87
C LYS O 19 19.24 14.43 47.24
N TYR O 20 18.87 13.38 47.98
CA TYR O 20 19.45 13.07 49.29
C TYR O 20 19.94 11.63 49.31
N TYR O 21 21.19 11.43 48.96
CA TYR O 21 21.87 10.16 49.22
C TYR O 21 22.35 10.05 50.65
N SER O 22 22.75 11.18 51.24
CA SER O 22 23.41 11.16 52.55
C SER O 22 22.42 10.89 53.67
N ARG O 23 21.19 11.38 53.55
CA ARG O 23 20.24 11.29 54.64
C ARG O 23 19.40 10.02 54.62
N MET O 24 19.48 9.24 53.56
CA MET O 24 18.86 7.92 53.51
C MET O 24 19.80 6.87 54.09
N THR O 25 19.25 5.67 54.29
CA THR O 25 19.99 4.57 54.90
C THR O 25 19.33 3.26 54.47
N LEU O 26 19.76 2.17 55.08
CA LEU O 26 19.39 0.84 54.63
C LEU O 26 18.26 0.21 55.44
N ASP O 27 17.75 0.89 56.46
CA ASP O 27 16.60 0.42 57.19
C ASP O 27 15.34 0.98 56.54
N PHE O 28 14.32 0.14 56.41
CA PHE O 28 13.07 0.60 55.84
C PHE O 28 12.41 1.68 56.69
N HIS O 29 12.34 1.48 58.00
CA HIS O 29 11.47 2.31 58.83
C HIS O 29 12.01 3.72 58.95
N THR O 30 13.31 3.85 59.23
CA THR O 30 13.92 5.16 59.28
C THR O 30 13.84 5.86 57.93
N ASN O 31 13.95 5.08 56.85
CA ASN O 31 13.81 5.63 55.51
C ASN O 31 12.39 6.12 55.26
N LYS O 32 11.40 5.39 55.78
CA LYS O 32 10.03 5.87 55.80
C LYS O 32 9.94 7.24 56.43
N LYS O 33 10.51 7.39 57.63
CA LYS O 33 10.42 8.67 58.32
C LYS O 33 11.12 9.78 57.52
N VAL O 34 12.29 9.46 56.99
CA VAL O 34 13.06 10.46 56.25
C VAL O 34 12.26 10.91 55.04
N LEU O 35 11.66 9.97 54.32
CA LEU O 35 10.87 10.26 53.15
C LEU O 35 9.61 11.04 53.51
N GLU O 36 9.09 10.85 54.71
CA GLU O 36 8.02 11.69 55.21
C GLU O 36 8.49 13.09 55.56
N GLU O 37 9.79 13.29 55.77
CA GLU O 37 10.27 14.62 56.13
C GLU O 37 10.74 15.45 54.95
N VAL O 38 10.65 14.95 53.71
CA VAL O 38 11.18 15.67 52.57
C VAL O 38 10.21 15.79 51.41
N SER O 39 9.08 15.09 51.41
CA SER O 39 8.22 15.09 50.25
C SER O 39 6.76 14.93 50.64
N ILE O 40 5.87 15.36 49.76
CA ILE O 40 4.44 15.46 50.04
C ILE O 40 3.72 14.40 49.22
N LEU O 41 3.27 13.35 49.88
CA LEU O 41 2.59 12.23 49.24
C LEU O 41 1.19 12.11 49.80
N GLN O 42 0.28 11.54 49.00
CA GLN O 42 -1.14 11.60 49.31
C GLN O 42 -1.68 10.31 49.90
N SER O 43 -0.82 9.37 50.26
CA SER O 43 -1.31 8.16 50.90
C SER O 43 -0.17 7.48 51.62
N LYS O 44 -0.51 6.81 52.71
CA LYS O 44 0.47 6.05 53.47
C LYS O 44 1.01 4.89 52.65
N ARG O 45 0.15 4.27 51.84
CA ARG O 45 0.56 3.13 51.03
C ARG O 45 1.57 3.55 49.96
N LEU O 46 1.36 4.73 49.35
CA LEU O 46 2.35 5.27 48.42
C LEU O 46 3.69 5.51 49.10
N ARG O 47 3.67 6.04 50.33
CA ARG O 47 4.91 6.26 51.04
C ARG O 47 5.61 4.95 51.34
N ASN O 48 4.88 3.96 51.86
CA ASN O 48 5.51 2.69 52.17
C ASN O 48 6.10 2.05 50.93
N LYS O 49 5.44 2.21 49.79
CA LYS O 49 5.93 1.59 48.57
C LYS O 49 7.18 2.31 48.05
N VAL O 50 7.17 3.64 48.08
CA VAL O 50 8.33 4.39 47.60
C VAL O 50 9.53 4.17 48.52
N ALA O 51 9.32 4.15 49.83
CA ALA O 51 10.42 3.87 50.75
C ALA O 51 10.93 2.44 50.60
N GLY O 52 10.04 1.48 50.34
CA GLY O 52 10.50 0.13 50.11
C GLY O 52 11.34 0.02 48.85
N PHE O 53 10.98 0.76 47.81
CA PHE O 53 11.83 0.73 46.63
C PHE O 53 13.11 1.52 46.81
N THR O 54 13.14 2.52 47.69
CA THR O 54 14.41 3.19 47.91
C THR O 54 15.36 2.40 48.79
N THR O 55 14.84 1.56 49.69
CA THR O 55 15.77 0.90 50.62
C THR O 55 16.63 -0.13 49.91
N HIS O 56 16.08 -0.93 49.00
CA HIS O 56 16.97 -1.87 48.33
C HIS O 56 17.74 -1.20 47.20
N LEU O 57 17.26 -0.06 46.71
CA LEU O 57 18.07 0.75 45.81
C LEU O 57 19.33 1.21 46.52
N MET O 58 19.21 1.67 47.78
CA MET O 58 20.41 1.88 48.59
C MET O 58 21.19 0.60 48.86
N ARG O 59 20.53 -0.54 49.04
CA ARG O 59 21.35 -1.72 49.26
C ARG O 59 22.24 -2.00 48.06
N ARG O 60 21.70 -1.90 46.85
CA ARG O 60 22.51 -2.14 45.66
C ARG O 60 23.44 -0.98 45.33
N ILE O 61 23.10 0.25 45.73
CA ILE O 61 24.05 1.36 45.62
C ILE O 61 25.26 1.10 46.51
N GLN O 62 24.99 0.78 47.79
CA GLN O 62 26.05 0.40 48.71
C GLN O 62 26.78 -0.83 48.22
N ARG O 63 26.16 -1.61 47.35
CA ARG O 63 26.85 -2.73 46.74
C ARG O 63 27.81 -2.27 45.64
N GLY O 64 27.29 -1.64 44.59
CA GLY O 64 28.10 -1.24 43.46
C GLY O 64 27.51 -0.10 42.66
N PRO O 65 27.70 -0.13 41.34
CA PRO O 65 27.13 0.91 40.49
C PRO O 65 25.70 0.63 40.09
N VAL O 66 25.10 1.57 39.34
CA VAL O 66 23.68 1.52 39.04
C VAL O 66 23.40 2.46 37.88
N ARG O 67 22.22 2.35 37.30
CA ARG O 67 21.78 3.18 36.19
C ARG O 67 21.36 4.58 36.63
N GLY O 68 20.56 5.25 35.80
CA GLY O 68 20.52 6.69 35.64
C GLY O 68 20.80 7.63 36.80
N ILE O 69 20.48 7.25 38.04
CA ILE O 69 20.76 8.14 39.16
C ILE O 69 22.24 8.50 39.18
N SER O 70 22.50 9.80 39.32
CA SER O 70 23.86 10.37 39.28
C SER O 70 24.23 10.84 40.67
N LEU O 71 24.91 9.97 41.44
CA LEU O 71 25.41 10.36 42.75
C LEU O 71 26.67 11.19 42.60
N LYS O 72 26.74 12.28 43.36
CA LYS O 72 27.87 13.20 43.27
C LYS O 72 29.15 12.54 43.78
N LEU O 73 29.09 11.86 44.92
CA LEU O 73 30.27 11.28 45.53
C LEU O 73 30.89 10.18 44.67
N GLN O 74 30.18 9.68 43.67
CA GLN O 74 30.75 8.68 42.77
C GLN O 74 30.93 9.16 41.34
N GLU O 75 30.29 10.26 40.94
CA GLU O 75 30.56 10.82 39.61
C GLU O 75 31.87 11.58 39.57
N GLU O 76 32.27 12.24 40.65
CA GLU O 76 33.59 12.82 40.74
C GLU O 76 34.67 11.78 41.00
N GLU O 77 34.37 10.78 41.83
CA GLU O 77 35.34 9.73 42.09
C GLU O 77 35.62 8.92 40.84
N ARG O 78 34.65 8.85 39.92
CA ARG O 78 34.87 8.28 38.61
C ARG O 78 35.42 9.28 37.60
N GLU O 79 35.67 10.51 38.04
CA GLU O 79 36.39 11.51 37.27
C GLU O 79 37.76 11.79 37.84
N ARG O 80 37.90 11.79 39.17
CA ARG O 80 39.19 12.03 39.79
C ARG O 80 40.22 11.01 39.32
N ARG O 81 39.79 9.77 39.09
CA ARG O 81 40.65 8.71 38.60
C ARG O 81 40.48 8.44 37.11
N MET O 82 39.63 9.21 36.42
CA MET O 82 39.54 9.10 34.97
C MET O 82 40.50 10.06 34.27
N ASP O 83 40.81 11.19 34.91
CA ASP O 83 41.94 12.03 34.50
C ASP O 83 43.19 11.55 35.24
N PHE O 84 43.53 10.28 35.01
CA PHE O 84 44.62 9.64 35.72
C PHE O 84 45.76 9.39 34.75
N VAL O 85 46.99 9.68 35.19
CA VAL O 85 48.15 9.53 34.32
C VAL O 85 49.12 8.51 34.92
N PRO O 86 49.82 7.75 34.09
CA PRO O 86 50.91 6.91 34.59
C PRO O 86 52.15 7.76 34.84
N GLU O 87 53.22 7.11 35.27
CA GLU O 87 54.47 7.84 35.51
C GLU O 87 55.07 8.32 34.19
N LYS O 88 55.05 7.46 33.18
CA LYS O 88 55.44 7.84 31.83
C LYS O 88 54.64 7.00 30.83
N SER O 89 54.59 7.50 29.60
CA SER O 89 53.61 7.03 28.62
C SER O 89 53.98 5.65 28.12
N ALA O 90 53.04 4.70 28.26
CA ALA O 90 53.28 3.31 27.88
C ALA O 90 53.45 3.12 26.39
N LEU O 91 53.06 4.10 25.58
CA LEU O 91 53.28 4.04 24.13
C LEU O 91 54.66 4.62 23.85
N GLU O 92 55.64 3.76 23.63
CA GLU O 92 57.02 4.19 23.48
C GLU O 92 57.54 3.83 22.11
N VAL O 93 58.38 4.72 21.55
CA VAL O 93 58.84 4.62 20.18
C VAL O 93 60.19 3.92 20.07
N ASP O 94 60.66 3.30 21.15
CA ASP O 94 62.01 2.74 21.14
C ASP O 94 62.06 1.37 20.47
N GLU O 95 61.31 0.41 20.99
CA GLU O 95 61.28 -0.95 20.43
C GLU O 95 59.91 -1.13 19.76
N ILE O 96 59.82 -0.71 18.50
CA ILE O 96 58.59 -0.85 17.71
C ILE O 96 58.99 -1.65 16.47
N ARG O 97 58.81 -2.97 16.54
CA ARG O 97 59.20 -3.86 15.46
C ARG O 97 58.07 -4.03 14.48
N VAL O 98 58.42 -4.10 13.20
CA VAL O 98 57.49 -4.08 12.09
C VAL O 98 57.80 -5.25 11.17
N ASP O 99 56.95 -5.46 10.18
CA ASP O 99 57.09 -6.57 9.24
C ASP O 99 57.31 -5.99 7.86
N LYS O 100 57.78 -6.84 6.94
CA LYS O 100 58.40 -6.41 5.69
C LYS O 100 57.74 -5.20 5.05
N GLU O 101 56.43 -5.32 4.78
CA GLU O 101 55.75 -4.27 4.06
C GLU O 101 55.67 -2.97 4.83
N THR O 102 55.84 -3.00 6.15
CA THR O 102 55.82 -1.74 6.90
C THR O 102 57.07 -0.92 6.62
N MET O 103 58.27 -1.52 6.67
CA MET O 103 59.42 -0.75 6.22
C MET O 103 59.37 -0.50 4.72
N ASP O 104 58.67 -1.35 3.95
CA ASP O 104 58.51 -1.05 2.53
C ASP O 104 57.75 0.27 2.32
N MET O 105 56.65 0.46 3.04
CA MET O 105 55.98 1.76 2.96
C MET O 105 56.84 2.88 3.53
N LEU O 106 57.57 2.61 4.62
CA LEU O 106 58.40 3.67 5.18
C LEU O 106 59.51 4.09 4.22
N ALA O 107 60.02 3.15 3.43
CA ALA O 107 60.94 3.51 2.36
C ALA O 107 60.23 4.27 1.26
N PHE O 108 58.95 3.97 1.04
CA PHE O 108 58.18 4.74 0.07
C PHE O 108 58.10 6.21 0.46
N LEU O 109 57.89 6.49 1.75
CA LEU O 109 57.76 7.86 2.19
C LEU O 109 59.09 8.60 2.30
N GLY O 110 60.21 7.89 2.21
CA GLY O 110 61.49 8.51 2.47
C GLY O 110 61.94 8.49 3.91
N MET O 111 61.10 8.01 4.82
CA MET O 111 61.56 7.74 6.18
C MET O 111 62.04 6.31 6.31
N ALA O 112 62.95 5.91 5.41
CA ALA O 112 63.52 4.58 5.46
C ALA O 112 64.32 4.39 6.74
N ASP O 113 65.11 5.37 7.11
CA ASP O 113 65.82 5.35 8.38
C ASP O 113 64.93 5.98 9.41
N LEU O 114 64.46 5.18 10.35
CA LEU O 114 63.60 5.72 11.40
C LEU O 114 64.02 5.12 12.73
N PRO O 115 64.42 5.96 13.69
CA PRO O 115 64.93 5.45 14.96
C PRO O 115 63.89 4.60 15.67
N GLY O 116 64.27 3.37 15.97
CA GLY O 116 63.42 2.46 16.72
C GLY O 116 62.67 1.44 15.91
N VAL O 117 62.81 1.43 14.59
CA VAL O 117 62.11 0.47 13.73
C VAL O 117 63.08 -0.64 13.32
N GLU O 118 62.62 -1.88 13.38
CA GLU O 118 63.37 -3.03 12.93
C GLU O 118 62.42 -4.17 12.60
N ARG O 119 62.90 -5.11 11.78
CA ARG O 119 62.08 -6.21 11.32
C ARG O 119 61.68 -7.12 12.49
N ALA O 120 60.65 -7.93 12.25
CA ALA O 120 60.17 -8.88 13.26
C ALA O 120 61.25 -9.86 13.70
N THR P 18 -25.90 -24.70 92.71
CA THR P 18 -27.34 -24.45 92.62
C THR P 18 -27.89 -24.91 91.28
N VAL P 19 -28.75 -24.09 90.67
CA VAL P 19 -29.39 -24.49 89.42
C VAL P 19 -28.41 -24.44 88.26
N LYS P 20 -27.44 -23.54 88.28
CA LYS P 20 -26.47 -23.48 87.20
C LYS P 20 -25.34 -24.49 87.35
N ASP P 21 -25.30 -25.24 88.44
CA ASP P 21 -24.35 -26.33 88.59
C ASP P 21 -24.94 -27.68 88.20
N VAL P 22 -26.21 -27.73 87.80
CA VAL P 22 -26.84 -28.96 87.37
C VAL P 22 -27.16 -28.84 85.89
N ASN P 23 -26.98 -29.94 85.17
CA ASN P 23 -27.35 -30.00 83.77
C ASN P 23 -28.83 -29.67 83.62
N PRO P 24 -29.19 -28.75 82.72
CA PRO P 24 -30.59 -28.31 82.64
C PRO P 24 -31.56 -29.35 82.10
N HIS P 25 -31.11 -30.53 81.72
CA HIS P 25 -32.05 -31.57 81.31
C HIS P 25 -32.49 -32.41 82.49
N GLU P 26 -31.51 -32.91 83.25
CA GLU P 26 -31.82 -33.68 84.45
C GLU P 26 -32.48 -32.82 85.51
N PHE P 27 -32.16 -31.52 85.55
CA PHE P 27 -32.80 -30.64 86.51
C PHE P 27 -34.28 -30.50 86.20
N VAL P 28 -34.62 -30.30 84.93
CA VAL P 28 -36.02 -30.17 84.55
C VAL P 28 -36.74 -31.49 84.76
N LYS P 29 -36.06 -32.61 84.53
CA LYS P 29 -36.68 -33.88 84.89
C LYS P 29 -36.96 -33.96 86.39
N ALA P 30 -36.02 -33.50 87.21
CA ALA P 30 -36.19 -33.58 88.66
C ALA P 30 -37.30 -32.67 89.16
N TYR P 31 -37.34 -31.44 88.64
CA TYR P 31 -38.38 -30.50 89.06
C TYR P 31 -39.76 -30.92 88.55
N SER P 32 -39.85 -31.40 87.32
CA SER P 32 -41.15 -31.81 86.84
C SER P 32 -41.67 -33.05 87.55
N ALA P 33 -40.79 -33.80 88.21
CA ALA P 33 -41.22 -34.82 89.14
C ALA P 33 -41.58 -34.24 90.50
N HIS P 34 -41.06 -33.06 90.83
CA HIS P 34 -41.39 -32.42 92.09
C HIS P 34 -42.84 -31.96 92.10
N LEU P 35 -43.19 -31.07 91.17
CA LEU P 35 -44.55 -30.53 91.13
C LEU P 35 -45.59 -31.63 91.04
N LYS P 36 -45.23 -32.77 90.44
CA LYS P 36 -46.15 -33.90 90.42
C LYS P 36 -46.46 -34.37 91.83
N ARG P 37 -45.47 -34.90 92.53
CA ARG P 37 -45.75 -35.46 93.86
C ARG P 37 -45.76 -34.41 94.95
N SER P 38 -45.47 -33.15 94.63
CA SER P 38 -45.63 -32.07 95.61
C SER P 38 -47.04 -31.52 95.46
N GLY P 39 -47.94 -32.02 96.30
CA GLY P 39 -49.31 -31.57 96.32
C GLY P 39 -49.95 -31.68 94.96
N LYS P 40 -50.54 -30.59 94.48
CA LYS P 40 -51.07 -30.58 93.13
C LYS P 40 -51.31 -29.15 92.70
N MET P 41 -51.81 -29.01 91.48
CA MET P 41 -52.28 -27.76 90.91
C MET P 41 -53.49 -28.12 90.09
N GLU P 42 -54.23 -27.11 89.60
CA GLU P 42 -55.31 -27.56 88.74
C GLU P 42 -54.71 -27.88 87.38
N LEU P 43 -55.50 -28.57 86.57
CA LEU P 43 -55.06 -28.84 85.25
C LEU P 43 -56.31 -28.53 84.45
N PRO P 44 -56.20 -27.75 83.39
CA PRO P 44 -57.38 -27.46 82.58
C PRO P 44 -58.10 -28.70 82.12
N GLU P 45 -59.29 -28.53 81.55
CA GLU P 45 -59.96 -29.61 80.84
C GLU P 45 -59.77 -29.49 79.34
N TRP P 46 -58.59 -29.03 78.93
CA TRP P 46 -58.21 -29.13 77.53
C TRP P 46 -56.75 -29.55 77.38
N VAL P 47 -56.13 -30.02 78.46
CA VAL P 47 -54.70 -30.32 78.42
C VAL P 47 -54.40 -31.47 77.47
N ASP P 48 -55.34 -32.40 77.30
CA ASP P 48 -55.11 -33.55 76.45
C ASP P 48 -55.37 -33.29 74.98
N ILE P 49 -55.80 -32.08 74.60
CA ILE P 49 -56.23 -31.84 73.23
C ILE P 49 -55.50 -30.68 72.55
N VAL P 50 -54.79 -29.85 73.26
CA VAL P 50 -54.19 -28.66 72.66
C VAL P 50 -52.77 -28.97 72.20
N LYS P 51 -52.36 -28.31 71.10
CA LYS P 51 -51.14 -28.62 70.38
C LYS P 51 -49.90 -27.87 70.89
N THR P 52 -50.09 -26.84 71.70
CA THR P 52 -49.06 -25.94 72.22
C THR P 52 -48.41 -25.05 71.18
N ALA P 53 -48.74 -25.21 69.89
CA ALA P 53 -48.23 -24.27 68.90
C ALA P 53 -49.04 -24.39 67.62
N ARG P 54 -49.27 -23.24 66.97
CA ARG P 54 -49.97 -23.22 65.69
C ARG P 54 -49.30 -24.11 64.68
N PHE P 55 -47.98 -24.19 64.70
CA PHE P 55 -47.25 -24.96 63.72
C PHE P 55 -47.07 -26.42 64.09
N LYS P 56 -47.43 -26.82 65.30
CA LYS P 56 -47.26 -28.21 65.69
C LYS P 56 -48.19 -29.12 64.91
N GLU P 57 -47.81 -30.40 64.82
CA GLU P 57 -48.59 -31.38 64.10
C GLU P 57 -49.48 -32.21 65.02
N LEU P 58 -48.94 -32.67 66.14
CA LEU P 58 -49.64 -33.44 67.15
C LEU P 58 -49.46 -32.77 68.50
N PRO P 59 -50.35 -33.04 69.44
CA PRO P 59 -50.13 -32.60 70.83
C PRO P 59 -48.85 -33.19 71.39
N PRO P 60 -48.38 -32.69 72.53
CA PRO P 60 -47.17 -33.24 73.13
C PRO P 60 -47.29 -34.74 73.37
N SER P 61 -46.22 -35.46 73.05
CA SER P 61 -46.26 -36.92 73.06
C SER P 61 -46.42 -37.46 74.47
N ASP P 62 -45.77 -36.83 75.45
CA ASP P 62 -45.81 -37.32 76.82
C ASP P 62 -47.04 -36.76 77.55
N ALA P 63 -47.77 -37.66 78.22
CA ALA P 63 -48.95 -37.23 78.97
C ALA P 63 -48.57 -36.29 80.08
N ASP P 64 -47.39 -36.49 80.67
CA ASP P 64 -46.87 -35.60 81.70
C ASP P 64 -46.12 -34.43 81.11
N TRP P 65 -46.70 -33.71 80.16
CA TRP P 65 -45.98 -32.61 79.52
C TRP P 65 -46.20 -31.29 80.21
N TYR P 66 -47.42 -31.07 80.74
CA TYR P 66 -47.71 -29.82 81.45
C TYR P 66 -46.68 -29.57 82.53
N TYR P 67 -46.43 -30.57 83.36
CA TYR P 67 -45.45 -30.42 84.42
C TYR P 67 -44.08 -30.16 83.85
N ILE P 68 -43.70 -30.88 82.78
CA ILE P 68 -42.44 -30.56 82.11
C ILE P 68 -42.45 -29.10 81.70
N ARG P 69 -43.52 -28.69 81.02
CA ARG P 69 -43.59 -27.33 80.51
C ARG P 69 -43.56 -26.34 81.66
N ALA P 70 -44.01 -26.77 82.85
CA ALA P 70 -43.91 -25.90 84.01
C ALA P 70 -42.48 -25.88 84.56
N ALA P 71 -41.87 -27.05 84.73
CA ALA P 71 -40.55 -27.10 85.31
C ALA P 71 -39.52 -26.46 84.39
N SER P 72 -39.66 -26.62 83.08
CA SER P 72 -38.79 -25.93 82.15
C SER P 72 -39.00 -24.43 82.16
N MET P 73 -40.16 -23.97 82.63
CA MET P 73 -40.58 -22.60 82.42
C MET P 73 -40.28 -21.74 83.64
N ALA P 74 -40.37 -22.31 84.83
CA ALA P 74 -39.94 -21.64 86.05
C ALA P 74 -38.43 -21.47 86.10
N ARG P 75 -37.69 -22.27 85.34
CA ARG P 75 -36.28 -21.99 85.19
C ARG P 75 -36.02 -20.77 84.31
N LYS P 76 -36.94 -20.43 83.42
CA LYS P 76 -36.77 -19.22 82.62
C LYS P 76 -36.84 -17.97 83.49
N ILE P 77 -37.86 -17.87 84.35
CA ILE P 77 -37.99 -16.71 85.21
C ILE P 77 -36.91 -16.72 86.29
N TYR P 78 -36.38 -17.89 86.64
CA TYR P 78 -35.38 -17.92 87.69
C TYR P 78 -34.04 -17.39 87.19
N LEU P 79 -33.78 -17.48 85.87
CA LEU P 79 -32.57 -16.94 85.27
C LEU P 79 -32.78 -15.61 84.57
N ARG P 80 -33.98 -15.05 84.62
CA ARG P 80 -34.24 -13.78 83.97
C ARG P 80 -35.23 -13.02 84.85
N GLN P 81 -35.70 -11.88 84.36
CA GLN P 81 -36.60 -11.08 85.18
C GLN P 81 -37.52 -10.27 84.30
N GLY P 82 -38.82 -10.33 84.59
CA GLY P 82 -39.80 -9.59 83.82
C GLY P 82 -40.00 -10.11 82.41
N ILE P 83 -40.42 -11.36 82.29
CA ILE P 83 -40.72 -11.96 80.99
C ILE P 83 -42.24 -12.05 80.87
N GLY P 84 -42.79 -11.39 79.86
CA GLY P 84 -44.21 -11.44 79.62
C GLY P 84 -44.62 -12.74 78.94
N ILE P 85 -45.82 -12.73 78.40
CA ILE P 85 -46.31 -13.89 77.68
C ILE P 85 -45.93 -13.83 76.20
N GLY P 86 -45.98 -12.64 75.61
CA GLY P 86 -45.52 -12.47 74.26
C GLY P 86 -44.03 -12.59 74.09
N GLY P 87 -43.33 -12.97 75.15
CA GLY P 87 -41.93 -13.33 75.07
C GLY P 87 -41.78 -14.82 75.24
N PHE P 88 -42.64 -15.41 76.06
CA PHE P 88 -42.62 -16.86 76.19
C PHE P 88 -43.08 -17.52 74.90
N GLN P 89 -44.02 -16.88 74.19
CA GLN P 89 -44.46 -17.41 72.89
C GLN P 89 -43.29 -17.48 71.91
N LYS P 90 -42.41 -16.48 71.95
CA LYS P 90 -41.20 -16.54 71.14
C LYS P 90 -40.21 -17.57 71.68
N ILE P 91 -40.15 -17.73 73.01
CA ILE P 91 -39.25 -18.73 73.59
C ILE P 91 -39.58 -20.12 73.06
N TYR P 92 -40.84 -20.49 73.11
CA TYR P 92 -41.24 -21.84 72.73
C TYR P 92 -41.72 -21.95 71.30
N GLY P 93 -41.65 -20.88 70.52
CA GLY P 93 -41.90 -20.99 69.10
C GLY P 93 -40.76 -21.66 68.37
N GLY P 94 -40.98 -21.90 67.09
CA GLY P 94 -39.99 -22.61 66.30
C GLY P 94 -40.20 -22.52 64.81
N ARG P 95 -39.85 -23.58 64.09
CA ARG P 95 -39.94 -23.59 62.65
C ARG P 95 -41.28 -24.14 62.19
N GLN P 96 -41.93 -23.41 61.30
CA GLN P 96 -43.18 -23.84 60.70
C GLN P 96 -42.94 -24.11 59.22
N ARG P 97 -43.26 -25.32 58.79
CA ARG P 97 -43.14 -25.69 57.39
C ARG P 97 -44.46 -25.40 56.68
N ASN P 98 -44.39 -24.67 55.57
CA ASN P 98 -45.57 -24.26 54.83
C ASN P 98 -45.82 -25.13 53.60
N GLY P 99 -45.57 -26.43 53.70
CA GLY P 99 -45.82 -27.29 52.57
C GLY P 99 -44.88 -27.00 51.43
N SER P 100 -45.39 -26.40 50.37
CA SER P 100 -44.59 -26.09 49.20
C SER P 100 -43.93 -24.72 49.27
N ARG P 101 -44.37 -23.84 50.16
CA ARG P 101 -43.70 -22.57 50.38
C ARG P 101 -42.58 -22.72 51.42
N PRO P 102 -41.65 -21.76 51.47
CA PRO P 102 -40.54 -21.88 52.41
C PRO P 102 -41.02 -21.85 53.85
N PRO P 103 -40.30 -22.47 54.77
CA PRO P 103 -40.68 -22.42 56.18
C PRO P 103 -40.20 -21.14 56.85
N HIS P 104 -40.90 -20.75 57.91
CA HIS P 104 -40.54 -19.54 58.63
C HIS P 104 -40.64 -19.79 60.12
N PHE P 105 -40.60 -18.73 60.91
CA PHE P 105 -40.61 -18.85 62.36
C PHE P 105 -42.00 -18.50 62.87
N CYS P 106 -42.54 -19.34 63.74
CA CYS P 106 -43.87 -19.15 64.27
C CYS P 106 -43.84 -19.24 65.79
N LYS P 107 -44.73 -18.50 66.44
CA LYS P 107 -44.81 -18.47 67.88
C LYS P 107 -45.85 -19.46 68.38
N SER P 108 -45.64 -19.95 69.61
CA SER P 108 -46.54 -20.93 70.19
C SER P 108 -47.78 -20.24 70.74
N SER P 109 -48.59 -20.99 71.49
CA SER P 109 -49.88 -20.52 71.96
C SER P 109 -49.76 -19.81 73.30
N GLY P 110 -50.46 -18.69 73.42
CA GLY P 110 -50.37 -17.88 74.62
C GLY P 110 -51.21 -18.39 75.76
N ALA P 111 -52.15 -19.29 75.48
CA ALA P 111 -53.05 -19.76 76.53
C ALA P 111 -52.34 -20.67 77.52
N VAL P 112 -51.55 -21.62 77.03
CA VAL P 112 -50.78 -22.46 77.95
C VAL P 112 -49.73 -21.64 78.67
N SER P 113 -49.08 -20.71 77.95
CA SER P 113 -48.05 -19.88 78.56
C SER P 113 -48.61 -19.06 79.70
N ARG P 114 -49.77 -18.45 79.50
CA ARG P 114 -50.39 -17.69 80.57
C ARG P 114 -50.85 -18.60 81.70
N ASN P 115 -51.40 -19.77 81.36
CA ASN P 115 -52.01 -20.60 82.39
C ASN P 115 -50.96 -21.18 83.33
N ILE P 116 -49.81 -21.60 82.80
CA ILE P 116 -48.77 -22.15 83.68
C ILE P 116 -48.22 -21.07 84.61
N LEU P 117 -48.05 -19.85 84.13
CA LEU P 117 -47.63 -18.77 85.01
C LEU P 117 -48.67 -18.48 86.08
N GLN P 118 -49.95 -18.46 85.70
CA GLN P 118 -50.98 -18.22 86.69
C GLN P 118 -50.97 -19.32 87.74
N GLU P 119 -50.68 -20.55 87.34
CA GLU P 119 -50.62 -21.62 88.32
C GLU P 119 -49.41 -21.49 89.24
N LEU P 120 -48.24 -21.18 88.68
CA LEU P 120 -47.07 -20.90 89.51
C LEU P 120 -47.37 -19.79 90.51
N GLN P 121 -48.15 -18.79 90.10
CA GLN P 121 -48.67 -17.83 91.06
C GLN P 121 -49.52 -18.50 92.13
N LYS P 122 -50.44 -19.39 91.70
CA LYS P 122 -51.31 -20.08 92.65
C LYS P 122 -50.62 -21.20 93.37
N MET P 123 -49.29 -21.20 93.34
CA MET P 123 -48.50 -22.01 94.25
C MET P 123 -47.44 -21.17 94.96
N GLY P 124 -47.12 -19.98 94.44
CA GLY P 124 -46.14 -19.13 95.07
C GLY P 124 -44.71 -19.36 94.64
N ILE P 125 -44.50 -19.81 93.41
CA ILE P 125 -43.15 -19.97 92.88
C ILE P 125 -42.67 -18.71 92.18
N ILE P 126 -43.58 -18.01 91.51
CA ILE P 126 -43.28 -16.78 90.80
C ILE P 126 -44.37 -15.77 91.14
N ASP P 127 -44.18 -14.54 90.64
CA ASP P 127 -45.22 -13.54 90.80
C ASP P 127 -45.10 -12.52 89.69
N VAL P 128 -46.22 -11.85 89.39
CA VAL P 128 -46.18 -10.77 88.42
C VAL P 128 -45.38 -9.61 88.98
N ASP P 129 -44.73 -8.87 88.09
CA ASP P 129 -43.76 -7.85 88.42
C ASP P 129 -44.29 -6.49 88.00
N PRO P 130 -44.22 -5.47 88.86
CA PRO P 130 -44.37 -4.10 88.37
C PRO P 130 -43.26 -3.79 87.39
N LYS P 131 -43.46 -2.75 86.59
CA LYS P 131 -42.67 -2.50 85.38
C LYS P 131 -42.90 -3.58 84.33
N GLY P 132 -43.93 -4.40 84.54
CA GLY P 132 -44.26 -5.47 83.61
C GLY P 132 -43.45 -6.73 83.84
N GLY P 133 -43.98 -7.87 83.42
CA GLY P 133 -43.23 -9.09 83.43
C GLY P 133 -43.53 -9.98 84.61
N ARG P 134 -42.67 -10.97 84.78
CA ARG P 134 -42.80 -12.00 85.80
C ARG P 134 -41.45 -12.19 86.49
N LEU P 135 -41.47 -12.35 87.82
CA LEU P 135 -40.24 -12.49 88.58
C LEU P 135 -40.33 -13.67 89.54
N ILE P 136 -39.20 -14.35 89.72
CA ILE P 136 -39.13 -15.47 90.67
C ILE P 136 -39.25 -14.95 92.08
N THR P 137 -39.96 -15.69 92.93
CA THR P 137 -40.14 -15.31 94.32
C THR P 137 -39.01 -15.86 95.18
N SER P 138 -38.88 -15.31 96.39
CA SER P 138 -37.83 -15.76 97.29
C SER P 138 -38.03 -17.23 97.66
N GLN P 139 -39.26 -17.61 97.93
CA GLN P 139 -39.55 -19.01 98.21
C GLN P 139 -39.42 -19.86 96.96
N GLY P 140 -39.79 -19.30 95.80
CA GLY P 140 -39.61 -20.00 94.54
C GLY P 140 -38.16 -20.18 94.18
N ARG P 141 -37.32 -19.21 94.54
CA ARG P 141 -35.89 -19.43 94.43
C ARG P 141 -35.44 -20.53 95.38
N ARG P 142 -36.03 -20.55 96.57
CA ARG P 142 -35.57 -21.51 97.58
C ARG P 142 -35.78 -22.94 97.11
N ASP P 143 -36.98 -23.28 96.64
CA ASP P 143 -37.21 -24.69 96.33
C ASP P 143 -36.44 -25.11 95.09
N LEU P 144 -36.23 -24.18 94.15
CA LEU P 144 -35.46 -24.51 92.96
C LEU P 144 -34.02 -24.84 93.32
N ASP P 145 -33.40 -24.07 94.21
CA ASP P 145 -32.05 -24.49 94.65
C ASP P 145 -32.07 -25.71 95.55
N GLN P 146 -33.13 -25.94 96.32
CA GLN P 146 -33.22 -27.19 97.07
C GLN P 146 -33.23 -28.38 96.13
N VAL P 147 -34.08 -28.36 95.10
CA VAL P 147 -34.14 -29.50 94.20
C VAL P 147 -32.85 -29.59 93.39
N ALA P 148 -32.25 -28.45 93.04
CA ALA P 148 -30.97 -28.46 92.36
C ALA P 148 -29.92 -29.18 93.18
N GLY P 149 -29.98 -29.04 94.51
CA GLY P 149 -29.02 -29.74 95.34
C GLY P 149 -29.12 -31.24 95.26
N THR P 150 -30.21 -31.76 94.70
CA THR P 150 -30.49 -33.19 94.72
C THR P 150 -30.40 -33.84 93.34
N VAL P 151 -29.75 -33.19 92.39
CA VAL P 151 -29.61 -33.72 91.03
C VAL P 151 -28.17 -34.19 90.86
N PRO P 152 -27.93 -35.48 90.59
CA PRO P 152 -26.64 -36.15 90.39
C PRO P 152 -25.51 -35.26 89.88
N SER Q 38 -85.57 -9.61 60.80
CA SER Q 38 -84.76 -10.19 61.86
C SER Q 38 -83.38 -10.56 61.32
N THR Q 39 -82.60 -9.54 60.97
CA THR Q 39 -81.30 -9.79 60.33
C THR Q 39 -80.32 -10.45 61.29
N ASP Q 40 -80.45 -10.17 62.58
CA ASP Q 40 -79.42 -10.56 63.55
C ASP Q 40 -79.28 -12.07 63.64
N ASP Q 41 -80.39 -12.81 63.68
CA ASP Q 41 -80.22 -14.26 63.73
C ASP Q 41 -79.86 -14.84 62.37
N LEU Q 42 -80.06 -14.09 61.29
CA LEU Q 42 -79.62 -14.55 59.98
C LEU Q 42 -78.11 -14.48 59.86
N VAL Q 43 -77.49 -13.43 60.41
CA VAL Q 43 -76.05 -13.33 60.30
C VAL Q 43 -75.38 -14.49 61.01
N GLN Q 44 -76.03 -15.05 62.04
CA GLN Q 44 -75.49 -16.25 62.67
C GLN Q 44 -75.53 -17.44 61.73
N MET Q 45 -76.60 -17.57 60.95
CA MET Q 45 -76.66 -18.63 59.94
C MET Q 45 -75.63 -18.42 58.85
N PHE Q 46 -75.43 -17.18 58.43
CA PHE Q 46 -74.52 -16.87 57.34
C PHE Q 46 -73.09 -17.26 57.70
N PRO Q 47 -72.25 -17.52 56.70
CA PRO Q 47 -70.84 -17.80 56.98
C PRO Q 47 -70.08 -16.53 57.35
N ALA Q 48 -68.81 -16.72 57.73
CA ALA Q 48 -68.05 -15.66 58.38
C ALA Q 48 -67.85 -14.45 57.47
N ARG Q 49 -67.52 -14.70 56.20
CA ARG Q 49 -67.41 -13.60 55.25
C ARG Q 49 -68.71 -12.81 55.21
N ALA Q 50 -69.83 -13.52 55.21
CA ALA Q 50 -71.13 -12.88 55.04
C ALA Q 50 -71.45 -11.99 56.23
N ARG Q 51 -71.27 -12.48 57.46
CA ARG Q 51 -71.62 -11.63 58.59
C ARG Q 51 -70.60 -10.50 58.77
N ARG Q 52 -69.32 -10.74 58.49
CA ARG Q 52 -68.37 -9.63 58.49
C ARG Q 52 -68.79 -8.53 57.53
N ARG Q 53 -69.33 -8.91 56.38
CA ARG Q 53 -69.80 -7.92 55.42
C ARG Q 53 -70.88 -7.04 56.02
N PHE Q 54 -71.79 -7.64 56.79
CA PHE Q 54 -72.88 -6.87 57.40
C PHE Q 54 -72.38 -6.01 58.56
N LYS Q 55 -71.44 -6.53 59.34
CA LYS Q 55 -70.94 -5.80 60.50
C LYS Q 55 -70.28 -4.50 60.09
N ARG Q 56 -69.89 -4.36 58.83
CA ARG Q 56 -69.30 -3.14 58.29
C ARG Q 56 -70.34 -2.16 57.77
N GLY Q 57 -71.63 -2.49 57.85
CA GLY Q 57 -72.65 -1.53 57.50
C GLY Q 57 -72.84 -1.25 56.03
N LEU Q 58 -73.45 -2.19 55.31
CA LEU Q 58 -73.77 -2.06 53.88
C LEU Q 58 -74.23 -0.65 53.54
N LYS Q 59 -73.59 -0.07 52.53
CA LYS Q 59 -73.82 1.33 52.19
C LYS Q 59 -74.99 1.49 51.23
N ARG Q 60 -75.07 2.67 50.62
CA ARG Q 60 -76.31 3.16 50.00
C ARG Q 60 -76.76 2.25 48.86
N LYS Q 61 -75.85 1.83 47.98
CA LYS Q 61 -76.26 1.15 46.75
C LYS Q 61 -77.01 -0.16 47.00
N PRO Q 62 -76.54 -1.07 47.85
CA PRO Q 62 -77.37 -2.24 48.17
C PRO Q 62 -78.72 -1.87 48.77
N MET Q 63 -78.80 -0.78 49.53
CA MET Q 63 -80.08 -0.33 50.07
C MET Q 63 -81.00 0.18 48.97
N ALA Q 64 -80.44 0.77 47.91
CA ALA Q 64 -81.26 1.16 46.77
C ALA Q 64 -81.66 -0.04 45.95
N LEU Q 65 -80.85 -1.09 45.94
CA LEU Q 65 -81.19 -2.28 45.17
C LEU Q 65 -82.24 -3.14 45.87
N VAL Q 66 -82.20 -3.21 47.20
CA VAL Q 66 -83.09 -4.14 47.89
C VAL Q 66 -84.55 -3.71 47.72
N LYS Q 67 -84.81 -2.40 47.76
CA LYS Q 67 -86.15 -1.89 47.56
C LYS Q 67 -86.74 -2.35 46.24
N LYS Q 68 -85.94 -2.34 45.18
CA LYS Q 68 -86.48 -2.61 43.86
C LYS Q 68 -86.99 -4.03 43.72
N LEU Q 69 -86.53 -4.95 44.58
CA LEU Q 69 -87.07 -6.32 44.53
C LEU Q 69 -88.51 -6.35 45.02
N ARG Q 70 -88.77 -5.67 46.14
CA ARG Q 70 -90.14 -5.51 46.62
C ARG Q 70 -90.98 -4.80 45.57
N LYS Q 71 -90.44 -3.73 45.00
CA LYS Q 71 -91.17 -2.96 43.98
C LYS Q 71 -91.56 -3.84 42.80
N ALA Q 72 -90.63 -4.68 42.32
CA ALA Q 72 -90.94 -5.59 41.22
C ALA Q 72 -92.00 -6.60 41.64
N LYS Q 73 -91.89 -7.14 42.85
CA LYS Q 73 -92.90 -8.09 43.33
C LYS Q 73 -94.29 -7.45 43.37
N LYS Q 74 -94.36 -6.17 43.73
CA LYS Q 74 -95.64 -5.47 43.69
C LYS Q 74 -96.12 -5.27 42.25
N ASP Q 75 -95.20 -4.95 41.34
CA ASP Q 75 -95.58 -4.73 39.95
C ASP Q 75 -96.03 -6.02 39.29
N ALA Q 76 -95.51 -7.15 39.73
CA ALA Q 76 -95.76 -8.42 39.08
C ALA Q 76 -97.25 -8.77 39.15
N PRO Q 77 -97.88 -9.14 38.05
CA PRO Q 77 -99.26 -9.66 38.11
C PRO Q 77 -99.38 -10.78 39.13
N ALA Q 78 -100.63 -11.07 39.48
CA ALA Q 78 -100.90 -12.03 40.55
C ALA Q 78 -100.33 -13.40 40.23
N GLY Q 79 -99.30 -13.80 40.97
CA GLY Q 79 -98.64 -15.08 40.75
C GLY Q 79 -98.03 -15.17 39.38
N GLU Q 80 -97.28 -14.13 39.00
CA GLU Q 80 -96.69 -14.05 37.67
C GLU Q 80 -95.20 -13.80 37.81
N LYS Q 81 -94.50 -13.95 36.69
CA LYS Q 81 -93.07 -13.66 36.65
C LYS Q 81 -92.86 -12.15 36.79
N PRO Q 82 -92.04 -11.70 37.74
CA PRO Q 82 -91.90 -10.26 37.98
C PRO Q 82 -90.94 -9.61 36.98
N GLU Q 83 -90.90 -8.28 37.05
CA GLU Q 83 -90.07 -7.51 36.13
C GLU Q 83 -88.60 -7.85 36.37
N PRO Q 84 -87.76 -7.84 35.34
CA PRO Q 84 -86.31 -8.03 35.57
C PRO Q 84 -85.70 -6.82 36.25
N VAL Q 85 -84.91 -7.08 37.28
CA VAL Q 85 -84.17 -6.03 37.99
C VAL Q 85 -82.71 -6.14 37.54
N ARG Q 86 -82.30 -5.28 36.63
CA ARG Q 86 -80.97 -5.37 36.02
C ARG Q 86 -80.01 -4.52 36.84
N THR Q 87 -79.00 -5.16 37.42
CA THR Q 87 -78.09 -4.55 38.38
C THR Q 87 -76.65 -4.53 37.88
N HIS Q 88 -75.90 -3.57 38.41
CA HIS Q 88 -74.48 -3.41 38.17
C HIS Q 88 -73.67 -4.10 39.26
N LEU Q 89 -74.22 -4.16 40.47
CA LEU Q 89 -73.52 -4.66 41.64
C LEU Q 89 -73.34 -6.17 41.55
N ARG Q 90 -72.11 -6.64 41.78
CA ARG Q 90 -71.85 -8.06 41.87
C ARG Q 90 -71.35 -8.48 43.24
N ASN Q 91 -71.14 -7.53 44.15
CA ASN Q 91 -70.65 -7.82 45.48
C ASN Q 91 -71.77 -7.80 46.53
N MET Q 92 -73.01 -7.69 46.11
CA MET Q 92 -74.13 -7.82 47.03
C MET Q 92 -74.36 -9.28 47.34
N ILE Q 93 -74.67 -9.57 48.59
CA ILE Q 93 -74.93 -10.94 49.02
C ILE Q 93 -76.44 -11.20 49.03
N ILE Q 94 -76.82 -12.42 48.70
CA ILE Q 94 -78.24 -12.76 48.56
C ILE Q 94 -78.83 -13.05 49.93
N VAL Q 95 -79.83 -12.26 50.32
CA VAL Q 95 -80.48 -12.36 51.62
C VAL Q 95 -81.85 -13.00 51.42
N PRO Q 96 -82.46 -13.58 52.47
CA PRO Q 96 -83.69 -14.37 52.25
C PRO Q 96 -84.83 -13.58 51.64
N GLU Q 97 -84.85 -12.26 51.79
CA GLU Q 97 -85.82 -11.45 51.06
C GLU Q 97 -85.70 -11.63 49.55
N MET Q 98 -84.47 -11.77 49.05
CA MET Q 98 -84.24 -11.68 47.61
C MET Q 98 -84.93 -12.80 46.84
N ILE Q 99 -85.18 -13.95 47.48
CA ILE Q 99 -85.74 -15.10 46.77
C ILE Q 99 -87.03 -14.70 46.07
N GLY Q 100 -87.06 -14.85 44.74
CA GLY Q 100 -88.18 -14.45 43.93
C GLY Q 100 -87.90 -13.34 42.95
N SER Q 101 -86.80 -12.60 43.14
CA SER Q 101 -86.50 -11.52 42.22
C SER Q 101 -85.88 -12.07 40.93
N LEU Q 102 -85.98 -11.28 39.87
CA LEU Q 102 -85.32 -11.55 38.60
C LEU Q 102 -84.25 -10.49 38.42
N ILE Q 103 -83.02 -10.82 38.80
CA ILE Q 103 -81.93 -9.87 38.77
C ILE Q 103 -81.09 -10.10 37.54
N GLY Q 104 -80.48 -9.02 37.04
CA GLY Q 104 -79.75 -9.02 35.79
C GLY Q 104 -78.27 -8.74 35.93
N VAL Q 105 -77.62 -9.40 36.89
CA VAL Q 105 -76.26 -9.07 37.31
C VAL Q 105 -75.30 -8.92 36.13
N TYR Q 106 -74.72 -7.72 36.02
CA TYR Q 106 -73.83 -7.37 34.93
C TYR Q 106 -72.51 -8.10 35.06
N ASN Q 107 -72.04 -8.71 33.96
CA ASN Q 107 -70.77 -9.43 33.97
C ASN Q 107 -69.68 -8.71 33.21
N GLY Q 108 -69.87 -7.42 32.93
CA GLY Q 108 -68.87 -6.67 32.21
C GLY Q 108 -69.34 -6.25 30.84
N LYS Q 109 -70.08 -7.13 30.18
CA LYS Q 109 -70.58 -6.82 28.84
C LYS Q 109 -72.07 -7.03 28.70
N THR Q 110 -72.63 -8.04 29.38
CA THR Q 110 -74.06 -8.34 29.28
C THR Q 110 -74.70 -8.27 30.65
N PHE Q 111 -76.01 -8.04 30.64
CA PHE Q 111 -76.80 -7.86 31.84
C PHE Q 111 -77.51 -9.20 32.15
N ASN Q 112 -76.70 -10.19 32.51
CA ASN Q 112 -77.13 -11.58 32.48
C ASN Q 112 -78.17 -11.80 33.58
N GLN Q 113 -79.39 -12.18 33.18
CA GLN Q 113 -80.49 -12.32 34.13
C GLN Q 113 -80.32 -13.56 34.99
N VAL Q 114 -80.67 -13.43 36.27
CA VAL Q 114 -80.52 -14.51 37.23
C VAL Q 114 -81.84 -14.71 37.98
N GLU Q 115 -82.08 -15.95 38.38
CA GLU Q 115 -83.21 -16.36 39.19
C GLU Q 115 -82.71 -16.93 40.51
N ILE Q 116 -83.42 -16.65 41.59
CA ILE Q 116 -82.99 -17.01 42.94
C ILE Q 116 -83.78 -18.21 43.44
N LYS Q 117 -83.09 -19.15 44.05
CA LYS Q 117 -83.63 -20.31 44.73
C LYS Q 117 -83.23 -20.26 46.20
N PRO Q 118 -83.90 -21.02 47.07
CA PRO Q 118 -83.57 -20.95 48.50
C PRO Q 118 -82.15 -21.37 48.84
N GLU Q 119 -81.46 -22.10 47.95
CA GLU Q 119 -80.08 -22.47 48.18
C GLU Q 119 -79.10 -21.36 47.83
N MET Q 120 -79.55 -20.37 47.08
CA MET Q 120 -78.73 -19.27 46.62
C MET Q 120 -78.41 -18.30 47.75
N ILE Q 121 -78.66 -18.68 48.99
CA ILE Q 121 -78.45 -17.83 50.15
C ILE Q 121 -76.99 -17.92 50.57
N GLY Q 122 -76.36 -16.77 50.78
CA GLY Q 122 -75.02 -16.72 51.30
C GLY Q 122 -73.94 -16.46 50.28
N HIS Q 123 -74.25 -16.52 48.99
CA HIS Q 123 -73.31 -16.15 47.95
C HIS Q 123 -73.57 -14.73 47.49
N TYR Q 124 -72.71 -14.25 46.60
CA TYR Q 124 -72.91 -12.97 45.96
C TYR Q 124 -73.60 -13.16 44.62
N LEU Q 125 -74.11 -12.07 44.06
CA LEU Q 125 -74.59 -12.12 42.70
C LEU Q 125 -73.46 -12.27 41.69
N ALA Q 126 -72.22 -12.23 42.17
CA ALA Q 126 -71.07 -12.37 41.27
C ALA Q 126 -70.98 -13.77 40.71
N GLU Q 127 -71.11 -14.78 41.55
CA GLU Q 127 -70.85 -16.14 41.05
C GLU Q 127 -71.95 -16.66 40.19
N PHE Q 128 -72.86 -15.82 39.72
CA PHE Q 128 -73.96 -16.29 38.89
C PHE Q 128 -73.95 -15.65 37.51
N SER Q 129 -73.03 -14.71 37.27
CA SER Q 129 -72.80 -14.15 35.94
C SER Q 129 -71.32 -14.39 35.63
N ILE Q 130 -71.04 -15.46 34.88
CA ILE Q 130 -69.68 -15.75 34.49
C ILE Q 130 -69.14 -14.57 33.71
N SER Q 131 -67.95 -14.10 34.08
CA SER Q 131 -67.35 -12.97 33.38
C SER Q 131 -66.58 -13.39 32.13
N TYR Q 132 -66.25 -14.66 32.01
CA TYR Q 132 -65.43 -15.16 30.91
C TYR Q 132 -66.20 -16.20 30.11
N LYS Q 133 -65.52 -16.89 29.22
CA LYS Q 133 -66.13 -17.94 28.45
C LYS Q 133 -65.28 -19.20 28.59
N PRO Q 134 -65.87 -20.36 28.86
CA PRO Q 134 -65.07 -21.58 28.97
C PRO Q 134 -64.33 -21.87 27.69
N VAL Q 135 -63.12 -22.38 27.83
CA VAL Q 135 -62.16 -22.42 26.73
C VAL Q 135 -62.31 -23.72 25.96
N LYS Q 136 -62.38 -23.61 24.64
CA LYS Q 136 -62.35 -24.76 23.75
C LYS Q 136 -61.26 -24.53 22.74
N HIS Q 137 -60.19 -25.32 22.79
CA HIS Q 137 -59.04 -25.09 21.92
C HIS Q 137 -59.20 -25.65 20.51
N GLY R 31 -35.97 -58.35 59.49
CA GLY R 31 -36.98 -57.93 58.53
C GLY R 31 -38.05 -57.00 59.09
N LYS R 32 -39.25 -57.54 59.27
CA LYS R 32 -40.37 -56.73 59.70
C LYS R 32 -40.37 -56.59 61.22
N GLN R 33 -39.21 -56.26 61.81
CA GLN R 33 -39.08 -56.25 63.27
C GLN R 33 -39.54 -54.98 63.94
N LYS R 34 -40.72 -54.52 63.58
CA LYS R 34 -41.65 -53.89 64.50
C LYS R 34 -43.06 -54.40 64.26
N GLU R 35 -43.33 -54.90 63.06
CA GLU R 35 -44.50 -55.69 62.79
C GLU R 35 -44.40 -57.08 63.39
N LYS R 36 -43.19 -57.56 63.68
CA LYS R 36 -42.99 -58.85 64.29
C LYS R 36 -42.99 -58.79 65.82
N VAL R 37 -43.39 -57.66 66.39
CA VAL R 37 -43.27 -57.47 67.84
C VAL R 37 -44.29 -58.30 68.61
N ASN R 38 -45.31 -58.86 67.96
CA ASN R 38 -46.40 -59.47 68.70
C ASN R 38 -46.85 -60.81 68.12
N ASN R 39 -45.96 -61.51 67.41
CA ASN R 39 -46.20 -62.90 67.11
C ASN R 39 -46.02 -63.73 68.38
N ALA R 40 -46.64 -64.91 68.41
CA ALA R 40 -46.46 -65.81 69.55
C ALA R 40 -44.98 -66.05 69.85
N VAL R 41 -44.19 -66.27 68.79
CA VAL R 41 -42.77 -66.51 68.97
C VAL R 41 -42.08 -65.34 69.65
N LEU R 42 -42.47 -64.11 69.29
CA LEU R 42 -41.67 -62.97 69.73
C LEU R 42 -41.75 -62.79 71.24
N PHE R 43 -42.88 -63.14 71.86
CA PHE R 43 -42.92 -63.36 73.30
C PHE R 43 -43.28 -64.82 73.55
N ASP R 44 -42.38 -65.75 73.24
CA ASP R 44 -42.42 -67.03 73.93
C ASP R 44 -41.03 -67.38 74.45
N GLN R 45 -40.05 -67.49 73.54
CA GLN R 45 -38.64 -67.65 73.88
C GLN R 45 -37.68 -66.95 72.91
N ALA R 46 -38.16 -66.41 71.79
CA ALA R 46 -37.35 -66.12 70.61
C ALA R 46 -36.01 -65.44 70.91
N THR R 47 -36.05 -64.22 71.45
CA THR R 47 -34.80 -63.49 71.68
C THR R 47 -34.27 -63.68 73.08
N TYR R 48 -35.08 -64.23 74.00
CA TYR R 48 -34.68 -64.42 75.38
C TYR R 48 -33.70 -65.58 75.47
N ASP R 49 -32.49 -65.38 74.93
CA ASP R 49 -31.40 -66.33 74.87
C ASP R 49 -31.65 -67.45 73.87
N LYS R 50 -32.81 -67.48 73.19
CA LYS R 50 -32.97 -68.45 72.12
C LYS R 50 -32.35 -67.97 70.82
N LEU R 51 -32.23 -66.66 70.62
CA LEU R 51 -31.48 -66.12 69.49
C LEU R 51 -30.23 -65.36 69.93
N LEU R 52 -30.35 -64.36 70.81
CA LEU R 52 -29.26 -63.46 71.13
C LEU R 52 -28.29 -64.03 72.16
N THR R 53 -28.31 -65.34 72.40
CA THR R 53 -27.15 -65.98 72.98
C THR R 53 -25.95 -65.79 72.07
N GLU R 54 -26.13 -66.11 70.78
CA GLU R 54 -25.04 -66.14 69.81
C GLU R 54 -24.81 -64.79 69.14
N VAL R 55 -25.87 -64.07 68.80
CA VAL R 55 -25.78 -62.87 67.95
C VAL R 55 -24.73 -61.88 68.45
N PRO R 56 -24.62 -61.60 69.76
CA PRO R 56 -23.49 -60.76 70.18
C PRO R 56 -22.17 -61.48 70.11
N LYS R 57 -22.18 -62.80 70.28
CA LYS R 57 -20.96 -63.55 70.51
C LYS R 57 -20.19 -63.90 69.24
N TYR R 58 -20.72 -63.62 68.04
CA TYR R 58 -19.91 -63.81 66.83
C TYR R 58 -18.60 -63.04 66.89
N LYS R 59 -18.60 -61.86 67.53
CA LYS R 59 -17.37 -61.18 67.91
C LYS R 59 -17.23 -61.11 69.42
N GLN R 60 -17.98 -61.96 70.14
CA GLN R 60 -18.15 -61.98 71.59
C GLN R 60 -18.95 -60.77 72.03
N ILE R 61 -18.95 -59.76 71.17
CA ILE R 61 -19.49 -58.42 71.39
C ILE R 61 -19.96 -57.82 70.07
N THR R 62 -21.28 -57.77 69.86
CA THR R 62 -21.85 -57.10 68.67
C THR R 62 -23.11 -56.34 69.04
N PRO R 63 -23.18 -55.04 68.74
CA PRO R 63 -24.32 -54.24 69.17
C PRO R 63 -25.64 -54.84 68.71
N SER R 64 -26.67 -54.71 69.54
CA SER R 64 -28.01 -55.09 69.08
C SER R 64 -28.47 -54.16 67.97
N VAL R 65 -28.03 -52.90 68.00
CA VAL R 65 -28.30 -51.98 66.92
C VAL R 65 -27.42 -52.27 65.69
N LEU R 66 -26.34 -53.05 65.85
CA LEU R 66 -25.60 -53.53 64.69
C LEU R 66 -26.26 -54.76 64.09
N SER R 67 -26.76 -55.64 64.93
CA SER R 67 -27.39 -56.87 64.45
C SER R 67 -28.75 -56.63 63.88
N GLU R 68 -29.19 -55.41 63.61
CA GLU R 68 -30.51 -55.22 63.04
C GLU R 68 -30.62 -55.80 61.63
N ARG R 69 -29.50 -56.01 60.94
CA ARG R 69 -29.53 -56.54 59.59
C ARG R 69 -28.71 -57.80 59.37
N LEU R 70 -27.59 -57.98 60.06
CA LEU R 70 -26.84 -59.23 59.94
C LEU R 70 -27.69 -60.42 60.36
N ARG R 71 -28.31 -60.33 61.54
CA ARG R 71 -29.50 -61.11 61.86
C ARG R 71 -30.66 -60.23 61.41
N ILE R 72 -31.27 -60.57 60.27
CA ILE R 72 -32.07 -59.63 59.48
C ILE R 72 -33.06 -58.85 60.34
N ASN R 73 -33.37 -59.36 61.52
CA ASN R 73 -34.35 -58.73 62.41
C ASN R 73 -33.93 -57.31 62.78
N GLY R 74 -34.78 -56.33 62.46
CA GLY R 74 -34.53 -54.91 62.66
C GLY R 74 -34.82 -54.40 64.06
N SER R 75 -35.52 -53.28 64.23
CA SER R 75 -35.57 -52.59 65.52
C SER R 75 -36.99 -52.30 65.99
N LEU R 76 -37.10 -52.13 67.31
CA LEU R 76 -38.28 -51.72 68.08
C LEU R 76 -39.33 -52.80 68.30
N ALA R 77 -39.23 -53.90 67.59
CA ALA R 77 -39.51 -55.16 68.24
C ALA R 77 -38.27 -55.60 68.99
N ARG R 78 -37.18 -54.86 68.76
CA ARG R 78 -35.84 -55.19 69.18
C ARG R 78 -35.20 -54.10 70.02
N ARG R 79 -35.64 -52.86 69.91
CA ARG R 79 -35.20 -51.83 70.85
C ARG R 79 -35.96 -51.90 72.17
N ALA R 80 -37.07 -52.62 72.23
CA ALA R 80 -37.73 -52.88 73.50
C ALA R 80 -37.33 -54.20 74.13
N ILE R 81 -36.48 -54.99 73.47
CA ILE R 81 -35.99 -56.21 74.10
C ILE R 81 -34.57 -55.98 74.64
N LYS R 82 -33.84 -55.02 74.07
CA LYS R 82 -32.56 -54.66 74.66
C LYS R 82 -32.77 -54.05 76.05
N ASP R 83 -33.93 -53.42 76.27
CA ASP R 83 -34.36 -53.07 77.61
C ASP R 83 -34.63 -54.31 78.46
N LEU R 84 -35.29 -55.30 77.90
CA LEU R 84 -35.68 -56.46 78.70
C LEU R 84 -34.46 -57.27 79.14
N MET R 85 -33.45 -57.37 78.29
CA MET R 85 -32.19 -57.96 78.74
C MET R 85 -31.51 -57.13 79.81
N GLU R 86 -31.74 -55.81 79.82
CA GLU R 86 -31.25 -55.00 80.92
C GLU R 86 -31.96 -55.33 82.22
N ARG R 87 -33.29 -55.41 82.18
CA ARG R 87 -34.02 -55.75 83.40
C ARG R 87 -33.66 -57.16 83.86
N GLY R 88 -33.31 -58.03 82.90
CA GLY R 88 -32.93 -59.41 83.15
C GLY R 88 -31.48 -59.64 83.49
N LEU R 89 -30.66 -58.60 83.48
CA LEU R 89 -29.25 -58.69 83.87
C LEU R 89 -28.47 -59.68 82.99
N ILE R 90 -28.38 -59.35 81.71
CA ILE R 90 -27.65 -60.21 80.78
C ILE R 90 -26.59 -59.47 79.95
N ARG R 91 -26.69 -58.16 79.70
CA ARG R 91 -25.82 -57.53 78.71
C ARG R 91 -25.85 -56.01 78.87
N MET R 92 -24.68 -55.38 78.94
CA MET R 92 -24.59 -53.95 79.22
C MET R 92 -24.55 -53.11 77.93
N VAL R 93 -24.82 -51.82 78.09
CA VAL R 93 -25.28 -50.96 77.01
C VAL R 93 -24.65 -49.58 77.11
N SER R 94 -24.78 -48.82 76.02
CA SER R 94 -24.66 -47.37 76.00
C SER R 94 -25.73 -46.81 75.07
N ILE R 95 -26.26 -45.64 75.41
CA ILE R 95 -27.31 -44.99 74.64
C ILE R 95 -26.82 -43.60 74.25
N HIS R 96 -27.11 -43.20 73.02
CA HIS R 96 -26.67 -41.90 72.55
C HIS R 96 -27.63 -41.38 71.48
N SER R 97 -27.15 -40.39 70.72
CA SER R 97 -27.97 -39.46 69.95
C SER R 97 -28.90 -40.14 68.96
N SER R 98 -28.34 -40.81 67.96
CA SER R 98 -29.09 -41.25 66.80
C SER R 98 -29.94 -42.48 67.13
N GLN R 99 -30.21 -42.69 68.41
CA GLN R 99 -30.75 -43.93 68.93
C GLN R 99 -29.73 -45.05 68.81
N GLN R 100 -28.45 -44.71 68.94
CA GLN R 100 -27.40 -45.71 68.96
C GLN R 100 -27.47 -46.50 70.26
N ILE R 101 -27.44 -47.82 70.14
CA ILE R 101 -27.51 -48.74 71.26
C ILE R 101 -26.45 -49.81 71.03
N PHE R 102 -25.95 -50.38 72.13
CA PHE R 102 -24.78 -51.25 72.09
C PHE R 102 -25.01 -52.47 72.98
N THR R 103 -24.04 -53.38 72.95
CA THR R 103 -24.20 -54.73 73.46
C THR R 103 -22.84 -55.28 73.85
N ARG R 104 -22.84 -56.15 74.87
CA ARG R 104 -21.67 -56.97 75.16
C ARG R 104 -22.21 -58.18 75.91
N ALA R 105 -21.88 -59.38 75.45
CA ALA R 105 -22.63 -60.56 75.86
C ALA R 105 -22.56 -60.85 77.36
N THR R 106 -21.41 -61.27 77.88
CA THR R 106 -21.43 -61.62 79.30
C THR R 106 -20.29 -61.03 80.11
N ASN R 107 -19.08 -60.95 79.56
CA ASN R 107 -17.86 -60.68 80.33
C ASN R 107 -17.77 -61.58 81.56
N ASP S 23 5.01 -63.36 36.64
CA ASP S 23 4.39 -62.46 37.60
C ASP S 23 5.10 -61.12 37.67
N THR S 24 4.39 -60.15 38.24
CA THR S 24 4.94 -58.83 38.52
C THR S 24 4.92 -58.57 40.02
N GLN S 25 5.90 -57.81 40.48
CA GLN S 25 5.96 -57.36 41.86
C GLN S 25 5.92 -55.84 41.87
N VAL S 26 5.07 -55.27 42.74
CA VAL S 26 4.96 -53.82 42.85
C VAL S 26 6.29 -53.24 43.28
N LYS S 27 6.83 -52.34 42.47
CA LYS S 27 8.09 -51.69 42.80
C LYS S 27 7.83 -50.29 43.34
N LEU S 28 8.80 -49.78 44.08
CA LEU S 28 8.64 -48.53 44.79
C LEU S 28 9.68 -47.55 44.26
N ALA S 29 9.24 -46.35 43.89
CA ALA S 29 10.12 -45.36 43.30
C ALA S 29 9.92 -44.01 43.99
N VAL S 30 10.86 -43.10 43.77
CA VAL S 30 10.84 -41.78 44.37
C VAL S 30 10.93 -40.73 43.27
N VAL S 31 10.03 -39.75 43.30
CA VAL S 31 10.10 -38.66 42.34
C VAL S 31 11.28 -37.78 42.73
N VAL S 32 12.28 -37.71 41.87
CA VAL S 32 13.49 -37.00 42.26
C VAL S 32 13.49 -35.59 41.66
N LYS S 33 13.10 -35.41 40.40
CA LYS S 33 12.62 -34.11 39.92
C LYS S 33 11.32 -34.28 39.16
N VAL S 34 10.54 -33.20 39.14
CA VAL S 34 9.27 -33.14 38.43
C VAL S 34 9.48 -32.31 37.17
N MET S 35 9.02 -32.81 36.04
CA MET S 35 9.40 -32.25 34.75
C MET S 35 8.35 -31.29 34.17
N GLY S 36 7.11 -31.72 34.05
CA GLY S 36 6.14 -30.81 33.49
C GLY S 36 4.72 -31.34 33.55
N ARG S 37 3.86 -30.72 32.75
CA ARG S 37 2.45 -31.06 32.73
C ARG S 37 2.05 -31.43 31.30
N THR S 38 1.85 -32.72 31.07
CA THR S 38 1.35 -33.26 29.82
C THR S 38 -0.13 -33.58 29.92
N GLY S 39 -0.67 -34.03 28.80
CA GLY S 39 -2.09 -34.22 28.60
C GLY S 39 -2.68 -33.15 27.70
N SER S 40 -3.86 -33.44 27.17
CA SER S 40 -4.60 -32.44 26.43
C SER S 40 -4.96 -31.26 27.33
N ARG S 41 -5.44 -31.58 28.54
CA ARG S 41 -5.92 -30.59 29.49
C ARG S 41 -4.95 -30.36 30.64
N GLY S 42 -3.71 -30.80 30.50
CA GLY S 42 -2.72 -30.57 31.52
C GLY S 42 -2.99 -31.27 32.82
N GLN S 43 -3.77 -32.34 32.81
CA GLN S 43 -4.10 -33.03 34.05
C GLN S 43 -3.06 -34.06 34.45
N VAL S 44 -2.06 -34.31 33.62
CA VAL S 44 -1.06 -35.32 33.92
C VAL S 44 0.28 -34.63 34.10
N THR S 45 1.04 -35.05 35.09
CA THR S 45 2.39 -34.54 35.24
C THR S 45 3.38 -35.59 34.75
N GLN S 46 4.52 -35.12 34.25
CA GLN S 46 5.64 -35.98 33.93
C GLN S 46 6.77 -35.72 34.92
N VAL S 47 7.24 -36.79 35.55
CA VAL S 47 8.26 -36.75 36.60
C VAL S 47 9.33 -37.78 36.24
N ARG S 48 10.50 -37.60 36.83
CA ARG S 48 11.57 -38.59 36.75
C ARG S 48 11.65 -39.30 38.09
N VAL S 49 11.56 -40.61 38.07
CA VAL S 49 11.57 -41.43 39.27
C VAL S 49 12.87 -42.21 39.34
N LYS S 50 13.18 -42.62 40.55
CA LYS S 50 14.40 -43.31 40.94
C LYS S 50 14.01 -44.52 41.78
N PHE S 51 14.61 -45.66 41.51
CA PHE S 51 14.17 -46.90 42.12
C PHE S 51 14.93 -47.08 43.44
N LEU S 52 14.19 -47.35 44.51
CA LEU S 52 14.83 -47.37 45.82
C LEU S 52 15.74 -48.57 45.99
N ASP S 53 15.39 -49.73 45.44
CA ASP S 53 16.28 -50.87 45.58
C ASP S 53 17.52 -50.71 44.70
N ASP S 54 17.35 -50.23 43.48
CA ASP S 54 18.46 -49.95 42.57
C ASP S 54 18.54 -48.45 42.39
N GLN S 55 19.37 -47.80 43.19
CA GLN S 55 19.42 -46.34 43.14
C GLN S 55 20.33 -45.90 42.00
N ASN S 56 20.14 -46.53 40.84
CA ASN S 56 20.84 -46.16 39.61
C ASN S 56 19.92 -46.10 38.41
N ARG S 57 18.67 -46.54 38.52
CA ARG S 57 17.75 -46.61 37.39
C ARG S 57 16.77 -45.46 37.52
N LEU S 58 16.97 -44.40 36.74
CA LEU S 58 16.11 -43.23 36.75
C LEU S 58 15.34 -43.18 35.43
N ILE S 59 14.02 -43.15 35.51
CA ILE S 59 13.18 -43.23 34.32
C ILE S 59 12.00 -42.26 34.42
N MET S 60 11.45 -41.94 33.26
CA MET S 60 10.38 -40.96 33.13
C MET S 60 9.03 -41.65 33.31
N ARG S 61 8.15 -41.05 34.10
CA ARG S 61 6.80 -41.57 34.26
C ARG S 61 5.78 -40.45 34.26
N ASN S 62 4.54 -40.83 33.99
CA ASN S 62 3.39 -39.93 34.05
C ASN S 62 2.54 -40.26 35.27
N VAL S 63 2.19 -39.23 36.02
CA VAL S 63 1.46 -39.35 37.27
C VAL S 63 0.20 -38.51 37.19
N LYS S 64 -0.88 -39.01 37.76
CA LYS S 64 -2.14 -38.26 37.83
C LYS S 64 -2.42 -37.91 39.28
N GLY S 65 -2.63 -36.63 39.54
CA GLY S 65 -2.83 -36.14 40.88
C GLY S 65 -1.68 -35.26 41.31
N PRO S 66 -1.91 -34.42 42.32
CA PRO S 66 -0.86 -33.51 42.76
C PRO S 66 0.37 -34.27 43.27
N VAL S 67 1.54 -33.74 42.93
CA VAL S 67 2.81 -34.43 43.22
C VAL S 67 3.91 -33.39 43.32
N ARG S 68 4.76 -33.54 44.33
CA ARG S 68 5.92 -32.69 44.50
C ARG S 68 7.18 -33.53 44.47
N GLU S 69 8.32 -32.86 44.56
CA GLU S 69 9.59 -33.55 44.67
C GLU S 69 9.63 -34.32 45.98
N GLY S 70 9.94 -35.61 45.91
CA GLY S 70 10.05 -36.44 47.09
C GLY S 70 8.94 -37.43 47.29
N ASP S 71 7.83 -37.36 46.55
CA ASP S 71 6.78 -38.35 46.71
C ASP S 71 7.29 -39.73 46.33
N ILE S 72 6.72 -40.73 46.97
CA ILE S 72 7.03 -42.13 46.67
C ILE S 72 5.88 -42.68 45.82
N LEU S 73 6.22 -43.16 44.63
CA LEU S 73 5.26 -43.70 43.69
C LEU S 73 5.32 -45.22 43.68
N THR S 74 4.15 -45.85 43.73
CA THR S 74 4.08 -47.30 43.58
C THR S 74 3.82 -47.64 42.12
N LEU S 75 4.64 -48.53 41.58
CA LEU S 75 4.59 -48.92 40.18
C LEU S 75 4.12 -50.37 40.12
N LEU S 76 3.02 -50.62 39.40
CA LEU S 76 2.58 -52.00 39.20
C LEU S 76 3.55 -52.75 38.30
N GLU S 77 4.03 -52.12 37.24
CA GLU S 77 5.16 -52.63 36.48
C GLU S 77 6.20 -51.54 36.31
N SER S 78 7.45 -51.94 36.22
CA SER S 78 8.56 -51.02 36.19
C SER S 78 9.04 -50.66 34.78
N GLU S 79 8.75 -51.50 33.79
CA GLU S 79 9.43 -51.34 32.50
C GLU S 79 8.99 -50.08 31.76
N ARG S 80 7.71 -49.76 31.79
CA ARG S 80 7.18 -48.69 30.94
C ARG S 80 7.82 -47.35 31.27
N GLU S 81 8.43 -46.73 30.25
CA GLU S 81 9.19 -45.49 30.41
C GLU S 81 8.66 -44.43 29.45
N ALA S 82 8.25 -43.29 30.00
CA ALA S 82 7.65 -42.23 29.23
C ALA S 82 8.70 -41.52 28.37
N ARG S 83 8.22 -40.72 27.43
CA ARG S 83 9.09 -39.97 26.54
C ARG S 83 8.81 -38.48 26.70
N ARG S 84 9.79 -37.68 26.29
CA ARG S 84 9.77 -36.23 26.53
C ARG S 84 8.50 -35.61 25.97
N LEU S 85 7.80 -34.86 26.83
CA LEU S 85 6.57 -34.16 26.46
C LEU S 85 5.51 -35.12 25.92
N ARG S 86 5.43 -36.29 26.53
CA ARG S 86 4.57 -37.39 26.11
C ARG S 86 3.10 -36.99 25.97
N GLY T 2 26.11 -5.96 -34.90
CA GLY T 2 25.38 -5.05 -34.03
C GLY T 2 26.18 -3.86 -33.57
N ARG T 3 26.36 -2.88 -34.45
CA ARG T 3 27.03 -1.63 -34.11
C ARG T 3 26.64 -0.55 -35.10
N ARG T 4 26.36 0.65 -34.58
CA ARG T 4 26.18 1.86 -35.38
C ARG T 4 26.65 3.02 -34.51
N ILE T 5 27.93 3.37 -34.64
CA ILE T 5 28.61 4.27 -33.72
C ILE T 5 28.08 5.69 -33.92
N LEU T 6 28.51 6.60 -33.06
CA LEU T 6 27.97 7.92 -32.77
C LEU T 6 26.76 7.82 -31.87
N ASN T 7 26.23 6.63 -31.64
CA ASN T 7 25.28 6.44 -30.55
C ASN T 7 25.96 5.95 -29.29
N ASP T 8 26.87 4.99 -29.44
CA ASP T 8 27.65 4.53 -28.31
C ASP T 8 28.56 5.63 -27.77
N ALA T 9 29.11 6.46 -28.65
CA ALA T 9 29.98 7.54 -28.19
C ALA T 9 29.20 8.57 -27.39
N LEU T 10 28.09 9.05 -27.94
CA LEU T 10 27.34 10.10 -27.26
C LEU T 10 26.68 9.57 -26.00
N ARG T 11 26.22 8.32 -26.01
CA ARG T 11 25.57 7.80 -24.82
C ARG T 11 26.58 7.46 -23.74
N THR T 12 27.77 7.00 -24.12
CA THR T 12 28.84 6.86 -23.15
C THR T 12 29.18 8.20 -22.53
N MET T 13 29.17 9.27 -23.34
CA MET T 13 29.46 10.58 -22.77
C MET T 13 28.36 11.05 -21.82
N VAL T 14 27.08 10.83 -22.15
CA VAL T 14 26.01 11.24 -21.23
C VAL T 14 26.13 10.46 -19.92
N ASN T 15 26.39 9.16 -20.01
CA ASN T 15 26.49 8.38 -18.78
C ASN T 15 27.67 8.84 -17.93
N ALA T 16 28.82 9.07 -18.57
CA ALA T 16 29.99 9.49 -17.83
C ALA T 16 29.80 10.87 -17.22
N GLU T 17 29.23 11.81 -17.98
CA GLU T 17 28.98 13.14 -17.45
C GLU T 17 27.98 13.11 -16.32
N ARG T 18 26.95 12.27 -16.44
CA ARG T 18 25.96 12.18 -15.37
C ARG T 18 26.53 11.53 -14.12
N ARG T 19 27.56 10.69 -14.25
CA ARG T 19 28.24 10.25 -13.03
C ARG T 19 29.31 11.20 -12.55
N GLY T 20 29.59 12.28 -13.26
CA GLY T 20 30.58 13.24 -12.81
C GLY T 20 32.01 12.85 -13.10
N LYS T 21 32.23 11.87 -13.96
CA LYS T 21 33.59 11.49 -14.33
C LYS T 21 34.24 12.63 -15.11
N ALA T 22 35.56 12.68 -15.05
CA ALA T 22 36.30 13.71 -15.77
C ALA T 22 36.86 13.23 -17.10
N THR T 23 37.01 11.92 -17.28
CA THR T 23 37.55 11.36 -18.52
C THR T 23 36.57 10.33 -19.03
N ALA T 24 36.29 10.35 -20.33
CA ALA T 24 35.49 9.31 -20.97
C ALA T 24 36.27 8.71 -22.13
N GLN T 25 36.04 7.43 -22.41
CA GLN T 25 36.77 6.76 -23.48
C GLN T 25 35.79 6.18 -24.48
N LEU T 26 35.98 6.53 -25.75
CA LEU T 26 35.17 6.05 -26.86
C LEU T 26 36.02 5.08 -27.66
N GLN T 27 35.60 3.81 -27.70
CA GLN T 27 36.42 2.80 -28.34
C GLN T 27 36.41 2.97 -29.85
N PRO T 28 35.28 2.77 -30.56
CA PRO T 28 35.36 2.92 -32.01
C PRO T 28 35.16 4.37 -32.38
N ILE T 29 36.09 4.95 -33.14
CA ILE T 29 36.01 6.34 -33.54
C ILE T 29 35.71 6.42 -35.02
N SER T 30 35.46 7.63 -35.49
CA SER T 30 35.35 7.90 -36.91
C SER T 30 35.51 9.40 -37.11
N GLY T 31 35.66 9.79 -38.37
CA GLY T 31 35.67 11.21 -38.69
C GLY T 31 34.38 11.89 -38.29
N VAL T 32 33.25 11.19 -38.38
CA VAL T 32 31.98 11.79 -37.99
C VAL T 32 31.99 12.14 -36.52
N MET T 33 32.48 11.22 -35.67
CA MET T 33 32.54 11.48 -34.24
C MET T 33 33.45 12.65 -33.92
N ILE T 34 34.62 12.71 -34.55
CA ILE T 34 35.55 13.80 -34.31
C ILE T 34 34.93 15.12 -34.74
N SER T 35 34.27 15.14 -35.89
CA SER T 35 33.65 16.36 -36.38
C SER T 35 32.56 16.83 -35.44
N PHE T 36 31.78 15.88 -34.90
CA PHE T 36 30.77 16.23 -33.90
C PHE T 36 31.41 16.84 -32.66
N LEU T 37 32.45 16.17 -32.15
CA LEU T 37 33.12 16.64 -30.93
C LEU T 37 33.73 18.01 -31.12
N ASN T 38 34.15 18.35 -32.34
CA ASN T 38 34.63 19.69 -32.60
C ASN T 38 33.55 20.74 -32.41
N ILE T 39 32.34 20.47 -32.90
CA ILE T 39 31.23 21.39 -32.66
C ILE T 39 30.97 21.52 -31.17
N MET T 40 30.95 20.38 -30.47
CA MET T 40 30.81 20.42 -29.01
C MET T 40 31.83 21.35 -28.37
N LYS T 41 33.09 21.22 -28.74
CA LYS T 41 34.13 22.02 -28.10
C LYS T 41 34.01 23.49 -28.47
N HIS T 42 33.79 23.77 -29.76
CA HIS T 42 33.73 25.15 -30.22
C HIS T 42 32.54 25.88 -29.62
N ARG T 43 31.49 25.16 -29.25
CA ARG T 43 30.39 25.80 -28.54
C ARG T 43 30.55 25.74 -27.03
N GLY T 44 31.55 25.04 -26.52
CA GLY T 44 31.98 25.17 -25.15
C GLY T 44 31.58 24.07 -24.18
N TYR T 45 31.04 22.95 -24.66
CA TYR T 45 30.43 21.98 -23.78
C TYR T 45 31.37 20.86 -23.37
N ILE T 46 32.54 20.74 -23.98
CA ILE T 46 33.55 19.77 -23.58
C ILE T 46 34.91 20.44 -23.60
N LYS T 47 35.84 19.84 -22.88
CA LYS T 47 37.24 20.23 -22.89
C LYS T 47 37.95 19.46 -24.01
N ASN T 48 39.27 19.53 -24.04
CA ASN T 48 40.02 18.95 -25.14
C ASN T 48 40.01 17.43 -25.06
N PHE T 49 40.31 16.79 -26.19
CA PHE T 49 40.23 15.34 -26.29
C PHE T 49 41.33 14.83 -27.20
N GLU T 50 41.63 13.53 -27.07
CA GLU T 50 42.78 12.95 -27.74
C GLU T 50 42.42 11.67 -28.48
N VAL T 51 43.02 11.49 -29.65
CA VAL T 51 42.91 10.26 -30.43
C VAL T 51 44.08 9.35 -30.06
N PHE T 52 43.77 8.13 -29.64
CA PHE T 52 44.77 7.12 -29.36
C PHE T 52 44.69 6.06 -30.46
N ASP T 53 45.70 6.01 -31.32
CA ASP T 53 45.70 5.10 -32.45
C ASP T 53 46.65 3.95 -32.16
N PRO T 54 46.17 2.80 -31.71
CA PRO T 54 47.07 1.67 -31.52
C PRO T 54 47.38 0.87 -32.79
N HIS T 55 46.33 0.67 -33.56
CA HIS T 55 46.08 0.68 -34.99
C HIS T 55 44.68 0.18 -34.78
N ARG T 56 43.71 0.56 -35.60
CA ARG T 56 42.43 -0.12 -35.77
C ARG T 56 41.46 0.98 -36.17
N VAL T 57 40.18 0.69 -36.05
CA VAL T 57 39.16 1.73 -36.02
C VAL T 57 39.61 2.96 -35.23
N GLY T 58 40.21 2.77 -34.06
CA GLY T 58 40.75 3.90 -33.30
C GLY T 58 40.32 3.85 -31.85
N LYS T 59 40.50 4.98 -31.16
CA LYS T 59 40.13 5.16 -29.76
C LYS T 59 40.32 6.62 -29.40
N ILE T 60 39.41 7.20 -28.61
CA ILE T 60 39.61 8.57 -28.15
C ILE T 60 39.23 8.70 -26.68
N THR T 61 39.87 9.67 -26.02
CA THR T 61 39.55 10.03 -24.65
C THR T 61 39.16 11.50 -24.58
N VAL T 62 38.02 11.79 -23.97
CA VAL T 62 37.44 13.11 -23.91
C VAL T 62 37.47 13.62 -22.48
N GLU T 63 37.72 14.93 -22.35
CA GLU T 63 37.78 15.61 -21.07
C GLU T 63 36.47 16.36 -20.86
N LEU T 64 35.75 16.02 -19.80
CA LEU T 64 34.40 16.52 -19.57
C LEU T 64 34.45 17.73 -18.65
N GLN T 65 33.80 18.82 -19.07
CA GLN T 65 33.85 20.08 -18.36
C GLN T 65 32.75 20.26 -17.33
N GLY T 66 31.80 19.33 -17.25
CA GLY T 66 30.73 19.47 -16.29
C GLY T 66 29.61 20.41 -16.67
N ARG T 67 29.50 20.79 -17.95
CA ARG T 67 28.44 21.70 -18.37
C ARG T 67 27.46 21.09 -19.37
N ILE T 68 27.70 19.88 -19.84
CA ILE T 68 26.77 19.29 -20.80
C ILE T 68 25.66 18.59 -20.03
N LYS T 69 24.43 18.71 -20.53
CA LYS T 69 23.31 18.10 -19.86
C LYS T 69 22.82 16.85 -20.58
N ASP T 70 22.68 16.91 -21.90
CA ASP T 70 22.24 15.74 -22.64
C ASP T 70 22.73 15.89 -24.07
N CYS T 71 23.34 14.83 -24.60
CA CYS T 71 23.77 14.79 -26.00
C CYS T 71 23.38 13.44 -26.57
N LYS T 72 22.57 13.44 -27.62
CA LYS T 72 22.08 12.18 -28.16
C LYS T 72 22.09 12.24 -29.67
N ALA T 73 21.80 11.10 -30.28
CA ALA T 73 21.77 10.96 -31.72
C ALA T 73 20.35 10.86 -32.22
N LEU T 74 20.12 11.36 -33.43
CA LEU T 74 18.89 11.10 -34.16
C LEU T 74 19.20 10.03 -35.18
N THR T 75 19.17 8.78 -34.74
CA THR T 75 19.40 7.70 -35.68
C THR T 75 18.07 7.43 -36.37
N TYR T 76 18.15 6.93 -37.60
CA TYR T 76 17.23 7.33 -38.65
C TYR T 76 17.39 8.83 -38.91
N ARG T 77 18.54 9.15 -39.50
CA ARG T 77 18.93 10.51 -39.83
C ARG T 77 17.98 11.06 -40.88
N GLN T 78 17.09 11.96 -40.48
CA GLN T 78 16.10 12.44 -41.43
C GLN T 78 16.73 13.44 -42.37
N ASP T 79 16.08 13.64 -43.51
CA ASP T 79 16.46 14.71 -44.41
C ASP T 79 15.86 16.00 -43.92
N LEU T 80 16.67 17.05 -43.89
CA LEU T 80 16.36 18.24 -43.11
C LEU T 80 16.76 19.49 -43.91
N ARG T 81 15.76 20.17 -44.44
CA ARG T 81 16.03 21.36 -45.25
C ARG T 81 16.05 22.61 -44.40
N ALA T 82 16.57 23.69 -44.99
CA ALA T 82 16.80 24.92 -44.25
C ALA T 82 15.52 25.59 -43.77
N THR T 83 14.35 25.07 -44.11
CA THR T 83 13.09 25.64 -43.65
C THR T 83 12.48 24.89 -42.49
N GLU T 84 12.70 23.58 -42.38
CA GLU T 84 12.20 22.83 -41.24
C GLU T 84 13.25 22.66 -40.15
N ILE T 85 14.33 23.45 -40.17
CA ILE T 85 15.22 23.52 -39.03
C ILE T 85 14.45 23.97 -37.81
N GLU T 86 13.56 24.96 -38.00
CA GLU T 86 12.85 25.57 -36.89
C GLU T 86 12.05 24.54 -36.11
N LYS T 87 11.34 23.67 -36.81
CA LYS T 87 10.45 22.77 -36.13
C LYS T 87 11.20 21.62 -35.45
N TYR T 88 12.32 21.16 -36.01
CA TYR T 88 13.17 20.24 -35.26
C TYR T 88 13.72 20.87 -34.00
N ARG T 89 14.16 22.11 -34.06
CA ARG T 89 14.73 22.65 -32.84
C ARG T 89 13.65 22.94 -31.80
N THR T 90 12.40 23.19 -32.21
CA THR T 90 11.35 23.26 -31.20
C THR T 90 11.05 21.89 -30.62
N ARG T 91 11.06 20.84 -31.45
CA ARG T 91 10.80 19.51 -30.91
C ARG T 91 11.92 19.01 -30.03
N MET T 92 13.15 19.48 -30.23
CA MET T 92 14.29 18.81 -29.64
C MET T 92 15.14 19.65 -28.71
N LEU T 93 14.99 20.95 -28.71
CA LEU T 93 15.86 21.70 -27.82
C LEU T 93 15.08 22.33 -26.68
N PRO T 94 15.70 22.51 -25.52
CA PRO T 94 14.95 23.01 -24.36
C PRO T 94 14.44 24.44 -24.49
N THR T 95 14.97 25.24 -25.40
CA THR T 95 14.47 26.60 -25.56
C THR T 95 15.00 27.17 -26.87
N ARG T 96 14.53 28.37 -27.19
CA ARG T 96 15.00 29.14 -28.33
C ARG T 96 16.35 29.81 -28.09
N GLN T 97 16.89 29.71 -26.87
CA GLN T 97 18.06 30.48 -26.48
C GLN T 97 19.37 29.69 -26.55
N TRP T 98 19.35 28.40 -26.21
CA TRP T 98 20.57 27.60 -26.20
C TRP T 98 20.25 26.18 -26.64
N GLY T 99 21.30 25.44 -26.93
CA GLY T 99 21.19 24.10 -27.46
C GLY T 99 21.42 24.08 -28.96
N TYR T 100 22.01 23.01 -29.45
CA TYR T 100 22.36 22.92 -30.86
C TYR T 100 21.95 21.58 -31.42
N VAL T 101 21.47 21.62 -32.66
CA VAL T 101 21.21 20.43 -33.46
C VAL T 101 22.34 20.35 -34.48
N VAL T 102 22.94 19.17 -34.60
CA VAL T 102 24.06 18.94 -35.50
C VAL T 102 23.54 18.32 -36.79
N VAL T 103 23.89 18.92 -37.92
CA VAL T 103 23.48 18.44 -39.22
C VAL T 103 24.71 18.22 -40.07
N THR T 104 24.73 17.10 -40.79
CA THR T 104 25.73 16.87 -41.81
C THR T 104 25.22 17.42 -43.13
N THR T 105 26.06 18.18 -43.80
CA THR T 105 25.73 18.94 -44.99
C THR T 105 26.91 18.81 -45.94
N PRO T 106 26.70 18.96 -47.25
CA PRO T 106 27.84 18.96 -48.17
C PRO T 106 28.88 20.03 -47.87
N ASN T 107 28.57 21.01 -47.03
CA ASN T 107 29.57 21.95 -46.55
C ASN T 107 30.12 21.52 -45.18
N GLY T 108 30.22 20.23 -44.93
CA GLY T 108 30.72 19.74 -43.67
C GLY T 108 29.65 19.47 -42.64
N VAL T 109 30.11 19.02 -41.48
CA VAL T 109 29.26 18.84 -40.31
C VAL T 109 29.22 20.14 -39.54
N LEU T 110 28.03 20.60 -39.18
CA LEU T 110 27.94 21.88 -38.49
C LEU T 110 26.62 22.00 -37.76
N ASP T 111 26.53 22.98 -36.89
CA ASP T 111 25.33 23.17 -36.10
C ASP T 111 24.26 23.90 -36.92
N HIS T 112 23.04 23.92 -36.39
CA HIS T 112 21.93 24.43 -37.19
C HIS T 112 22.04 25.93 -37.41
N GLU T 113 22.69 26.67 -36.51
CA GLU T 113 22.78 28.12 -36.66
C GLU T 113 23.74 28.52 -37.78
N GLU T 114 24.92 27.90 -37.82
CA GLU T 114 25.79 28.07 -38.97
C GLU T 114 25.10 27.62 -40.25
N ALA T 115 24.25 26.60 -40.17
CA ALA T 115 23.49 26.18 -41.34
C ALA T 115 22.54 27.26 -41.80
N ILE T 116 21.85 27.91 -40.87
CA ILE T 116 20.99 29.03 -41.26
C ILE T 116 21.81 30.12 -41.92
N ARG T 117 22.95 30.48 -41.34
CA ARG T 117 23.75 31.56 -41.91
C ARG T 117 24.25 31.20 -43.31
N GLN T 118 24.75 29.99 -43.49
CA GLN T 118 25.28 29.57 -44.78
C GLN T 118 24.19 29.03 -45.70
N ASN T 119 22.95 28.93 -45.21
CA ASN T 119 21.79 28.64 -46.03
C ASN T 119 21.90 27.28 -46.71
N VAL T 120 22.16 26.25 -45.91
CA VAL T 120 22.28 24.87 -46.42
C VAL T 120 21.52 23.94 -45.48
N GLY T 121 20.85 22.96 -46.06
CA GLY T 121 20.25 21.88 -45.31
C GLY T 121 21.11 20.64 -45.36
N GLY T 122 20.57 19.57 -44.80
CA GLY T 122 21.27 18.31 -44.83
C GLY T 122 20.53 17.22 -44.11
N GLN T 123 21.25 16.40 -43.35
CA GLN T 123 20.64 15.35 -42.58
C GLN T 123 21.03 15.49 -41.11
N VAL T 124 20.07 15.30 -40.21
CA VAL T 124 20.33 15.49 -38.79
C VAL T 124 21.11 14.31 -38.24
N LEU T 125 22.14 14.61 -37.44
CA LEU T 125 22.90 13.59 -36.73
C LEU T 125 22.53 13.47 -35.26
N GLY T 126 22.44 14.59 -34.56
CA GLY T 126 22.15 14.53 -33.15
C GLY T 126 21.92 15.91 -32.60
N TYR T 127 22.03 16.00 -31.28
CA TYR T 127 21.87 17.27 -30.61
C TYR T 127 22.65 17.20 -29.32
N PHE T 128 22.90 18.36 -28.75
CA PHE T 128 23.47 18.45 -27.43
C PHE T 128 23.09 19.78 -26.82
N HIS T 129 22.91 19.78 -25.51
CA HIS T 129 22.51 20.98 -24.78
C HIS T 129 22.82 20.87 -23.30
N SER U 18 -52.97 6.46 43.90
CA SER U 18 -53.17 7.45 44.95
C SER U 18 -51.86 7.76 45.65
N ARG U 19 -50.76 7.56 44.94
CA ARG U 19 -49.43 7.78 45.50
C ARG U 19 -48.49 7.98 44.33
N VAL U 20 -47.98 9.19 44.15
CA VAL U 20 -47.25 9.54 42.93
C VAL U 20 -45.86 10.06 43.28
N CYS U 21 -45.01 10.14 42.26
CA CYS U 21 -43.71 10.77 42.39
C CYS U 21 -43.88 12.26 42.63
N ARG U 22 -43.21 12.78 43.64
CA ARG U 22 -43.23 14.21 43.90
C ARG U 22 -42.58 14.99 42.76
N VAL U 23 -41.72 14.36 41.96
CA VAL U 23 -40.95 15.07 40.95
C VAL U 23 -41.65 15.02 39.60
N CYS U 24 -42.38 13.95 39.32
CA CYS U 24 -43.00 13.80 38.01
C CYS U 24 -44.43 13.28 38.04
N GLY U 25 -44.98 12.92 39.20
CA GLY U 25 -46.34 12.45 39.25
C GLY U 25 -46.59 11.14 38.53
N ASN U 26 -45.62 10.24 38.55
CA ASN U 26 -45.77 8.93 37.97
C ASN U 26 -46.12 7.91 39.05
N SER U 27 -46.64 6.77 38.61
CA SER U 27 -47.23 5.81 39.54
C SER U 27 -46.40 4.55 39.73
N HIS U 28 -45.28 4.39 39.04
CA HIS U 28 -44.54 3.13 39.08
C HIS U 28 -43.12 3.32 39.58
N GLY U 29 -42.63 2.29 40.27
CA GLY U 29 -41.29 2.32 40.83
C GLY U 29 -41.08 3.42 41.84
N LEU U 30 -42.00 3.55 42.78
CA LEU U 30 -41.98 4.63 43.75
C LEU U 30 -41.19 4.23 44.99
N ILE U 31 -40.39 5.15 45.48
CA ILE U 31 -39.56 4.95 46.66
C ILE U 31 -40.22 5.71 47.79
N ARG U 32 -40.94 5.01 48.66
CA ARG U 32 -41.51 5.66 49.83
C ARG U 32 -40.67 5.50 51.09
N LYS U 33 -39.52 4.84 51.00
CA LYS U 33 -38.72 4.63 52.18
C LYS U 33 -38.14 5.96 52.65
N TYR U 34 -38.11 6.16 53.97
CA TYR U 34 -37.59 7.35 54.63
C TYR U 34 -38.42 8.60 54.35
N GLY U 35 -39.50 8.50 53.61
CA GLY U 35 -40.28 9.68 53.26
C GLY U 35 -39.89 10.37 51.97
N LEU U 36 -39.18 9.68 51.08
CA LEU U 36 -38.73 10.32 49.85
C LEU U 36 -39.90 10.56 48.90
N MET U 37 -40.64 9.50 48.59
CA MET U 37 -41.75 9.55 47.63
C MET U 37 -41.28 10.11 46.28
N CYS U 38 -40.28 9.44 45.72
CA CYS U 38 -39.78 9.69 44.37
C CYS U 38 -39.78 8.39 43.61
N CYS U 39 -39.86 8.48 42.29
CA CYS U 39 -39.78 7.27 41.48
C CYS U 39 -38.31 6.91 41.26
N ARG U 40 -38.08 5.63 40.94
CA ARG U 40 -36.73 5.09 40.94
C ARG U 40 -35.82 5.79 39.94
N GLN U 41 -36.37 6.49 38.96
CA GLN U 41 -35.55 7.22 38.00
C GLN U 41 -35.29 8.67 38.40
N CYS U 42 -36.30 9.36 38.91
CA CYS U 42 -36.07 10.71 39.42
C CYS U 42 -35.15 10.69 40.63
N PHE U 43 -35.24 9.66 41.46
CA PHE U 43 -34.33 9.58 42.61
C PHE U 43 -32.89 9.40 42.15
N ARG U 44 -32.67 8.60 41.11
CA ARG U 44 -31.32 8.48 40.56
C ARG U 44 -30.84 9.79 39.98
N SER U 45 -31.70 10.53 39.29
CA SER U 45 -31.24 11.79 38.71
C SER U 45 -30.90 12.81 39.79
N ASN U 46 -31.59 12.77 40.92
CA ASN U 46 -31.39 13.74 42.00
C ASN U 46 -30.71 13.17 43.22
N ALA U 47 -30.13 11.97 43.13
CA ALA U 47 -29.57 11.34 44.33
C ALA U 47 -28.43 12.17 44.91
N LYS U 48 -27.52 12.65 44.06
CA LYS U 48 -26.38 13.39 44.58
C LYS U 48 -26.82 14.71 45.21
N ASP U 49 -27.80 15.38 44.62
CA ASP U 49 -28.29 16.63 45.19
C ASP U 49 -28.92 16.41 46.56
N ILE U 50 -29.71 15.34 46.71
CA ILE U 50 -30.30 15.03 48.01
C ILE U 50 -29.21 14.72 49.03
N GLY U 51 -28.20 13.95 48.63
CA GLY U 51 -27.10 13.66 49.52
C GLY U 51 -26.77 12.20 49.62
N PHE U 52 -27.24 11.40 48.67
CA PHE U 52 -27.02 9.97 48.65
C PHE U 52 -25.79 9.66 47.82
N ILE U 53 -24.75 9.16 48.47
CA ILE U 53 -23.44 8.99 47.86
C ILE U 53 -23.25 7.51 47.50
N LYS U 54 -22.59 7.27 46.37
CA LYS U 54 -22.28 5.92 45.92
C LYS U 54 -20.89 5.56 46.42
N TYR U 55 -20.85 4.86 47.55
CA TYR U 55 -19.60 4.50 48.21
C TYR U 55 -19.13 3.12 47.79
N ARG U 56 -20.05 2.17 47.73
CA ARG U 56 -19.77 0.78 47.48
C ARG U 56 -20.96 0.16 46.77
N GLU V 15 52.49 0.71 -13.44
CA GLU V 15 51.18 0.77 -14.06
C GLU V 15 50.55 -0.60 -14.11
N LEU V 16 49.22 -0.62 -14.13
CA LEU V 16 48.43 -1.84 -13.97
C LEU V 16 47.91 -2.43 -15.27
N GLU V 17 48.33 -1.88 -16.41
CA GLU V 17 47.91 -2.44 -17.69
C GLU V 17 48.44 -3.86 -17.88
N LYS V 18 49.60 -4.18 -17.30
CA LYS V 18 50.15 -5.51 -17.48
C LYS V 18 49.21 -6.60 -16.96
N LEU V 19 48.32 -6.24 -16.04
CA LEU V 19 47.34 -7.17 -15.52
C LEU V 19 46.09 -7.28 -16.39
N LYS V 20 45.82 -6.27 -17.22
CA LYS V 20 44.60 -6.23 -18.00
C LYS V 20 44.62 -7.27 -19.12
N HIS V 21 43.45 -7.49 -19.71
CA HIS V 21 43.33 -8.42 -20.81
C HIS V 21 44.11 -7.94 -22.02
N LYS V 22 44.51 -8.91 -22.85
CA LYS V 22 45.36 -8.66 -24.01
C LYS V 22 44.78 -7.58 -24.93
N LYS V 23 43.46 -7.55 -25.10
CA LYS V 23 42.83 -6.60 -26.01
C LYS V 23 42.22 -5.39 -25.32
N LYS V 24 42.14 -5.37 -24.00
CA LYS V 24 41.50 -4.28 -23.29
C LYS V 24 42.48 -3.21 -22.81
N ARG V 25 43.72 -3.24 -23.27
CA ARG V 25 44.69 -2.22 -22.94
C ARG V 25 44.47 -0.99 -23.82
N LEU V 26 45.08 0.11 -23.40
CA LEU V 26 44.95 1.35 -24.18
C LEU V 26 45.47 1.17 -25.59
N VAL V 27 46.63 0.53 -25.74
CA VAL V 27 47.13 0.09 -27.03
C VAL V 27 47.33 -1.41 -26.93
N GLN V 28 46.58 -2.15 -27.73
CA GLN V 28 46.55 -3.60 -27.65
C GLN V 28 47.94 -4.17 -27.92
N SER V 29 48.28 -5.26 -27.23
CA SER V 29 49.59 -5.88 -27.39
C SER V 29 49.50 -7.36 -27.03
N PRO V 30 50.35 -8.20 -27.63
CA PRO V 30 50.33 -9.63 -27.31
C PRO V 30 51.09 -9.98 -26.04
N ASN V 31 50.72 -11.11 -25.45
CA ASN V 31 51.36 -11.63 -24.26
C ASN V 31 52.43 -12.68 -24.55
N SER V 32 52.59 -13.09 -25.80
CA SER V 32 53.49 -14.17 -26.13
C SER V 32 54.86 -13.62 -26.53
N PHE V 33 55.83 -14.52 -26.62
CA PHE V 33 57.17 -14.12 -26.99
C PHE V 33 57.85 -15.24 -27.75
N PHE V 34 58.83 -14.86 -28.54
CA PHE V 34 59.75 -15.80 -29.17
C PHE V 34 61.03 -15.85 -28.34
N MET V 35 61.55 -17.04 -28.16
CA MET V 35 62.65 -17.27 -27.24
C MET V 35 63.73 -18.10 -27.91
N ASP V 36 64.95 -17.81 -27.49
CA ASP V 36 66.16 -18.50 -27.92
C ASP V 36 66.41 -19.63 -26.94
N VAL V 37 66.25 -20.86 -27.39
CA VAL V 37 66.28 -22.04 -26.52
C VAL V 37 67.52 -22.86 -26.83
N LYS V 38 68.03 -23.52 -25.77
CA LYS V 38 69.30 -24.23 -25.79
C LYS V 38 69.15 -25.53 -25.00
N CYS V 39 69.39 -26.65 -25.67
CA CYS V 39 69.41 -27.95 -25.01
C CYS V 39 70.78 -28.19 -24.40
N GLN V 40 71.08 -29.44 -24.07
CA GLN V 40 72.35 -29.81 -23.45
C GLN V 40 73.33 -30.44 -24.43
N GLY V 41 72.87 -31.35 -25.29
CA GLY V 41 73.78 -32.08 -26.15
C GLY V 41 74.19 -31.39 -27.42
N CYS V 42 73.61 -30.24 -27.73
CA CYS V 42 73.97 -29.50 -28.94
C CYS V 42 73.72 -28.03 -28.64
N PHE V 43 74.78 -27.30 -28.28
CA PHE V 43 74.62 -25.93 -27.83
C PHE V 43 74.47 -24.98 -29.00
N ASN V 44 73.57 -25.31 -29.93
CA ASN V 44 73.04 -24.32 -30.84
C ASN V 44 71.79 -23.72 -30.23
N ILE V 45 71.32 -22.62 -30.81
CA ILE V 45 70.21 -21.86 -30.26
C ILE V 45 69.09 -21.85 -31.27
N THR V 46 67.90 -22.28 -30.84
CA THR V 46 66.74 -22.40 -31.72
C THR V 46 65.70 -21.37 -31.31
N THR V 47 65.09 -20.71 -32.29
CA THR V 47 64.05 -19.73 -32.01
C THR V 47 62.71 -20.46 -32.01
N VAL V 48 62.00 -20.38 -30.89
CA VAL V 48 60.73 -21.08 -30.71
C VAL V 48 59.73 -20.13 -30.06
N PHE V 49 58.46 -20.45 -30.21
CA PHE V 49 57.38 -19.55 -29.86
C PHE V 49 56.72 -20.00 -28.57
N SER V 50 56.49 -19.07 -27.65
CA SER V 50 56.13 -19.42 -26.28
C SER V 50 54.90 -20.31 -26.20
N HIS V 51 53.96 -20.14 -27.12
CA HIS V 51 52.76 -20.98 -27.18
C HIS V 51 52.87 -21.80 -28.46
N SER V 52 53.57 -22.93 -28.37
CA SER V 52 54.09 -23.57 -29.58
C SER V 52 52.98 -24.06 -30.49
N GLN V 53 52.18 -25.02 -30.03
CA GLN V 53 51.20 -25.80 -30.77
C GLN V 53 51.82 -27.01 -31.48
N THR V 54 53.14 -27.18 -31.45
CA THR V 54 53.78 -28.30 -32.14
C THR V 54 54.86 -28.89 -31.25
N VAL V 55 55.08 -30.19 -31.38
CA VAL V 55 56.26 -30.82 -30.82
C VAL V 55 57.43 -30.53 -31.75
N VAL V 56 58.44 -29.83 -31.26
CA VAL V 56 59.53 -29.33 -32.08
C VAL V 56 60.82 -30.00 -31.63
N VAL V 57 61.64 -30.40 -32.60
CA VAL V 57 62.94 -31.03 -32.34
C VAL V 57 64.02 -30.21 -33.03
N CYS V 58 65.12 -29.97 -32.31
CA CYS V 58 66.24 -29.27 -32.90
C CYS V 58 66.87 -30.10 -34.01
N PRO V 59 67.22 -29.49 -35.15
CA PRO V 59 67.69 -30.30 -36.30
C PRO V 59 68.93 -31.11 -36.01
N GLY V 60 69.85 -30.61 -35.20
CA GLY V 60 71.07 -31.34 -34.92
C GLY V 60 70.90 -32.51 -33.97
N CYS V 61 70.58 -32.21 -32.71
CA CYS V 61 70.65 -33.22 -31.66
C CYS V 61 69.47 -34.17 -31.68
N GLN V 62 68.38 -33.80 -32.34
CA GLN V 62 67.16 -34.60 -32.45
C GLN V 62 66.44 -34.76 -31.11
N THR V 63 66.73 -33.89 -30.15
CA THR V 63 66.01 -33.93 -28.89
C THR V 63 64.63 -33.29 -29.04
N VAL V 64 63.63 -33.92 -28.42
CA VAL V 64 62.34 -33.24 -28.26
C VAL V 64 62.54 -32.03 -27.38
N LEU V 65 62.00 -30.89 -27.81
CA LEU V 65 62.43 -29.60 -27.28
C LEU V 65 61.37 -28.88 -26.46
N CYS V 66 60.11 -28.91 -26.87
CA CYS V 66 59.04 -28.29 -26.09
C CYS V 66 57.78 -29.13 -26.26
N GLN V 67 56.74 -28.76 -25.51
CA GLN V 67 55.51 -29.52 -25.56
C GLN V 67 54.32 -28.60 -25.76
N PRO V 68 53.40 -28.94 -26.66
CA PRO V 68 52.16 -28.15 -26.78
C PRO V 68 51.27 -28.37 -25.57
N THR V 69 50.76 -27.26 -25.03
CA THR V 69 49.79 -27.30 -23.95
C THR V 69 48.59 -26.45 -24.35
N GLY V 70 47.72 -26.15 -23.39
CA GLY V 70 46.70 -25.15 -23.68
C GLY V 70 47.17 -23.73 -23.59
N GLY V 71 48.35 -23.49 -23.02
CA GLY V 71 48.86 -22.15 -22.87
C GLY V 71 50.24 -22.00 -23.46
N LYS V 72 51.20 -21.56 -22.66
CA LYS V 72 52.58 -21.51 -23.15
C LYS V 72 53.17 -22.91 -23.17
N ALA V 73 54.00 -23.17 -24.16
CA ALA V 73 54.57 -24.50 -24.36
C ALA V 73 55.46 -24.88 -23.19
N ARG V 74 55.48 -26.17 -22.88
CA ARG V 74 56.27 -26.70 -21.79
C ARG V 74 57.62 -27.18 -22.33
N LEU V 75 58.69 -26.51 -21.91
CA LEU V 75 60.04 -26.92 -22.27
C LEU V 75 60.39 -28.23 -21.58
N THR V 76 61.44 -28.88 -22.08
CA THR V 76 61.88 -30.15 -21.53
C THR V 76 63.03 -29.93 -20.55
N GLU V 77 63.44 -31.01 -19.90
CA GLU V 77 64.36 -30.91 -18.77
C GLU V 77 65.66 -30.21 -19.16
N GLY V 78 66.03 -29.21 -18.36
CA GLY V 78 67.31 -28.53 -18.49
C GLY V 78 67.56 -27.86 -19.82
N CYS V 79 66.57 -27.15 -20.34
CA CYS V 79 66.67 -26.49 -21.64
C CYS V 79 66.53 -24.98 -21.41
N SER V 80 67.65 -24.29 -21.34
CA SER V 80 67.63 -22.87 -21.04
C SER V 80 66.96 -22.10 -22.17
N PHE V 81 66.39 -20.95 -21.84
CA PHE V 81 65.83 -20.09 -22.87
C PHE V 81 66.01 -18.64 -22.47
N ARG V 82 65.98 -17.76 -23.47
CA ARG V 82 65.99 -16.33 -23.24
C ARG V 82 64.90 -15.66 -24.09
N ARG V 83 64.09 -14.83 -23.43
CA ARG V 83 63.19 -13.94 -24.15
C ARG V 83 63.98 -13.00 -25.04
N LYS V 84 63.47 -12.77 -26.25
CA LYS V 84 64.22 -12.01 -27.24
C LYS V 84 63.36 -11.57 -28.41
N LEU W 8 -50.09 -1.20 -16.81
CA LEU W 8 -50.18 -0.02 -17.66
C LEU W 8 -51.36 0.86 -17.25
N ALA W 9 -51.66 0.85 -15.96
CA ALA W 9 -52.83 1.54 -15.42
C ALA W 9 -52.50 2.92 -14.87
N ARG W 10 -51.39 3.04 -14.15
CA ARG W 10 -51.09 4.23 -13.38
C ARG W 10 -50.37 5.30 -14.19
N ALA W 11 -50.31 5.14 -15.50
CA ALA W 11 -49.65 6.14 -16.35
C ALA W 11 -50.29 7.50 -16.16
N GLY W 12 -49.51 8.44 -15.64
CA GLY W 12 -49.99 9.77 -15.36
C GLY W 12 -50.42 10.03 -13.94
N LYS W 13 -50.28 9.04 -13.05
CA LYS W 13 -50.80 9.11 -11.70
C LYS W 13 -50.38 10.37 -10.97
N VAL W 14 -49.08 10.55 -10.73
CA VAL W 14 -48.63 11.66 -9.92
C VAL W 14 -48.96 12.97 -10.58
N ARG W 15 -48.84 13.03 -11.92
CA ARG W 15 -49.20 14.23 -12.64
C ARG W 15 -50.66 14.60 -12.41
N GLY W 16 -51.52 13.60 -12.16
CA GLY W 16 -52.91 13.88 -11.87
C GLY W 16 -53.20 14.17 -10.41
N GLN W 17 -52.40 13.63 -9.50
CA GLN W 17 -52.64 13.86 -8.08
C GLN W 17 -52.44 15.32 -7.69
N THR W 18 -51.40 15.96 -8.20
CA THR W 18 -50.89 17.18 -7.55
C THR W 18 -51.93 18.30 -7.58
N PRO W 19 -51.86 19.19 -6.60
CA PRO W 19 -52.66 20.41 -6.66
C PRO W 19 -52.31 21.21 -7.90
N LYS W 20 -53.32 21.85 -8.49
CA LYS W 20 -53.08 22.85 -9.51
C LYS W 20 -52.85 24.19 -8.83
N VAL W 21 -51.81 24.90 -9.28
CA VAL W 21 -51.50 26.23 -8.81
C VAL W 21 -51.21 27.07 -10.04
N ALA W 22 -51.49 28.36 -9.95
CA ALA W 22 -51.34 29.28 -11.06
C ALA W 22 -50.22 30.26 -10.78
N LYS W 23 -49.53 30.67 -11.84
CA LYS W 23 -48.40 31.55 -11.69
C LYS W 23 -48.85 32.96 -11.34
N GLN W 24 -47.88 33.80 -10.98
CA GLN W 24 -48.14 35.16 -10.58
C GLN W 24 -48.18 36.06 -11.80
N ASP W 25 -48.16 37.38 -11.57
CA ASP W 25 -48.07 38.34 -12.65
C ASP W 25 -46.89 39.28 -12.38
N LYS W 26 -45.75 38.68 -12.00
CA LYS W 26 -44.58 39.45 -11.61
C LYS W 26 -44.18 40.43 -12.70
N LYS W 27 -43.43 41.45 -12.31
CA LYS W 27 -42.97 42.42 -13.29
C LYS W 27 -41.96 41.81 -14.25
N LYS W 28 -42.10 42.18 -15.53
CA LYS W 28 -41.10 41.85 -16.53
C LYS W 28 -39.74 42.38 -16.12
N GLN W 29 -38.76 41.57 -16.26
CA GLN W 29 -37.38 41.92 -15.97
C GLN W 29 -36.72 42.51 -17.21
N PRO W 30 -35.84 43.48 -17.05
CA PRO W 30 -35.17 44.09 -18.21
C PRO W 30 -34.39 43.06 -19.02
N ARG W 31 -34.36 43.26 -20.34
CA ARG W 31 -33.71 42.36 -21.27
C ARG W 31 -32.47 42.99 -21.88
N GLY W 32 -31.47 42.17 -22.11
CA GLY W 32 -30.33 42.57 -22.94
C GLY W 32 -29.22 43.17 -22.11
N ARG W 33 -28.74 44.34 -22.55
CA ARG W 33 -27.73 45.08 -21.79
C ARG W 33 -28.20 45.39 -20.38
N ALA W 34 -29.49 45.72 -20.22
CA ALA W 34 -30.01 46.07 -18.91
C ALA W 34 -29.93 44.91 -17.92
N HIS W 35 -30.21 43.70 -18.40
CA HIS W 35 -30.05 42.52 -17.57
C HIS W 35 -28.60 42.34 -17.15
N LYS W 36 -27.67 42.56 -18.06
CA LYS W 36 -26.26 42.44 -17.70
C LYS W 36 -25.85 43.54 -16.73
N ARG W 37 -26.45 44.73 -16.84
CA ARG W 37 -26.22 45.78 -15.85
C ARG W 37 -26.65 45.32 -14.46
N ILE W 38 -27.85 44.76 -14.37
CA ILE W 38 -28.35 44.32 -13.07
C ILE W 38 -27.45 43.22 -12.50
N GLN W 39 -27.07 42.25 -13.32
CA GLN W 39 -26.16 41.21 -12.82
C GLN W 39 -24.82 41.80 -12.38
N TYR W 40 -24.28 42.73 -13.15
CA TYR W 40 -22.98 43.30 -12.87
C TYR W 40 -22.98 44.02 -11.54
N ASN W 41 -24.03 44.78 -11.26
CA ASN W 41 -24.09 45.51 -10.00
C ASN W 41 -24.68 44.69 -8.88
N ARG W 42 -25.17 43.49 -9.17
CA ARG W 42 -25.58 42.56 -8.13
C ARG W 42 -24.45 41.67 -7.66
N ARG W 43 -23.45 41.41 -8.50
CA ARG W 43 -22.44 40.44 -8.14
C ARG W 43 -21.31 41.05 -7.30
N PHE W 44 -20.76 42.18 -7.72
CA PHE W 44 -19.68 42.77 -6.94
C PHE W 44 -19.81 44.28 -6.85
N VAL W 45 -21.03 44.76 -6.61
CA VAL W 45 -21.23 46.15 -6.22
C VAL W 45 -21.97 46.14 -4.90
N THR W 46 -22.74 45.08 -4.65
CA THR W 46 -23.48 44.95 -3.40
C THR W 46 -22.72 44.09 -2.41
N ARG X 10 70.81 17.35 13.32
CA ARG X 10 69.38 17.47 13.08
C ARG X 10 68.57 16.69 14.12
N ALA X 11 67.28 16.94 14.16
CA ALA X 11 66.33 16.14 14.91
C ALA X 11 65.27 15.62 13.95
N LEU X 12 64.26 14.96 14.52
CA LEU X 12 63.13 14.47 13.74
C LEU X 12 62.08 15.55 13.58
N SER X 13 61.55 15.66 12.36
CA SER X 13 60.47 16.60 12.11
C SER X 13 59.17 16.08 12.73
N GLN X 14 58.20 16.99 12.88
CA GLN X 14 56.94 16.61 13.51
C GLN X 14 56.25 15.49 12.75
N LYS X 15 56.38 15.48 11.42
CA LYS X 15 55.77 14.42 10.63
C LYS X 15 56.42 13.08 10.97
N GLU X 16 57.73 13.06 11.13
CA GLU X 16 58.43 11.82 11.47
C GLU X 16 58.01 11.30 12.84
N GLN X 17 57.88 12.21 13.81
CA GLN X 17 57.47 11.78 15.14
C GLN X 17 56.05 11.25 15.16
N ASP X 18 55.13 11.91 14.44
CA ASP X 18 53.78 11.36 14.34
C ASP X 18 53.79 9.99 13.67
N ILE X 19 54.62 9.82 12.63
CA ILE X 19 54.70 8.52 11.99
C ILE X 19 55.15 7.46 12.99
N GLN X 20 56.20 7.79 13.76
CA GLN X 20 56.68 6.88 14.79
C GLN X 20 55.57 6.50 15.75
N MET X 21 54.84 7.49 16.26
CA MET X 21 53.85 7.20 17.30
C MET X 21 52.69 6.39 16.75
N MET X 22 52.14 6.83 15.61
CA MET X 22 51.05 6.08 14.99
C MET X 22 51.48 4.67 14.63
N LEU X 23 52.74 4.48 14.28
CA LEU X 23 53.23 3.14 14.00
C LEU X 23 53.35 2.34 15.29
N ALA X 24 53.65 3.01 16.39
CA ALA X 24 53.69 2.32 17.68
C ALA X 24 52.31 1.92 18.14
N ALA X 25 51.30 2.75 17.86
CA ALA X 25 49.93 2.51 18.27
C ALA X 25 49.17 1.61 17.31
N ASP X 26 49.85 0.99 16.37
CA ASP X 26 49.28 0.02 15.44
C ASP X 26 48.23 0.64 14.52
N VAL X 27 48.36 1.95 14.28
CA VAL X 27 47.46 2.65 13.37
C VAL X 27 47.60 2.13 11.95
N HIS X 28 48.82 1.77 11.57
CA HIS X 28 49.13 1.33 10.22
C HIS X 28 48.49 0.01 9.85
N LEU X 29 47.92 -0.70 10.80
CA LEU X 29 47.53 -2.09 10.61
C LEU X 29 46.02 -2.15 10.38
N GLY X 30 45.62 -2.51 9.17
CA GLY X 30 44.23 -2.46 8.74
C GLY X 30 43.46 -3.73 9.03
N THR X 31 42.58 -4.09 8.10
CA THR X 31 41.74 -5.27 8.18
C THR X 31 41.92 -6.13 6.91
N LYS X 32 41.19 -7.25 6.87
CA LYS X 32 41.33 -8.18 5.75
C LYS X 32 40.71 -7.63 4.47
N ASN X 33 39.68 -6.80 4.57
CA ASN X 33 38.93 -6.32 3.43
C ASN X 33 39.31 -4.89 3.10
N CYS X 34 38.92 -4.45 1.92
CA CYS X 34 39.11 -3.05 1.55
C CYS X 34 37.91 -2.57 0.76
N ASP X 35 37.24 -1.54 1.28
CA ASP X 35 36.25 -0.81 0.50
C ASP X 35 36.98 -0.09 -0.63
N PHE X 36 36.38 -0.12 -1.82
CA PHE X 36 37.03 0.47 -2.99
C PHE X 36 37.31 1.96 -2.81
N GLN X 37 36.41 2.69 -2.14
CA GLN X 37 36.66 4.11 -1.92
C GLN X 37 37.78 4.33 -0.92
N MET X 38 37.99 3.37 -0.02
CA MET X 38 39.16 3.33 0.85
C MET X 38 40.38 2.70 0.18
N GLU X 39 40.31 2.38 -1.11
CA GLU X 39 41.46 1.81 -1.79
C GLU X 39 42.52 2.84 -2.13
N ARG X 40 42.15 4.10 -2.27
CA ARG X 40 43.13 5.16 -2.52
C ARG X 40 44.09 5.35 -1.36
N TYR X 41 43.93 4.64 -0.25
CA TYR X 41 44.75 4.79 0.93
C TYR X 41 45.50 3.55 1.36
N ALA X 42 45.14 2.36 0.88
CA ALA X 42 45.90 1.18 1.23
C ALA X 42 47.16 1.09 0.38
N TYR X 43 48.28 0.80 1.02
CA TYR X 43 49.54 0.64 0.31
C TYR X 43 49.68 -0.78 -0.26
N LYS X 44 49.52 -1.80 0.57
CA LYS X 44 49.71 -3.15 0.08
C LYS X 44 49.16 -4.14 1.09
N ARG X 45 49.01 -5.39 0.65
CA ARG X 45 48.33 -6.44 1.40
C ARG X 45 49.29 -7.59 1.67
N ARG X 46 49.30 -8.09 2.89
CA ARG X 46 50.26 -9.13 3.23
C ARG X 46 49.64 -10.51 3.08
N SER X 47 50.51 -11.53 3.16
CA SER X 47 50.05 -12.91 3.13
C SER X 47 49.04 -13.21 4.23
N ASP X 48 49.11 -12.44 5.33
CA ASP X 48 48.06 -12.52 6.34
C ASP X 48 46.70 -12.22 5.72
N GLY X 49 46.67 -11.37 4.71
CA GLY X 49 45.44 -10.89 4.11
C GLY X 49 45.05 -9.50 4.51
N ILE X 50 45.67 -8.92 5.53
CA ILE X 50 45.28 -7.60 6.02
C ILE X 50 46.09 -6.53 5.33
N TYR X 51 45.43 -5.42 5.02
CA TYR X 51 46.06 -4.31 4.33
C TYR X 51 46.87 -3.46 5.30
N ILE X 52 47.86 -2.76 4.74
CA ILE X 52 48.65 -1.78 5.47
C ILE X 52 48.29 -0.40 4.94
N ILE X 53 48.09 0.53 5.84
CA ILE X 53 47.62 1.86 5.49
C ILE X 53 48.80 2.80 5.28
N ASN X 54 48.73 3.61 4.24
CA ASN X 54 49.71 4.65 4.01
C ASN X 54 49.59 5.71 5.10
N LEU X 55 50.49 5.65 6.08
CA LEU X 55 50.49 6.62 7.17
C LEU X 55 50.83 8.02 6.71
N GLY X 56 51.57 8.17 5.62
CA GLY X 56 51.78 9.50 5.10
C GLY X 56 50.51 10.14 4.62
N LYS X 57 49.63 9.34 4.04
CA LYS X 57 48.32 9.82 3.63
C LYS X 57 47.39 9.96 4.83
N THR X 58 47.59 9.15 5.87
CA THR X 58 46.87 9.36 7.12
C THR X 58 47.25 10.71 7.71
N TRP X 59 48.54 11.04 7.71
CA TRP X 59 48.99 12.31 8.26
C TRP X 59 48.52 13.48 7.40
N GLU X 60 48.53 13.33 6.07
CA GLU X 60 48.04 14.39 5.21
C GLU X 60 46.56 14.67 5.46
N LYS X 61 45.75 13.61 5.60
CA LYS X 61 44.34 13.80 5.93
C LYS X 61 44.16 14.37 7.33
N LEU X 62 45.04 14.02 8.26
CA LEU X 62 44.99 14.59 9.59
C LEU X 62 45.23 16.10 9.55
N GLN X 63 46.20 16.53 8.74
CA GLN X 63 46.41 17.96 8.52
C GLN X 63 45.17 18.61 7.92
N LEU X 64 44.60 18.02 6.88
CA LEU X 64 43.43 18.61 6.26
C LEU X 64 42.28 18.73 7.27
N ALA X 65 42.05 17.67 8.03
CA ALA X 65 41.03 17.70 9.06
C ALA X 65 41.31 18.77 10.09
N ALA X 66 42.57 18.91 10.51
CA ALA X 66 42.91 19.93 11.48
C ALA X 66 42.64 21.32 10.95
N ARG X 67 43.01 21.58 9.69
CA ARG X 67 42.78 22.92 9.15
C ARG X 67 41.30 23.20 9.00
N VAL X 68 40.49 22.16 8.80
CA VAL X 68 39.05 22.38 8.74
C VAL X 68 38.49 22.64 10.13
N ILE X 69 39.00 21.93 11.15
CA ILE X 69 38.50 22.09 12.51
C ILE X 69 38.88 23.46 13.07
N VAL X 70 40.09 23.94 12.78
CA VAL X 70 40.57 25.16 13.42
C VAL X 70 39.81 26.38 12.91
N ALA X 71 39.31 26.32 11.68
CA ALA X 71 38.66 27.48 11.09
C ALA X 71 37.30 27.79 11.71
N ILE X 72 36.79 26.92 12.57
CA ILE X 72 35.49 27.12 13.23
C ILE X 72 35.66 28.18 14.31
N GLU X 73 35.01 29.33 14.11
CA GLU X 73 35.23 30.48 14.99
C GLU X 73 34.76 30.21 16.41
N ASN X 74 33.75 29.35 16.57
CA ASN X 74 33.21 29.03 17.89
C ASN X 74 33.26 27.52 18.05
N PRO X 75 34.26 26.99 18.76
CA PRO X 75 34.43 25.53 18.82
C PRO X 75 33.25 24.79 19.42
N GLN X 76 32.38 25.47 20.15
CA GLN X 76 31.18 24.85 20.69
C GLN X 76 30.19 24.45 19.60
N ASP X 77 30.47 24.76 18.34
CA ASP X 77 29.64 24.37 17.21
C ASP X 77 30.13 23.09 16.54
N ILE X 78 30.93 22.30 17.25
CA ILE X 78 31.48 21.03 16.78
C ILE X 78 31.02 19.93 17.71
N ILE X 79 30.57 18.82 17.15
CA ILE X 79 30.10 17.67 17.90
C ILE X 79 31.00 16.49 17.59
N VAL X 80 31.54 15.87 18.62
CA VAL X 80 32.40 14.70 18.46
C VAL X 80 31.68 13.52 19.10
N GLN X 81 31.94 12.33 18.58
CA GLN X 81 31.01 11.24 18.83
C GLN X 81 31.66 9.88 18.62
N SER X 82 31.26 8.92 19.46
CA SER X 82 31.78 7.57 19.38
C SER X 82 30.77 6.60 19.97
N ALA X 83 30.33 5.64 19.16
CA ALA X 83 29.43 4.61 19.65
C ALA X 83 30.18 3.47 20.34
N ARG X 84 31.45 3.30 20.02
CA ARG X 84 32.23 2.21 20.59
C ARG X 84 32.67 2.51 22.02
N PRO X 85 32.97 1.48 22.81
CA PRO X 85 33.49 1.71 24.15
C PRO X 85 34.94 2.17 24.20
N TYR X 86 35.74 1.87 23.17
CA TYR X 86 37.13 2.27 23.20
C TYR X 86 37.34 3.74 22.86
N GLY X 87 36.31 4.42 22.39
CA GLY X 87 36.44 5.79 21.97
C GLY X 87 35.78 6.79 22.90
N GLN X 88 35.18 6.31 23.99
CA GLN X 88 34.65 7.25 24.98
C GLN X 88 35.74 8.20 25.47
N ARG X 89 36.70 7.68 26.22
CA ARG X 89 37.67 8.54 26.89
C ARG X 89 38.43 9.41 25.90
N ALA X 90 38.60 8.93 24.67
CA ALA X 90 39.22 9.77 23.64
C ALA X 90 38.36 10.99 23.37
N VAL X 91 37.13 10.78 22.90
CA VAL X 91 36.32 11.89 22.42
C VAL X 91 35.95 12.85 23.54
N LEU X 92 36.01 12.40 24.79
CA LEU X 92 35.84 13.32 25.90
C LEU X 92 37.03 14.26 26.01
N LYS X 93 38.24 13.72 26.08
CA LYS X 93 39.39 14.61 26.25
C LYS X 93 39.61 15.47 25.03
N PHE X 94 39.39 14.90 23.84
CA PHE X 94 39.43 15.72 22.63
C PHE X 94 38.48 16.90 22.76
N ALA X 95 37.29 16.66 23.31
CA ALA X 95 36.35 17.76 23.47
C ALA X 95 36.79 18.72 24.56
N GLN X 96 37.52 18.21 25.56
CA GLN X 96 37.83 19.05 26.70
C GLN X 96 39.04 19.94 26.46
N HIS X 97 40.00 19.50 25.65
CA HIS X 97 41.12 20.36 25.29
C HIS X 97 40.87 21.24 24.08
N THR X 98 40.00 20.83 23.16
CA THR X 98 39.71 21.66 22.00
C THR X 98 38.45 22.50 22.16
N GLY X 99 37.62 22.20 23.15
CA GLY X 99 36.44 22.99 23.42
C GLY X 99 35.21 22.61 22.64
N ALA X 100 35.19 21.45 22.00
CA ALA X 100 34.02 20.98 21.28
C ALA X 100 33.08 20.25 22.23
N ASN X 101 31.98 19.76 21.69
CA ASN X 101 30.94 19.12 22.49
C ASN X 101 30.96 17.62 22.22
N ALA X 102 31.35 16.85 23.23
CA ALA X 102 31.38 15.41 23.10
C ALA X 102 30.01 14.82 23.41
N ILE X 103 29.65 13.79 22.66
CA ILE X 103 28.54 12.90 23.01
C ILE X 103 29.03 11.48 22.80
N ALA X 104 29.17 10.74 23.89
CA ALA X 104 29.72 9.39 23.86
C ALA X 104 28.63 8.37 24.13
N GLY X 105 28.64 7.28 23.38
CA GLY X 105 27.68 6.22 23.56
C GLY X 105 26.56 6.25 22.54
N ARG X 106 25.35 5.86 22.95
CA ARG X 106 24.22 5.87 22.04
C ARG X 106 23.85 7.28 21.61
N HIS X 107 23.54 7.43 20.33
CA HIS X 107 23.08 8.68 19.75
C HIS X 107 21.56 8.66 19.67
N THR X 108 20.92 9.71 20.14
CA THR X 108 19.46 9.76 20.15
C THR X 108 18.94 10.16 18.78
N PRO X 109 18.21 9.31 18.08
CA PRO X 109 17.69 9.69 16.77
C PRO X 109 16.79 10.90 16.85
N GLY X 110 17.03 11.86 15.96
CA GLY X 110 16.36 13.14 16.01
C GLY X 110 17.17 14.25 16.62
N THR X 111 18.41 13.99 17.01
CA THR X 111 19.22 15.04 17.63
C THR X 111 19.50 16.18 16.66
N PHE X 112 19.65 15.88 15.39
CA PHE X 112 19.96 16.90 14.38
C PHE X 112 18.77 17.34 13.55
N THR X 113 17.69 16.57 13.50
CA THR X 113 16.56 16.92 12.65
C THR X 113 15.28 17.25 13.40
N ASN X 114 15.20 16.96 14.69
CA ASN X 114 13.97 17.19 15.46
C ASN X 114 14.19 18.42 16.34
N GLN X 115 13.60 19.54 15.96
CA GLN X 115 13.86 20.79 16.65
C GLN X 115 13.22 20.82 18.03
N MET X 116 12.12 20.10 18.21
CA MET X 116 11.42 20.14 19.49
C MET X 116 11.96 19.15 20.50
N GLN X 117 12.98 18.39 20.14
CA GLN X 117 13.66 17.55 21.11
C GLN X 117 14.46 18.41 22.08
N THR X 118 14.59 17.91 23.31
CA THR X 118 15.45 18.61 24.26
C THR X 118 16.92 18.39 23.92
N SER X 119 17.25 17.22 23.37
CA SER X 119 18.59 16.92 22.88
C SER X 119 18.66 17.33 21.41
N PHE X 120 18.84 18.62 21.17
CA PHE X 120 18.76 19.12 19.80
C PHE X 120 19.91 20.09 19.58
N SER X 121 20.69 19.84 18.54
CA SER X 121 21.87 20.62 18.28
C SER X 121 21.94 20.89 16.78
N GLU X 122 22.68 21.95 16.44
CA GLU X 122 22.75 22.44 15.06
C GLU X 122 24.21 22.52 14.66
N PRO X 123 24.95 21.41 14.71
CA PRO X 123 26.40 21.48 14.63
C PRO X 123 26.87 21.97 13.29
N ARG X 124 27.94 22.77 13.30
CA ARG X 124 28.62 23.16 12.07
C ARG X 124 29.62 22.13 11.60
N LEU X 125 29.91 21.13 12.41
CA LEU X 125 30.87 20.10 12.04
C LEU X 125 30.60 18.90 12.92
N LEU X 126 31.00 17.72 12.44
CA LEU X 126 30.69 16.49 13.13
C LEU X 126 31.83 15.50 12.88
N ILE X 127 32.37 14.94 13.97
CA ILE X 127 33.52 14.05 13.91
C ILE X 127 33.13 12.70 14.48
N LEU X 128 33.51 11.64 13.78
CA LEU X 128 33.02 10.29 14.04
C LEU X 128 34.17 9.32 14.12
N THR X 129 34.17 8.49 15.16
CA THR X 129 35.20 7.48 15.31
C THR X 129 35.16 6.45 14.18
N ASP X 130 33.97 6.01 13.80
CA ASP X 130 33.89 4.93 12.83
C ASP X 130 32.60 5.07 12.03
N PRO X 131 32.69 5.19 10.70
CA PRO X 131 31.45 5.31 9.91
C PRO X 131 30.53 4.12 10.02
N ARG X 132 31.01 2.99 10.50
CA ARG X 132 30.18 1.80 10.54
C ARG X 132 29.23 1.80 11.73
N THR X 133 29.77 2.02 12.93
CA THR X 133 28.93 2.02 14.13
C THR X 133 28.24 3.35 14.36
N ASP X 134 28.84 4.46 13.93
CA ASP X 134 28.15 5.76 14.01
C ASP X 134 27.42 6.10 12.73
N HIS X 135 26.60 5.17 12.22
CA HIS X 135 25.88 5.44 10.98
C HIS X 135 24.62 6.28 11.19
N GLN X 136 24.06 6.30 12.40
CA GLN X 136 22.90 7.16 12.63
C GLN X 136 23.24 8.64 12.53
N PRO X 137 24.26 9.16 13.21
CA PRO X 137 24.60 10.57 13.00
C PRO X 137 24.98 10.87 11.58
N ILE X 138 25.57 9.91 10.86
CA ILE X 138 25.89 10.14 9.46
C ILE X 138 24.62 10.36 8.65
N LYS X 139 23.62 9.48 8.82
CA LYS X 139 22.37 9.67 8.10
C LYS X 139 21.68 10.97 8.50
N GLU X 140 21.70 11.30 9.79
CA GLU X 140 21.05 12.54 10.23
C GLU X 140 21.76 13.77 9.71
N SER X 141 23.06 13.67 9.43
CA SER X 141 23.80 14.81 8.89
C SER X 141 23.28 15.20 7.51
N ALA X 142 22.98 14.22 6.68
CA ALA X 142 22.59 14.48 5.30
C ALA X 142 21.28 15.24 5.20
N LEU X 143 20.64 15.50 6.33
CA LEU X 143 19.42 16.27 6.39
C LEU X 143 19.62 17.65 6.99
N GLY X 144 20.86 18.01 7.32
CA GLY X 144 21.09 19.28 7.98
C GLY X 144 22.31 20.01 7.49
N ASN X 145 22.84 19.61 6.34
CA ASN X 145 23.97 20.29 5.69
C ASN X 145 25.18 20.37 6.61
N ILE X 146 25.45 19.28 7.33
CA ILE X 146 26.53 19.24 8.30
C ILE X 146 27.70 18.48 7.69
N PRO X 147 28.83 19.13 7.42
CA PRO X 147 30.01 18.39 6.99
C PRO X 147 30.50 17.44 8.08
N THR X 148 31.19 16.40 7.65
CA THR X 148 31.57 15.36 8.59
C THR X 148 32.97 14.84 8.31
N ILE X 149 33.71 14.62 9.41
CA ILE X 149 35.05 14.08 9.42
C ILE X 149 34.97 12.75 10.14
N ALA X 150 35.53 11.70 9.56
CA ALA X 150 35.42 10.40 10.18
C ALA X 150 36.75 9.67 10.11
N PHE X 151 36.94 8.74 11.04
CA PHE X 151 38.11 7.89 11.07
C PHE X 151 37.72 6.57 10.41
N CYS X 152 38.23 6.31 9.21
CA CYS X 152 37.74 5.24 8.36
C CYS X 152 38.77 4.13 8.24
N ASP X 153 38.42 2.94 8.71
CA ASP X 153 39.24 1.77 8.45
C ASP X 153 39.16 1.40 6.97
N THR X 154 39.90 0.37 6.61
CA THR X 154 39.83 -0.05 5.24
C THR X 154 38.56 -0.80 4.92
N ASP X 155 37.57 -0.88 5.80
CA ASP X 155 36.28 -1.46 5.45
C ASP X 155 35.14 -0.49 5.73
N SER X 156 35.44 0.79 5.90
CA SER X 156 34.46 1.80 6.29
C SER X 156 33.67 2.27 5.08
N PRO X 157 32.34 2.26 5.15
CA PRO X 157 31.54 2.85 4.07
C PRO X 157 31.69 4.36 4.08
N MET X 158 31.94 4.94 2.91
CA MET X 158 32.27 6.34 2.81
C MET X 158 31.10 7.21 2.35
N ARG X 159 29.89 6.66 2.33
CA ARG X 159 28.74 7.48 2.00
C ARG X 159 28.59 8.58 3.03
N TYR X 160 28.41 9.81 2.53
CA TYR X 160 28.07 10.96 3.35
C TYR X 160 29.19 11.33 4.32
N VAL X 161 30.44 11.03 4.00
CA VAL X 161 31.56 11.50 4.81
C VAL X 161 32.48 12.32 3.91
N ASP X 162 32.80 13.53 4.37
CA ASP X 162 33.56 14.47 3.56
C ASP X 162 35.06 14.22 3.68
N ILE X 163 35.58 14.29 4.89
CA ILE X 163 36.99 14.15 5.16
C ILE X 163 37.17 12.84 5.90
N GLY X 164 37.87 11.90 5.30
CA GLY X 164 38.08 10.63 5.97
C GLY X 164 39.54 10.42 6.30
N ILE X 165 39.86 10.21 7.57
CA ILE X 165 41.21 9.88 7.99
C ILE X 165 41.35 8.36 7.92
N PRO X 166 42.19 7.81 7.04
CA PRO X 166 42.34 6.35 6.95
C PRO X 166 43.17 5.83 8.10
N ALA X 167 42.63 4.88 8.84
CA ALA X 167 43.33 4.36 10.01
C ALA X 167 42.59 3.14 10.56
N ASN X 168 43.33 2.31 11.28
CA ASN X 168 42.71 1.32 12.14
C ASN X 168 41.98 2.00 13.29
N ASN X 169 40.66 2.00 13.25
CA ASN X 169 39.86 2.62 14.30
C ASN X 169 39.33 1.60 15.27
N LYS X 170 39.84 0.37 15.19
CA LYS X 170 39.30 -0.77 15.93
C LYS X 170 40.25 -1.24 17.02
N GLY X 171 41.20 -0.39 17.43
CA GLY X 171 42.17 -0.75 18.43
C GLY X 171 42.20 0.29 19.54
N ARG X 172 42.68 -0.16 20.70
CA ARG X 172 42.61 0.70 21.88
C ARG X 172 43.63 1.83 21.84
N ASN X 173 44.82 1.58 21.30
CA ASN X 173 45.84 2.61 21.28
C ASN X 173 45.72 3.51 20.07
N SER X 174 45.22 2.97 18.96
CA SER X 174 45.09 3.78 17.74
C SER X 174 44.07 4.89 17.93
N ILE X 175 42.88 4.57 18.43
CA ILE X 175 41.86 5.61 18.62
C ILE X 175 42.41 6.73 19.48
N GLY X 176 43.02 6.35 20.61
CA GLY X 176 43.56 7.36 21.51
C GLY X 176 44.63 8.20 20.86
N CYS X 177 45.54 7.57 20.12
CA CYS X 177 46.65 8.34 19.59
C CYS X 177 46.19 9.26 18.47
N LEU X 178 45.24 8.82 17.65
CA LEU X 178 44.66 9.69 16.62
C LEU X 178 43.94 10.88 17.22
N TYR X 179 43.15 10.67 18.27
CA TYR X 179 42.46 11.82 18.84
C TYR X 179 43.43 12.75 19.54
N TRP X 180 44.43 12.20 20.23
CA TRP X 180 45.49 13.01 20.82
C TRP X 180 46.16 13.85 19.75
N LEU X 181 46.41 13.26 18.59
CA LEU X 181 47.20 13.91 17.57
C LEU X 181 46.39 14.91 16.76
N LEU X 182 45.08 14.68 16.55
CA LEU X 182 44.21 15.76 16.09
C LEU X 182 44.22 16.94 17.05
N ALA X 183 44.06 16.67 18.35
CA ALA X 183 44.02 17.76 19.32
C ALA X 183 45.30 18.57 19.28
N ARG X 184 46.43 17.90 19.13
CA ARG X 184 47.70 18.61 19.12
C ARG X 184 47.77 19.60 17.97
N MET X 185 47.41 19.17 16.76
CA MET X 185 47.44 20.08 15.63
C MET X 185 46.44 21.21 15.79
N VAL X 186 45.24 20.91 16.32
CA VAL X 186 44.29 21.98 16.52
C VAL X 186 44.87 23.05 17.43
N LEU X 187 45.50 22.63 18.53
CA LEU X 187 46.06 23.62 19.45
C LEU X 187 47.23 24.37 18.80
N GLN X 188 48.08 23.67 18.06
CA GLN X 188 49.18 24.35 17.37
C GLN X 188 48.68 25.43 16.43
N MET X 189 47.72 25.10 15.57
CA MET X 189 47.24 26.10 14.62
C MET X 189 46.46 27.21 15.31
N ARG X 190 45.77 26.88 16.39
CA ARG X 190 45.14 27.93 17.19
C ARG X 190 46.19 28.78 17.92
N GLY X 191 47.42 28.31 18.01
CA GLY X 191 48.48 29.07 18.64
C GLY X 191 48.64 28.84 20.12
N THR X 192 47.81 27.99 20.72
CA THR X 192 47.94 27.75 22.15
C THR X 192 49.17 26.93 22.48
N ILE X 193 49.55 26.01 21.59
CA ILE X 193 50.88 25.42 21.59
C ILE X 193 51.73 26.24 20.63
N LEU X 194 52.80 26.83 21.14
CA LEU X 194 53.68 27.62 20.32
C LEU X 194 54.60 26.72 19.50
N PRO X 195 55.23 27.26 18.45
CA PRO X 195 56.24 26.48 17.72
C PRO X 195 57.31 25.94 18.66
N GLY X 196 57.65 24.68 18.47
CA GLY X 196 58.39 23.92 19.46
C GLY X 196 57.48 22.86 20.05
N HIS X 197 57.88 21.59 19.99
CA HIS X 197 56.93 20.49 20.17
C HIS X 197 56.45 20.35 21.60
N LYS X 198 56.79 21.27 22.49
CA LYS X 198 56.50 21.09 23.91
C LYS X 198 54.99 21.23 24.11
N TRP X 199 54.30 20.09 24.26
CA TRP X 199 52.93 20.09 24.74
C TRP X 199 52.88 19.00 25.81
N ASP X 200 52.30 19.32 26.95
CA ASP X 200 52.51 18.54 28.17
C ASP X 200 51.46 17.47 28.41
N VAL X 201 50.38 17.41 27.65
CA VAL X 201 49.33 16.42 27.87
C VAL X 201 49.75 15.12 27.20
N MET X 202 49.74 14.04 27.97
CA MET X 202 50.33 12.79 27.55
C MET X 202 49.31 11.92 26.83
N VAL X 203 49.78 11.12 25.88
CA VAL X 203 48.87 10.29 25.08
C VAL X 203 48.19 9.23 25.91
N ASP X 204 48.68 8.96 27.11
CA ASP X 204 48.04 7.97 27.95
C ASP X 204 46.70 8.45 28.48
N LEU X 205 46.42 9.75 28.37
CA LEU X 205 45.12 10.26 28.79
C LEU X 205 44.00 9.80 27.89
N PHE X 206 44.30 9.45 26.65
CA PHE X 206 43.29 9.16 25.64
C PHE X 206 42.89 7.70 25.54
N PHE X 207 43.76 6.77 25.90
CA PHE X 207 43.36 5.36 25.91
C PHE X 207 42.30 5.15 26.99
N TYR X 208 41.34 4.28 26.74
CA TYR X 208 40.30 4.18 27.76
C TYR X 208 40.77 3.27 28.88
N ARG X 209 40.06 3.35 30.00
CA ARG X 209 40.36 2.57 31.19
C ARG X 209 39.29 1.51 31.39
N ASP X 210 39.71 0.25 31.44
CA ASP X 210 38.78 -0.85 31.67
C ASP X 210 38.67 -1.10 33.17
N PRO X 211 37.52 -0.83 33.79
CA PRO X 211 37.35 -0.88 35.25
C PRO X 211 37.82 -2.20 35.85
N PRO Y 23 8.74 -81.03 19.87
CA PRO Y 23 9.12 -80.58 18.53
C PRO Y 23 10.56 -80.11 18.47
N PHE Y 24 11.16 -79.84 19.62
CA PHE Y 24 12.60 -79.58 19.69
C PHE Y 24 13.36 -80.73 20.34
N THR Y 25 12.69 -81.84 20.60
CA THR Y 25 13.35 -83.06 21.03
C THR Y 25 13.86 -83.88 19.86
N LYS Y 26 13.91 -83.29 18.66
CA LYS Y 26 14.31 -84.00 17.45
C LYS Y 26 15.37 -83.23 16.68
N LYS Y 27 16.20 -82.44 17.36
CA LYS Y 27 17.19 -81.60 16.69
C LYS Y 27 18.50 -81.65 17.46
N GLN Y 28 19.60 -81.92 16.77
CA GLN Y 28 20.91 -81.90 17.38
C GLN Y 28 21.69 -80.67 16.94
N TRP Y 29 22.53 -80.18 17.84
CA TRP Y 29 23.40 -79.05 17.56
C TRP Y 29 24.71 -79.51 16.92
N TYR Y 30 25.28 -78.65 16.10
CA TYR Y 30 26.60 -78.85 15.54
C TYR Y 30 27.44 -77.61 15.78
N ASP Y 31 28.74 -77.82 15.89
CA ASP Y 31 29.70 -76.75 16.04
C ASP Y 31 30.28 -76.40 14.67
N ILE Y 32 30.30 -75.12 14.33
CA ILE Y 32 30.76 -74.66 13.03
C ILE Y 32 32.19 -74.17 13.20
N LYS Y 33 33.07 -74.58 12.29
CA LYS Y 33 34.47 -74.22 12.38
C LYS Y 33 34.95 -73.51 11.12
N ALA Y 34 35.58 -72.37 11.30
CA ALA Y 34 36.15 -71.54 10.25
C ALA Y 34 37.60 -71.93 9.98
N PRO Y 35 38.13 -71.63 8.79
CA PRO Y 35 39.48 -72.08 8.46
C PRO Y 35 40.57 -71.25 9.15
N LEU Y 36 41.79 -71.78 9.11
CA LEU Y 36 42.87 -71.32 9.98
C LEU Y 36 43.42 -69.95 9.62
N LEU Y 37 43.07 -69.38 8.47
CA LEU Y 37 43.52 -68.02 8.20
C LEU Y 37 42.87 -67.01 9.13
N PHE Y 38 41.86 -67.41 9.89
CA PHE Y 38 41.22 -66.57 10.89
C PHE Y 38 41.74 -66.98 12.25
N THR Y 39 42.38 -66.04 12.96
CA THR Y 39 43.05 -66.35 14.21
C THR Y 39 42.14 -67.10 15.17
N SER Y 40 41.07 -66.44 15.62
CA SER Y 40 40.07 -67.14 16.42
C SER Y 40 39.15 -67.95 15.53
N ARG Y 41 38.71 -69.08 16.06
CA ARG Y 41 38.01 -70.08 15.26
C ARG Y 41 36.69 -70.42 15.93
N ASN Y 42 36.03 -71.48 15.46
CA ASN Y 42 34.85 -72.02 16.11
C ASN Y 42 33.76 -70.94 16.22
N VAL Y 43 33.26 -70.58 15.02
CA VAL Y 43 32.42 -69.39 14.88
C VAL Y 43 31.18 -69.47 15.77
N GLY Y 44 30.55 -70.62 15.85
CA GLY Y 44 29.37 -70.74 16.68
C GLY Y 44 28.74 -72.10 16.59
N LYS Y 45 27.45 -72.15 16.94
CA LYS Y 45 26.68 -73.37 16.97
C LYS Y 45 25.48 -73.21 16.07
N THR Y 46 25.25 -74.19 15.20
CA THR Y 46 24.00 -74.29 14.45
C THR Y 46 23.24 -75.50 14.97
N LEU Y 47 22.01 -75.67 14.51
CA LEU Y 47 21.24 -76.86 14.88
C LEU Y 47 20.49 -77.36 13.67
N VAL Y 48 20.49 -78.68 13.49
CA VAL Y 48 19.74 -79.33 12.42
C VAL Y 48 18.85 -80.39 13.08
N SER Y 49 17.91 -80.93 12.32
CA SER Y 49 17.00 -81.94 12.85
C SER Y 49 17.59 -83.34 12.66
N ARG Y 50 17.39 -84.19 13.68
CA ARG Y 50 18.00 -85.52 13.73
C ARG Y 50 17.85 -86.26 12.40
N THR Y 51 18.94 -86.92 12.01
CA THR Y 51 19.04 -87.56 10.70
C THR Y 51 17.91 -88.57 10.51
N GLN Y 52 16.99 -88.25 9.61
CA GLN Y 52 16.00 -89.20 9.13
C GLN Y 52 16.34 -89.51 7.68
N GLY Y 53 16.17 -90.77 7.28
CA GLY Y 53 16.41 -91.10 5.89
C GLY Y 53 15.57 -90.23 4.98
N THR Y 54 16.19 -89.72 3.91
CA THR Y 54 15.49 -88.77 3.05
C THR Y 54 15.10 -87.53 3.84
N LYS Y 55 16.02 -86.56 3.94
CA LYS Y 55 16.25 -85.57 5.00
C LYS Y 55 17.23 -86.04 6.06
N ILE Y 56 18.18 -86.91 5.69
CA ILE Y 56 19.40 -87.03 6.47
C ILE Y 56 20.06 -85.66 6.51
N ALA Y 57 20.57 -85.28 7.69
CA ALA Y 57 21.04 -83.92 7.90
C ALA Y 57 22.38 -83.67 7.22
N SER Y 58 23.30 -84.63 7.33
CA SER Y 58 24.72 -84.44 7.04
C SER Y 58 24.98 -83.85 5.67
N GLU Y 59 24.67 -84.59 4.62
CA GLU Y 59 24.70 -84.04 3.27
C GLU Y 59 23.34 -83.58 2.81
N GLY Y 60 22.32 -83.66 3.66
CA GLY Y 60 21.04 -83.07 3.32
C GLY Y 60 21.10 -81.57 3.27
N LEU Y 61 21.80 -80.96 4.23
CA LEU Y 61 21.85 -79.50 4.24
C LEU Y 61 23.07 -78.97 3.50
N LYS Y 62 24.27 -79.26 4.03
CA LYS Y 62 25.57 -79.23 3.34
C LYS Y 62 25.91 -77.89 2.72
N HIS Y 63 25.01 -76.92 2.78
CA HIS Y 63 25.20 -75.67 2.05
C HIS Y 63 24.68 -74.47 2.81
N ARG Y 64 24.65 -74.53 4.13
CA ARG Y 64 24.25 -73.38 4.91
C ARG Y 64 25.27 -72.26 4.75
N VAL Y 65 24.79 -71.03 4.81
CA VAL Y 65 25.63 -69.83 4.78
C VAL Y 65 25.46 -69.10 6.10
N PHE Y 66 26.58 -68.63 6.66
CA PHE Y 66 26.56 -67.97 7.95
C PHE Y 66 27.22 -66.60 7.84
N GLU Y 67 26.83 -65.73 8.74
CA GLU Y 67 27.19 -64.32 8.72
C GLU Y 67 27.90 -64.00 10.02
N VAL Y 68 29.20 -63.76 9.97
CA VAL Y 68 29.98 -63.54 11.18
C VAL Y 68 30.84 -62.31 10.97
N SER Y 69 30.89 -61.45 11.97
CA SER Y 69 31.75 -60.27 11.87
C SER Y 69 33.21 -60.70 11.90
N LEU Y 70 34.07 -59.82 11.37
CA LEU Y 70 35.50 -60.08 11.39
C LEU Y 70 36.12 -59.78 12.74
N ALA Y 71 35.41 -59.08 13.62
CA ALA Y 71 35.93 -58.85 14.96
C ALA Y 71 35.77 -60.07 15.86
N ASP Y 72 34.92 -61.02 15.48
CA ASP Y 72 34.86 -62.30 16.17
C ASP Y 72 35.85 -63.31 15.62
N LEU Y 73 36.48 -63.00 14.49
CA LEU Y 73 37.44 -63.89 13.87
C LEU Y 73 38.87 -63.40 13.97
N GLN Y 74 39.10 -62.18 14.45
CA GLN Y 74 40.46 -61.74 14.70
C GLN Y 74 40.61 -60.98 16.02
N ASN Y 75 39.54 -60.84 16.80
CA ASN Y 75 39.62 -60.31 18.16
C ASN Y 75 40.33 -58.96 18.22
N ASP Y 76 40.28 -58.21 17.12
CA ASP Y 76 40.59 -56.79 17.14
C ASP Y 76 39.35 -56.02 16.73
N GLU Y 77 39.06 -54.97 17.48
CA GLU Y 77 37.80 -54.26 17.32
C GLU Y 77 37.89 -53.15 16.28
N ASP Y 78 39.10 -52.79 15.86
CA ASP Y 78 39.27 -51.81 14.78
C ASP Y 78 38.73 -52.32 13.45
N GLN Y 79 38.18 -53.53 13.41
CA GLN Y 79 37.57 -54.08 12.19
C GLN Y 79 36.26 -54.77 12.51
N ALA Y 80 35.43 -54.13 13.33
CA ALA Y 80 34.11 -54.67 13.61
C ALA Y 80 33.16 -54.53 12.44
N TYR Y 81 33.54 -53.76 11.41
CA TYR Y 81 32.84 -53.75 10.14
C TYR Y 81 33.30 -54.99 9.40
N ARG Y 82 33.12 -55.04 8.08
CA ARG Y 82 33.69 -56.12 7.26
C ARG Y 82 33.09 -57.47 7.65
N LYS Y 83 31.80 -57.56 7.38
CA LYS Y 83 31.04 -58.78 7.61
C LYS Y 83 31.53 -59.91 6.70
N ILE Y 84 31.97 -61.01 7.30
CA ILE Y 84 32.40 -62.20 6.56
C ILE Y 84 31.23 -63.15 6.40
N ARG Y 85 31.06 -63.68 5.20
CA ARG Y 85 30.02 -64.64 4.88
C ARG Y 85 30.71 -65.96 4.60
N LEU Y 86 30.35 -66.99 5.35
CA LEU Y 86 31.05 -68.27 5.35
C LEU Y 86 30.11 -69.38 4.93
N ARG Y 87 30.51 -70.16 3.93
CA ARG Y 87 29.67 -71.25 3.47
C ARG Y 87 30.16 -72.56 4.06
N ALA Y 88 29.25 -73.49 4.26
CA ALA Y 88 29.60 -74.82 4.74
C ALA Y 88 29.93 -75.71 3.57
N GLU Y 89 31.14 -76.25 3.55
CA GLU Y 89 31.55 -77.18 2.50
C GLU Y 89 31.51 -78.64 2.93
N ASP Y 90 31.58 -78.93 4.22
CA ASP Y 90 31.56 -80.31 4.67
C ASP Y 90 31.12 -80.36 6.13
N VAL Y 91 30.68 -81.55 6.54
CA VAL Y 91 30.31 -81.83 7.93
C VAL Y 91 31.02 -83.10 8.37
N GLN Y 92 31.83 -83.00 9.44
CA GLN Y 92 32.58 -84.12 10.00
C GLN Y 92 32.06 -84.42 11.40
N GLY Y 93 30.97 -85.19 11.48
CA GLY Y 93 30.53 -85.72 12.76
C GLY Y 93 30.37 -84.72 13.87
N MET Y 94 29.34 -83.87 13.76
CA MET Y 94 29.07 -82.79 14.72
C MET Y 94 30.12 -81.70 14.63
N ASN Y 95 30.64 -81.45 13.42
CA ASN Y 95 31.65 -80.43 13.21
C ASN Y 95 31.53 -79.98 11.75
N VAL Y 96 30.88 -78.83 11.55
CA VAL Y 96 30.58 -78.33 10.23
C VAL Y 96 31.79 -77.55 9.72
N LEU Y 97 32.45 -78.07 8.70
CA LEU Y 97 33.57 -77.39 8.08
C LEU Y 97 33.09 -76.24 7.21
N THR Y 98 33.86 -75.17 7.18
CA THR Y 98 33.43 -73.91 6.60
C THR Y 98 34.56 -73.24 5.82
N ASN Y 99 34.25 -72.80 4.61
CA ASN Y 99 35.17 -72.06 3.77
C ASN Y 99 34.57 -70.69 3.47
N PHE Y 100 35.39 -69.79 2.93
CA PHE Y 100 34.99 -68.40 2.76
C PHE Y 100 34.07 -68.26 1.55
N TRP Y 101 32.96 -67.55 1.73
CA TRP Y 101 31.98 -67.35 0.67
C TRP Y 101 31.84 -65.92 0.18
N GLY Y 102 32.02 -64.93 1.04
CA GLY Y 102 31.83 -63.57 0.58
C GLY Y 102 32.27 -62.57 1.63
N MET Y 103 32.45 -61.34 1.19
CA MET Y 103 32.91 -60.28 2.05
C MET Y 103 32.09 -59.02 1.77
N ASP Y 104 31.64 -58.36 2.84
CA ASP Y 104 30.79 -57.19 2.71
C ASP Y 104 31.15 -56.19 3.79
N PHE Y 105 30.48 -55.04 3.77
CA PHE Y 105 30.48 -54.07 4.85
C PHE Y 105 29.24 -54.24 5.71
N THR Y 106 29.25 -53.57 6.85
CA THR Y 106 28.02 -53.31 7.58
C THR Y 106 27.41 -51.99 7.15
N THR Y 107 26.09 -51.91 7.25
CA THR Y 107 25.36 -50.74 6.76
C THR Y 107 25.85 -49.46 7.42
N ASP Y 108 25.98 -49.46 8.75
CA ASP Y 108 26.42 -48.26 9.44
C ASP Y 108 27.78 -47.80 8.94
N LYS Y 109 28.68 -48.75 8.64
CA LYS Y 109 30.00 -48.39 8.15
C LYS Y 109 29.89 -47.65 6.82
N LEU Y 110 29.15 -48.21 5.87
CA LEU Y 110 29.05 -47.61 4.55
C LEU Y 110 28.34 -46.26 4.60
N ARG Y 111 27.29 -46.15 5.41
CA ARG Y 111 26.57 -44.89 5.45
C ARG Y 111 27.25 -43.83 6.29
N SER Y 112 28.25 -44.19 7.09
CA SER Y 112 29.11 -43.18 7.68
C SER Y 112 30.04 -42.59 6.63
N LEU Y 113 30.42 -43.37 5.62
CA LEU Y 113 31.45 -42.91 4.70
C LEU Y 113 30.93 -41.93 3.67
N VAL Y 114 29.71 -42.10 3.18
CA VAL Y 114 29.19 -41.22 2.13
C VAL Y 114 28.65 -39.95 2.78
N ARG Y 115 29.13 -38.80 2.30
CA ARG Y 115 28.81 -37.52 2.90
C ARG Y 115 28.80 -36.47 1.81
N LYS Y 116 27.96 -35.45 2.01
CA LYS Y 116 27.87 -34.36 1.07
C LYS Y 116 29.20 -33.63 0.98
N TRP Y 117 29.40 -32.90 -0.12
CA TRP Y 117 30.55 -32.04 -0.37
C TRP Y 117 31.83 -32.82 -0.66
N GLN Y 118 31.72 -34.10 -0.97
CA GLN Y 118 32.88 -34.90 -1.33
C GLN Y 118 32.49 -35.82 -2.47
N THR Y 119 33.50 -36.32 -3.17
CA THR Y 119 33.28 -37.14 -4.35
C THR Y 119 33.51 -38.61 -4.03
N LEU Y 120 32.60 -39.45 -4.50
CA LEU Y 120 32.64 -40.89 -4.30
C LEU Y 120 33.05 -41.56 -5.60
N ILE Y 121 34.01 -42.47 -5.53
CA ILE Y 121 34.52 -43.20 -6.68
C ILE Y 121 34.22 -44.68 -6.48
N GLU Y 122 33.65 -45.31 -7.51
CA GLU Y 122 33.26 -46.70 -7.46
C GLU Y 122 33.95 -47.46 -8.57
N ALA Y 123 34.39 -48.68 -8.26
CA ALA Y 123 34.95 -49.56 -9.28
C ALA Y 123 34.51 -50.98 -8.98
N HIS Y 124 34.54 -51.81 -10.01
CA HIS Y 124 34.28 -53.23 -9.83
C HIS Y 124 34.96 -53.99 -10.96
N VAL Y 125 35.25 -55.27 -10.69
CA VAL Y 125 35.92 -56.10 -11.68
C VAL Y 125 35.60 -57.57 -11.40
N ASP Y 126 35.55 -58.35 -12.46
CA ASP Y 126 35.41 -59.80 -12.40
C ASP Y 126 36.79 -60.41 -12.56
N VAL Y 127 37.15 -61.34 -11.68
CA VAL Y 127 38.53 -61.79 -11.61
C VAL Y 127 38.55 -63.27 -11.26
N LYS Y 128 39.59 -63.95 -11.75
CA LYS Y 128 39.82 -65.38 -11.53
C LYS Y 128 41.03 -65.56 -10.63
N THR Y 129 40.95 -66.53 -9.72
CA THR Y 129 42.13 -67.00 -9.02
C THR Y 129 42.62 -68.29 -9.64
N THR Y 130 43.81 -68.72 -9.21
CA THR Y 130 44.49 -69.82 -9.89
C THR Y 130 43.67 -71.11 -9.83
N ASP Y 131 43.09 -71.40 -8.68
CA ASP Y 131 42.01 -72.38 -8.65
C ASP Y 131 40.72 -71.73 -9.18
N ASN Y 132 39.92 -72.51 -9.89
CA ASN Y 132 38.89 -71.95 -10.76
C ASN Y 132 37.75 -71.31 -9.98
N TYR Y 133 38.05 -70.23 -9.27
CA TYR Y 133 37.07 -69.45 -8.50
C TYR Y 133 36.88 -68.11 -9.18
N MET Y 134 35.67 -67.83 -9.64
CA MET Y 134 35.33 -66.55 -10.26
C MET Y 134 34.70 -65.65 -9.22
N LEU Y 135 35.22 -64.44 -9.07
CA LEU Y 135 34.71 -63.56 -8.02
C LEU Y 135 34.72 -62.11 -8.49
N ARG Y 136 33.77 -61.36 -7.93
CA ARG Y 136 33.54 -59.96 -8.29
C ARG Y 136 33.95 -59.07 -7.14
N MET Y 137 34.83 -58.13 -7.42
CA MET Y 137 35.31 -57.18 -6.43
C MET Y 137 34.71 -55.81 -6.69
N PHE Y 138 34.20 -55.18 -5.64
CA PHE Y 138 33.69 -53.82 -5.66
C PHE Y 138 34.52 -52.99 -4.70
N ALA Y 139 35.08 -51.90 -5.20
CA ALA Y 139 35.90 -51.02 -4.40
C ALA Y 139 35.31 -49.61 -4.38
N ILE Y 140 35.50 -48.92 -3.26
CA ILE Y 140 34.90 -47.62 -3.00
C ILE Y 140 35.96 -46.69 -2.44
N GLY Y 141 35.92 -45.43 -2.87
CA GLY Y 141 36.85 -44.44 -2.35
C GLY Y 141 36.20 -43.07 -2.30
N PHE Y 142 36.80 -42.18 -1.55
CA PHE Y 142 36.31 -40.81 -1.44
C PHE Y 142 37.48 -39.85 -1.38
N THR Y 143 37.32 -38.70 -2.01
CA THR Y 143 38.40 -37.72 -2.06
C THR Y 143 38.67 -37.14 -0.68
N LYS Y 144 39.93 -36.82 -0.43
CA LYS Y 144 40.39 -36.27 0.85
C LYS Y 144 40.65 -34.79 0.71
N ARG Y 145 40.09 -34.00 1.61
CA ARG Y 145 40.53 -32.62 1.72
C ARG Y 145 41.87 -32.58 2.43
N ARG Y 146 42.67 -31.60 2.09
CA ARG Y 146 43.99 -31.46 2.70
C ARG Y 146 43.87 -30.61 3.94
N PRO Y 147 44.94 -30.50 4.73
CA PRO Y 147 45.01 -29.37 5.67
C PRO Y 147 45.24 -28.07 4.92
N ASN Y 148 44.99 -26.96 5.62
CA ASN Y 148 45.06 -25.59 5.13
C ASN Y 148 44.08 -25.31 4.00
N GLN Y 149 43.27 -26.28 3.59
CA GLN Y 149 42.26 -26.04 2.59
C GLN Y 149 41.20 -25.06 3.12
N VAL Y 150 40.96 -24.00 2.37
CA VAL Y 150 39.89 -23.07 2.69
C VAL Y 150 38.63 -23.38 1.88
N LYS Y 151 38.76 -24.06 0.74
CA LYS Y 151 37.62 -24.46 -0.05
C LYS Y 151 36.64 -25.27 0.78
N ARG Y 152 35.38 -25.22 0.39
CA ARG Y 152 34.29 -25.81 1.15
C ARG Y 152 33.83 -27.14 0.58
N THR Y 153 34.46 -27.61 -0.51
CA THR Y 153 34.14 -28.91 -1.10
C THR Y 153 35.42 -29.55 -1.60
N CYS Y 154 35.34 -30.85 -1.87
CA CYS Y 154 36.47 -31.62 -2.40
C CYS Y 154 35.96 -32.53 -3.52
N TYR Y 155 35.96 -32.01 -4.74
CA TYR Y 155 35.47 -32.78 -5.88
C TYR Y 155 36.56 -32.97 -6.93
N ALA Y 156 36.51 -34.13 -7.59
CA ALA Y 156 37.30 -34.42 -8.77
C ALA Y 156 36.47 -34.17 -10.02
N GLN Y 157 37.13 -34.19 -11.17
CA GLN Y 157 36.56 -33.67 -12.42
C GLN Y 157 36.12 -34.75 -13.39
N ALA Y 158 35.63 -35.88 -12.91
CA ALA Y 158 34.97 -36.87 -13.77
C ALA Y 158 35.93 -37.45 -14.80
N SER Y 159 37.08 -36.81 -14.94
CA SER Y 159 38.22 -37.30 -15.68
C SER Y 159 39.29 -37.83 -14.74
N GLN Y 160 39.57 -37.08 -13.67
CA GLN Y 160 40.27 -37.66 -12.54
C GLN Y 160 39.49 -38.83 -11.97
N ILE Y 161 38.15 -38.73 -11.96
CA ILE Y 161 37.32 -39.84 -11.52
C ILE Y 161 37.64 -41.07 -12.35
N ARG Y 162 37.74 -40.88 -13.67
CA ARG Y 162 37.97 -41.99 -14.58
C ARG Y 162 39.38 -42.53 -14.46
N GLN Y 163 40.36 -41.65 -14.31
CA GLN Y 163 41.74 -42.09 -14.11
C GLN Y 163 41.85 -42.96 -12.87
N ILE Y 164 41.26 -42.50 -11.76
CA ILE Y 164 41.26 -43.28 -10.52
C ILE Y 164 40.56 -44.61 -10.72
N ARG Y 165 39.40 -44.61 -11.38
CA ARG Y 165 38.67 -45.87 -11.50
C ARG Y 165 39.43 -46.86 -12.37
N ARG Y 166 40.13 -46.34 -13.39
CA ARG Y 166 40.97 -47.19 -14.22
C ARG Y 166 42.09 -47.81 -13.41
N LYS Y 167 42.82 -46.99 -12.65
CA LYS Y 167 43.88 -47.52 -11.80
C LYS Y 167 43.30 -48.51 -10.79
N MET Y 168 42.11 -48.22 -10.28
CA MET Y 168 41.52 -49.00 -9.21
C MET Y 168 41.24 -50.41 -9.70
N VAL Y 169 40.64 -50.54 -10.89
CA VAL Y 169 40.41 -51.85 -11.48
C VAL Y 169 41.72 -52.53 -11.86
N GLU Y 170 42.65 -51.78 -12.44
CA GLU Y 170 43.96 -52.33 -12.79
C GLU Y 170 44.58 -53.02 -11.58
N ILE Y 171 44.81 -52.26 -10.52
CA ILE Y 171 45.42 -52.79 -9.31
C ILE Y 171 44.60 -53.95 -8.77
N MET Y 172 43.28 -53.81 -8.76
CA MET Y 172 42.46 -54.83 -8.13
C MET Y 172 42.60 -56.16 -8.87
N VAL Y 173 42.86 -56.12 -10.17
CA VAL Y 173 43.02 -57.37 -10.92
C VAL Y 173 44.46 -57.87 -10.86
N ASN Y 174 45.46 -56.96 -10.80
CA ASN Y 174 46.84 -57.43 -10.70
C ASN Y 174 47.16 -57.99 -9.33
N GLN Y 175 46.54 -57.45 -8.29
CA GLN Y 175 46.79 -57.91 -6.94
C GLN Y 175 46.07 -59.21 -6.66
N ALA Y 176 44.90 -59.39 -7.26
CA ALA Y 176 44.19 -60.66 -7.26
C ALA Y 176 44.79 -61.53 -8.36
N ALA Y 177 44.11 -62.62 -8.71
CA ALA Y 177 44.64 -63.61 -9.65
C ALA Y 177 45.95 -64.20 -9.15
N SER Y 178 46.08 -64.27 -7.82
CA SER Y 178 47.18 -64.92 -7.14
C SER Y 178 46.71 -66.29 -6.65
N CYS Y 179 47.66 -67.08 -6.16
CA CYS Y 179 47.52 -68.53 -6.05
C CYS Y 179 46.14 -68.99 -5.57
N ASP Y 180 45.68 -68.49 -4.43
CA ASP Y 180 44.47 -69.06 -3.85
C ASP Y 180 43.74 -67.98 -3.07
N LEU Y 181 42.46 -68.26 -2.78
CA LEU Y 181 41.77 -67.39 -1.83
C LEU Y 181 42.45 -67.38 -0.49
N LYS Y 182 43.23 -68.40 -0.15
CA LYS Y 182 43.98 -68.35 1.09
C LYS Y 182 44.69 -67.00 1.24
N GLU Y 183 45.65 -66.73 0.39
CA GLU Y 183 46.39 -65.50 0.57
C GLU Y 183 45.70 -64.30 -0.08
N LEU Y 184 44.65 -64.51 -0.87
CA LEU Y 184 43.83 -63.38 -1.27
C LEU Y 184 43.06 -62.80 -0.08
N VAL Y 185 42.43 -63.66 0.71
CA VAL Y 185 41.84 -63.21 1.97
C VAL Y 185 42.91 -62.74 2.94
N ASN Y 186 44.11 -63.30 2.85
CA ASN Y 186 45.20 -62.71 3.63
C ASN Y 186 45.63 -61.35 3.11
N LYS Y 187 45.22 -60.96 1.90
CA LYS Y 187 45.34 -59.56 1.51
C LYS Y 187 44.12 -58.73 1.92
N PHE Y 188 42.95 -59.35 2.01
CA PHE Y 188 41.78 -58.62 2.46
C PHE Y 188 41.84 -58.27 3.94
N ILE Y 189 42.34 -59.17 4.78
CA ILE Y 189 42.32 -58.92 6.22
C ILE Y 189 43.10 -57.67 6.60
N PRO Y 190 44.35 -57.47 6.18
CA PRO Y 190 45.08 -56.29 6.62
C PRO Y 190 44.95 -55.11 5.67
N GLU Y 191 44.00 -55.15 4.73
CA GLU Y 191 43.78 -54.07 3.78
C GLU Y 191 45.00 -53.78 2.92
N VAL Y 192 45.51 -54.83 2.26
CA VAL Y 192 46.58 -54.58 1.29
C VAL Y 192 46.02 -53.85 0.08
N ILE Y 193 44.87 -54.31 -0.43
CA ILE Y 193 44.28 -53.75 -1.64
C ILE Y 193 44.03 -52.26 -1.46
N GLY Y 194 43.39 -51.90 -0.35
CA GLY Y 194 42.93 -50.55 -0.13
C GLY Y 194 44.02 -49.52 -0.01
N LYS Y 195 44.97 -49.74 0.89
CA LYS Y 195 46.05 -48.76 1.01
C LYS Y 195 47.00 -48.82 -0.17
N GLU Y 196 47.08 -49.95 -0.87
CA GLU Y 196 47.86 -49.94 -2.11
C GLU Y 196 47.19 -49.02 -3.12
N ILE Y 197 45.87 -49.10 -3.23
CA ILE Y 197 45.14 -48.22 -4.13
C ILE Y 197 45.31 -46.76 -3.72
N GLU Y 198 45.21 -46.46 -2.42
CA GLU Y 198 45.41 -45.08 -1.99
C GLU Y 198 46.77 -44.57 -2.43
N LYS Y 199 47.83 -45.32 -2.14
CA LYS Y 199 49.16 -44.83 -2.46
C LYS Y 199 49.39 -44.76 -3.96
N ALA Y 200 48.71 -45.62 -4.73
CA ALA Y 200 48.92 -45.67 -6.16
C ALA Y 200 48.31 -44.48 -6.88
N THR Y 201 47.20 -43.97 -6.36
CA THR Y 201 46.52 -42.82 -6.95
C THR Y 201 46.59 -41.71 -5.92
N SER Y 202 47.75 -41.07 -5.86
CA SER Y 202 47.96 -39.88 -5.06
C SER Y 202 48.56 -38.76 -5.89
N SER Y 203 49.10 -39.08 -7.06
CA SER Y 203 49.42 -38.10 -8.07
C SER Y 203 48.24 -37.82 -8.97
N ILE Y 204 47.09 -38.39 -8.65
CA ILE Y 204 45.82 -38.02 -9.27
C ILE Y 204 44.93 -37.31 -8.27
N PHE Y 205 44.59 -37.97 -7.15
CA PHE Y 205 43.77 -37.31 -6.14
C PHE Y 205 43.90 -38.05 -4.82
N PRO Y 206 44.00 -37.36 -3.69
CA PRO Y 206 44.33 -38.01 -2.40
C PRO Y 206 43.56 -39.26 -1.98
N LEU Y 207 42.22 -39.26 -1.98
CA LEU Y 207 41.44 -40.47 -1.77
C LEU Y 207 41.61 -41.10 -0.37
N GLN Y 208 41.02 -40.46 0.63
CA GLN Y 208 40.88 -41.13 1.91
C GLN Y 208 39.83 -42.23 1.87
N ASN Y 209 39.97 -43.17 2.81
CA ASN Y 209 38.94 -44.16 3.16
C ASN Y 209 38.66 -45.13 2.02
N VAL Y 210 39.72 -45.63 1.41
CA VAL Y 210 39.60 -46.57 0.30
C VAL Y 210 39.48 -47.99 0.83
N TYR Y 211 38.51 -48.73 0.32
CA TYR Y 211 38.23 -50.06 0.82
C TYR Y 211 37.84 -50.95 -0.33
N VAL Y 212 37.69 -52.24 -0.04
CA VAL Y 212 37.07 -53.18 -0.94
C VAL Y 212 35.70 -53.45 -0.33
N ARG Y 213 34.69 -52.76 -0.85
CA ARG Y 213 33.41 -52.68 -0.16
C ARG Y 213 32.72 -54.03 -0.14
N LYS Y 214 32.84 -54.80 -1.22
CA LYS Y 214 32.18 -56.09 -1.34
C LYS Y 214 33.06 -57.02 -2.16
N VAL Y 215 32.97 -58.30 -1.84
CA VAL Y 215 33.48 -59.37 -2.69
C VAL Y 215 32.37 -60.40 -2.80
N LYS Y 216 31.83 -60.55 -3.99
CA LYS Y 216 30.87 -61.60 -4.30
C LYS Y 216 31.59 -62.61 -5.16
N ILE Y 217 31.70 -63.84 -4.69
CA ILE Y 217 32.34 -64.86 -5.51
C ILE Y 217 31.32 -65.31 -6.56
N LEU Y 218 31.71 -65.19 -7.81
CA LEU Y 218 30.75 -65.40 -8.90
C LEU Y 218 30.44 -66.88 -9.08
N LYS Y 219 31.45 -67.72 -9.00
CA LYS Y 219 31.24 -69.13 -9.29
C LYS Y 219 32.30 -69.94 -8.55
N ALA Y 220 31.86 -71.02 -7.90
CA ALA Y 220 32.70 -71.98 -7.17
C ALA Y 220 32.84 -73.25 -7.98
N PRO Y 221 34.07 -73.69 -8.33
CA PRO Y 221 34.19 -74.75 -9.33
C PRO Y 221 33.63 -76.12 -8.93
N LYS Y 222 34.18 -76.73 -7.89
CA LYS Y 222 33.84 -78.11 -7.52
C LYS Y 222 34.03 -78.26 -6.02
N PHE Y 223 34.14 -79.50 -5.55
CA PHE Y 223 34.34 -79.78 -4.13
C PHE Y 223 35.82 -79.71 -3.74
N ASP Y 224 36.64 -80.57 -4.31
CA ASP Y 224 38.09 -80.62 -4.03
C ASP Y 224 38.34 -80.83 -2.53
N LEU Y 225 37.99 -82.04 -2.08
CA LEU Y 225 37.96 -82.34 -0.65
C LEU Y 225 39.31 -82.11 0.02
N GLY Y 226 40.39 -82.48 -0.65
CA GLY Y 226 41.71 -82.32 -0.05
C GLY Y 226 42.05 -80.87 0.22
N LYS Y 227 41.64 -79.96 -0.68
CA LYS Y 227 41.90 -78.55 -0.47
C LYS Y 227 41.22 -78.05 0.79
N LEU Y 228 40.02 -78.57 1.07
CA LEU Y 228 39.25 -78.09 2.21
C LEU Y 228 39.98 -78.37 3.52
N MET Y 229 40.54 -79.56 3.68
CA MET Y 229 41.36 -79.80 4.85
C MET Y 229 42.75 -79.18 4.74
N GLU Y 230 43.19 -78.86 3.52
CA GLU Y 230 44.40 -78.06 3.37
C GLU Y 230 44.20 -76.67 3.96
N VAL Y 231 42.98 -76.16 3.97
CA VAL Y 231 42.70 -74.84 4.49
C VAL Y 231 42.11 -74.86 5.89
N HIS Y 232 41.59 -76.00 6.34
CA HIS Y 232 40.82 -76.10 7.57
C HIS Y 232 41.70 -76.60 8.70
N GLY Y 233 41.06 -76.93 9.82
CA GLY Y 233 41.73 -77.53 10.97
C GLY Y 233 40.77 -77.82 12.11
N MET Z 1 18.75 35.33 -17.05
CA MET Z 1 19.88 36.01 -16.42
C MET Z 1 19.73 37.51 -16.50
N GLN Z 2 20.13 38.07 -17.63
CA GLN Z 2 20.12 39.51 -17.85
C GLN Z 2 18.97 39.90 -18.77
N ASN Z 3 18.18 40.87 -18.32
CA ASN Z 3 17.28 41.57 -19.22
C ASN Z 3 18.09 42.19 -20.34
N GLU Z 4 17.42 42.46 -21.46
CA GLU Z 4 18.11 43.01 -22.62
C GLU Z 4 18.51 44.47 -22.43
N VAL Z 5 17.99 45.14 -21.41
CA VAL Z 5 18.35 46.52 -21.15
C VAL Z 5 19.47 46.62 -20.10
N GLY Z 6 20.24 45.55 -19.93
CA GLY Z 6 21.36 45.51 -19.03
C GLY Z 6 21.03 44.95 -17.66
N ASP Z 7 19.77 45.05 -17.24
CA ASP Z 7 19.39 44.68 -15.87
C ASP Z 7 19.62 43.21 -15.62
N MET Z 8 19.83 42.87 -14.35
CA MET Z 8 19.94 41.49 -13.89
C MET Z 8 18.64 41.10 -13.21
N VAL Z 9 17.93 40.13 -13.79
CA VAL Z 9 16.57 39.81 -13.35
C VAL Z 9 16.45 38.51 -12.60
N ASP Z 10 17.44 37.63 -12.67
CA ASP Z 10 17.43 36.49 -11.76
C ASP Z 10 17.61 36.97 -10.33
N LEU Z 11 17.10 36.17 -9.41
CA LEU Z 11 17.35 36.38 -7.99
C LEU Z 11 18.07 35.15 -7.45
N TYR Z 12 19.16 35.37 -6.72
CA TYR Z 12 19.94 34.28 -6.13
C TYR Z 12 20.52 33.35 -7.20
N VAL Z 13 21.57 33.81 -7.86
CA VAL Z 13 22.38 32.89 -8.68
C VAL Z 13 22.87 31.77 -7.78
N PRO Z 14 22.54 30.51 -8.07
CA PRO Z 14 22.87 29.43 -7.14
C PRO Z 14 24.37 29.12 -7.13
N ARG Z 15 24.78 28.39 -6.10
CA ARG Z 15 26.09 27.80 -6.07
C ARG Z 15 26.16 26.58 -6.97
N LYS Z 16 27.37 26.20 -7.35
CA LYS Z 16 27.60 25.04 -8.17
C LYS Z 16 28.58 24.13 -7.47
N CYS Z 17 28.32 22.83 -7.52
CA CYS Z 17 29.22 21.87 -6.89
C CYS Z 17 30.62 22.01 -7.47
N SER Z 18 31.61 22.03 -6.59
CA SER Z 18 32.98 22.24 -7.02
C SER Z 18 33.62 20.98 -7.59
N ALA Z 19 32.92 19.84 -7.53
CA ALA Z 19 33.42 18.61 -8.12
C ALA Z 19 32.76 18.25 -9.44
N THR Z 20 31.44 18.44 -9.55
CA THR Z 20 30.70 17.96 -10.71
C THR Z 20 30.07 19.08 -11.51
N ASN Z 21 30.13 20.32 -11.04
CA ASN Z 21 29.49 21.51 -11.60
C ASN Z 21 27.98 21.43 -11.60
N ARG Z 22 27.38 20.53 -10.84
CA ARG Z 22 25.93 20.54 -10.73
C ARG Z 22 25.47 21.69 -9.84
N ILE Z 23 24.24 22.14 -10.06
CA ILE Z 23 23.68 23.20 -9.24
C ILE Z 23 23.26 22.63 -7.90
N ILE Z 24 23.52 23.39 -6.84
CA ILE Z 24 23.12 23.05 -5.49
C ILE Z 24 21.80 23.76 -5.21
N THR Z 25 20.69 23.03 -5.32
CA THR Z 25 19.39 23.66 -5.26
C THR Z 25 19.07 24.14 -3.84
N ALA Z 26 17.95 24.84 -3.71
CA ALA Z 26 17.57 25.41 -2.43
C ALA Z 26 17.18 24.34 -1.43
N LYS Z 27 16.72 23.18 -1.90
CA LYS Z 27 16.19 22.14 -1.03
C LYS Z 27 17.12 20.93 -0.95
N ASP Z 28 18.36 21.08 -1.37
CA ASP Z 28 19.34 20.00 -1.36
C ASP Z 28 20.09 20.03 -0.04
N HIS Z 29 19.57 19.33 0.96
CA HIS Z 29 20.09 19.40 2.32
C HIS Z 29 21.22 18.43 2.58
N ALA Z 30 21.68 17.69 1.59
CA ALA Z 30 22.86 16.85 1.75
C ALA Z 30 24.13 17.53 1.28
N SER Z 31 24.02 18.75 0.77
CA SER Z 31 25.21 19.48 0.34
C SER Z 31 25.86 20.15 1.54
N VAL Z 32 27.17 20.34 1.45
CA VAL Z 32 27.92 21.04 2.48
C VAL Z 32 28.87 22.04 1.82
N GLN Z 33 29.29 23.01 2.62
CA GLN Z 33 30.27 24.01 2.21
C GLN Z 33 31.39 24.03 3.23
N ILE Z 34 32.59 23.65 2.78
CA ILE Z 34 33.76 23.47 3.64
C ILE Z 34 34.65 24.68 3.50
N ASN Z 35 35.10 25.22 4.62
CA ASN Z 35 36.09 26.29 4.64
C ASN Z 35 37.33 25.74 5.32
N ILE Z 36 38.37 25.49 4.53
CA ILE Z 36 39.64 24.99 5.05
C ILE Z 36 40.61 26.15 5.22
N GLY Z 37 41.23 26.21 6.40
CA GLY Z 37 42.00 27.39 6.77
C GLY Z 37 43.42 27.38 6.24
N HIS Z 38 43.97 28.58 6.08
CA HIS Z 38 45.29 28.81 5.51
C HIS Z 38 46.29 29.01 6.64
N VAL Z 39 47.26 28.10 6.74
CA VAL Z 39 48.36 28.27 7.68
C VAL Z 39 49.48 28.99 6.95
N ASP Z 40 50.00 30.05 7.55
CA ASP Z 40 51.08 30.80 6.92
C ASP Z 40 52.38 30.74 7.72
N GLU Z 41 52.38 31.20 8.96
CA GLU Z 41 53.58 31.31 9.79
C GLU Z 41 53.10 31.54 11.22
N ASN Z 42 54.03 31.98 12.09
CA ASN Z 42 53.88 32.00 13.54
C ASN Z 42 52.44 32.26 13.97
N GLY Z 43 51.90 31.38 14.79
CA GLY Z 43 50.46 31.27 15.01
C GLY Z 43 49.83 30.21 14.14
N LEU Z 44 50.20 30.17 12.86
CA LEU Z 44 49.75 29.20 11.87
C LEU Z 44 48.26 29.24 11.59
N TYR Z 45 47.59 30.34 11.91
CA TYR Z 45 46.22 30.52 11.43
C TYR Z 45 45.80 31.97 11.58
N ASP Z 46 45.34 32.55 10.48
CA ASP Z 46 44.51 33.75 10.49
C ASP Z 46 43.23 33.46 9.74
N GLY Z 47 42.33 34.43 9.75
CA GLY Z 47 41.01 34.20 9.16
C GLY Z 47 41.04 34.08 7.65
N ARG Z 48 41.94 33.26 7.13
CA ARG Z 48 42.06 33.05 5.69
C ARG Z 48 41.76 31.59 5.36
N PHE Z 49 40.81 31.37 4.46
CA PHE Z 49 40.38 30.02 4.15
C PHE Z 49 39.93 29.96 2.70
N THR Z 50 39.98 28.75 2.14
CA THR Z 50 39.40 28.47 0.84
C THR Z 50 38.18 27.58 1.00
N THR Z 51 37.16 27.83 0.19
CA THR Z 51 35.84 27.24 0.36
C THR Z 51 35.52 26.31 -0.81
N PHE Z 52 34.94 25.15 -0.50
CA PHE Z 52 34.57 24.13 -1.47
C PHE Z 52 33.15 23.67 -1.18
N ALA Z 53 32.34 23.53 -2.23
CA ALA Z 53 30.95 23.11 -2.05
C ALA Z 53 30.73 21.74 -2.68
N LEU Z 54 30.00 20.88 -1.96
CA LEU Z 54 29.75 19.53 -2.41
C LEU Z 54 28.26 19.26 -2.34
N SER Z 55 27.68 18.82 -3.46
CA SER Z 55 26.25 18.57 -3.54
C SER Z 55 25.92 17.18 -3.02
N GLY Z 56 24.62 16.95 -2.80
CA GLY Z 56 24.19 15.69 -2.23
C GLY Z 56 24.48 14.50 -3.11
N PHE Z 57 24.56 14.72 -4.42
CA PHE Z 57 24.89 13.64 -5.34
C PHE Z 57 26.26 13.06 -5.02
N VAL Z 58 27.29 13.91 -4.99
CA VAL Z 58 28.64 13.44 -4.70
C VAL Z 58 28.71 12.83 -3.32
N ARG Z 59 28.12 13.51 -2.33
CA ARG Z 59 28.20 13.03 -0.96
C ARG Z 59 27.52 11.68 -0.80
N ALA Z 60 26.49 11.43 -1.58
CA ALA Z 60 25.78 10.16 -1.51
C ALA Z 60 26.46 9.06 -2.31
N GLN Z 61 27.26 9.39 -3.33
CA GLN Z 61 28.04 8.35 -3.97
C GLN Z 61 29.17 7.86 -3.08
N GLY Z 62 29.58 8.65 -2.11
CA GLY Z 62 30.77 8.39 -1.34
C GLY Z 62 31.99 9.13 -1.87
N ASP Z 63 31.91 9.65 -3.09
CA ASP Z 63 33.05 10.25 -3.76
C ASP Z 63 33.36 11.66 -3.23
N ALA Z 64 32.71 12.06 -2.13
CA ALA Z 64 33.05 13.33 -1.51
C ALA Z 64 34.48 13.34 -0.99
N ASP Z 65 34.95 12.21 -0.46
CA ASP Z 65 36.30 12.18 0.11
C ASP Z 65 37.36 12.31 -0.98
N GLY Z 66 37.24 11.51 -2.04
CA GLY Z 66 38.20 11.62 -3.13
C GLY Z 66 38.15 12.98 -3.82
N SER Z 67 36.94 13.50 -4.04
CA SER Z 67 36.81 14.80 -4.69
C SER Z 67 37.42 15.91 -3.84
N LEU Z 68 37.17 15.89 -2.54
CA LEU Z 68 37.77 16.89 -1.67
C LEU Z 68 39.28 16.74 -1.62
N ASP Z 69 39.78 15.50 -1.54
CA ASP Z 69 41.22 15.28 -1.57
C ASP Z 69 41.85 15.89 -2.80
N ARG Z 70 41.25 15.66 -3.97
CA ARG Z 70 41.82 16.15 -5.21
C ARG Z 70 41.65 17.65 -5.38
N LEU Z 71 40.61 18.24 -4.81
CA LEU Z 71 40.41 19.68 -4.96
C LEU Z 71 41.27 20.48 -4.00
N TRP Z 72 41.64 19.90 -2.84
CA TRP Z 72 42.58 20.57 -1.96
C TRP Z 72 43.99 20.63 -2.54
N GLN Z 73 44.34 19.74 -3.46
CA GLN Z 73 45.66 19.80 -4.07
C GLN Z 73 45.65 20.79 -5.24
N LYS Z 74 45.57 22.07 -4.87
CA LYS Z 74 45.75 23.19 -5.78
C LYS Z 74 46.61 24.22 -5.06
N ARG Z 75 47.71 24.64 -5.67
CA ARG Z 75 48.77 25.36 -5.00
C ARG Z 75 48.73 26.85 -5.29
N LYS Z 76 48.83 27.64 -4.22
CA LYS Z 76 48.87 29.10 -4.29
C LYS Z 76 49.62 29.58 -3.07
N THR AA 2 1.29 -11.53 -7.47
CA THR AA 2 2.51 -11.22 -6.76
C THR AA 2 3.42 -12.42 -6.74
N PHE AA 3 4.73 -12.18 -6.70
CA PHE AA 3 5.71 -13.25 -6.70
C PHE AA 3 6.24 -13.40 -5.28
N LYS AA 4 5.94 -14.55 -4.66
CA LYS AA 4 6.35 -14.78 -3.28
C LYS AA 4 7.87 -14.78 -3.12
N ARG AA 5 8.57 -15.59 -3.91
CA ARG AA 5 10.01 -15.71 -3.78
C ARG AA 5 10.74 -15.49 -5.09
N ARG AA 6 12.00 -15.12 -4.94
CA ARG AA 6 12.87 -14.84 -6.08
C ARG AA 6 13.33 -16.11 -6.76
N ASN AA 7 13.48 -17.20 -6.00
CA ASN AA 7 13.87 -18.47 -6.58
C ASN AA 7 12.69 -19.30 -7.04
N GLY AA 8 11.48 -18.77 -6.93
CA GLY AA 8 10.30 -19.50 -7.36
C GLY AA 8 9.91 -20.64 -6.48
N GLY AA 9 10.52 -20.77 -5.30
CA GLY AA 9 10.25 -21.88 -4.42
C GLY AA 9 11.12 -23.09 -4.63
N ARG AA 10 12.10 -23.02 -5.52
CA ARG AA 10 12.96 -24.16 -5.77
C ARG AA 10 14.33 -23.66 -6.17
N ASN AA 11 15.30 -24.57 -6.16
CA ASN AA 11 16.68 -24.24 -6.49
C ASN AA 11 16.99 -24.76 -7.88
N LYS AA 12 16.73 -23.96 -8.90
CA LYS AA 12 16.97 -24.38 -10.27
C LYS AA 12 17.44 -23.17 -11.08
N HIS AA 13 18.70 -23.19 -11.48
CA HIS AA 13 19.25 -22.18 -12.37
C HIS AA 13 20.09 -22.89 -13.41
N GLY AA 14 19.89 -22.54 -14.67
CA GLY AA 14 20.67 -23.12 -15.74
C GLY AA 14 20.20 -24.47 -16.21
N ARG AA 15 19.29 -25.11 -15.49
CA ARG AA 15 18.68 -26.35 -15.90
C ARG AA 15 17.36 -26.11 -16.62
N GLY AA 16 16.84 -27.15 -17.23
CA GLY AA 16 15.48 -27.11 -17.69
C GLY AA 16 14.60 -28.06 -16.90
N HIS AA 17 15.13 -29.22 -16.52
CA HIS AA 17 14.35 -30.25 -15.87
C HIS AA 17 15.16 -30.90 -14.76
N VAL AA 18 14.51 -31.12 -13.62
CA VAL AA 18 15.09 -31.83 -12.49
C VAL AA 18 14.19 -33.01 -12.16
N LYS AA 19 14.79 -34.15 -11.91
CA LYS AA 19 14.02 -35.35 -11.64
C LYS AA 19 13.27 -35.22 -10.31
N TYR AA 20 12.09 -35.81 -10.25
CA TYR AA 20 11.30 -35.71 -9.04
C TYR AA 20 11.64 -36.84 -8.07
N ILE AA 21 11.17 -36.69 -6.84
CA ILE AA 21 11.29 -37.69 -5.79
C ILE AA 21 9.93 -37.83 -5.13
N ARG AA 22 9.74 -38.95 -4.45
CA ARG AA 22 8.49 -39.26 -3.78
C ARG AA 22 8.58 -38.85 -2.33
N CYS AA 23 7.58 -38.11 -1.85
CA CYS AA 23 7.53 -37.71 -0.45
C CYS AA 23 7.56 -38.92 0.48
N SER AA 24 8.32 -38.80 1.56
CA SER AA 24 8.46 -39.91 2.50
C SER AA 24 7.18 -40.19 3.26
N ASN AA 25 6.27 -39.23 3.34
CA ASN AA 25 5.04 -39.41 4.10
C ASN AA 25 3.85 -39.76 3.23
N CYS AA 26 3.67 -39.10 2.09
CA CYS AA 26 2.48 -39.29 1.27
C CYS AA 26 2.76 -39.76 -0.14
N ALA AA 27 4.02 -39.84 -0.55
CA ALA AA 27 4.46 -40.29 -1.87
C ALA AA 27 4.17 -39.28 -2.97
N LYS AA 28 3.87 -38.03 -2.63
CA LYS AA 28 3.65 -37.03 -3.66
C LYS AA 28 4.92 -36.80 -4.46
N CYS AA 29 4.77 -36.65 -5.77
CA CYS AA 29 5.91 -36.33 -6.62
C CYS AA 29 6.30 -34.87 -6.42
N CYS AA 30 7.55 -34.62 -6.05
CA CYS AA 30 8.02 -33.28 -5.83
C CYS AA 30 9.43 -33.23 -6.42
N PRO AA 31 9.75 -32.25 -7.25
CA PRO AA 31 11.11 -32.22 -7.82
C PRO AA 31 12.17 -32.14 -6.73
N LYS AA 32 13.32 -32.75 -7.03
CA LYS AA 32 14.36 -32.91 -6.03
C LYS AA 32 14.85 -31.57 -5.48
N ASP AA 33 14.97 -30.57 -6.33
CA ASP AA 33 15.48 -29.28 -5.87
C ASP AA 33 14.48 -28.51 -5.04
N LYS AA 34 13.22 -28.93 -5.01
CA LYS AA 34 12.19 -28.24 -4.26
C LYS AA 34 11.85 -28.91 -2.95
N ALA AA 35 12.01 -30.24 -2.88
CA ALA AA 35 11.61 -30.97 -1.70
C ALA AA 35 12.44 -30.56 -0.50
N ILE AA 36 11.90 -30.81 0.69
CA ILE AA 36 12.58 -30.50 1.93
C ILE AA 36 13.38 -31.73 2.31
N LYS AA 37 14.70 -31.63 2.26
CA LYS AA 37 15.60 -32.75 2.43
C LYS AA 37 16.33 -32.61 3.75
N ARG AA 38 16.23 -33.62 4.60
CA ARG AA 38 16.91 -33.65 5.89
C ARG AA 38 17.67 -34.96 6.02
N PHE AA 39 18.91 -34.88 6.49
CA PHE AA 39 19.69 -36.08 6.76
C PHE AA 39 19.71 -36.31 8.26
N LEU AA 40 19.05 -37.39 8.69
CA LEU AA 40 18.91 -37.71 10.10
C LEU AA 40 19.92 -38.79 10.47
N VAL AA 41 20.82 -38.46 11.38
CA VAL AA 41 21.73 -39.41 12.00
C VAL AA 41 21.29 -39.62 13.44
N ARG AA 42 20.51 -40.66 13.68
CA ARG AA 42 19.90 -40.89 14.97
C ARG AA 42 20.41 -42.18 15.58
N ASN AA 43 20.29 -42.29 16.90
CA ASN AA 43 20.85 -43.45 17.57
C ASN AA 43 19.89 -44.62 17.52
N ILE AA 44 20.42 -45.80 17.82
CA ILE AA 44 19.60 -47.01 17.83
C ILE AA 44 18.56 -46.96 18.96
N VAL AA 45 18.93 -46.43 20.12
CA VAL AA 45 18.00 -46.23 21.23
C VAL AA 45 18.33 -44.88 21.86
N GLU AA 46 17.34 -44.26 22.49
CA GLU AA 46 17.58 -42.96 23.10
C GLU AA 46 18.22 -43.14 24.47
N GLN AA 47 18.66 -42.03 25.06
CA GLN AA 47 19.56 -42.11 26.22
C GLN AA 47 18.90 -42.66 27.48
N ALA AA 48 17.57 -42.71 27.57
CA ALA AA 48 16.99 -43.38 28.73
C ALA AA 48 17.21 -44.89 28.66
N ALA AA 49 17.37 -45.43 27.46
CA ALA AA 49 17.56 -46.86 27.28
C ALA AA 49 18.87 -47.20 26.59
N VAL AA 50 19.88 -46.35 26.70
CA VAL AA 50 21.18 -46.74 26.19
C VAL AA 50 21.90 -47.66 27.17
N ARG AA 51 21.90 -47.32 28.47
CA ARG AA 51 22.72 -48.09 29.40
C ARG AA 51 22.13 -49.49 29.61
N ASP AA 52 20.81 -49.63 29.64
CA ASP AA 52 20.42 -51.03 29.84
C ASP AA 52 20.59 -51.88 28.59
N VAL AA 53 21.24 -51.32 27.56
CA VAL AA 53 21.82 -52.11 26.50
C VAL AA 53 23.34 -52.10 26.56
N GLN AA 54 23.95 -50.98 26.97
CA GLN AA 54 25.39 -50.93 27.20
C GLN AA 54 25.87 -51.93 28.23
N GLU AA 55 25.03 -52.23 29.24
CA GLU AA 55 25.44 -53.27 30.19
C GLU AA 55 25.18 -54.67 29.67
N ALA AA 56 24.39 -54.80 28.59
CA ALA AA 56 24.11 -56.10 28.00
C ALA AA 56 24.95 -56.37 26.76
N CYS AA 57 25.96 -55.54 26.51
CA CYS AA 57 26.92 -55.81 25.45
C CYS AA 57 27.89 -56.87 25.94
N VAL AA 58 28.05 -57.94 25.16
CA VAL AA 58 29.05 -58.95 25.49
C VAL AA 58 30.46 -58.36 25.38
N HIS AA 59 30.74 -57.66 24.29
CA HIS AA 59 32.08 -57.15 24.03
C HIS AA 59 32.32 -55.81 24.71
N ASP AA 60 33.52 -55.66 25.27
CA ASP AA 60 33.96 -54.35 25.70
C ASP AA 60 34.29 -53.48 24.51
N GLY AA 61 33.91 -52.21 24.58
CA GLY AA 61 34.15 -51.29 23.48
C GLY AA 61 33.14 -51.37 22.36
N TYR AA 62 32.14 -52.24 22.44
CA TYR AA 62 31.04 -52.20 21.47
C TYR AA 62 30.41 -50.82 21.41
N VAL AA 63 30.33 -50.27 20.20
CA VAL AA 63 29.67 -49.01 19.93
C VAL AA 63 28.36 -49.31 19.23
N LEU AA 64 27.26 -48.82 19.78
CA LEU AA 64 25.96 -49.05 19.15
C LEU AA 64 25.88 -48.23 17.88
N PRO AA 65 25.49 -48.84 16.75
CA PRO AA 65 25.38 -48.09 15.51
C PRO AA 65 24.39 -46.94 15.61
N LYS AA 66 24.47 -46.06 14.63
CA LYS AA 66 23.45 -45.07 14.37
C LYS AA 66 22.72 -45.44 13.08
N LEU AA 67 21.46 -45.05 13.00
CA LEU AA 67 20.70 -45.12 11.75
C LEU AA 67 20.88 -43.81 11.01
N TYR AA 68 21.20 -43.91 9.72
CA TYR AA 68 21.32 -42.76 8.85
C TYR AA 68 20.26 -42.84 7.77
N ALA AA 69 19.45 -41.80 7.64
CA ALA AA 69 18.44 -41.80 6.60
C ALA AA 69 18.29 -40.41 6.04
N LYS AA 70 18.11 -40.30 4.74
CA LYS AA 70 17.93 -39.00 4.09
C LYS AA 70 16.47 -38.92 3.67
N VAL AA 71 15.73 -38.05 4.35
CA VAL AA 71 14.28 -38.01 4.30
C VAL AA 71 13.86 -36.79 3.51
N HIS AA 72 13.04 -37.01 2.48
CA HIS AA 72 12.45 -35.94 1.70
C HIS AA 72 10.98 -35.76 2.02
N HIS AA 73 10.54 -34.52 2.01
CA HIS AA 73 9.15 -34.17 2.26
C HIS AA 73 8.67 -33.21 1.18
N CYS AA 74 7.42 -33.37 0.76
CA CYS AA 74 6.81 -32.33 -0.03
C CYS AA 74 6.59 -31.10 0.84
N VAL AA 75 6.25 -29.99 0.21
CA VAL AA 75 6.04 -28.76 0.97
C VAL AA 75 4.90 -28.94 1.97
N SER AA 76 3.80 -29.56 1.54
CA SER AA 76 2.65 -29.70 2.41
C SER AA 76 2.98 -30.51 3.66
N CYS AA 77 3.61 -31.67 3.49
CA CYS AA 77 3.91 -32.52 4.63
C CYS AA 77 4.96 -31.88 5.53
N ALA AA 78 5.95 -31.22 4.96
CA ALA AA 78 6.96 -30.57 5.79
C ALA AA 78 6.35 -29.44 6.62
N ILE AA 79 5.45 -28.66 6.01
CA ILE AA 79 4.77 -27.61 6.73
C ILE AA 79 3.90 -28.20 7.83
N HIS AA 80 3.16 -29.26 7.52
CA HIS AA 80 2.25 -29.83 8.50
C HIS AA 80 2.97 -30.56 9.61
N ALA AA 81 4.16 -31.08 9.33
CA ALA AA 81 4.93 -31.79 10.35
C ALA AA 81 5.88 -30.88 11.10
N HIS AA 82 5.78 -29.57 10.90
CA HIS AA 82 6.56 -28.57 11.61
C HIS AA 82 8.05 -28.66 11.30
N ILE AA 83 8.42 -29.36 10.23
CA ILE AA 83 9.81 -29.37 9.81
C ILE AA 83 10.23 -27.98 9.36
N VAL AA 84 9.35 -27.29 8.63
CA VAL AA 84 9.54 -25.90 8.28
C VAL AA 84 8.28 -25.15 8.68
N ARG AA 85 8.43 -23.85 8.91
CA ARG AA 85 7.35 -23.03 9.43
C ARG AA 85 7.15 -21.83 8.52
N VAL AA 86 5.92 -21.33 8.50
CA VAL AA 86 5.67 -20.06 7.86
C VAL AA 86 6.44 -18.99 8.60
N ARG AA 87 7.24 -18.22 7.87
CA ARG AA 87 8.01 -17.15 8.47
C ARG AA 87 7.49 -15.81 7.97
N SER AA 88 8.00 -14.73 8.55
CA SER AA 88 7.56 -13.42 8.13
C SER AA 88 8.21 -13.03 6.81
N ARG AA 89 7.69 -11.97 6.20
CA ARG AA 89 8.17 -11.53 4.90
C ARG AA 89 9.68 -11.33 4.90
N GLU AA 90 10.21 -10.71 5.97
CA GLU AA 90 11.63 -10.41 6.04
C GLU AA 90 12.46 -11.65 6.35
N ASN AA 91 12.03 -12.48 7.29
CA ASN AA 91 12.79 -13.66 7.64
C ASN AA 91 12.63 -14.80 6.65
N ARG AA 92 11.88 -14.60 5.56
CA ARG AA 92 11.82 -15.61 4.52
C ARG AA 92 13.12 -15.67 3.74
N ARG AA 93 13.82 -14.55 3.65
CA ARG AA 93 15.03 -14.45 2.84
C ARG AA 93 16.24 -15.10 3.51
N ASN AA 94 16.13 -15.50 4.76
CA ASN AA 94 17.26 -16.00 5.52
C ASN AA 94 17.44 -17.49 5.21
N ARG AA 95 18.60 -17.82 4.61
CA ARG AA 95 18.92 -19.18 4.22
C ARG AA 95 19.80 -19.90 5.23
N GLU AA 96 19.96 -19.33 6.42
CA GLU AA 96 20.84 -19.92 7.42
C GLU AA 96 20.11 -20.83 8.40
N HIS BA 3 -25.41 29.83 -60.37
CA HIS BA 3 -25.94 30.89 -59.52
C HIS BA 3 -24.85 31.68 -58.83
N VAL BA 4 -24.44 32.78 -59.45
CA VAL BA 4 -23.52 33.72 -58.83
C VAL BA 4 -24.24 34.24 -57.60
N ASN BA 5 -23.53 34.93 -56.71
CA ASN BA 5 -23.90 35.28 -55.35
C ASN BA 5 -23.71 34.10 -54.43
N PHE BA 6 -23.45 32.91 -54.94
CA PHE BA 6 -22.96 31.83 -54.11
C PHE BA 6 -21.49 32.03 -53.80
N TYR BA 7 -20.81 32.86 -54.56
CA TYR BA 7 -19.40 33.09 -54.38
C TYR BA 7 -19.07 34.16 -53.35
N ARG BA 8 -20.07 34.75 -52.70
CA ARG BA 8 -19.79 35.74 -51.66
C ARG BA 8 -19.34 35.04 -50.38
N ASN BA 9 -18.19 35.45 -49.87
CA ASN BA 9 -17.66 34.87 -48.64
C ASN BA 9 -18.42 35.36 -47.41
N TYR BA 10 -18.25 34.63 -46.32
CA TYR BA 10 -18.75 35.01 -45.02
C TYR BA 10 -17.98 34.18 -44.01
N GLY BA 11 -18.00 34.61 -42.76
CA GLY BA 11 -17.17 33.97 -41.76
C GLY BA 11 -17.77 34.07 -40.38
N LYS BA 12 -17.13 33.38 -39.45
CA LYS BA 12 -17.50 33.41 -38.05
C LYS BA 12 -16.58 34.38 -37.34
N THR BA 13 -17.15 35.13 -36.39
CA THR BA 13 -16.41 36.17 -35.71
C THR BA 13 -16.04 35.84 -34.27
N PHE BA 14 -16.72 34.89 -33.64
CA PHE BA 14 -16.43 34.53 -32.26
C PHE BA 14 -16.49 33.03 -32.09
N LYS BA 15 -16.14 32.58 -30.89
CA LYS BA 15 -16.17 31.17 -30.54
C LYS BA 15 -16.55 31.03 -29.07
N LYS BA 16 -17.38 30.03 -28.78
CA LYS BA 16 -17.83 29.80 -27.42
C LYS BA 16 -16.68 29.26 -26.58
N PRO BA 17 -16.75 29.41 -25.26
CA PRO BA 17 -15.70 28.87 -24.39
C PRO BA 17 -15.73 27.35 -24.36
N ARG BA 18 -14.54 26.75 -24.24
CA ARG BA 18 -14.45 25.30 -24.13
C ARG BA 18 -15.13 24.79 -22.87
N ARG BA 19 -14.92 25.47 -21.75
CA ARG BA 19 -15.49 25.07 -20.48
C ARG BA 19 -16.71 25.94 -20.21
N PRO BA 20 -17.93 25.39 -20.23
CA PRO BA 20 -19.10 26.25 -20.09
C PRO BA 20 -19.14 27.02 -18.79
N TYR BA 21 -19.12 26.31 -17.65
CA TYR BA 21 -19.35 26.93 -16.36
C TYR BA 21 -18.11 26.79 -15.49
N GLU BA 22 -17.26 27.81 -15.53
CA GLU BA 22 -16.18 28.00 -14.58
C GLU BA 22 -16.33 29.38 -13.95
N LYS BA 23 -16.32 29.42 -12.61
CA LYS BA 23 -16.61 30.67 -11.92
C LYS BA 23 -15.60 31.76 -12.24
N GLU BA 24 -14.31 31.41 -12.31
CA GLU BA 24 -13.28 32.43 -12.48
C GLU BA 24 -13.45 33.17 -13.80
N ARG BA 25 -13.60 32.42 -14.89
CA ARG BA 25 -13.81 33.05 -16.19
C ARG BA 25 -15.15 33.77 -16.22
N LEU BA 26 -16.16 33.19 -15.58
CA LEU BA 26 -17.49 33.78 -15.57
C LEU BA 26 -17.46 35.17 -14.95
N ASP BA 27 -16.78 35.31 -13.81
CA ASP BA 27 -16.68 36.60 -13.13
C ASP BA 27 -15.78 37.56 -13.90
N ALA BA 28 -14.66 37.06 -14.43
CA ALA BA 28 -13.77 37.93 -15.18
C ALA BA 28 -14.48 38.51 -16.39
N GLU BA 29 -15.28 37.70 -17.07
CA GLU BA 29 -16.01 38.14 -18.24
C GLU BA 29 -17.12 39.11 -17.87
N LEU BA 30 -17.83 38.83 -16.77
CA LEU BA 30 -18.89 39.74 -16.35
C LEU BA 30 -18.33 41.10 -15.92
N LYS BA 31 -17.13 41.12 -15.34
CA LYS BA 31 -16.47 42.39 -15.04
C LYS BA 31 -16.42 43.28 -16.28
N LEU BA 32 -15.99 42.72 -17.41
CA LEU BA 32 -15.87 43.50 -18.64
C LEU BA 32 -17.23 43.82 -19.23
N VAL BA 33 -18.14 42.86 -19.20
CA VAL BA 33 -19.47 43.08 -19.78
C VAL BA 33 -20.19 44.20 -19.03
N GLY BA 34 -19.90 44.35 -17.75
CA GLY BA 34 -20.46 45.46 -17.00
C GLY BA 34 -19.72 46.77 -17.13
N GLU BA 35 -18.38 46.74 -17.00
CA GLU BA 35 -17.62 47.98 -16.98
C GLU BA 35 -17.72 48.73 -18.30
N TYR BA 36 -17.76 48.01 -19.42
CA TYR BA 36 -17.82 48.62 -20.74
C TYR BA 36 -19.21 48.59 -21.34
N GLY BA 37 -20.22 48.18 -20.57
CA GLY BA 37 -21.59 48.27 -21.02
C GLY BA 37 -21.89 47.47 -22.27
N LEU BA 38 -21.43 46.24 -22.32
CA LEU BA 38 -21.66 45.38 -23.47
C LEU BA 38 -22.97 44.64 -23.29
N ARG BA 39 -23.57 44.22 -24.41
CA ARG BA 39 -24.92 43.68 -24.34
C ARG BA 39 -24.93 42.20 -23.96
N CYS BA 40 -23.88 41.46 -24.26
CA CYS BA 40 -23.85 40.03 -23.98
C CYS BA 40 -22.42 39.52 -24.17
N LYS BA 41 -22.22 38.25 -23.83
CA LYS BA 41 -20.87 37.69 -23.87
C LYS BA 41 -20.28 37.67 -25.27
N ARG BA 42 -21.14 37.62 -26.29
CA ARG BA 42 -20.66 37.52 -27.66
C ARG BA 42 -19.80 38.72 -28.05
N GLU BA 43 -20.13 39.91 -27.54
CA GLU BA 43 -19.33 41.09 -27.82
C GLU BA 43 -17.94 40.96 -27.24
N LEU BA 44 -17.81 40.34 -26.08
CA LEU BA 44 -16.49 40.13 -25.50
C LEU BA 44 -15.74 39.06 -26.28
N TRP BA 45 -16.46 38.01 -26.70
CA TRP BA 45 -15.78 36.89 -27.33
C TRP BA 45 -15.31 37.24 -28.72
N ARG BA 46 -15.99 38.14 -29.42
CA ARG BA 46 -15.48 38.52 -30.73
C ARG BA 46 -14.24 39.40 -30.62
N VAL BA 47 -14.16 40.22 -29.58
CA VAL BA 47 -12.93 40.96 -29.34
C VAL BA 47 -11.79 40.01 -29.01
N GLN BA 48 -12.07 39.00 -28.20
CA GLN BA 48 -11.04 38.00 -27.91
C GLN BA 48 -10.60 37.29 -29.17
N TYR BA 49 -11.54 36.96 -30.05
CA TYR BA 49 -11.20 36.20 -31.25
C TYR BA 49 -10.36 37.04 -32.21
N ALA BA 50 -10.70 38.33 -32.37
CA ALA BA 50 -9.88 39.22 -33.18
C ALA BA 50 -8.49 39.38 -32.57
N LEU BA 51 -8.41 39.48 -31.25
CA LEU BA 51 -7.12 39.59 -30.59
C LEU BA 51 -6.29 38.34 -30.81
N SER BA 52 -6.90 37.16 -30.71
CA SER BA 52 -6.16 35.92 -30.91
C SER BA 52 -5.65 35.83 -32.34
N ARG BA 53 -6.43 36.32 -33.30
CA ARG BA 53 -5.94 36.36 -34.67
C ARG BA 53 -4.68 37.22 -34.78
N ILE BA 54 -4.74 38.44 -34.23
CA ILE BA 54 -3.59 39.33 -34.42
C ILE BA 54 -2.38 38.79 -33.66
N ARG BA 55 -2.61 38.09 -32.54
CA ARG BA 55 -1.50 37.50 -31.80
C ARG BA 55 -0.89 36.31 -32.53
N ASN BA 56 -1.69 35.48 -33.20
CA ASN BA 56 -1.09 34.41 -33.99
C ASN BA 56 -0.24 34.98 -35.10
N ALA BA 57 -0.71 36.03 -35.77
CA ALA BA 57 0.11 36.67 -36.80
C ALA BA 57 1.42 37.17 -36.21
N ALA BA 58 1.34 37.87 -35.07
CA ALA BA 58 2.55 38.42 -34.45
C ALA BA 58 3.51 37.32 -34.03
N ARG BA 59 2.99 36.25 -33.44
CA ARG BA 59 3.85 35.15 -33.03
C ARG BA 59 4.54 34.49 -34.21
N HIS BA 60 3.81 34.31 -35.31
CA HIS BA 60 4.44 33.74 -36.49
C HIS BA 60 5.57 34.64 -36.98
N LEU BA 61 5.33 35.94 -37.05
CA LEU BA 61 6.40 36.82 -37.54
C LEU BA 61 7.58 36.85 -36.57
N LEU BA 62 7.31 36.76 -35.27
CA LEU BA 62 8.39 36.72 -34.30
C LEU BA 62 9.19 35.44 -34.39
N THR BA 63 8.58 34.35 -34.83
CA THR BA 63 9.31 33.10 -34.98
C THR BA 63 10.38 33.18 -36.06
N LEU BA 64 10.11 33.91 -37.13
CA LEU BA 64 11.08 34.03 -38.22
C LEU BA 64 12.30 34.81 -37.75
N ASP BA 65 13.24 34.99 -38.66
CA ASP BA 65 14.47 35.71 -38.39
C ASP BA 65 14.42 37.08 -39.06
N GLU BA 66 14.96 38.08 -38.39
CA GLU BA 66 15.00 39.41 -39.01
C GLU BA 66 15.89 39.37 -40.24
N LYS BA 67 15.70 40.35 -41.12
CA LYS BA 67 16.14 40.40 -42.52
C LYS BA 67 15.28 39.49 -43.38
N ASN BA 68 14.31 38.77 -42.83
CA ASN BA 68 13.31 38.10 -43.64
C ASN BA 68 12.31 39.13 -44.15
N PRO BA 69 12.21 39.35 -45.46
CA PRO BA 69 11.33 40.41 -45.95
C PRO BA 69 9.88 40.21 -45.62
N ARG BA 70 9.43 38.98 -45.40
CA ARG BA 70 8.07 38.80 -44.89
C ARG BA 70 7.93 39.38 -43.49
N ARG BA 71 8.86 39.03 -42.59
CA ARG BA 71 8.86 39.62 -41.28
C ARG BA 71 8.88 41.13 -41.37
N ILE BA 72 9.74 41.70 -42.21
CA ILE BA 72 9.84 43.15 -42.34
C ILE BA 72 8.52 43.75 -42.80
N PHE BA 73 8.02 43.29 -43.95
CA PHE BA 73 6.86 43.91 -44.58
C PHE BA 73 5.62 43.76 -43.71
N GLU BA 74 5.35 42.53 -43.26
CA GLU BA 74 4.16 42.29 -42.47
C GLU BA 74 4.27 42.90 -41.08
N GLY BA 75 5.48 42.95 -40.51
CA GLY BA 75 5.63 43.59 -39.23
C GLY BA 75 5.36 45.08 -39.29
N ALA BA 76 5.90 45.74 -40.32
CA ALA BA 76 5.61 47.16 -40.50
C ALA BA 76 4.12 47.38 -40.69
N ALA BA 77 3.47 46.54 -41.50
CA ALA BA 77 2.04 46.69 -41.72
C ALA BA 77 1.24 46.49 -40.45
N LEU BA 78 1.56 45.43 -39.69
CA LEU BA 78 0.81 45.13 -38.48
C LEU BA 78 1.00 46.22 -37.44
N LEU BA 79 2.24 46.70 -37.28
CA LEU BA 79 2.51 47.78 -36.34
C LEU BA 79 1.77 49.05 -36.75
N ARG BA 80 1.74 49.35 -38.05
CA ARG BA 80 0.99 50.50 -38.52
C ARG BA 80 -0.49 50.34 -38.20
N ARG BA 81 -1.02 49.12 -38.36
CA ARG BA 81 -2.42 48.89 -38.07
C ARG BA 81 -2.71 49.08 -36.59
N MET BA 82 -1.81 48.61 -35.73
CA MET BA 82 -2.02 48.77 -34.28
C MET BA 82 -1.94 50.23 -33.87
N ASN BA 83 -0.98 50.98 -34.42
CA ASN BA 83 -0.85 52.40 -34.09
C ASN BA 83 -2.03 53.19 -34.62
N ARG BA 84 -2.54 52.82 -35.79
CA ARG BA 84 -3.61 53.56 -36.43
C ARG BA 84 -4.86 53.59 -35.56
N TYR BA 85 -5.08 52.55 -34.77
CA TYR BA 85 -6.24 52.50 -33.88
C TYR BA 85 -5.86 52.79 -32.43
N GLY BA 86 -4.71 53.40 -32.19
CA GLY BA 86 -4.33 53.79 -30.85
C GLY BA 86 -4.12 52.65 -29.89
N LEU BA 87 -3.98 51.43 -30.41
CA LEU BA 87 -3.85 50.23 -29.62
C LEU BA 87 -2.44 50.03 -29.09
N LEU BA 88 -1.56 50.99 -29.34
CA LEU BA 88 -0.14 50.82 -29.07
C LEU BA 88 0.48 52.19 -28.87
N ALA BA 89 1.21 52.38 -27.77
CA ALA BA 89 1.76 53.68 -27.46
C ALA BA 89 2.89 54.03 -28.44
N GLU BA 90 3.46 55.21 -28.27
CA GLU BA 90 4.54 55.66 -29.14
C GLU BA 90 5.87 55.11 -28.66
N GLY BA 91 6.74 54.76 -29.61
CA GLY BA 91 7.98 54.09 -29.32
C GLY BA 91 7.85 52.59 -29.15
N GLN BA 92 6.64 52.05 -29.27
CA GLN BA 92 6.37 50.63 -29.04
C GLN BA 92 6.52 49.77 -30.29
N ASP BA 93 6.96 50.35 -31.41
CA ASP BA 93 6.98 49.59 -32.65
C ASP BA 93 8.09 48.54 -32.64
N LYS BA 94 7.99 47.57 -31.74
CA LYS BA 94 8.96 46.49 -31.67
C LYS BA 94 8.36 45.15 -31.99
N LEU BA 95 7.04 45.04 -32.12
CA LEU BA 95 6.30 43.85 -32.52
C LEU BA 95 6.31 42.79 -31.42
N ASP BA 96 7.08 42.98 -30.35
CA ASP BA 96 6.91 42.18 -29.14
C ASP BA 96 5.89 42.79 -28.20
N TYR BA 97 5.64 44.09 -28.32
CA TYR BA 97 4.61 44.76 -27.54
C TYR BA 97 3.23 44.55 -28.12
N VAL BA 98 3.12 43.95 -29.30
CA VAL BA 98 1.82 43.52 -29.79
C VAL BA 98 1.31 42.32 -28.99
N LEU BA 99 2.21 41.39 -28.68
CA LEU BA 99 1.81 40.23 -27.92
C LEU BA 99 1.34 40.60 -26.52
N ALA BA 100 1.89 41.66 -25.95
CA ALA BA 100 1.47 42.14 -24.64
C ALA BA 100 0.09 42.81 -24.68
N LEU BA 101 -0.48 43.00 -25.86
CA LEU BA 101 -1.70 43.75 -25.99
C LEU BA 101 -2.90 42.96 -25.45
N THR BA 102 -3.85 43.68 -24.87
CA THR BA 102 -4.92 43.10 -24.07
C THR BA 102 -6.27 43.40 -24.69
N ALA BA 103 -7.27 42.55 -24.36
CA ALA BA 103 -8.61 42.79 -24.86
C ALA BA 103 -9.21 44.08 -24.31
N GLU BA 104 -8.79 44.48 -23.12
CA GLU BA 104 -9.23 45.76 -22.57
C GLU BA 104 -8.86 46.90 -23.49
N ASN BA 105 -7.73 46.78 -24.19
CA ASN BA 105 -7.31 47.81 -25.12
C ASN BA 105 -8.27 47.91 -26.31
N PHE BA 106 -8.68 46.77 -26.88
CA PHE BA 106 -9.67 46.84 -27.95
C PHE BA 106 -10.99 47.42 -27.43
N LEU BA 107 -11.45 46.93 -26.28
CA LEU BA 107 -12.68 47.45 -25.69
C LEU BA 107 -12.60 48.94 -25.42
N ALA BA 108 -11.41 49.48 -25.24
CA ALA BA 108 -11.25 50.89 -24.91
C ALA BA 108 -11.46 51.79 -26.12
N ARG BA 109 -11.52 51.22 -27.33
CA ARG BA 109 -11.59 52.00 -28.55
C ARG BA 109 -12.97 52.01 -29.17
N ARG BA 110 -13.93 51.25 -28.63
CA ARG BA 110 -15.29 51.25 -29.15
C ARG BA 110 -15.89 52.63 -28.99
N LEU BA 111 -16.75 53.01 -29.94
CA LEU BA 111 -17.30 54.36 -29.92
C LEU BA 111 -18.13 54.59 -28.67
N GLN BA 112 -18.71 53.53 -28.10
CA GLN BA 112 -19.40 53.67 -26.83
C GLN BA 112 -18.45 54.18 -25.74
N THR BA 113 -17.32 53.50 -25.58
CA THR BA 113 -16.38 53.87 -24.53
C THR BA 113 -15.80 55.24 -24.77
N LEU BA 114 -15.57 55.60 -26.04
CA LEU BA 114 -14.99 56.91 -26.34
C LEU BA 114 -16.00 58.02 -26.19
N VAL BA 115 -17.27 57.76 -26.48
CA VAL BA 115 -18.30 58.75 -26.23
C VAL BA 115 -18.47 58.99 -24.75
N PHE BA 116 -18.44 57.91 -23.95
CA PHE BA 116 -18.46 58.07 -22.50
C PHE BA 116 -17.27 58.87 -22.02
N LYS BA 117 -16.07 58.53 -22.50
CA LYS BA 117 -14.84 59.14 -22.02
C LYS BA 117 -14.68 60.59 -22.46
N ALA BA 118 -15.45 61.04 -23.44
CA ALA BA 118 -15.33 62.39 -23.97
C ALA BA 118 -16.31 63.36 -23.33
N GLY BA 119 -17.02 62.95 -22.30
CA GLY BA 119 -18.19 63.69 -21.85
C GLY BA 119 -19.39 63.14 -22.58
N MET BA 120 -20.34 63.99 -22.95
CA MET BA 120 -21.37 63.65 -23.93
C MET BA 120 -22.30 62.52 -23.48
N ALA BA 121 -21.97 61.84 -22.39
CA ALA BA 121 -22.70 60.61 -22.15
C ALA BA 121 -23.25 60.47 -20.73
N LYS BA 122 -22.51 60.92 -19.73
CA LYS BA 122 -22.86 60.80 -18.31
C LYS BA 122 -22.91 59.36 -17.82
N SER BA 123 -22.61 58.38 -18.67
CA SER BA 123 -22.75 56.97 -18.32
C SER BA 123 -22.23 56.14 -19.48
N ILE BA 124 -22.06 54.84 -19.24
CA ILE BA 124 -21.70 53.91 -20.29
C ILE BA 124 -22.92 53.33 -21.00
N HIS BA 125 -24.06 53.26 -20.32
CA HIS BA 125 -25.28 52.80 -20.96
C HIS BA 125 -26.02 53.93 -21.65
N HIS BA 126 -25.93 55.13 -21.09
CA HIS BA 126 -26.42 56.31 -21.76
C HIS BA 126 -25.68 56.51 -23.07
N ALA BA 127 -24.37 56.24 -23.07
CA ALA BA 127 -23.59 56.36 -24.30
C ALA BA 127 -24.07 55.40 -25.38
N ARG BA 128 -24.32 54.14 -25.02
CA ARG BA 128 -24.84 53.21 -26.01
C ARG BA 128 -26.19 53.66 -26.55
N VAL BA 129 -27.14 53.95 -25.66
CA VAL BA 129 -28.44 54.33 -26.18
C VAL BA 129 -28.33 55.62 -26.98
N LEU BA 130 -27.31 56.44 -26.69
CA LEU BA 130 -27.11 57.66 -27.44
C LEU BA 130 -26.62 57.35 -28.84
N ILE BA 131 -25.77 56.33 -28.99
CA ILE BA 131 -25.23 56.03 -30.30
C ILE BA 131 -26.25 55.29 -31.16
N ARG BA 132 -27.05 54.43 -30.58
CA ARG BA 132 -28.07 53.75 -31.36
C ARG BA 132 -29.30 54.59 -31.67
N GLN BA 133 -29.27 55.88 -31.39
CA GLN BA 133 -30.38 56.75 -31.73
C GLN BA 133 -29.95 57.88 -32.67
N ARG BA 134 -29.08 57.55 -33.62
CA ARG BA 134 -28.64 58.46 -34.67
C ARG BA 134 -28.05 59.76 -34.11
N HIS BA 135 -27.60 59.75 -32.86
CA HIS BA 135 -27.33 60.99 -32.17
C HIS BA 135 -25.89 61.45 -32.27
N ILE BA 136 -25.02 60.72 -32.96
CA ILE BA 136 -23.59 60.94 -32.86
C ILE BA 136 -22.95 60.69 -34.23
N ARG BA 137 -22.06 61.59 -34.64
CA ARG BA 137 -21.38 61.51 -35.91
C ARG BA 137 -19.88 61.46 -35.68
N VAL BA 138 -19.13 61.07 -36.70
CA VAL BA 138 -17.69 60.86 -36.51
C VAL BA 138 -16.91 61.88 -37.31
N GLY BA 139 -16.98 61.83 -38.63
CA GLY BA 139 -16.44 62.96 -39.37
C GLY BA 139 -17.54 63.84 -39.92
N ARG BA 140 -18.41 63.23 -40.72
CA ARG BA 140 -19.62 63.87 -41.21
C ARG BA 140 -20.78 62.90 -41.23
N GLN BA 141 -20.61 61.66 -40.78
CA GLN BA 141 -21.56 60.60 -41.03
C GLN BA 141 -22.18 60.15 -39.72
N ILE BA 142 -23.48 59.83 -39.76
CA ILE BA 142 -24.24 59.39 -38.60
C ILE BA 142 -23.96 57.90 -38.41
N VAL BA 143 -23.20 57.55 -37.39
CA VAL BA 143 -22.89 56.16 -37.08
C VAL BA 143 -23.73 55.73 -35.88
N ASN BA 144 -24.41 54.59 -36.02
CA ASN BA 144 -25.23 54.03 -34.95
C ASN BA 144 -24.85 52.59 -34.66
N VAL BA 145 -23.57 52.30 -34.69
CA VAL BA 145 -23.06 50.98 -34.32
C VAL BA 145 -22.09 51.16 -33.16
N PRO BA 146 -22.46 50.78 -31.94
CA PRO BA 146 -21.64 51.13 -30.77
C PRO BA 146 -20.24 50.57 -30.80
N SER BA 147 -19.99 49.55 -31.62
CA SER BA 147 -18.70 48.87 -31.67
C SER BA 147 -17.85 49.37 -32.84
N PHE BA 148 -17.90 50.67 -33.10
CA PHE BA 148 -17.33 51.24 -34.31
C PHE BA 148 -15.80 51.18 -34.34
N MET BA 149 -15.14 51.24 -33.20
CA MET BA 149 -13.67 51.13 -33.12
C MET BA 149 -12.98 52.27 -33.87
N VAL BA 150 -13.13 53.47 -33.31
CA VAL BA 150 -12.53 54.67 -33.87
C VAL BA 150 -11.02 54.51 -34.03
N ARG BA 151 -10.46 55.20 -35.02
CA ARG BA 151 -9.03 55.35 -35.16
C ARG BA 151 -8.55 56.62 -34.45
N VAL BA 152 -7.24 56.70 -34.22
CA VAL BA 152 -6.71 57.80 -33.42
C VAL BA 152 -6.82 59.13 -34.17
N GLU BA 153 -6.77 59.09 -35.51
CA GLU BA 153 -6.87 60.34 -36.27
C GLU BA 153 -8.27 60.93 -36.19
N SER BA 154 -9.31 60.10 -36.30
CA SER BA 154 -10.68 60.59 -36.30
C SER BA 154 -11.25 60.75 -34.91
N GLU BA 155 -10.44 60.57 -33.87
CA GLU BA 155 -10.91 60.75 -32.49
C GLU BA 155 -11.24 62.20 -32.19
N LYS BA 156 -10.68 63.14 -32.93
CA LYS BA 156 -10.94 64.56 -32.65
C LYS BA 156 -12.32 64.98 -33.16
N HIS BA 157 -12.74 64.46 -34.29
CA HIS BA 157 -13.92 64.97 -34.98
C HIS BA 157 -15.21 64.35 -34.49
N ILE BA 158 -15.16 63.40 -33.57
CA ILE BA 158 -16.38 62.88 -32.96
C ILE BA 158 -17.14 64.04 -32.30
N ASP BA 159 -18.44 64.08 -32.55
CA ASP BA 159 -19.31 65.07 -31.93
C ASP BA 159 -20.74 64.64 -32.17
N PHE BA 160 -21.69 65.50 -31.81
CA PHE BA 160 -23.09 65.16 -31.94
C PHE BA 160 -23.55 65.35 -33.38
N SER BA 161 -24.71 64.78 -33.69
CA SER BA 161 -25.27 64.92 -35.02
C SER BA 161 -25.88 66.31 -35.23
N LEU BA 162 -25.91 66.73 -36.48
CA LEU BA 162 -26.49 68.02 -36.83
C LEU BA 162 -28.01 68.01 -36.84
N THR BA 163 -28.63 66.86 -36.60
CA THR BA 163 -30.08 66.76 -36.59
C THR BA 163 -30.63 66.13 -35.32
N SER BA 164 -29.77 65.69 -34.41
CA SER BA 164 -30.19 65.33 -33.08
C SER BA 164 -30.40 66.59 -32.24
N PRO BA 165 -31.41 66.62 -31.38
CA PRO BA 165 -31.60 67.80 -30.53
C PRO BA 165 -30.40 68.13 -29.65
N PHE BA 166 -29.58 67.15 -29.29
CA PHE BA 166 -28.52 67.40 -28.33
C PHE BA 166 -27.32 68.10 -28.95
N GLY BA 167 -27.18 68.09 -30.27
CA GLY BA 167 -26.11 68.84 -30.89
C GLY BA 167 -26.48 69.42 -32.25
N GLY BA 168 -27.74 69.26 -32.64
CA GLY BA 168 -28.19 69.67 -33.95
C GLY BA 168 -29.29 70.71 -34.00
N GLY BA 169 -30.49 70.23 -34.34
CA GLY BA 169 -31.60 71.07 -34.72
C GLY BA 169 -32.88 70.71 -34.00
N PRO BA 170 -33.90 70.34 -34.77
CA PRO BA 170 -35.26 70.26 -34.23
C PRO BA 170 -35.38 69.26 -33.08
N ALA BA 171 -36.39 69.49 -32.25
CA ALA BA 171 -36.61 68.66 -31.08
C ALA BA 171 -37.17 67.30 -31.49
N GLY BA 172 -37.53 66.48 -30.51
CA GLY BA 172 -37.96 65.12 -30.76
C GLY BA 172 -39.47 64.97 -30.78
N ARG BA 173 -39.89 63.70 -30.73
CA ARG BA 173 -41.32 63.40 -30.70
C ARG BA 173 -42.00 64.02 -29.48
N VAL BA 174 -41.46 63.77 -28.30
CA VAL BA 174 -42.15 64.15 -27.07
C VAL BA 174 -42.02 65.65 -26.81
N LYS BA 175 -40.86 66.22 -27.12
CA LYS BA 175 -40.68 67.66 -26.93
C LYS BA 175 -41.66 68.46 -27.78
N ARG BA 176 -41.97 67.99 -28.99
CA ARG BA 176 -43.01 68.64 -29.79
C ARG BA 176 -44.40 68.27 -29.28
N LYS BA 177 -44.59 67.02 -28.87
CA LYS BA 177 -45.93 66.59 -28.47
C LYS BA 177 -46.42 67.39 -27.28
N ASN BA 178 -45.54 67.64 -26.31
CA ASN BA 178 -45.95 68.45 -25.18
C ASN BA 178 -46.22 69.88 -25.59
N GLN BA 179 -45.46 70.41 -26.55
CA GLN BA 179 -45.73 71.76 -27.01
C GLN BA 179 -47.10 71.84 -27.68
N LYS BA 180 -47.47 70.84 -28.47
CA LYS BA 180 -48.77 70.91 -29.14
C LYS BA 180 -49.92 70.75 -28.13
N LYS BA 181 -49.80 69.82 -27.18
CA LYS BA 181 -50.88 69.73 -26.21
C LYS BA 181 -50.92 70.95 -25.30
N ALA BA 182 -49.78 71.59 -25.07
CA ALA BA 182 -49.76 72.82 -24.29
C ALA BA 182 -50.53 73.93 -25.00
N SER BA 183 -50.30 74.08 -26.31
CA SER BA 183 -50.98 75.10 -27.10
C SER BA 183 -52.44 74.71 -27.28
N LYS CA 43 4.07 34.20 21.99
CA LYS CA 43 4.84 34.75 20.87
C LYS CA 43 5.55 33.65 20.11
N TRP CA 44 6.80 33.90 19.72
CA TRP CA 44 7.59 32.97 18.94
C TRP CA 44 8.61 32.22 19.78
N VAL CA 45 9.57 32.93 20.37
CA VAL CA 45 10.70 32.35 21.09
C VAL CA 45 11.26 31.23 20.21
N PRO CA 46 11.98 31.57 19.14
CA PRO CA 46 12.42 30.55 18.18
C PRO CA 46 13.35 29.52 18.79
N VAL CA 47 13.40 28.35 18.14
CA VAL CA 47 14.16 27.21 18.63
C VAL CA 47 15.26 26.80 17.66
N THR CA 48 15.58 27.63 16.67
CA THR CA 48 16.61 27.32 15.69
C THR CA 48 17.50 28.55 15.48
N LYS CA 49 18.73 28.29 15.06
CA LYS CA 49 19.67 29.39 14.82
C LYS CA 49 19.12 30.36 13.76
N LEU CA 50 18.56 29.81 12.68
CA LEU CA 50 17.94 30.68 11.69
C LEU CA 50 16.82 31.50 12.30
N GLY CA 51 15.98 30.87 13.13
CA GLY CA 51 14.90 31.60 13.76
C GLY CA 51 15.39 32.74 14.61
N ARG CA 52 16.49 32.52 15.33
CA ARG CA 52 17.06 33.60 16.13
C ARG CA 52 17.56 34.73 15.24
N LEU CA 53 18.30 34.40 14.18
CA LEU CA 53 18.82 35.45 13.32
C LEU CA 53 17.70 36.23 12.64
N VAL CA 54 16.59 35.56 12.33
CA VAL CA 54 15.44 36.26 11.75
C VAL CA 54 14.76 37.14 12.77
N LYS CA 55 14.64 36.68 14.02
CA LYS CA 55 14.00 37.53 15.02
C LYS CA 55 14.81 38.79 15.26
N GLU CA 56 16.14 38.69 15.30
CA GLU CA 56 16.94 39.90 15.43
C GLU CA 56 16.98 40.71 14.14
N GLY CA 57 16.41 40.20 13.05
CA GLY CA 57 16.18 41.02 11.88
C GLY CA 57 17.35 41.15 10.95
N ARG CA 58 18.31 40.23 11.01
CA ARG CA 58 19.49 40.24 10.15
C ARG CA 58 19.30 39.41 8.91
N PHE CA 59 18.07 39.31 8.44
CA PHE CA 59 17.74 38.62 7.21
C PHE CA 59 16.55 39.36 6.62
N THR CA 60 16.65 39.76 5.36
CA THR CA 60 15.58 40.54 4.75
C THR CA 60 14.76 39.78 3.72
N LYS CA 61 15.39 38.97 2.89
CA LYS CA 61 14.67 38.13 1.95
C LYS CA 61 14.99 36.66 2.22
N MET CA 62 14.34 35.79 1.46
CA MET CA 62 14.55 34.36 1.60
C MET CA 62 15.70 33.83 0.78
N GLU CA 63 16.34 34.68 -0.03
CA GLU CA 63 17.36 34.21 -0.96
C GLU CA 63 18.69 33.91 -0.28
N GLU CA 64 18.96 34.52 0.88
CA GLU CA 64 20.15 34.15 1.62
C GLU CA 64 19.97 32.85 2.39
N ILE CA 65 18.75 32.35 2.49
CA ILE CA 65 18.55 30.99 2.99
C ILE CA 65 18.49 30.00 1.83
N TYR CA 66 18.13 30.47 0.63
CA TYR CA 66 18.09 29.58 -0.53
C TYR CA 66 19.50 29.28 -1.01
N LEU CA 67 20.37 30.29 -0.98
CA LEU CA 67 21.73 30.15 -1.49
C LEU CA 67 22.49 29.08 -0.72
N HIS CA 68 22.17 28.89 0.55
CA HIS CA 68 22.90 27.97 1.41
C HIS CA 68 22.14 26.69 1.69
N SER CA 69 21.00 26.49 1.04
CA SER CA 69 20.24 25.24 1.12
C SER CA 69 19.83 24.89 2.55
N LEU CA 70 19.58 25.90 3.37
CA LEU CA 70 19.30 25.67 4.78
C LEU CA 70 17.90 25.12 4.98
N PRO CA 71 17.73 24.13 5.86
CA PRO CA 71 16.39 23.63 6.20
C PRO CA 71 15.64 24.64 7.05
N VAL CA 72 14.49 25.09 6.56
CA VAL CA 72 13.66 26.05 7.29
C VAL CA 72 12.65 25.26 8.10
N LYS CA 73 12.77 25.31 9.42
CA LYS CA 73 12.00 24.46 10.31
C LYS CA 73 10.88 25.20 11.04
N GLU CA 74 10.90 26.53 11.07
CA GLU CA 74 9.87 27.32 11.72
C GLU CA 74 9.20 28.23 10.70
N HIS CA 75 7.87 28.20 10.66
CA HIS CA 75 7.14 28.94 9.64
C HIS CA 75 7.23 30.45 9.81
N GLN CA 76 7.44 30.95 11.03
CA GLN CA 76 7.54 32.40 11.18
C GLN CA 76 8.69 32.99 10.38
N ILE CA 77 9.74 32.19 10.13
CA ILE CA 77 10.84 32.66 9.31
C ILE CA 77 10.33 33.11 7.95
N VAL CA 78 9.37 32.39 7.41
CA VAL CA 78 8.77 32.81 6.14
C VAL CA 78 7.93 34.05 6.35
N GLU CA 79 7.10 34.07 7.39
CA GLU CA 79 6.10 35.12 7.49
C GLU CA 79 6.71 36.49 7.74
N THR CA 80 7.96 36.56 8.20
CA THR CA 80 8.64 37.85 8.21
C THR CA 80 9.28 38.13 6.85
N LEU CA 81 9.99 37.15 6.30
CA LEU CA 81 10.75 37.41 5.07
C LEU CA 81 9.85 37.55 3.86
N CYS CA 82 8.67 36.95 3.86
CA CYS CA 82 7.70 37.16 2.80
C CYS CA 82 6.51 37.90 3.37
N PRO CA 83 6.38 39.21 3.13
CA PRO CA 83 5.27 39.96 3.73
C PRO CA 83 3.91 39.53 3.21
N GLY CA 84 3.70 39.62 1.89
CA GLY CA 84 2.44 39.28 1.28
C GLY CA 84 2.35 37.88 0.69
N LEU CA 85 2.32 36.85 1.53
CA LEU CA 85 2.18 35.49 1.06
C LEU CA 85 0.71 35.10 1.13
N LYS CA 86 0.17 34.57 0.04
CA LYS CA 86 -1.24 34.27 -0.09
C LYS CA 86 -1.44 32.76 -0.05
N ASP CA 87 -2.40 32.29 0.74
CA ASP CA 87 -2.69 30.87 0.79
C ASP CA 87 -4.04 30.54 0.18
N GLU CA 88 -4.23 29.27 -0.15
CA GLU CA 88 -5.48 28.82 -0.72
C GLU CA 88 -5.62 27.32 -0.55
N VAL CA 89 -6.80 26.89 -0.12
CA VAL CA 89 -7.12 25.48 -0.06
C VAL CA 89 -7.57 25.02 -1.44
N MET CA 90 -6.95 23.96 -1.94
CA MET CA 90 -7.33 23.45 -3.25
C MET CA 90 -8.23 22.23 -3.16
N LYS CA 91 -8.02 21.37 -2.18
CA LYS CA 91 -8.86 20.19 -2.01
C LYS CA 91 -8.89 19.77 -0.56
N ILE CA 92 -10.05 19.25 -0.16
CA ILE CA 92 -10.22 18.56 1.11
C ILE CA 92 -10.70 17.16 0.76
N THR CA 93 -9.95 16.15 1.19
CA THR CA 93 -10.20 14.78 0.79
C THR CA 93 -10.39 13.92 2.03
N PRO CA 94 -11.48 13.17 2.12
CA PRO CA 94 -11.61 12.25 3.26
C PRO CA 94 -10.98 10.90 3.01
N VAL CA 95 -10.12 10.47 3.92
CA VAL CA 95 -9.50 9.15 3.87
C VAL CA 95 -10.00 8.37 5.07
N GLN CA 96 -10.01 7.06 4.95
CA GLN CA 96 -10.60 6.23 5.98
C GLN CA 96 -9.70 5.05 6.27
N LYS CA 97 -9.66 4.64 7.53
CA LYS CA 97 -9.01 3.40 7.93
C LYS CA 97 -10.06 2.50 8.55
N GLN CA 98 -10.02 1.22 8.22
CA GLN CA 98 -11.00 0.29 8.74
C GLN CA 98 -10.58 -0.23 10.10
N THR CA 99 -11.54 -0.31 11.01
CA THR CA 99 -11.32 -0.83 12.35
C THR CA 99 -12.47 -1.74 12.71
N ARG CA 100 -12.31 -2.45 13.83
CA ARG CA 100 -13.35 -3.37 14.28
C ARG CA 100 -14.65 -2.64 14.61
N ALA CA 101 -14.55 -1.41 15.14
CA ALA CA 101 -15.74 -0.66 15.48
C ALA CA 101 -16.38 -0.02 14.27
N GLY CA 102 -15.58 0.37 13.29
CA GLY CA 102 -16.11 0.95 12.08
C GLY CA 102 -15.00 1.49 11.21
N GLN CA 103 -15.26 2.57 10.49
CA GLN CA 103 -14.25 3.21 9.67
C GLN CA 103 -13.94 4.59 10.25
N ARG CA 104 -12.68 4.84 10.57
CA ARG CA 104 -12.25 6.10 11.14
C ARG CA 104 -11.87 7.03 10.00
N THR CA 105 -12.52 8.20 9.97
CA THR CA 105 -12.36 9.17 8.89
C THR CA 105 -11.40 10.27 9.31
N ARG CA 106 -10.58 10.70 8.37
CA ARG CA 106 -9.71 11.85 8.57
C ARG CA 106 -9.70 12.68 7.30
N PHE CA 107 -9.45 13.96 7.44
CA PHE CA 107 -9.51 14.89 6.33
C PHE CA 107 -8.12 15.37 6.00
N LYS CA 108 -7.76 15.29 4.72
CA LYS CA 108 -6.47 15.71 4.24
C LYS CA 108 -6.66 16.94 3.37
N ALA CA 109 -5.93 17.99 3.68
CA ALA CA 109 -6.04 19.27 3.00
C ALA CA 109 -4.80 19.53 2.17
N PHE CA 110 -5.02 20.15 1.01
CA PHE CA 110 -3.97 20.56 0.09
C PHE CA 110 -3.98 22.07 -0.01
N VAL CA 111 -2.88 22.71 0.41
CA VAL CA 111 -2.83 24.17 0.46
C VAL CA 111 -1.62 24.65 -0.33
N VAL CA 112 -1.87 25.42 -1.37
CA VAL CA 112 -0.82 26.08 -2.13
C VAL CA 112 -0.70 27.50 -1.61
N VAL CA 113 0.53 27.93 -1.36
CA VAL CA 113 0.78 29.30 -0.95
C VAL CA 113 1.82 29.90 -1.87
N GLY CA 114 1.79 31.21 -1.98
CA GLY CA 114 2.84 31.90 -2.70
C GLY CA 114 2.50 33.34 -3.04
N ASP CA 115 3.47 34.21 -2.86
CA ASP CA 115 3.42 35.50 -3.54
C ASP CA 115 3.55 35.27 -5.02
N SER CA 116 2.89 36.09 -5.82
CA SER CA 116 2.85 35.82 -7.24
C SER CA 116 4.10 36.40 -7.88
N ASN CA 117 5.19 36.46 -7.13
CA ASN CA 117 6.44 37.01 -7.61
C ASN CA 117 7.58 36.03 -7.36
N GLY CA 118 7.34 34.75 -7.64
CA GLY CA 118 8.41 33.79 -7.74
C GLY CA 118 8.71 32.93 -6.54
N HIS CA 119 7.81 32.84 -5.56
CA HIS CA 119 7.93 31.86 -4.49
C HIS CA 119 6.62 31.09 -4.38
N VAL CA 120 6.71 29.77 -4.35
CA VAL CA 120 5.55 28.91 -4.10
C VAL CA 120 5.89 27.85 -3.09
N GLY CA 121 4.87 27.37 -2.41
CA GLY CA 121 4.99 26.27 -1.49
C GLY CA 121 3.71 25.46 -1.51
N LEU CA 122 3.84 24.18 -1.18
CA LEU CA 122 2.70 23.30 -1.17
C LEU CA 122 2.72 22.50 0.11
N GLY CA 123 1.60 22.44 0.80
CA GLY CA 123 1.51 21.69 2.04
C GLY CA 123 0.31 20.77 2.02
N VAL CA 124 0.49 19.60 2.60
CA VAL CA 124 -0.58 18.62 2.71
C VAL CA 124 -0.63 18.15 4.15
N LYS CA 125 -1.83 18.07 4.71
CA LYS CA 125 -1.90 17.70 6.11
C LYS CA 125 -3.17 16.92 6.37
N CYS CA 126 -3.07 15.87 7.17
CA CYS CA 126 -4.19 15.01 7.50
C CYS CA 126 -4.51 15.17 8.98
N ALA CA 127 -5.79 15.40 9.30
CA ALA CA 127 -6.20 15.61 10.67
C ALA CA 127 -7.62 15.11 10.87
N LYS CA 128 -8.03 15.01 12.13
CA LYS CA 128 -9.38 14.53 12.44
C LYS CA 128 -10.46 15.54 12.12
N GLU CA 129 -10.09 16.79 11.85
CA GLU CA 129 -11.07 17.84 11.64
C GLU CA 129 -10.56 18.80 10.58
N VAL CA 130 -11.47 19.28 9.73
CA VAL CA 130 -11.08 19.99 8.52
C VAL CA 130 -10.28 21.24 8.85
N ALA CA 131 -10.70 21.99 9.86
CA ALA CA 131 -10.05 23.27 10.17
C ALA CA 131 -8.61 23.08 10.63
N THR CA 132 -8.35 22.09 11.48
CA THR CA 132 -6.98 21.88 11.93
C THR CA 132 -6.12 21.26 10.83
N ALA CA 133 -6.72 20.45 9.96
CA ALA CA 133 -6.00 19.99 8.79
C ALA CA 133 -5.60 21.15 7.91
N ILE CA 134 -6.49 22.13 7.73
CA ILE CA 134 -6.16 23.30 6.93
C ILE CA 134 -5.06 24.11 7.60
N ARG CA 135 -5.14 24.32 8.91
CA ARG CA 135 -4.10 25.09 9.58
C ARG CA 135 -2.74 24.44 9.44
N GLY CA 136 -2.68 23.12 9.67
CA GLY CA 136 -1.43 22.41 9.48
C GLY CA 136 -0.94 22.45 8.04
N ALA CA 137 -1.88 22.43 7.09
CA ALA CA 137 -1.47 22.53 5.69
C ALA CA 137 -0.89 23.91 5.37
N ILE CA 138 -1.44 24.98 5.95
CA ILE CA 138 -0.84 26.30 5.75
C ILE CA 138 0.56 26.32 6.30
N ILE CA 139 0.76 25.79 7.51
CA ILE CA 139 2.09 25.90 8.09
C ILE CA 139 3.10 25.07 7.30
N LEU CA 140 2.69 23.88 6.83
CA LEU CA 140 3.60 23.08 6.02
C LEU CA 140 3.87 23.73 4.68
N ALA CA 141 2.86 24.34 4.06
CA ALA CA 141 3.06 25.00 2.79
C ALA CA 141 4.03 26.16 2.93
N LYS CA 142 3.92 26.92 4.02
CA LYS CA 142 4.88 27.98 4.26
C LYS CA 142 6.27 27.41 4.47
N LEU CA 143 6.39 26.31 5.19
CA LEU CA 143 7.69 25.69 5.37
C LEU CA 143 8.31 25.22 4.06
N SER CA 144 7.48 24.91 3.05
CA SER CA 144 7.97 24.32 1.82
C SER CA 144 8.27 25.34 0.73
N ILE CA 145 8.23 26.64 1.03
CA ILE CA 145 8.33 27.66 -0.01
C ILE CA 145 9.64 27.49 -0.78
N VAL CA 146 9.55 27.47 -2.10
CA VAL CA 146 10.72 27.27 -2.94
C VAL CA 146 10.81 28.36 -4.00
N PRO CA 147 12.01 28.68 -4.49
CA PRO CA 147 12.12 29.67 -5.56
C PRO CA 147 11.83 29.04 -6.92
N VAL CA 148 11.32 29.86 -7.82
CA VAL CA 148 11.06 29.45 -9.20
C VAL CA 148 11.65 30.50 -10.13
N ARG CA 149 12.56 30.09 -11.00
CA ARG CA 149 13.13 31.06 -11.91
C ARG CA 149 12.26 31.19 -13.15
N ARG CA 150 12.15 32.42 -13.62
CA ARG CA 150 11.36 32.80 -14.77
C ARG CA 150 12.28 33.15 -15.92
N GLY CA 151 11.77 33.05 -17.13
CA GLY CA 151 12.58 33.29 -18.29
C GLY CA 151 11.80 33.95 -19.40
N TYR CA 152 12.43 34.12 -20.54
CA TYR CA 152 11.81 34.73 -21.71
C TYR CA 152 11.68 33.69 -22.80
N TRP CA 153 10.56 33.75 -23.52
CA TRP CA 153 10.37 32.84 -24.65
C TRP CA 153 11.35 33.14 -25.77
N GLY CA 154 11.26 34.32 -26.37
CA GLY CA 154 12.18 34.63 -27.43
C GLY CA 154 13.07 35.84 -27.25
N ASN CA 155 12.58 36.87 -26.58
CA ASN CA 155 13.28 38.16 -26.51
C ASN CA 155 13.25 38.66 -25.08
N LYS CA 156 14.39 39.17 -24.63
CA LYS CA 156 14.56 39.51 -23.21
C LYS CA 156 14.12 40.96 -22.95
N ILE CA 157 12.89 41.26 -23.34
CA ILE CA 157 12.30 42.58 -23.16
C ILE CA 157 11.37 42.53 -21.96
N GLY CA 158 11.50 43.52 -21.07
CA GLY CA 158 10.60 43.62 -19.95
C GLY CA 158 10.93 42.62 -18.85
N LEU CA 159 9.89 42.25 -18.11
CA LEU CA 159 9.85 41.36 -16.96
C LEU CA 159 9.67 39.91 -17.41
N PRO CA 160 10.33 38.96 -16.74
CA PRO CA 160 10.27 37.57 -17.17
C PRO CA 160 8.88 36.99 -16.96
N HIS CA 161 8.44 36.21 -17.94
CA HIS CA 161 7.04 35.80 -18.01
C HIS CA 161 6.81 34.29 -18.05
N THR CA 162 7.77 33.51 -18.55
CA THR CA 162 7.59 32.08 -18.71
C THR CA 162 8.58 31.31 -17.85
N VAL CA 163 8.54 29.99 -17.96
CA VAL CA 163 9.58 29.13 -17.43
C VAL CA 163 10.80 29.29 -18.34
N PRO CA 164 12.01 29.09 -17.85
CA PRO CA 164 13.19 29.35 -18.70
C PRO CA 164 13.27 28.42 -19.88
N CYS CA 165 13.06 27.13 -19.64
CA CYS CA 165 13.19 26.10 -20.66
C CYS CA 165 12.22 24.97 -20.34
N LYS CA 166 12.17 23.97 -21.22
CA LYS CA 166 11.28 22.84 -21.01
C LYS CA 166 11.64 22.12 -19.73
N VAL CA 167 10.62 21.86 -18.91
CA VAL CA 167 10.85 21.27 -17.60
C VAL CA 167 9.75 20.25 -17.36
N THR CA 168 10.06 19.20 -16.62
CA THR CA 168 9.09 18.15 -16.36
C THR CA 168 9.12 17.79 -14.89
N GLY CA 169 8.04 17.19 -14.44
CA GLY CA 169 7.94 16.73 -13.06
C GLY CA 169 7.09 15.49 -12.98
N LYS CA 170 7.39 14.63 -12.01
CA LYS CA 170 6.68 13.38 -11.86
C LYS CA 170 6.32 13.17 -10.39
N CYS CA 171 5.12 12.65 -10.16
CA CYS CA 171 4.71 12.15 -8.85
C CYS CA 171 3.74 11.01 -9.08
N GLY CA 172 4.07 9.85 -8.54
CA GLY CA 172 3.26 8.68 -8.84
C GLY CA 172 3.29 8.44 -10.33
N SER CA 173 2.12 8.29 -10.91
CA SER CA 173 2.01 8.11 -12.35
C SER CA 173 1.89 9.42 -13.11
N VAL CA 174 1.69 10.54 -12.43
CA VAL CA 174 1.46 11.81 -13.11
C VAL CA 174 2.78 12.45 -13.49
N THR CA 175 2.91 12.81 -14.76
CA THR CA 175 4.00 13.63 -15.25
C THR CA 175 3.44 14.89 -15.87
N VAL CA 176 4.03 16.03 -15.52
CA VAL CA 176 3.61 17.33 -16.00
C VAL CA 176 4.78 17.96 -16.73
N ARG CA 177 4.54 18.41 -17.96
CA ARG CA 177 5.52 19.11 -18.75
C ARG CA 177 5.12 20.56 -18.89
N MET CA 178 6.10 21.45 -18.73
CA MET CA 178 5.91 22.88 -18.91
C MET CA 178 6.90 23.39 -19.95
N VAL CA 179 6.38 24.08 -20.94
CA VAL CA 179 7.11 24.54 -22.12
C VAL CA 179 6.98 26.06 -22.20
N PRO CA 180 8.04 26.77 -22.56
CA PRO CA 180 7.92 28.22 -22.71
C PRO CA 180 6.88 28.63 -23.74
N ALA CA 181 6.21 29.73 -23.46
CA ALA CA 181 5.14 30.24 -24.30
C ALA CA 181 5.39 31.69 -24.67
N PRO CA 182 4.90 32.13 -25.83
CA PRO CA 182 5.05 33.54 -26.18
C PRO CA 182 4.28 34.42 -25.21
N ARG CA 183 4.70 35.67 -25.11
CA ARG CA 183 4.13 36.56 -24.11
C ARG CA 183 2.66 36.80 -24.43
N GLY CA 184 1.87 36.94 -23.37
CA GLY CA 184 0.44 37.15 -23.53
C GLY CA 184 -0.37 35.94 -23.96
N SER CA 185 0.23 34.76 -23.97
CA SER CA 185 -0.46 33.56 -24.44
C SER CA 185 -1.26 32.87 -23.35
N GLY CA 186 -1.20 33.34 -22.12
CA GLY CA 186 -1.95 32.74 -21.04
C GLY CA 186 -1.30 31.46 -20.55
N ILE CA 187 -1.98 30.81 -19.62
CA ILE CA 187 -1.53 29.57 -19.03
C ILE CA 187 -2.46 28.47 -19.55
N VAL CA 188 -1.92 27.59 -20.37
CA VAL CA 188 -2.70 26.51 -20.97
C VAL CA 188 -2.52 25.31 -20.06
N ALA CA 189 -3.33 25.24 -19.01
CA ALA CA 189 -3.20 24.15 -18.05
C ALA CA 189 -4.55 23.92 -17.39
N ALA CA 190 -4.69 22.75 -16.78
CA ALA CA 190 -5.90 22.45 -16.04
C ALA CA 190 -5.95 23.28 -14.76
N ARG CA 191 -7.11 23.25 -14.10
CA ARG CA 191 -7.36 24.13 -12.96
C ARG CA 191 -6.28 24.02 -11.89
N VAL CA 192 -5.87 22.79 -11.55
CA VAL CA 192 -4.93 22.57 -10.46
C VAL CA 192 -3.56 23.16 -10.80
N PRO CA 193 -2.88 22.72 -11.87
CA PRO CA 193 -1.61 23.36 -12.20
C PRO CA 193 -1.76 24.83 -12.53
N LYS CA 194 -2.92 25.28 -13.00
CA LYS CA 194 -3.09 26.70 -13.26
C LYS CA 194 -3.05 27.51 -11.98
N LYS CA 195 -3.73 27.04 -10.93
CA LYS CA 195 -3.63 27.73 -9.66
C LYS CA 195 -2.21 27.73 -9.13
N VAL CA 196 -1.54 26.58 -9.20
CA VAL CA 196 -0.16 26.52 -8.72
C VAL CA 196 0.72 27.50 -9.48
N LEU CA 197 0.58 27.57 -10.80
CA LEU CA 197 1.40 28.47 -11.59
C LEU CA 197 1.03 29.93 -11.36
N GLN CA 198 -0.24 30.22 -11.07
CA GLN CA 198 -0.63 31.59 -10.79
C GLN CA 198 0.02 32.09 -9.52
N PHE CA 199 0.01 31.28 -8.46
CA PHE CA 199 0.73 31.68 -7.26
C PHE CA 199 2.23 31.79 -7.48
N ALA CA 200 2.76 31.23 -8.57
CA ALA CA 200 4.17 31.34 -8.89
C ALA CA 200 4.52 32.61 -9.64
N GLY CA 201 3.55 33.33 -10.18
CA GLY CA 201 3.87 34.51 -10.95
C GLY CA 201 4.28 34.25 -12.37
N ILE CA 202 4.16 33.02 -12.84
CA ILE CA 202 4.38 32.73 -14.25
C ILE CA 202 3.13 33.10 -15.02
N ASP CA 203 3.30 33.77 -16.14
CA ASP CA 203 2.18 34.32 -16.90
C ASP CA 203 1.83 33.48 -18.12
N ASP CA 204 2.82 32.99 -18.84
CA ASP CA 204 2.58 32.29 -20.09
C ASP CA 204 3.35 30.98 -20.09
N VAL CA 205 2.66 29.88 -20.39
CA VAL CA 205 3.30 28.57 -20.37
C VAL CA 205 2.38 27.59 -21.08
N PHE CA 206 2.98 26.64 -21.80
CA PHE CA 206 2.22 25.58 -22.42
C PHE CA 206 2.41 24.33 -21.59
N THR CA 207 1.33 23.73 -21.13
CA THR CA 207 1.42 22.59 -20.26
C THR CA 207 0.86 21.36 -20.94
N SER CA 208 1.48 20.22 -20.66
CA SER CA 208 0.98 18.93 -21.08
C SER CA 208 1.07 17.99 -19.90
N SER CA 209 0.24 16.96 -19.91
CA SER CA 209 0.21 16.09 -18.75
C SER CA 209 -0.06 14.66 -19.18
N ARG CA 210 0.30 13.73 -18.30
CA ARG CA 210 0.12 12.31 -18.55
C ARG CA 210 -0.06 11.61 -17.22
N GLY CA 211 -0.88 10.57 -17.22
CA GLY CA 211 -1.13 9.79 -16.03
C GLY CA 211 -2.50 10.03 -15.46
N SER CA 212 -2.67 9.61 -14.20
CA SER CA 212 -3.93 9.77 -13.49
C SER CA 212 -3.96 11.15 -12.85
N THR CA 213 -4.25 12.15 -13.67
CA THR CA 213 -4.36 13.50 -13.13
C THR CA 213 -5.57 13.66 -12.25
N LYS CA 214 -6.55 12.77 -12.35
CA LYS CA 214 -7.71 12.86 -11.47
C LYS CA 214 -7.34 12.58 -10.03
N THR CA 215 -6.18 11.97 -9.79
CA THR CA 215 -5.55 11.96 -8.48
C THR CA 215 -4.96 13.32 -8.23
N LEU CA 216 -5.70 14.19 -7.53
CA LEU CA 216 -5.25 15.56 -7.37
C LEU CA 216 -3.98 15.64 -6.53
N GLY CA 217 -3.80 14.73 -5.58
CA GLY CA 217 -2.59 14.74 -4.79
C GLY CA 217 -1.36 14.70 -5.67
N ASN CA 218 -1.25 13.66 -6.48
CA ASN CA 218 -0.08 13.52 -7.33
C ASN CA 218 -0.03 14.60 -8.40
N PHE CA 219 -1.17 15.07 -8.89
CA PHE CA 219 -1.14 16.11 -9.92
C PHE CA 219 -0.52 17.38 -9.36
N VAL CA 220 -0.95 17.80 -8.18
CA VAL CA 220 -0.44 19.03 -7.60
C VAL CA 220 1.01 18.86 -7.16
N LYS CA 221 1.38 17.68 -6.65
CA LYS CA 221 2.77 17.51 -6.26
C LYS CA 221 3.68 17.40 -7.46
N ALA CA 222 3.20 16.84 -8.57
CA ALA CA 222 3.99 16.84 -9.80
C ALA CA 222 4.19 18.24 -10.31
N THR CA 223 3.16 19.09 -10.21
CA THR CA 223 3.31 20.47 -10.67
C THR CA 223 4.31 21.22 -9.80
N PHE CA 224 4.20 21.07 -8.48
CA PHE CA 224 5.16 21.67 -7.56
C PHE CA 224 6.57 21.17 -7.82
N ASP CA 225 6.73 19.87 -8.05
CA ASP CA 225 8.04 19.31 -8.32
C ASP CA 225 8.59 19.84 -9.63
N CYS CA 226 7.73 20.10 -10.61
CA CYS CA 226 8.16 20.72 -11.86
C CYS CA 226 8.65 22.13 -11.63
N LEU CA 227 7.94 22.90 -10.82
CA LEU CA 227 8.39 24.26 -10.51
C LEU CA 227 9.70 24.27 -9.74
N MET CA 228 9.87 23.36 -8.80
CA MET CA 228 11.03 23.46 -7.92
C MET CA 228 12.33 23.18 -8.64
N LYS CA 229 12.29 22.51 -9.79
CA LYS CA 229 13.51 22.15 -10.52
C LYS CA 229 13.76 23.06 -11.71
N THR CA 230 13.05 24.17 -11.81
CA THR CA 230 13.43 25.20 -12.78
C THR CA 230 14.79 25.76 -12.45
N TYR CA 231 15.23 25.68 -11.20
CA TYR CA 231 16.50 26.24 -10.78
C TYR CA 231 17.63 25.23 -10.80
N GLY CA 232 17.36 23.98 -11.16
CA GLY CA 232 18.36 22.95 -11.17
C GLY CA 232 18.91 22.60 -12.54
N PHE CA 233 18.62 23.38 -13.57
CA PHE CA 233 19.08 23.10 -14.92
C PHE CA 233 20.28 24.00 -15.20
N LEU CA 234 21.34 23.43 -15.75
CA LEU CA 234 22.57 24.17 -15.93
C LEU CA 234 22.54 24.81 -17.31
N THR CA 235 22.35 26.08 -17.34
CA THR CA 235 22.25 27.01 -18.44
C THR CA 235 23.54 27.81 -18.57
N PRO CA 236 23.96 28.17 -19.79
CA PRO CA 236 25.24 28.86 -19.96
C PRO CA 236 25.37 30.16 -19.16
N ASP CA 237 24.27 30.86 -18.87
CA ASP CA 237 24.42 32.00 -17.99
C ASP CA 237 24.72 31.60 -16.56
N PHE CA 238 24.64 30.33 -16.21
CA PHE CA 238 25.13 29.83 -14.93
C PHE CA 238 26.53 29.25 -15.02
N TRP CA 239 27.18 29.34 -16.18
CA TRP CA 239 28.51 28.77 -16.33
C TRP CA 239 29.56 29.51 -15.51
N ARG CA 240 29.36 30.77 -15.21
CA ARG CA 240 30.35 31.54 -14.46
C ARG CA 240 30.67 30.83 -13.16
N GLU CA 241 31.96 30.79 -12.81
CA GLU CA 241 32.37 30.12 -11.59
C GLU CA 241 31.81 30.84 -10.37
N THR CA 242 31.50 30.05 -9.35
CA THR CA 242 30.83 30.58 -8.17
C THR CA 242 31.82 31.20 -7.21
N THR CA 243 31.47 32.38 -6.70
CA THR CA 243 32.22 33.02 -5.62
C THR CA 243 31.46 32.77 -4.33
N PHE CA 244 32.01 31.93 -3.47
CA PHE CA 244 31.27 31.47 -2.31
C PHE CA 244 31.17 32.56 -1.25
N THR CA 245 30.13 32.46 -0.43
CA THR CA 245 29.88 33.41 0.65
C THR CA 245 29.77 32.63 1.95
N LYS CA 246 30.10 33.28 3.05
CA LYS CA 246 30.02 32.62 4.35
C LYS CA 246 28.58 32.31 4.69
N ALA CA 247 28.35 31.08 5.15
CA ALA CA 247 27.01 30.64 5.49
C ALA CA 247 26.52 31.38 6.74
N PRO CA 248 25.20 31.52 6.89
CA PRO CA 248 24.67 32.32 8.01
C PRO CA 248 25.09 31.81 9.37
N TYR CA 249 25.41 30.53 9.51
CA TYR CA 249 25.92 30.03 10.77
C TYR CA 249 27.33 30.54 11.03
N GLN CA 250 28.01 31.00 9.99
CA GLN CA 250 29.41 31.38 10.06
C GLN CA 250 29.64 32.88 10.00
N GLU CA 251 28.78 33.62 9.32
CA GLU CA 251 28.83 35.08 9.43
C GLU CA 251 28.46 35.52 10.83
N PHE CA 252 27.34 35.03 11.34
CA PHE CA 252 26.88 35.40 12.68
C PHE CA 252 27.39 34.43 13.73
N THR CA 253 28.70 34.18 13.73
CA THR CA 253 29.25 33.23 14.69
C THR CA 253 29.30 33.82 16.09
N ASP CA 254 29.70 35.09 16.19
CA ASP CA 254 29.93 35.69 17.51
C ASP CA 254 28.62 35.91 18.26
N ILE CA 255 27.54 36.21 17.53
CA ILE CA 255 26.26 36.45 18.18
C ILE CA 255 25.69 35.16 18.76
N LEU CA 256 25.77 34.06 18.02
CA LEU CA 256 25.29 32.79 18.49
C LEU CA 256 26.28 32.19 19.48
N MET DA 1 -62.90 4.13 -104.26
CA MET DA 1 -64.34 4.35 -104.32
C MET DA 1 -64.67 5.73 -104.88
N LYS DA 2 -63.79 6.70 -104.65
CA LYS DA 2 -63.95 8.04 -105.19
C LYS DA 2 -62.82 8.30 -106.18
N LEU DA 3 -62.99 9.30 -107.04
CA LEU DA 3 -61.91 9.63 -107.95
C LEU DA 3 -61.85 11.13 -108.19
N ASN DA 4 -60.68 11.71 -107.93
CA ASN DA 4 -60.39 13.07 -108.33
C ASN DA 4 -59.89 13.08 -109.77
N ILE DA 5 -60.54 13.89 -110.59
CA ILE DA 5 -60.20 14.03 -112.00
C ILE DA 5 -59.64 15.43 -112.18
N ALA DA 6 -58.58 15.53 -112.96
CA ALA DA 6 -58.01 16.83 -113.25
C ALA DA 6 -57.35 16.77 -114.61
N ASN DA 7 -57.25 17.92 -115.24
CA ASN DA 7 -56.44 18.00 -116.45
C ASN DA 7 -55.54 19.21 -116.37
N PRO DA 8 -54.23 18.99 -116.51
CA PRO DA 8 -53.28 20.11 -116.51
C PRO DA 8 -53.32 20.91 -117.78
N THR DA 9 -53.58 20.24 -118.91
CA THR DA 9 -53.51 20.88 -120.22
C THR DA 9 -54.45 22.07 -120.31
N THR DA 10 -55.50 22.07 -119.50
CA THR DA 10 -56.39 23.21 -119.38
C THR DA 10 -56.38 23.82 -117.99
N GLY DA 11 -56.28 22.99 -116.95
CA GLY DA 11 -56.18 23.49 -115.58
C GLY DA 11 -57.41 23.26 -114.74
N CYS DA 12 -58.09 22.14 -114.95
CA CYS DA 12 -59.36 21.89 -114.29
C CYS DA 12 -59.25 20.71 -113.34
N GLN DA 13 -60.13 20.67 -112.34
CA GLN DA 13 -60.12 19.58 -111.38
C GLN DA 13 -61.41 19.58 -110.58
N LYS DA 14 -61.84 18.38 -110.19
CA LYS DA 14 -63.17 18.07 -109.65
C LYS DA 14 -63.14 16.60 -109.24
N LYS DA 15 -64.04 16.19 -108.35
CA LYS DA 15 -64.06 14.79 -107.94
C LYS DA 15 -65.45 14.18 -108.10
N VAL DA 16 -65.48 12.87 -108.39
CA VAL DA 16 -66.69 12.15 -108.76
C VAL DA 16 -66.71 10.81 -107.99
N GLU DA 17 -67.81 10.08 -108.10
CA GLU DA 17 -68.12 8.88 -107.33
C GLU DA 17 -68.50 7.71 -108.23
N ILE DA 18 -68.02 6.51 -107.87
CA ILE DA 18 -68.46 5.26 -108.48
C ILE DA 18 -68.50 4.16 -107.42
N ASP DA 19 -69.53 3.29 -107.51
CA ASP DA 19 -69.62 2.10 -106.66
C ASP DA 19 -70.12 0.89 -107.44
N ASP DA 20 -69.69 0.75 -108.69
CA ASP DA 20 -70.11 -0.34 -109.56
C ASP DA 20 -68.98 -1.34 -109.72
N ASP DA 21 -69.28 -2.63 -109.58
CA ASP DA 21 -68.25 -3.66 -109.67
C ASP DA 21 -67.60 -3.69 -111.05
N MET DA 22 -68.38 -4.02 -112.08
CA MET DA 22 -67.82 -4.17 -113.42
C MET DA 22 -67.28 -2.84 -113.94
N LYS DA 23 -67.73 -1.72 -113.37
CA LYS DA 23 -67.14 -0.43 -113.72
C LYS DA 23 -65.68 -0.34 -113.31
N LEU DA 24 -65.21 -1.21 -112.42
CA LEU DA 24 -63.87 -1.09 -111.85
C LEU DA 24 -63.07 -2.38 -111.93
N ARG DA 25 -63.34 -3.26 -112.90
CA ARG DA 25 -62.50 -4.44 -113.01
C ARG DA 25 -61.12 -4.08 -113.58
N ASN DA 26 -61.09 -3.27 -114.63
CA ASN DA 26 -59.85 -2.79 -115.22
C ASN DA 26 -59.26 -1.60 -114.47
N LEU DA 27 -59.87 -1.20 -113.36
CA LEU DA 27 -59.26 -0.22 -112.46
C LEU DA 27 -58.33 -0.90 -111.45
N TYR DA 28 -58.74 -2.05 -110.94
CA TYR DA 28 -57.96 -2.78 -109.96
C TYR DA 28 -56.78 -3.48 -110.62
N ASP DA 29 -55.92 -4.05 -109.77
CA ASP DA 29 -54.81 -4.89 -110.21
C ASP DA 29 -53.95 -4.18 -111.24
N LYS DA 30 -53.74 -2.89 -111.01
CA LYS DA 30 -52.88 -2.10 -111.87
C LYS DA 30 -52.28 -0.97 -111.05
N ARG DA 31 -51.21 -0.39 -111.56
CA ARG DA 31 -50.30 0.40 -110.76
C ARG DA 31 -50.38 1.88 -111.11
N ILE DA 32 -49.74 2.69 -110.27
CA ILE DA 32 -49.59 4.12 -110.53
C ILE DA 32 -48.93 4.33 -111.89
N SER DA 33 -49.39 5.38 -112.59
CA SER DA 33 -48.82 5.87 -113.83
C SER DA 33 -49.13 4.93 -114.99
N GLN DA 34 -49.72 3.78 -114.69
CA GLN DA 34 -50.12 2.86 -115.75
C GLN DA 34 -51.26 3.49 -116.52
N GLU DA 35 -51.15 3.49 -117.84
CA GLU DA 35 -52.24 3.94 -118.69
C GLU DA 35 -53.46 3.06 -118.48
N VAL DA 36 -54.63 3.68 -118.33
CA VAL DA 36 -55.89 2.94 -118.27
C VAL DA 36 -56.82 3.47 -119.35
N VAL DA 37 -57.45 2.54 -120.06
CA VAL DA 37 -58.47 2.91 -121.03
C VAL DA 37 -59.72 3.36 -120.29
N GLY DA 38 -60.27 4.51 -120.69
CA GLY DA 38 -61.47 5.01 -120.07
C GLY DA 38 -62.73 4.24 -120.43
N ASP DA 39 -62.62 3.32 -121.39
CA ASP DA 39 -63.79 2.60 -121.87
C ASP DA 39 -64.51 1.89 -120.74
N LEU DA 40 -63.76 1.30 -119.80
CA LEU DA 40 -64.39 0.58 -118.70
C LEU DA 40 -65.03 1.52 -117.70
N LEU DA 41 -64.38 2.64 -117.39
CA LEU DA 41 -64.92 3.56 -116.41
C LEU DA 41 -66.32 4.02 -116.79
N GLY DA 42 -66.63 3.99 -118.09
CA GLY DA 42 -67.96 4.25 -118.57
C GLY DA 42 -67.91 4.52 -120.06
N GLU DA 43 -69.10 4.69 -120.62
CA GLU DA 43 -69.19 5.22 -121.98
C GLU DA 43 -68.80 6.69 -122.03
N GLU DA 44 -68.74 7.36 -120.87
CA GLU DA 44 -68.44 8.77 -120.82
C GLU DA 44 -66.95 9.06 -120.84
N PHE DA 45 -66.14 8.07 -121.21
CA PHE DA 45 -64.69 8.21 -121.10
C PHE DA 45 -63.93 7.69 -122.33
N GLU DA 46 -64.62 7.30 -123.40
CA GLU DA 46 -63.88 6.87 -124.58
C GLU DA 46 -63.23 8.09 -125.23
N GLY DA 47 -62.14 7.86 -125.94
CA GLY DA 47 -61.32 8.98 -126.34
C GLY DA 47 -60.41 9.42 -125.21
N TYR DA 48 -60.97 9.62 -124.02
CA TYR DA 48 -60.14 9.82 -122.85
C TYR DA 48 -59.33 8.57 -122.54
N ILE DA 49 -58.04 8.76 -122.37
CA ILE DA 49 -57.15 7.76 -121.81
C ILE DA 49 -56.72 8.33 -120.48
N PHE DA 50 -56.93 7.60 -119.40
CA PHE DA 50 -56.67 8.13 -118.07
C PHE DA 50 -55.33 7.65 -117.55
N LYS DA 51 -54.65 8.54 -116.84
CA LYS DA 51 -53.38 8.24 -116.21
C LYS DA 51 -53.60 8.33 -114.72
N ILE DA 52 -53.52 7.20 -114.04
CA ILE DA 52 -53.74 7.11 -112.60
C ILE DA 52 -52.40 7.25 -111.91
N MET DA 53 -52.28 8.23 -111.02
CA MET DA 53 -51.07 8.36 -110.22
C MET DA 53 -51.42 9.06 -108.91
N GLY DA 54 -51.36 8.31 -107.82
CA GLY DA 54 -51.65 8.85 -106.51
C GLY DA 54 -53.10 8.67 -106.12
N GLY DA 55 -53.37 8.95 -104.86
CA GLY DA 55 -54.71 8.94 -104.30
C GLY DA 55 -54.76 8.06 -103.08
N CYS DA 56 -54.99 8.66 -101.92
CA CYS DA 56 -54.87 7.95 -100.66
C CYS DA 56 -56.01 6.96 -100.48
N ASP DA 57 -56.03 6.30 -99.32
CA ASP DA 57 -57.12 5.39 -99.01
C ASP DA 57 -57.76 5.78 -97.68
N LYS DA 58 -58.63 4.92 -97.16
CA LYS DA 58 -59.08 5.11 -95.79
C LYS DA 58 -57.87 5.14 -94.87
N GLN DA 59 -57.98 5.88 -93.78
CA GLN DA 59 -56.94 6.17 -92.82
C GLN DA 59 -56.00 7.20 -93.42
N GLY DA 60 -56.18 7.57 -94.68
CA GLY DA 60 -55.35 8.57 -95.33
C GLY DA 60 -53.92 8.18 -95.58
N PHE DA 61 -53.64 6.92 -95.91
CA PHE DA 61 -52.30 6.52 -96.30
C PHE DA 61 -52.18 6.41 -97.81
N PRO DA 62 -51.27 7.13 -98.44
CA PRO DA 62 -51.12 7.04 -99.90
C PRO DA 62 -50.53 5.73 -100.39
N MET DA 63 -50.30 5.63 -101.69
CA MET DA 63 -49.48 4.56 -102.26
C MET DA 63 -48.08 5.09 -102.55
N LYS DA 64 -47.16 4.15 -102.73
CA LYS DA 64 -45.82 4.44 -103.21
C LYS DA 64 -45.53 3.59 -104.43
N GLN DA 65 -44.81 4.16 -105.38
CA GLN DA 65 -44.38 3.36 -106.52
C GLN DA 65 -43.34 2.35 -106.07
N GLY DA 66 -43.47 1.13 -106.57
CA GLY DA 66 -42.50 0.09 -106.32
C GLY DA 66 -42.86 -0.87 -105.23
N VAL DA 67 -43.82 -0.54 -104.37
CA VAL DA 67 -44.34 -1.50 -103.40
C VAL DA 67 -45.47 -2.24 -104.11
N LEU DA 68 -45.12 -3.30 -104.82
CA LEU DA 68 -46.08 -4.06 -105.60
C LEU DA 68 -46.78 -5.06 -104.69
N THR DA 69 -47.63 -4.53 -103.81
CA THR DA 69 -48.51 -5.35 -103.00
C THR DA 69 -49.63 -4.48 -102.43
N PRO DA 70 -50.89 -4.81 -102.65
CA PRO DA 70 -51.96 -4.06 -102.03
C PRO DA 70 -51.98 -4.18 -100.52
N GLY DA 71 -50.82 -4.04 -99.89
CA GLY DA 71 -50.70 -4.11 -98.45
C GLY DA 71 -50.42 -2.74 -97.86
N ARG DA 72 -50.21 -2.74 -96.55
CA ARG DA 72 -49.83 -1.54 -95.81
C ARG DA 72 -48.45 -1.81 -95.27
N VAL DA 73 -47.44 -1.41 -96.04
CA VAL DA 73 -46.05 -1.61 -95.66
C VAL DA 73 -45.56 -0.48 -94.76
N ARG DA 74 -44.42 -0.71 -94.12
CA ARG DA 74 -43.76 0.22 -93.21
C ARG DA 74 -42.39 0.50 -93.83
N LEU DA 75 -42.21 1.66 -94.44
CA LEU DA 75 -40.92 1.99 -95.04
C LEU DA 75 -40.23 3.10 -94.28
N LEU DA 76 -38.90 3.02 -94.22
CA LEU DA 76 -38.05 4.03 -93.62
C LEU DA 76 -37.59 4.95 -94.74
N LEU DA 77 -38.27 6.07 -94.92
CA LEU DA 77 -38.08 6.87 -96.11
C LEU DA 77 -37.65 8.28 -95.75
N HIS DA 78 -36.77 8.83 -96.58
CA HIS DA 78 -36.10 10.08 -96.31
C HIS DA 78 -37.07 11.25 -96.44
N ARG DA 79 -36.64 12.38 -95.88
CA ARG DA 79 -37.47 13.57 -95.78
C ARG DA 79 -37.49 14.31 -97.11
N GLY DA 80 -38.67 14.56 -97.65
CA GLY DA 80 -38.80 15.39 -98.82
C GLY DA 80 -39.45 14.67 -99.96
N THR DA 81 -39.42 13.34 -99.93
CA THR DA 81 -39.99 12.54 -100.99
C THR DA 81 -41.50 12.42 -100.80
N SER DA 82 -42.14 11.74 -101.73
CA SER DA 82 -43.57 11.49 -101.60
C SER DA 82 -43.84 10.65 -100.34
N CYS DA 83 -44.97 10.93 -99.71
CA CYS DA 83 -45.52 10.23 -98.56
C CYS DA 83 -44.80 10.58 -97.26
N PHE DA 84 -43.78 11.44 -97.31
CA PHE DA 84 -43.15 11.97 -96.11
C PHE DA 84 -42.56 13.32 -96.45
N ARG DA 85 -43.07 14.36 -95.82
CA ARG DA 85 -42.74 15.74 -96.16
C ARG DA 85 -42.52 16.54 -94.89
N GLY DA 86 -41.90 15.92 -93.89
CA GLY DA 86 -41.91 16.47 -92.55
C GLY DA 86 -41.25 17.84 -92.49
N HIS DA 87 -41.91 18.77 -91.80
CA HIS DA 87 -41.42 20.13 -91.65
C HIS DA 87 -40.95 20.37 -90.23
N GLY DA 88 -39.94 21.21 -90.09
CA GLY DA 88 -39.29 21.40 -88.81
C GLY DA 88 -38.67 20.10 -88.34
N ARG DA 89 -37.92 19.45 -89.23
CA ARG DA 89 -37.51 18.07 -89.02
C ARG DA 89 -36.04 17.82 -89.36
N ARG DA 90 -35.15 18.77 -89.07
CA ARG DA 90 -33.75 18.42 -88.85
C ARG DA 90 -33.11 17.60 -89.97
N VAL DA 91 -32.67 18.25 -91.04
CA VAL DA 91 -32.10 17.60 -92.21
C VAL DA 91 -31.24 16.41 -91.80
N GLY DA 92 -31.46 15.27 -92.45
CA GLY DA 92 -30.91 14.01 -92.04
C GLY DA 92 -31.89 13.13 -91.30
N GLU DA 93 -33.07 13.64 -91.00
CA GLU DA 93 -34.07 12.86 -90.28
C GLU DA 93 -34.81 11.92 -91.23
N ARG DA 94 -35.09 10.72 -90.74
CA ARG DA 94 -35.83 9.71 -91.47
C ARG DA 94 -36.95 9.20 -90.59
N ARG DA 95 -38.04 8.77 -91.22
CA ARG DA 95 -39.14 8.15 -90.49
C ARG DA 95 -39.55 6.83 -91.11
N ARG DA 96 -39.99 5.93 -90.26
CA ARG DA 96 -40.69 4.73 -90.69
C ARG DA 96 -42.17 5.08 -90.72
N LYS DA 97 -42.73 5.17 -91.92
CA LYS DA 97 -44.13 5.49 -92.13
C LYS DA 97 -44.85 4.31 -92.75
N SER DA 98 -46.18 4.33 -92.61
CA SER DA 98 -47.05 3.30 -93.18
C SER DA 98 -47.65 3.83 -94.47
N VAL DA 99 -47.48 3.07 -95.55
CA VAL DA 99 -48.05 3.44 -96.85
C VAL DA 99 -48.60 2.21 -97.54
N ARG DA 100 -49.56 2.43 -98.43
CA ARG DA 100 -50.17 1.34 -99.17
C ARG DA 100 -49.42 1.13 -100.49
N GLY DA 101 -49.54 -0.08 -101.03
CA GLY DA 101 -48.80 -0.45 -102.21
C GLY DA 101 -49.32 0.20 -103.48
N CYS DA 102 -48.54 0.01 -104.55
CA CYS DA 102 -48.78 0.67 -105.83
C CYS DA 102 -49.96 0.10 -106.60
N ILE DA 103 -50.30 -1.18 -106.40
CA ILE DA 103 -51.31 -1.83 -107.22
C ILE DA 103 -52.68 -1.44 -106.69
N VAL DA 104 -53.48 -0.78 -107.54
CA VAL DA 104 -54.83 -0.39 -107.17
C VAL DA 104 -55.64 -1.62 -106.80
N SER DA 105 -56.36 -1.53 -105.68
CA SER DA 105 -57.17 -2.63 -105.22
C SER DA 105 -58.41 -2.07 -104.54
N GLN DA 106 -59.19 -2.98 -103.94
CA GLN DA 106 -60.47 -2.60 -103.33
C GLN DA 106 -60.25 -1.81 -102.05
N ASP DA 107 -59.18 -2.12 -101.32
CA ASP DA 107 -58.94 -1.55 -100.00
C ASP DA 107 -58.72 -0.05 -100.04
N LEU DA 108 -58.48 0.54 -101.21
CA LEU DA 108 -58.19 1.96 -101.34
C LEU DA 108 -59.50 2.76 -101.35
N SER DA 109 -59.40 4.05 -101.04
CA SER DA 109 -60.57 4.91 -100.97
C SER DA 109 -60.72 5.83 -102.17
N VAL DA 110 -59.74 6.69 -102.46
CA VAL DA 110 -59.87 7.70 -103.50
C VAL DA 110 -58.66 7.62 -104.42
N ILE DA 111 -58.90 7.69 -105.73
CA ILE DA 111 -57.82 7.67 -106.70
C ILE DA 111 -57.73 9.03 -107.38
N ASN DA 112 -56.50 9.49 -107.59
CA ASN DA 112 -56.23 10.69 -108.34
C ASN DA 112 -55.84 10.26 -109.75
N LEU DA 113 -56.54 10.79 -110.76
CA LEU DA 113 -56.13 10.52 -112.14
C LEU DA 113 -56.25 11.77 -112.98
N VAL DA 114 -55.50 11.80 -114.08
CA VAL DA 114 -55.50 12.88 -115.04
C VAL DA 114 -55.79 12.32 -116.43
N ILE DA 115 -55.78 13.18 -117.43
CA ILE DA 115 -56.19 12.85 -118.78
C ILE DA 115 -54.96 12.88 -119.68
N VAL DA 116 -54.50 11.72 -120.14
CA VAL DA 116 -53.41 11.70 -121.11
C VAL DA 116 -53.87 12.33 -122.43
N LYS DA 117 -54.88 11.74 -123.05
CA LYS DA 117 -55.41 12.17 -124.33
C LYS DA 117 -56.88 12.47 -124.18
N LYS DA 118 -57.33 13.57 -124.77
CA LYS DA 118 -58.73 13.93 -124.73
C LYS DA 118 -59.48 13.30 -125.89
N GLY DA 119 -60.76 13.01 -125.65
CA GLY DA 119 -61.62 12.51 -126.70
C GLY DA 119 -62.00 13.61 -127.68
N THR DA 185 -26.30 43.94 -119.51
CA THR DA 185 -26.51 44.75 -118.32
C THR DA 185 -25.15 45.21 -117.76
N PRO DA 186 -25.04 46.51 -117.50
CA PRO DA 186 -23.72 47.07 -117.14
C PRO DA 186 -23.13 46.49 -115.87
N LEU DA 187 -23.97 46.17 -114.88
CA LEU DA 187 -23.47 45.75 -113.58
C LEU DA 187 -22.65 44.47 -113.68
N THR DA 188 -23.20 43.46 -114.36
CA THR DA 188 -22.49 42.19 -114.47
C THR DA 188 -21.17 42.36 -115.19
N LEU DA 189 -21.15 43.20 -116.23
CA LEU DA 189 -19.92 43.41 -116.99
C LEU DA 189 -18.87 44.13 -116.16
N GLN DA 190 -19.29 45.11 -115.36
CA GLN DA 190 -18.35 45.75 -114.43
C GLN DA 190 -17.78 44.75 -113.44
N ARG DA 191 -18.63 43.88 -112.90
CA ARG DA 191 -18.15 42.87 -111.95
C ARG DA 191 -17.15 41.93 -112.61
N LYS DA 192 -17.44 41.49 -113.84
CA LYS DA 192 -16.54 40.62 -114.58
C LYS DA 192 -15.19 41.27 -114.83
N ARG DA 193 -15.18 42.52 -115.29
CA ARG DA 193 -13.89 43.18 -115.52
C ARG DA 193 -13.18 43.54 -114.23
N ALA DA 194 -13.90 43.70 -113.12
CA ALA DA 194 -13.22 43.84 -111.83
C ALA DA 194 -12.49 42.55 -111.45
N ARG DA 195 -13.16 41.42 -111.62
CA ARG DA 195 -12.51 40.15 -111.30
C ARG DA 195 -11.29 39.93 -112.20
N ILE DA 196 -11.41 40.27 -113.48
CA ILE DA 196 -10.27 40.16 -114.39
C ILE DA 196 -9.14 41.11 -113.97
N ALA DA 197 -9.48 42.35 -113.63
CA ALA DA 197 -8.49 43.34 -113.22
C ALA DA 197 -7.84 43.01 -111.90
N ASP DA 198 -8.40 42.09 -111.12
CA ASP DA 198 -7.69 41.56 -109.96
C ASP DA 198 -6.85 40.34 -110.30
N LYS DA 199 -7.34 39.49 -111.20
CA LYS DA 199 -6.55 38.34 -111.62
C LYS DA 199 -5.25 38.79 -112.28
N LYS DA 200 -5.30 39.89 -113.04
CA LYS DA 200 -4.08 40.42 -113.64
C LYS DA 200 -3.13 40.97 -112.58
N LYS DA 201 -3.65 41.76 -111.65
CA LYS DA 201 -2.71 42.37 -110.72
C LYS DA 201 -2.19 41.37 -109.69
N ARG DA 202 -2.79 40.19 -109.56
CA ARG DA 202 -2.15 39.20 -108.69
C ARG DA 202 -0.79 38.80 -109.26
N ILE DA 203 -0.69 38.60 -110.58
CA ILE DA 203 0.58 38.22 -111.18
C ILE DA 203 1.47 39.44 -111.36
N ALA DA 204 0.87 40.64 -111.46
CA ALA DA 204 1.66 41.85 -111.36
C ALA DA 204 2.41 41.90 -110.03
N LYS DA 205 1.68 41.66 -108.93
CA LYS DA 205 2.30 41.58 -107.62
C LYS DA 205 3.34 40.47 -107.54
N LYS DA 206 3.04 39.30 -108.14
CA LYS DA 206 4.04 38.24 -108.18
C LYS DA 206 5.34 38.72 -108.81
N LYS DA 207 5.29 39.07 -110.09
CA LYS DA 207 6.52 39.46 -110.79
C LYS DA 207 7.20 40.66 -110.13
N SER DA 208 6.45 41.47 -109.38
CA SER DA 208 7.09 42.50 -108.58
C SER DA 208 7.85 41.92 -107.39
N GLU DA 209 7.22 41.00 -106.63
CA GLU DA 209 7.73 40.60 -105.33
C GLU DA 209 8.72 39.45 -105.40
N ALA DA 210 8.60 38.56 -106.38
CA ALA DA 210 9.59 37.51 -106.54
C ALA DA 210 10.92 38.04 -107.03
N ALA DA 211 10.91 39.14 -107.77
CA ALA DA 211 12.13 39.66 -108.35
C ALA DA 211 12.91 40.55 -107.38
N GLU DA 212 12.21 41.32 -106.53
CA GLU DA 212 12.91 42.09 -105.52
C GLU DA 212 13.72 41.18 -104.59
N TYR DA 213 13.28 39.93 -104.43
CA TYR DA 213 14.05 38.95 -103.70
C TYR DA 213 15.05 38.21 -104.57
N GLN DA 214 14.88 38.26 -105.90
CA GLN DA 214 15.73 37.47 -106.78
C GLN DA 214 17.16 37.97 -106.78
N LYS DA 215 17.37 39.29 -106.81
CA LYS DA 215 18.73 39.80 -106.96
C LYS DA 215 19.58 39.64 -105.72
N LEU DA 216 18.98 39.45 -104.55
CA LEU DA 216 19.75 39.31 -103.33
C LEU DA 216 20.52 38.01 -103.32
N PHE EA 19 72.47 26.58 -53.46
CA PHE EA 19 72.57 25.65 -52.33
C PHE EA 19 72.38 24.22 -52.83
N GLU EA 20 71.58 24.05 -53.88
CA GLU EA 20 71.44 22.73 -54.48
C GLU EA 20 72.81 22.22 -54.93
N ASP EA 21 73.61 23.09 -55.52
CA ASP EA 21 74.85 22.65 -56.14
C ASP EA 21 75.99 22.56 -55.15
N THR EA 22 75.99 23.36 -54.09
CA THR EA 22 77.04 23.19 -53.08
C THR EA 22 76.84 21.90 -52.30
N VAL EA 23 75.59 21.52 -52.01
CA VAL EA 23 75.38 20.22 -51.40
C VAL EA 23 75.57 19.12 -52.43
N ALA EA 24 75.29 19.41 -53.71
CA ALA EA 24 75.61 18.45 -54.76
C ALA EA 24 77.09 18.15 -54.78
N GLN EA 25 77.92 19.19 -54.66
CA GLN EA 25 79.36 19.01 -54.61
C GLN EA 25 79.78 18.28 -53.34
N ALA EA 26 79.19 18.64 -52.20
CA ALA EA 26 79.54 17.96 -50.95
C ALA EA 26 79.20 16.48 -51.02
N PHE EA 27 78.09 16.13 -51.66
CA PHE EA 27 77.71 14.74 -51.85
C PHE EA 27 78.58 14.05 -52.89
N PHE EA 28 79.08 14.81 -53.88
CA PHE EA 28 79.65 14.23 -55.08
C PHE EA 28 80.97 13.53 -54.83
N ASP EA 29 81.74 13.98 -53.83
CA ASP EA 29 83.06 13.41 -53.57
C ASP EA 29 83.20 13.19 -52.07
N LEU EA 30 82.67 12.06 -51.62
CA LEU EA 30 83.15 11.41 -50.42
C LEU EA 30 83.78 10.07 -50.73
N GLU EA 31 83.59 9.55 -51.95
CA GLU EA 31 84.12 8.26 -52.35
C GLU EA 31 85.63 8.21 -52.23
N ASN EA 32 86.28 9.36 -52.23
CA ASN EA 32 87.71 9.42 -51.95
C ASN EA 32 87.91 9.15 -50.45
N GLY EA 33 88.76 8.17 -50.13
CA GLY EA 33 88.96 7.78 -48.76
C GLY EA 33 87.71 7.13 -48.21
N ASN EA 34 87.76 6.92 -46.90
CA ASN EA 34 86.69 6.27 -46.15
C ASN EA 34 86.30 4.94 -46.81
N GLN EA 35 87.31 4.08 -46.95
CA GLN EA 35 87.16 2.83 -47.70
C GLN EA 35 85.81 2.17 -47.48
N GLU EA 36 85.32 2.18 -46.24
CA GLU EA 36 84.10 1.44 -45.92
C GLU EA 36 82.83 2.04 -46.53
N LEU EA 37 82.87 3.23 -47.12
CA LEU EA 37 81.62 3.78 -47.67
C LEU EA 37 81.42 3.40 -49.13
N LYS EA 38 82.35 2.68 -49.75
CA LYS EA 38 82.17 2.26 -51.13
C LYS EA 38 80.96 1.33 -51.25
N SER EA 39 80.52 1.15 -52.50
CA SER EA 39 79.34 0.37 -52.86
C SER EA 39 78.05 0.98 -52.31
N ASP EA 40 78.07 2.26 -51.94
CA ASP EA 40 76.87 2.96 -51.52
C ASP EA 40 76.57 4.19 -52.37
N LEU EA 41 77.52 5.10 -52.54
CA LEU EA 41 77.23 6.41 -53.11
C LEU EA 41 77.73 6.57 -54.54
N LYS EA 42 78.11 5.48 -55.20
CA LYS EA 42 78.38 5.52 -56.62
C LYS EA 42 77.11 5.44 -57.44
N ASP EA 43 75.95 5.66 -56.83
CA ASP EA 43 74.73 5.08 -57.37
C ASP EA 43 73.48 5.97 -57.29
N LEU EA 44 73.58 7.20 -56.80
CA LEU EA 44 72.36 7.83 -56.32
C LEU EA 44 72.47 9.35 -56.34
N TYR EA 45 71.64 9.98 -57.15
CA TYR EA 45 71.41 11.42 -57.12
C TYR EA 45 70.24 11.77 -56.21
N ILE EA 46 70.32 12.95 -55.61
CA ILE EA 46 69.23 13.51 -54.82
C ILE EA 46 68.38 14.38 -55.74
N ASN EA 47 67.08 14.43 -55.46
CA ASN EA 47 66.22 15.31 -56.23
C ASN EA 47 66.50 16.76 -55.87
N THR EA 48 66.37 17.10 -54.58
CA THR EA 48 66.58 18.45 -54.11
C THR EA 48 67.07 18.43 -52.68
N ALA EA 49 67.62 19.56 -52.26
CA ALA EA 49 68.03 19.79 -50.89
C ALA EA 49 67.87 21.27 -50.62
N ILE EA 50 67.24 21.60 -49.50
CA ILE EA 50 66.92 22.99 -49.17
C ILE EA 50 67.29 23.25 -47.72
N GLN EA 51 67.84 24.42 -47.45
CA GLN EA 51 68.09 24.87 -46.09
C GLN EA 51 66.85 25.55 -45.54
N MET EA 52 66.51 25.24 -44.29
CA MET EA 52 65.33 25.74 -43.60
C MET EA 52 65.70 26.11 -42.18
N ASP EA 53 65.04 27.14 -41.64
CA ASP EA 53 65.44 27.72 -40.36
C ASP EA 53 64.65 27.07 -39.24
N VAL EA 54 65.37 26.55 -38.25
CA VAL EA 54 64.78 26.05 -37.02
C VAL EA 54 64.93 27.13 -35.96
N VAL EA 55 64.09 27.05 -34.92
CA VAL EA 55 64.06 28.05 -33.85
C VAL EA 55 65.47 28.33 -33.32
N GLY EA 56 65.69 29.58 -32.92
CA GLY EA 56 66.93 29.98 -32.28
C GLY EA 56 68.03 30.47 -33.20
N ASN EA 57 67.71 30.80 -34.44
CA ASN EA 57 68.66 31.13 -35.50
C ASN EA 57 69.55 29.95 -35.88
N ARG EA 58 69.37 28.81 -35.23
CA ARG EA 58 69.92 27.58 -35.79
C ARG EA 58 69.24 27.31 -37.11
N LYS EA 59 69.97 26.70 -38.03
CA LYS EA 59 69.36 26.27 -39.29
C LYS EA 59 69.55 24.77 -39.45
N ALA EA 60 68.88 24.21 -40.44
CA ALA EA 60 68.96 22.81 -40.79
C ALA EA 60 68.73 22.68 -42.28
N VAL EA 61 68.78 21.45 -42.78
CA VAL EA 61 68.72 21.18 -44.21
C VAL EA 61 67.91 19.89 -44.41
N VAL EA 62 67.18 19.85 -45.51
CA VAL EA 62 66.38 18.68 -45.88
C VAL EA 62 66.84 18.21 -47.25
N ILE EA 63 66.88 16.88 -47.43
CA ILE EA 63 67.26 16.24 -48.68
C ILE EA 63 66.13 15.32 -49.11
N HIS EA 64 66.00 15.15 -50.43
CA HIS EA 64 64.90 14.41 -51.04
C HIS EA 64 65.47 13.39 -52.02
N VAL EA 65 65.64 12.15 -51.56
CA VAL EA 65 65.92 11.03 -52.47
C VAL EA 65 64.63 10.67 -53.19
N PRO EA 66 64.64 10.39 -54.51
CA PRO EA 66 63.34 10.35 -55.22
C PRO EA 66 62.36 9.29 -54.72
N TYR EA 67 62.54 8.03 -55.11
CA TYR EA 67 61.90 6.93 -54.38
C TYR EA 67 62.70 5.65 -54.34
N ARG EA 68 63.29 5.29 -55.48
CA ARG EA 68 63.68 3.90 -55.68
C ARG EA 68 64.80 3.47 -54.74
N LEU EA 69 65.52 4.41 -54.15
CA LEU EA 69 66.70 4.08 -53.38
C LEU EA 69 66.52 4.41 -51.90
N ARG EA 70 65.27 4.38 -51.41
CA ARG EA 70 65.04 4.72 -50.01
C ARG EA 70 65.52 3.59 -49.09
N LYS EA 71 65.47 2.35 -49.55
CA LYS EA 71 66.01 1.28 -48.73
C LYS EA 71 67.53 1.39 -48.70
N PRO EA 72 68.22 1.69 -49.81
CA PRO EA 72 69.63 2.09 -49.70
C PRO EA 72 69.96 3.12 -48.63
N PHE EA 73 69.42 4.34 -48.69
CA PHE EA 73 69.73 5.32 -47.65
C PHE EA 73 69.38 4.82 -46.26
N ARG EA 74 68.18 4.28 -46.07
CA ARG EA 74 67.80 3.83 -44.75
C ARG EA 74 68.70 2.69 -44.28
N LYS EA 75 69.32 1.97 -45.23
CA LYS EA 75 70.28 0.92 -44.89
C LYS EA 75 71.46 1.47 -44.11
N ILE EA 76 71.89 2.68 -44.43
CA ILE EA 76 73.11 3.18 -43.81
C ILE EA 76 72.77 4.34 -42.90
N HIS EA 77 72.45 5.49 -43.50
CA HIS EA 77 71.76 6.62 -42.86
C HIS EA 77 72.39 7.10 -41.55
N VAL EA 78 73.60 6.62 -41.21
CA VAL EA 78 74.20 7.07 -39.96
C VAL EA 78 75.62 7.56 -40.21
N ARG EA 79 76.45 6.74 -40.83
CA ARG EA 79 77.84 7.10 -41.09
C ARG EA 79 77.99 8.10 -42.22
N LEU EA 80 76.89 8.43 -42.91
CA LEU EA 80 76.89 9.51 -43.87
C LEU EA 80 76.10 10.73 -43.41
N VAL EA 81 75.10 10.53 -42.55
CA VAL EA 81 74.41 11.68 -41.98
C VAL EA 81 75.34 12.42 -41.03
N ARG EA 82 76.23 11.71 -40.34
CA ARG EA 82 77.29 12.37 -39.61
C ARG EA 82 78.21 13.11 -40.57
N GLU EA 83 78.46 12.51 -41.74
CA GLU EA 83 79.41 13.06 -42.68
C GLU EA 83 78.98 14.43 -43.17
N LEU EA 84 77.68 14.59 -43.48
CA LEU EA 84 77.18 15.91 -43.87
C LEU EA 84 77.03 16.86 -42.68
N GLU EA 85 77.47 16.48 -41.49
CA GLU EA 85 77.70 17.42 -40.40
C GLU EA 85 79.19 17.58 -40.15
N LYS EA 86 80.01 16.96 -41.00
CA LYS EA 86 81.45 17.09 -40.99
C LYS EA 86 82.02 17.39 -42.37
N LYS EA 87 81.31 17.02 -43.44
CA LYS EA 87 81.55 17.55 -44.77
C LYS EA 87 80.72 18.79 -45.05
N PHE EA 88 79.82 19.15 -44.14
CA PHE EA 88 79.11 20.43 -44.20
C PHE EA 88 79.34 21.24 -42.95
N SER EA 89 79.29 20.61 -41.77
CA SER EA 89 79.74 21.18 -40.49
C SER EA 89 79.25 22.61 -40.26
N GLY EA 90 77.99 22.86 -40.57
CA GLY EA 90 77.39 24.10 -40.13
C GLY EA 90 76.10 23.93 -39.35
N LYS EA 91 75.37 22.85 -39.65
CA LYS EA 91 73.97 22.71 -39.23
C LYS EA 91 73.44 21.35 -39.68
N ASP EA 92 72.25 21.02 -39.20
CA ASP EA 92 71.69 19.67 -39.28
C ASP EA 92 71.21 19.32 -40.68
N VAL EA 93 71.15 18.02 -40.99
CA VAL EA 93 70.54 17.55 -42.23
C VAL EA 93 69.58 16.40 -41.92
N VAL EA 94 68.57 16.26 -42.78
CA VAL EA 94 67.58 15.20 -42.69
C VAL EA 94 67.34 14.65 -44.09
N PHE EA 95 66.83 13.42 -44.16
CA PHE EA 95 66.68 12.69 -45.42
C PHE EA 95 65.28 12.13 -45.53
N VAL EA 96 64.57 12.45 -46.62
CA VAL EA 96 63.24 11.90 -46.88
C VAL EA 96 63.17 11.49 -48.35
N ALA EA 97 62.14 10.72 -48.68
CA ALA EA 97 61.94 10.21 -50.03
C ALA EA 97 60.68 10.82 -50.63
N THR EA 98 60.80 11.39 -51.83
CA THR EA 98 59.73 12.17 -52.42
C THR EA 98 58.60 11.25 -52.89
N ARG EA 99 57.41 11.50 -52.38
CA ARG EA 99 56.20 10.81 -52.80
C ARG EA 99 55.29 11.79 -53.52
N ARG EA 100 54.56 11.30 -54.51
CA ARG EA 100 53.56 12.14 -55.15
C ARG EA 100 52.24 12.03 -54.42
N ILE EA 101 51.66 13.18 -54.10
CA ILE EA 101 50.32 13.25 -53.55
C ILE EA 101 49.37 13.64 -54.68
N VAL EA 102 48.30 12.90 -54.83
CA VAL EA 102 47.31 13.14 -55.86
C VAL EA 102 46.08 13.74 -55.20
N ARG EA 103 45.47 14.71 -55.87
CA ARG EA 103 44.23 15.27 -55.36
C ARG EA 103 43.15 14.21 -55.46
N PRO EA 104 42.20 14.18 -54.52
CA PRO EA 104 41.18 13.14 -54.53
C PRO EA 104 40.39 13.17 -55.81
N PRO EA 105 40.08 12.02 -56.38
CA PRO EA 105 39.32 11.99 -57.64
C PRO EA 105 37.97 12.66 -57.46
N LYS EA 106 37.54 13.36 -58.50
CA LYS EA 106 36.29 14.10 -58.48
C LYS EA 106 35.12 13.18 -58.11
N LYS EA 107 33.98 13.77 -57.75
CA LYS EA 107 32.74 13.01 -57.63
C LYS EA 107 32.66 12.08 -58.84
N GLY EA 108 32.14 10.87 -58.64
CA GLY EA 108 32.62 9.69 -59.34
C GLY EA 108 33.14 9.88 -60.76
N SER EA 109 34.39 9.45 -60.97
CA SER EA 109 35.04 9.56 -62.26
C SER EA 109 35.67 8.25 -62.72
N ALA EA 110 35.44 7.15 -61.98
CA ALA EA 110 35.90 5.81 -62.35
C ALA EA 110 37.43 5.74 -62.45
N VAL EA 111 38.10 6.33 -61.44
CA VAL EA 111 39.55 6.29 -61.31
C VAL EA 111 39.83 6.15 -59.82
N GLN EA 112 40.38 5.00 -59.41
CA GLN EA 112 40.20 4.57 -58.02
C GLN EA 112 41.18 5.20 -57.04
N ARG EA 113 42.32 5.73 -57.50
CA ARG EA 113 43.35 6.24 -56.59
C ARG EA 113 43.74 5.15 -55.60
N PRO EA 114 44.67 4.24 -55.97
CA PRO EA 114 45.21 3.29 -54.99
C PRO EA 114 45.50 3.95 -53.65
N ARG EA 115 45.40 3.20 -52.55
CA ARG EA 115 45.46 3.82 -51.22
C ARG EA 115 46.81 4.43 -50.89
N THR EA 116 47.86 4.08 -51.62
CA THR EA 116 49.08 4.86 -51.55
C THR EA 116 48.80 6.19 -52.23
N ARG EA 117 49.83 7.04 -52.33
CA ARG EA 117 49.71 8.41 -52.84
C ARG EA 117 48.43 9.07 -52.34
N THR EA 118 48.07 8.80 -51.10
CA THR EA 118 46.99 9.46 -50.39
C THR EA 118 47.61 10.25 -49.26
N LEU EA 119 47.10 11.47 -49.03
CA LEU EA 119 47.70 12.39 -48.06
C LEU EA 119 48.06 11.68 -46.76
N THR EA 120 47.14 10.86 -46.26
CA THR EA 120 47.36 10.16 -45.00
C THR EA 120 48.56 9.23 -45.09
N ALA EA 121 48.58 8.37 -46.11
CA ALA EA 121 49.68 7.42 -46.25
C ALA EA 121 51.01 8.12 -46.51
N VAL EA 122 51.00 9.18 -47.31
CA VAL EA 122 52.24 9.87 -47.63
C VAL EA 122 52.81 10.57 -46.40
N HIS EA 123 51.96 11.27 -45.65
CA HIS EA 123 52.43 11.94 -44.43
C HIS EA 123 52.83 10.94 -43.36
N ASP EA 124 52.21 9.74 -43.33
CA ASP EA 124 52.72 8.70 -42.44
C ASP EA 124 54.07 8.16 -42.90
N GLY EA 125 54.34 8.15 -44.20
CA GLY EA 125 55.67 7.81 -44.66
C GLY EA 125 56.71 8.85 -44.28
N ILE EA 126 56.38 10.13 -44.44
CA ILE EA 126 57.33 11.17 -44.04
C ILE EA 126 57.53 11.17 -42.53
N LEU EA 127 56.49 10.82 -41.78
CA LEU EA 127 56.65 10.59 -40.35
C LEU EA 127 57.63 9.45 -40.08
N GLU EA 128 57.47 8.33 -40.79
CA GLU EA 128 58.32 7.17 -40.49
C GLU EA 128 59.76 7.40 -40.91
N ASP EA 129 60.00 8.27 -41.90
CA ASP EA 129 61.35 8.43 -42.40
C ASP EA 129 62.10 9.62 -41.81
N VAL EA 130 61.39 10.70 -41.46
CA VAL EA 130 62.06 11.82 -40.79
C VAL EA 130 62.75 11.36 -39.52
N VAL EA 131 62.17 10.37 -38.85
CA VAL EA 131 62.66 9.86 -37.58
C VAL EA 131 63.33 8.50 -37.75
N TYR EA 132 63.83 8.24 -38.96
CA TYR EA 132 64.18 6.88 -39.36
C TYR EA 132 65.03 6.11 -38.34
N PRO EA 133 66.12 6.65 -37.78
CA PRO EA 133 66.91 5.83 -36.85
C PRO EA 133 66.09 5.12 -35.81
N ALA EA 134 65.18 5.85 -35.15
CA ALA EA 134 64.24 5.26 -34.21
C ALA EA 134 63.06 4.64 -34.96
N GLU EA 135 62.31 3.79 -34.26
CA GLU EA 135 61.10 3.19 -34.81
C GLU EA 135 59.89 3.68 -34.03
N ILE EA 136 58.87 4.13 -34.76
CA ILE EA 136 57.71 4.73 -34.14
C ILE EA 136 56.94 3.67 -33.37
N VAL EA 137 56.58 3.99 -32.14
CA VAL EA 137 55.90 3.04 -31.27
C VAL EA 137 54.54 3.52 -30.79
N GLY EA 138 54.19 4.80 -30.98
CA GLY EA 138 52.83 5.23 -30.68
C GLY EA 138 52.56 6.62 -31.18
N LYS EA 139 51.27 6.93 -31.34
CA LYS EA 139 50.83 8.26 -31.69
C LYS EA 139 49.63 8.68 -30.86
N ARG EA 140 49.45 9.99 -30.76
CA ARG EA 140 48.31 10.61 -30.11
C ARG EA 140 48.00 11.89 -30.85
N VAL EA 141 46.73 12.20 -31.03
CA VAL EA 141 46.32 13.44 -31.68
C VAL EA 141 45.49 14.22 -30.68
N ARG EA 142 46.03 15.32 -30.19
CA ARG EA 142 45.37 16.16 -29.21
C ARG EA 142 44.64 17.28 -29.93
N TYR EA 143 43.41 17.54 -29.52
CA TYR EA 143 42.61 18.63 -30.06
C TYR EA 143 42.45 19.69 -28.98
N ARG EA 144 43.30 20.71 -29.02
CA ARG EA 144 43.23 21.82 -28.07
C ARG EA 144 41.89 22.54 -28.16
N LEU EA 145 41.59 23.29 -27.09
CA LEU EA 145 40.28 23.91 -26.90
C LEU EA 145 39.89 24.77 -28.10
N ASP EA 146 40.75 25.71 -28.50
CA ASP EA 146 40.37 26.67 -29.53
C ASP EA 146 40.54 26.14 -30.94
N GLY EA 147 41.12 24.96 -31.12
CA GLY EA 147 41.15 24.34 -32.43
C GLY EA 147 42.54 23.99 -32.94
N ALA EA 148 43.55 24.22 -32.12
CA ALA EA 148 44.88 23.73 -32.43
C ALA EA 148 44.91 22.21 -32.34
N LYS EA 149 45.77 21.61 -33.14
CA LYS EA 149 45.92 20.16 -33.16
C LYS EA 149 47.38 19.79 -33.04
N VAL EA 150 47.67 18.81 -32.18
CA VAL EA 150 49.03 18.38 -31.89
C VAL EA 150 49.13 16.88 -32.12
N ILE EA 151 50.19 16.45 -32.80
CA ILE EA 151 50.43 15.04 -33.06
C ILE EA 151 51.63 14.61 -32.22
N LYS EA 152 51.37 14.12 -31.01
CA LYS EA 152 52.46 13.65 -30.19
C LYS EA 152 52.83 12.23 -30.59
N ILE EA 153 54.12 11.96 -30.71
CA ILE EA 153 54.63 10.70 -31.21
C ILE EA 153 55.57 10.11 -30.17
N TYR EA 154 55.39 8.84 -29.85
CA TYR EA 154 56.30 8.10 -28.99
C TYR EA 154 57.20 7.24 -29.85
N LEU EA 155 58.51 7.43 -29.69
CA LEU EA 155 59.57 6.70 -30.37
C LEU EA 155 60.03 5.57 -29.48
N ASP EA 156 60.73 4.61 -30.09
CA ASP EA 156 61.31 3.53 -29.29
C ASP EA 156 62.28 4.12 -28.27
N PRO EA 157 62.26 3.66 -27.02
CA PRO EA 157 63.16 4.25 -26.03
C PRO EA 157 64.62 3.95 -26.29
N LYS EA 158 64.93 2.83 -26.95
CA LYS EA 158 66.28 2.63 -27.44
C LYS EA 158 66.51 3.52 -28.64
N GLU EA 159 67.79 3.71 -28.98
CA GLU EA 159 68.20 4.67 -29.99
C GLU EA 159 67.69 6.07 -29.62
N ARG EA 160 68.13 6.52 -28.45
CA ARG EA 160 67.67 7.77 -27.84
C ARG EA 160 68.74 8.84 -27.77
N ASN EA 161 69.99 8.48 -27.47
CA ASN EA 161 71.10 9.43 -27.58
C ASN EA 161 71.60 9.59 -28.99
N ASN EA 162 70.85 9.11 -29.98
CA ASN EA 162 71.16 9.38 -31.37
C ASN EA 162 70.39 10.56 -31.93
N THR EA 163 69.18 10.82 -31.42
CA THR EA 163 68.27 11.71 -32.11
C THR EA 163 67.50 12.66 -31.20
N GLU EA 164 67.92 12.85 -29.95
CA GLU EA 164 67.15 13.67 -29.03
C GLU EA 164 67.33 15.16 -29.24
N TYR EA 165 68.35 15.59 -29.95
CA TYR EA 165 68.58 17.02 -30.15
C TYR EA 165 68.06 17.51 -31.49
N LYS EA 166 67.75 16.61 -32.41
CA LYS EA 166 67.07 16.96 -33.64
C LYS EA 166 65.56 16.91 -33.51
N LEU EA 167 65.04 16.77 -32.29
CA LEU EA 167 63.61 16.71 -32.08
C LEU EA 167 62.96 18.05 -32.45
N GLU EA 168 63.54 19.16 -32.01
CA GLU EA 168 63.10 20.46 -32.50
C GLU EA 168 63.30 20.55 -34.01
N THR EA 169 64.41 20.00 -34.50
CA THR EA 169 64.61 19.93 -35.95
C THR EA 169 63.54 19.07 -36.61
N PHE EA 170 63.19 17.94 -36.01
CA PHE EA 170 62.21 17.06 -36.63
C PHE EA 170 60.85 17.74 -36.74
N SER EA 171 60.47 18.47 -35.69
CA SER EA 171 59.23 19.24 -35.74
C SER EA 171 59.30 20.32 -36.80
N ALA EA 172 60.44 20.99 -36.91
CA ALA EA 172 60.60 22.01 -37.95
C ALA EA 172 60.49 21.41 -39.35
N VAL EA 173 61.06 20.21 -39.54
CA VAL EA 173 60.94 19.52 -40.82
C VAL EA 173 59.50 19.20 -41.12
N TYR EA 174 58.78 18.66 -40.15
CA TYR EA 174 57.40 18.25 -40.38
C TYR EA 174 56.49 19.44 -40.66
N ARG EA 175 56.72 20.57 -39.99
CA ARG EA 175 55.97 21.77 -40.34
C ARG EA 175 56.16 22.20 -41.79
N ARG EA 176 57.23 21.78 -42.44
CA ARG EA 176 57.48 22.33 -43.78
C ARG EA 176 56.69 21.58 -44.85
N LEU EA 177 56.97 20.30 -45.01
CA LEU EA 177 56.42 19.52 -46.11
C LEU EA 177 55.06 18.89 -45.83
N CYS EA 178 54.61 18.84 -44.57
CA CYS EA 178 53.26 18.40 -44.26
C CYS EA 178 52.43 19.42 -43.49
N GLY EA 179 53.02 20.47 -42.97
CA GLY EA 179 52.24 21.45 -42.24
C GLY EA 179 51.51 20.87 -41.05
N LYS EA 180 52.22 20.26 -40.11
CA LYS EA 180 51.62 19.73 -38.90
C LYS EA 180 52.47 20.08 -37.70
N ASP EA 181 51.84 20.12 -36.51
CA ASP EA 181 52.51 20.39 -35.23
C ASP EA 181 52.68 19.07 -34.49
N VAL EA 182 53.86 18.48 -34.60
CA VAL EA 182 54.21 17.23 -33.95
C VAL EA 182 55.27 17.52 -32.89
N VAL EA 183 55.08 16.96 -31.70
CA VAL EA 183 56.13 16.91 -30.69
C VAL EA 183 56.43 15.44 -30.42
N PHE EA 184 57.66 15.18 -30.00
CA PHE EA 184 58.14 13.82 -29.81
C PHE EA 184 58.47 13.58 -28.34
N GLU EA 185 58.44 12.32 -27.95
CA GLU EA 185 58.71 11.95 -26.57
C GLU EA 185 58.95 10.44 -26.52
N TYR EA 186 59.39 9.97 -25.37
CA TYR EA 186 59.77 8.58 -25.17
C TYR EA 186 59.03 8.00 -23.97
N PRO EA 187 58.81 6.67 -23.95
CA PRO EA 187 58.08 6.02 -22.86
C PRO EA 187 58.85 5.92 -21.55
N MET FA 1 18.58 -12.71 -97.45
CA MET FA 1 19.69 -13.31 -96.73
C MET FA 1 19.26 -13.88 -95.39
N ALA FA 2 20.02 -13.52 -94.34
CA ALA FA 2 19.64 -13.90 -93.00
C ALA FA 2 18.35 -13.22 -92.58
N GLU FA 3 18.10 -12.02 -93.09
CA GLU FA 3 16.91 -11.28 -92.72
C GLU FA 3 15.66 -11.88 -93.35
N GLN FA 4 15.76 -12.33 -94.60
CA GLN FA 4 14.59 -12.74 -95.35
C GLN FA 4 14.14 -14.12 -94.86
N THR FA 5 13.47 -14.11 -93.71
CA THR FA 5 13.00 -15.35 -93.09
C THR FA 5 11.48 -15.36 -92.92
N GLU FA 6 10.77 -14.43 -93.54
CA GLU FA 6 9.34 -14.31 -93.32
C GLU FA 6 8.61 -14.35 -94.66
N LYS FA 7 7.29 -14.55 -94.59
CA LYS FA 7 6.51 -14.87 -95.78
C LYS FA 7 6.50 -13.77 -96.82
N SER FA 8 7.13 -12.63 -96.57
CA SER FA 8 7.25 -11.55 -97.53
C SER FA 8 8.66 -11.01 -97.50
N PHE FA 9 9.13 -10.54 -98.65
CA PHE FA 9 10.48 -10.03 -98.73
C PHE FA 9 10.53 -8.71 -97.96
N LEU FA 10 11.44 -8.62 -96.99
CA LEU FA 10 11.52 -7.47 -96.10
C LEU FA 10 12.59 -6.51 -96.58
N LYS FA 11 12.24 -5.23 -96.68
CA LYS FA 11 13.20 -4.25 -97.15
C LYS FA 11 12.92 -2.91 -96.48
N GLN FA 12 13.97 -2.09 -96.44
CA GLN FA 12 13.82 -0.74 -95.92
C GLN FA 12 12.97 0.09 -96.86
N PRO FA 13 12.04 0.89 -96.33
CA PRO FA 13 11.33 1.86 -97.17
C PRO FA 13 12.28 2.86 -97.80
N LYS FA 14 11.95 3.26 -99.03
CA LYS FA 14 12.54 4.40 -99.73
C LYS FA 14 14.03 4.22 -100.05
N VAL FA 15 14.54 3.00 -100.05
CA VAL FA 15 15.84 2.72 -100.65
C VAL FA 15 15.60 1.84 -101.86
N PHE FA 16 16.11 2.29 -103.00
CA PHE FA 16 15.94 1.57 -104.26
C PHE FA 16 17.15 0.64 -104.38
N LEU FA 17 16.93 -0.66 -104.28
CA LEU FA 17 18.06 -1.57 -104.24
C LEU FA 17 18.67 -1.77 -105.64
N SER FA 18 17.83 -2.08 -106.62
CA SER FA 18 18.32 -2.36 -107.97
C SER FA 18 18.63 -1.08 -108.72
N THR FA 19 19.46 -0.21 -108.12
CA THR FA 19 19.80 1.05 -108.75
C THR FA 19 20.74 0.83 -109.92
N LYS FA 20 20.76 1.81 -110.83
CA LYS FA 20 21.60 1.71 -112.02
C LYS FA 20 22.99 2.26 -111.75
N LYS FA 21 23.08 3.54 -111.42
CA LYS FA 21 24.34 4.22 -111.19
C LYS FA 21 24.57 4.29 -109.68
N ALA FA 22 25.12 3.21 -109.14
CA ALA FA 22 25.28 3.09 -107.70
C ALA FA 22 26.52 3.82 -107.23
N ASP FA 23 26.82 3.73 -105.94
CA ASP FA 23 27.95 4.42 -105.37
C ASP FA 23 28.15 3.92 -103.95
N LYS FA 24 29.29 4.30 -103.37
CA LYS FA 24 29.58 4.01 -101.98
C LYS FA 24 29.68 5.26 -101.12
N ALA FA 25 29.77 6.45 -101.72
CA ALA FA 25 29.71 7.71 -100.98
C ALA FA 25 28.75 8.67 -101.66
N LYS FA 26 27.46 8.53 -101.37
CA LYS FA 26 26.48 9.57 -101.68
C LYS FA 26 25.86 10.14 -100.41
N ARG FA 27 25.18 9.29 -99.65
CA ARG FA 27 24.57 9.59 -98.35
C ARG FA 27 23.92 8.29 -97.88
N PRO FA 28 23.74 8.11 -96.58
CA PRO FA 28 22.92 6.99 -96.10
C PRO FA 28 21.57 6.94 -96.81
N GLY FA 29 21.25 5.78 -97.37
CA GLY FA 29 19.98 5.59 -98.03
C GLY FA 29 19.85 6.22 -99.40
N LYS FA 30 20.96 6.57 -100.04
CA LYS FA 30 20.97 7.07 -101.41
C LYS FA 30 21.81 6.14 -102.26
N ALA FA 31 21.37 5.92 -103.50
CA ALA FA 31 22.07 5.04 -104.44
C ALA FA 31 22.23 3.63 -103.86
N GLY FA 32 21.17 3.13 -103.24
CA GLY FA 32 21.15 1.76 -102.80
C GLY FA 32 21.76 1.50 -101.45
N ASN FA 33 22.47 2.47 -100.88
CA ASN FA 33 23.09 2.26 -99.59
C ASN FA 33 22.03 2.05 -98.52
N ARG FA 34 22.36 1.22 -97.53
CA ARG FA 34 21.48 1.05 -96.39
C ARG FA 34 21.32 2.36 -95.63
N PHE FA 35 20.10 2.63 -95.20
CA PHE FA 35 19.78 3.87 -94.49
C PHE FA 35 20.03 3.74 -93.00
N TRP FA 36 20.64 4.77 -92.43
CA TRP FA 36 20.78 4.88 -90.99
C TRP FA 36 20.68 6.35 -90.61
N LYS FA 37 20.38 6.59 -89.34
CA LYS FA 37 20.18 7.93 -88.81
C LYS FA 37 20.79 8.01 -87.43
N SER FA 38 21.13 9.21 -87.01
CA SER FA 38 21.54 9.48 -85.63
C SER FA 38 20.34 9.96 -84.85
N VAL FA 39 20.07 9.32 -83.71
CA VAL FA 39 18.85 9.61 -82.98
C VAL FA 39 18.87 11.02 -82.40
N GLY FA 40 20.03 11.50 -81.99
CA GLY FA 40 20.10 12.75 -81.25
C GLY FA 40 20.17 12.51 -79.76
N LEU FA 41 20.14 13.61 -79.01
CA LEU FA 41 20.26 13.58 -77.55
C LEU FA 41 21.53 12.88 -77.09
N GLY FA 42 22.63 13.05 -77.82
CA GLY FA 42 23.91 12.59 -77.34
C GLY FA 42 24.16 11.11 -77.43
N PHE FA 43 23.27 10.37 -78.07
CA PHE FA 43 23.49 8.94 -78.28
C PHE FA 43 24.27 8.73 -79.58
N LYS FA 44 25.02 7.63 -79.62
CA LYS FA 44 25.88 7.32 -80.76
C LYS FA 44 25.35 6.09 -81.49
N THR FA 45 25.29 6.17 -82.80
CA THR FA 45 24.74 5.09 -83.60
C THR FA 45 25.66 3.89 -83.55
N PRO FA 46 25.21 2.75 -83.05
CA PRO FA 46 26.09 1.58 -82.97
C PRO FA 46 26.59 1.16 -84.34
N ARG FA 47 27.85 0.74 -84.39
CA ARG FA 47 28.47 0.29 -85.63
C ARG FA 47 27.71 -0.88 -86.22
N GLU FA 48 27.20 -1.76 -85.36
CA GLU FA 48 26.47 -2.92 -85.85
C GLU FA 48 25.18 -2.52 -86.53
N ALA FA 49 24.64 -1.35 -86.21
CA ALA FA 49 23.51 -0.80 -86.94
C ALA FA 49 23.96 -0.19 -88.26
N ILE FA 50 25.15 0.40 -88.26
CA ILE FA 50 25.66 1.08 -89.45
C ILE FA 50 25.85 0.07 -90.58
N ASP FA 51 26.73 -0.89 -90.37
CA ASP FA 51 27.02 -1.95 -91.33
C ASP FA 51 26.23 -3.22 -91.00
N GLY FA 52 24.95 -3.07 -90.80
CA GLY FA 52 24.10 -4.18 -90.45
C GLY FA 52 23.36 -4.73 -91.65
N THR FA 53 22.91 -5.97 -91.51
CA THR FA 53 22.08 -6.58 -92.53
C THR FA 53 20.65 -6.80 -92.08
N TYR FA 54 20.35 -6.60 -90.80
CA TYR FA 54 19.00 -6.82 -90.31
C TYR FA 54 18.05 -5.78 -90.87
N ILE FA 55 16.78 -6.15 -90.98
CA ILE FA 55 15.74 -5.20 -91.36
C ILE FA 55 14.73 -5.12 -90.23
N ASP FA 56 14.59 -3.92 -89.67
CA ASP FA 56 13.73 -3.71 -88.51
C ASP FA 56 13.03 -2.38 -88.72
N LYS FA 57 11.73 -2.44 -89.00
CA LYS FA 57 10.95 -1.22 -89.20
C LYS FA 57 10.95 -0.35 -87.95
N LYS FA 58 11.10 -0.97 -86.78
CA LYS FA 58 10.96 -0.30 -85.50
C LYS FA 58 12.30 0.10 -84.88
N CYS FA 59 13.42 -0.18 -85.54
CA CYS FA 59 14.71 0.17 -84.99
C CYS FA 59 14.86 1.68 -84.90
N PRO FA 60 15.45 2.20 -83.83
CA PRO FA 60 15.69 3.65 -83.75
C PRO FA 60 16.63 4.17 -84.81
N PHE FA 61 17.63 3.40 -85.22
CA PHE FA 61 18.69 3.91 -86.07
C PHE FA 61 18.49 3.60 -87.55
N THR FA 62 17.76 2.55 -87.90
CA THR FA 62 17.54 2.22 -89.30
C THR FA 62 16.07 2.16 -89.67
N GLY FA 63 15.16 2.10 -88.72
CA GLY FA 63 13.74 2.05 -89.00
C GLY FA 63 13.11 3.43 -89.09
N THR FA 64 11.79 3.44 -89.02
CA THR FA 64 11.01 4.64 -89.26
C THR FA 64 10.61 5.37 -87.97
N VAL FA 65 10.97 4.85 -86.81
CA VAL FA 65 10.50 5.40 -85.56
C VAL FA 65 11.40 6.55 -85.12
N ALA FA 66 10.80 7.57 -84.53
CA ALA FA 66 11.51 8.71 -83.99
C ALA FA 66 11.49 8.63 -82.48
N ILE FA 67 12.54 9.14 -81.84
CA ILE FA 67 12.64 9.11 -80.39
C ILE FA 67 12.41 10.53 -79.88
N ARG FA 68 11.41 10.67 -79.02
CA ARG FA 68 11.02 11.96 -78.47
C ARG FA 68 10.17 11.69 -77.24
N GLY FA 69 10.26 12.60 -76.28
CA GLY FA 69 9.57 12.40 -75.02
C GLY FA 69 10.52 12.21 -73.86
N ARG FA 70 10.35 11.15 -73.11
CA ARG FA 70 11.13 10.91 -71.90
C ARG FA 70 12.25 9.92 -72.19
N ILE FA 71 13.28 10.00 -71.38
CA ILE FA 71 14.44 9.11 -71.47
C ILE FA 71 14.55 8.44 -70.12
N ILE FA 72 14.10 7.21 -70.02
CA ILE FA 72 14.17 6.48 -68.76
C ILE FA 72 15.38 5.59 -68.79
N ALA FA 73 15.92 5.28 -67.61
CA ALA FA 73 17.01 4.33 -67.47
C ALA FA 73 16.61 3.25 -66.47
N GLY FA 74 16.88 2.00 -66.81
CA GLY FA 74 16.49 0.92 -65.95
C GLY FA 74 17.40 -0.28 -66.13
N THR FA 75 16.94 -1.41 -65.64
CA THR FA 75 17.66 -2.66 -65.77
C THR FA 75 16.78 -3.67 -66.48
N CYS FA 76 17.37 -4.49 -67.34
CA CYS FA 76 16.58 -5.45 -68.10
C CYS FA 76 16.04 -6.53 -67.19
N HIS FA 77 14.78 -6.88 -67.39
CA HIS FA 77 14.09 -7.84 -66.56
C HIS FA 77 13.62 -9.07 -67.30
N SER FA 78 13.41 -8.96 -68.60
CA SER FA 78 12.93 -10.09 -69.37
C SER FA 78 13.30 -9.89 -70.83
N ALA FA 79 13.85 -10.93 -71.45
CA ALA FA 79 14.26 -10.90 -72.85
C ALA FA 79 13.82 -12.18 -73.54
N LYS FA 80 12.56 -12.55 -73.34
CA LYS FA 80 12.01 -13.79 -73.89
C LYS FA 80 10.95 -13.53 -74.95
N MET FA 81 10.92 -12.33 -75.50
CA MET FA 81 10.05 -11.98 -76.61
C MET FA 81 10.89 -11.72 -77.84
N ASN FA 82 10.23 -11.66 -78.99
CA ASN FA 82 10.91 -11.35 -80.24
C ASN FA 82 11.10 -9.85 -80.34
N ARG FA 83 12.34 -9.41 -80.21
CA ARG FA 83 12.71 -8.01 -80.43
C ARG FA 83 11.99 -7.07 -79.46
N THR FA 84 11.67 -7.55 -78.27
CA THR FA 84 11.05 -6.71 -77.24
C THR FA 84 11.50 -7.21 -75.88
N ILE FA 85 11.78 -6.29 -74.96
CA ILE FA 85 12.20 -6.63 -73.63
C ILE FA 85 11.28 -5.97 -72.62
N ILE FA 86 11.27 -6.51 -71.41
CA ILE FA 86 10.66 -5.87 -70.25
C ILE FA 86 11.78 -5.37 -69.37
N VAL FA 87 11.75 -4.08 -69.03
CA VAL FA 87 12.76 -3.50 -68.16
C VAL FA 87 12.10 -3.17 -66.83
N ARG FA 88 12.89 -3.24 -65.76
CA ARG FA 88 12.45 -2.81 -64.44
C ARG FA 88 13.05 -1.46 -64.10
N ARG FA 89 12.19 -0.55 -63.71
CA ARG FA 89 12.59 0.67 -63.03
C ARG FA 89 12.35 0.48 -61.54
N ASN FA 90 13.40 0.66 -60.75
CA ASN FA 90 13.33 0.61 -59.30
C ASN FA 90 13.46 2.02 -58.76
N TYR FA 91 12.61 2.36 -57.80
CA TYR FA 91 12.62 3.73 -57.30
C TYR FA 91 12.10 3.74 -55.88
N LEU FA 92 12.28 4.85 -55.20
CA LEU FA 92 11.85 5.03 -53.83
C LEU FA 92 10.63 5.93 -53.80
N HIS FA 93 9.55 5.45 -53.21
CA HIS FA 93 8.35 6.25 -53.04
C HIS FA 93 8.29 6.71 -51.58
N PHE FA 94 8.06 8.00 -51.40
CA PHE FA 94 8.04 8.60 -50.08
C PHE FA 94 6.68 8.39 -49.43
N VAL FA 95 6.69 7.95 -48.18
CA VAL FA 95 5.49 7.82 -47.36
C VAL FA 95 5.51 8.97 -46.38
N LYS FA 96 4.55 9.89 -46.54
CA LYS FA 96 4.65 11.21 -45.93
C LYS FA 96 4.35 11.16 -44.45
N LYS FA 97 3.36 10.37 -44.03
CA LYS FA 97 3.00 10.34 -42.63
C LYS FA 97 4.17 9.87 -41.79
N TYR FA 98 4.86 8.83 -42.23
CA TYR FA 98 5.93 8.21 -41.48
C TYR FA 98 7.26 8.84 -41.79
N GLN FA 99 7.30 9.79 -42.71
CA GLN FA 99 8.52 10.47 -43.09
C GLN FA 99 9.56 9.49 -43.61
N ARG FA 100 9.11 8.38 -44.21
CA ARG FA 100 10.07 7.38 -44.66
C ARG FA 100 9.89 6.99 -46.10
N TYR FA 101 10.59 5.95 -46.54
CA TYR FA 101 10.59 5.54 -47.93
C TYR FA 101 10.18 4.08 -48.05
N GLU FA 102 9.83 3.69 -49.26
CA GLU FA 102 9.60 2.30 -49.58
C GLU FA 102 10.03 2.07 -51.02
N LYS FA 103 10.37 0.84 -51.33
CA LYS FA 103 10.90 0.53 -52.65
C LYS FA 103 9.74 0.11 -53.54
N ARG FA 104 9.62 0.77 -54.68
CA ARG FA 104 8.59 0.49 -55.67
C ARG FA 104 9.26 0.18 -57.00
N HIS FA 105 8.48 -0.36 -57.93
CA HIS FA 105 9.03 -0.74 -59.21
C HIS FA 105 7.96 -0.63 -60.29
N SER FA 106 8.43 -0.54 -61.52
CA SER FA 106 7.56 -0.46 -62.68
C SER FA 106 8.18 -1.22 -63.85
N ASN FA 107 7.35 -1.98 -64.55
CA ASN FA 107 7.78 -2.77 -65.70
C ASN FA 107 7.43 -2.01 -66.97
N ILE FA 108 8.44 -1.71 -67.78
CA ILE FA 108 8.24 -0.96 -69.02
C ILE FA 108 8.64 -1.86 -70.19
N PRO FA 109 7.74 -2.16 -71.11
CA PRO FA 109 8.16 -2.82 -72.35
C PRO FA 109 8.88 -1.84 -73.26
N ALA FA 110 9.96 -2.32 -73.88
CA ALA FA 110 10.72 -1.51 -74.82
C ALA FA 110 11.22 -2.36 -75.96
N HIS FA 111 11.15 -1.80 -77.17
CA HIS FA 111 11.62 -2.52 -78.36
C HIS FA 111 13.14 -2.48 -78.42
N ILE FA 112 13.72 -3.62 -78.75
CA ILE FA 112 15.18 -3.79 -78.80
C ILE FA 112 15.60 -4.04 -80.23
N SER FA 113 16.30 -3.08 -80.82
CA SER FA 113 16.80 -3.25 -82.18
C SER FA 113 17.81 -4.40 -82.23
N PRO FA 114 17.86 -5.16 -83.33
CA PRO FA 114 18.80 -6.28 -83.41
C PRO FA 114 20.25 -5.84 -83.27
N CYS FA 115 20.52 -4.54 -83.43
CA CYS FA 115 21.88 -4.03 -83.30
C CYS FA 115 22.41 -4.13 -81.87
N PHE FA 116 21.57 -4.43 -80.89
CA PHE FA 116 22.04 -4.70 -79.54
C PHE FA 116 21.97 -6.17 -79.19
N ARG FA 117 22.63 -6.51 -78.08
CA ARG FA 117 22.54 -7.82 -77.47
C ARG FA 117 22.35 -7.60 -75.98
N VAL FA 118 21.34 -8.23 -75.40
CA VAL FA 118 21.01 -8.04 -73.99
C VAL FA 118 20.92 -9.39 -73.30
N LYS FA 119 21.58 -9.50 -72.16
CA LYS FA 119 21.35 -10.61 -71.26
C LYS FA 119 20.16 -10.26 -70.39
N GLU FA 120 19.94 -11.01 -69.32
CA GLU FA 120 19.00 -10.59 -68.30
C GLU FA 120 19.75 -9.83 -67.22
N GLY FA 121 19.25 -8.65 -66.87
CA GLY FA 121 19.88 -7.86 -65.84
C GLY FA 121 21.06 -7.06 -66.31
N ASP FA 122 20.92 -6.39 -67.45
CA ASP FA 122 21.89 -5.43 -67.95
C ASP FA 122 21.27 -4.05 -67.80
N HIS FA 123 22.12 -3.04 -67.64
CA HIS FA 123 21.60 -1.68 -67.58
C HIS FA 123 21.17 -1.24 -68.98
N VAL FA 124 19.99 -0.66 -69.08
CA VAL FA 124 19.41 -0.24 -70.35
C VAL FA 124 19.01 1.22 -70.22
N ILE FA 125 19.14 1.97 -71.32
CA ILE FA 125 18.58 3.30 -71.44
C ILE FA 125 17.56 3.27 -72.56
N ILE FA 126 16.32 3.65 -72.25
CA ILE FA 126 15.23 3.59 -73.22
C ILE FA 126 14.68 4.99 -73.44
N GLY FA 127 14.26 5.24 -74.67
CA GLY FA 127 13.69 6.51 -75.04
C GLY FA 127 12.33 6.30 -75.66
N GLN FA 128 11.47 7.30 -75.50
CA GLN FA 128 10.06 7.15 -75.82
C GLN FA 128 9.83 7.35 -77.31
N CYS FA 129 8.94 6.53 -77.88
CA CYS FA 129 8.53 6.71 -79.25
C CYS FA 129 7.00 6.64 -79.34
N ARG FA 130 6.48 6.60 -80.55
CA ARG FA 130 5.06 6.36 -80.74
C ARG FA 130 4.71 4.92 -80.37
N PRO FA 131 3.46 4.66 -80.01
CA PRO FA 131 3.07 3.29 -79.63
C PRO FA 131 3.40 2.31 -80.74
N LEU FA 132 4.20 1.31 -80.40
CA LEU FA 132 4.67 0.33 -81.37
C LEU FA 132 3.89 -0.97 -81.30
N SER FA 133 3.21 -1.21 -80.19
CA SER FA 133 2.35 -2.36 -80.00
C SER FA 133 1.37 -1.98 -78.91
N LYS FA 134 0.69 -2.98 -78.33
CA LYS FA 134 -0.29 -2.67 -77.32
C LYS FA 134 0.36 -2.00 -76.11
N THR FA 135 1.54 -2.47 -75.70
CA THR FA 135 2.14 -2.00 -74.48
C THR FA 135 3.46 -1.27 -74.66
N VAL FA 136 4.06 -1.29 -75.84
CA VAL FA 136 5.41 -0.77 -76.04
C VAL FA 136 5.32 0.68 -76.50
N ARG FA 137 6.01 1.57 -75.79
CA ARG FA 137 6.13 2.95 -76.24
C ARG FA 137 7.55 3.48 -76.08
N PHE FA 138 8.53 2.58 -75.93
CA PHE FA 138 9.91 2.96 -75.66
C PHE FA 138 10.85 2.12 -76.48
N ASN FA 139 12.04 2.66 -76.73
CA ASN FA 139 13.05 2.02 -77.56
C ASN FA 139 14.39 2.04 -76.84
N VAL FA 140 15.10 0.91 -76.92
CA VAL FA 140 16.42 0.81 -76.31
C VAL FA 140 17.42 1.60 -77.14
N LEU FA 141 18.21 2.45 -76.47
CA LEU FA 141 19.26 3.20 -77.13
C LEU FA 141 20.65 2.83 -76.68
N LYS FA 142 20.83 2.43 -75.42
CA LYS FA 142 22.12 2.04 -74.90
C LYS FA 142 21.95 0.82 -74.01
N VAL FA 143 22.93 -0.08 -74.09
CA VAL FA 143 22.98 -1.25 -73.22
C VAL FA 143 24.37 -1.35 -72.64
N VAL FA 144 24.45 -1.32 -71.32
CA VAL FA 144 25.70 -1.53 -70.58
C VAL FA 144 25.57 -2.84 -69.83
N PRO FA 145 26.37 -3.86 -70.15
CA PRO FA 145 26.30 -5.16 -69.47
C PRO FA 145 26.90 -5.11 -68.07
N MET GA 1 -10.68 -26.83 -11.52
CA MET GA 1 -9.96 -26.04 -12.51
C MET GA 1 -10.95 -25.56 -13.56
N ARG GA 2 -11.88 -24.69 -13.12
CA ARG GA 2 -13.08 -24.42 -13.91
C ARG GA 2 -12.75 -23.96 -15.32
N ALA GA 3 -11.61 -23.28 -15.52
CA ALA GA 3 -11.22 -22.94 -16.89
C ALA GA 3 -10.88 -24.19 -17.69
N LYS GA 4 -10.14 -25.12 -17.08
CA LYS GA 4 -9.82 -26.38 -17.73
C LYS GA 4 -11.09 -27.19 -18.01
N TRP GA 5 -12.02 -27.19 -17.06
CA TRP GA 5 -13.22 -28.00 -17.22
C TRP GA 5 -14.19 -27.37 -18.19
N LYS GA 6 -14.22 -26.04 -18.25
CA LYS GA 6 -14.96 -25.32 -19.28
C LYS GA 6 -14.38 -25.62 -20.66
N LYS GA 7 -13.07 -25.69 -20.77
CA LYS GA 7 -12.45 -26.09 -22.02
C LYS GA 7 -12.89 -27.50 -22.41
N LYS GA 8 -12.94 -28.41 -21.43
CA LYS GA 8 -13.42 -29.77 -21.71
C LYS GA 8 -14.87 -29.77 -22.16
N ARG GA 9 -15.71 -28.96 -21.53
CA ARG GA 9 -17.11 -28.84 -21.93
C ARG GA 9 -17.21 -28.38 -23.37
N MET GA 10 -16.46 -27.33 -23.73
CA MET GA 10 -16.50 -26.83 -25.10
C MET GA 10 -16.00 -27.87 -26.08
N ARG GA 11 -14.95 -28.61 -25.70
CA ARG GA 11 -14.46 -29.71 -26.52
C ARG GA 11 -15.55 -30.74 -26.78
N ARG GA 12 -16.27 -31.13 -25.73
CA ARG GA 12 -17.34 -32.11 -25.86
C ARG GA 12 -18.44 -31.61 -26.77
N LEU GA 13 -18.87 -30.36 -26.56
CA LEU GA 13 -19.95 -29.79 -27.36
C LEU GA 13 -19.54 -29.66 -28.83
N LYS GA 14 -18.29 -29.28 -29.07
CA LYS GA 14 -17.79 -29.18 -30.44
C LYS GA 14 -17.75 -30.54 -31.12
N ARG GA 15 -17.34 -31.59 -30.39
CA ARG GA 15 -17.38 -32.93 -30.96
C ARG GA 15 -18.81 -33.32 -31.32
N LYS GA 16 -19.76 -33.01 -30.43
CA LYS GA 16 -21.16 -33.34 -30.70
C LYS GA 16 -21.66 -32.64 -31.95
N ARG GA 17 -21.39 -31.32 -32.05
CA ARG GA 17 -21.84 -30.58 -33.22
C ARG GA 17 -21.23 -31.13 -34.49
N ARG GA 18 -19.93 -31.45 -34.45
CA ARG GA 18 -19.31 -32.07 -35.62
C ARG GA 18 -20.03 -33.36 -35.99
N LYS GA 19 -20.38 -34.17 -35.00
CA LYS GA 19 -21.05 -35.43 -35.32
C LYS GA 19 -22.39 -35.19 -36.00
N MET GA 20 -23.16 -34.19 -35.54
CA MET GA 20 -24.39 -33.84 -36.25
C MET GA 20 -24.10 -33.43 -37.69
N ARG GA 21 -23.08 -32.60 -37.90
CA ARG GA 21 -22.84 -32.10 -39.25
C ARG GA 21 -22.36 -33.21 -40.19
N GLN GA 22 -21.53 -34.13 -39.69
CA GLN GA 22 -21.08 -35.24 -40.52
C GLN GA 22 -22.20 -36.26 -40.76
N ARG GA 23 -23.08 -36.47 -39.78
CA ARG GA 23 -24.26 -37.28 -40.04
C ARG GA 23 -25.14 -36.65 -41.10
N SER GA 24 -25.16 -35.31 -41.17
CA SER GA 24 -25.95 -34.65 -42.20
C SER GA 24 -25.41 -34.88 -43.60
N LYS GA 25 -24.20 -35.42 -43.74
CA LYS GA 25 -23.54 -35.56 -45.03
C LYS GA 25 -24.36 -36.35 -46.05
P 1MG IA 9 -47.57 -54.59 11.02
OP1 1MG IA 9 -48.68 -53.97 10.20
OP2 1MG IA 9 -46.18 -54.69 10.45
O5' 1MG IA 9 -47.48 -53.77 12.39
C5' 1MG IA 9 -48.63 -53.12 12.92
C4' 1MG IA 9 -48.41 -51.62 13.04
O4' 1MG IA 9 -47.35 -51.35 13.99
C3' 1MG IA 9 -48.01 -50.92 11.74
O3' 1MG IA 9 -48.62 -49.62 11.69
C2' 1MG IA 9 -46.50 -50.75 11.89
O2' 1MG IA 9 -45.95 -49.70 11.15
C1' 1MG IA 9 -46.38 -50.52 13.39
N9 1MG IA 9 -45.07 -50.89 13.94
C8 1MG IA 9 -44.08 -51.16 13.08
N7 1MG IA 9 -42.98 -51.47 13.80
C5 1MG IA 9 -43.30 -51.39 15.09
C6 1MG IA 9 -42.50 -51.62 16.37
O6 1MG IA 9 -41.37 -51.94 16.30
N1 1MG IA 9 -43.12 -51.46 17.64
CM1 1MG IA 9 -42.36 -51.68 18.86
C2 1MG IA 9 -44.50 -51.08 17.71
N2 1MG IA 9 -45.14 -50.91 19.01
N3 1MG IA 9 -45.27 -50.86 16.49
C4 1MG IA 9 -44.62 -51.03 15.17
P 2MG IA 10 -50.22 -49.49 11.85
OP1 2MG IA 10 -50.49 -49.10 13.29
OP2 2MG IA 10 -50.84 -50.71 11.25
O5' 2MG IA 10 -50.60 -48.25 10.92
C5' 2MG IA 10 -51.43 -48.43 9.78
C4' 2MG IA 10 -51.09 -47.45 8.69
O4' 2MG IA 10 -50.67 -46.18 9.29
C3' 2MG IA 10 -49.93 -47.84 7.77
O3' 2MG IA 10 -50.33 -48.64 6.68
C2' 2MG IA 10 -49.35 -46.49 7.37
O2' 2MG IA 10 -50.16 -45.87 6.38
C1' 2MG IA 10 -49.49 -45.71 8.67
N9 2MG IA 10 -48.36 -45.97 9.59
C8 2MG IA 10 -48.40 -46.32 10.88
N7 2MG IA 10 -47.11 -46.45 11.30
C5 2MG IA 10 -46.32 -46.18 10.26
C6 2MG IA 10 -44.78 -46.17 10.13
O6 2MG IA 10 -44.10 -46.44 11.07
N1 2MG IA 10 -44.17 -45.84 8.89
C2 2MG IA 10 -45.00 -45.52 7.76
N2 2MG IA 10 -44.42 -45.18 6.47
CM2 2MG IA 10 -45.31 -44.87 5.37
N3 2MG IA 10 -46.45 -45.54 7.89
C4 2MG IA 10 -47.09 -45.89 9.20
P 2MG IA 25 -36.29 -40.82 7.79
OP1 2MG IA 25 -35.80 -39.57 7.09
OP2 2MG IA 25 -35.65 -41.30 9.07
O5' 2MG IA 25 -37.84 -40.62 8.08
C5' 2MG IA 25 -38.53 -39.46 7.60
C4' 2MG IA 25 -39.91 -39.79 7.11
O4' 2MG IA 25 -40.07 -41.24 7.03
C3' 2MG IA 25 -41.05 -39.34 7.99
O3' 2MG IA 25 -41.39 -37.98 7.85
C2' 2MG IA 25 -42.16 -40.31 7.59
O2' 2MG IA 25 -42.65 -39.99 6.30
C1' 2MG IA 25 -41.36 -41.60 7.51
N9 2MG IA 25 -41.19 -42.21 8.84
C8 2MG IA 25 -40.06 -42.64 9.42
N7 2MG IA 25 -40.39 -43.09 10.65
C5 2MG IA 25 -41.70 -42.91 10.83
C6 2MG IA 25 -42.63 -43.21 12.03
O6 2MG IA 25 -42.19 -43.70 13.02
N1 2MG IA 25 -44.01 -42.91 11.95
C2 2MG IA 25 -44.54 -42.31 10.74
N2 2MG IA 25 -45.94 -41.98 10.60
CM2 2MG IA 25 -46.38 -41.37 9.34
N3 2MG IA 25 -43.65 -42.03 9.61
C4 2MG IA 25 -42.19 -42.34 9.70
N1 PSU IA 27 -42.29 -37.17 15.52
C2 PSU IA 27 -41.47 -37.63 16.53
N3 PSU IA 27 -41.90 -37.60 17.84
C4 PSU IA 27 -43.15 -37.10 18.13
C5 PSU IA 27 -43.95 -36.63 17.12
C6 PSU IA 27 -43.51 -36.68 15.81
O2 PSU IA 27 -40.36 -38.07 16.27
O4 PSU IA 27 -43.54 -37.06 19.30
C1' PSU IA 27 -45.31 -36.11 17.44
C2' PSU IA 27 -45.21 -34.73 18.07
O2' PSU IA 27 -46.30 -34.56 18.95
C3' PSU IA 27 -45.34 -33.83 16.85
C4' PSU IA 27 -46.37 -34.58 16.02
O3' PSU IA 27 -45.73 -32.50 17.16
O4' PSU IA 27 -46.05 -35.97 16.25
C5' PSU IA 27 -46.36 -34.28 14.54
O5' PSU IA 27 -45.07 -34.50 14.00
P PSU IA 27 -44.79 -34.29 12.44
OP1 PSU IA 27 -45.63 -33.10 12.17
OP2 PSU IA 27 -43.34 -34.30 12.19
P MIA IA 36 -34.50 -28.22 10.69
OP1 MIA IA 36 -35.81 -28.96 10.48
OP2 MIA IA 36 -33.90 -28.15 12.05
O5' MIA IA 36 -33.43 -28.91 9.74
C5' MIA IA 36 -33.84 -29.58 8.56
C4' MIA IA 36 -32.68 -30.00 7.70
O4' MIA IA 36 -31.60 -29.04 7.76
C3' MIA IA 36 -31.99 -31.29 8.07
O3' MIA IA 36 -32.74 -32.46 7.80
C2' MIA IA 36 -30.71 -31.18 7.25
O2' MIA IA 36 -30.96 -31.48 5.88
C1' MIA IA 36 -30.40 -29.69 7.38
N9 MIA IA 36 -29.35 -29.46 8.38
C8 MIA IA 36 -29.90 -28.80 9.39
N7 MIA IA 36 -28.92 -28.64 10.29
C5 MIA IA 36 -27.80 -29.22 9.83
C6 MIA IA 36 -26.49 -29.39 10.31
N6 MIA IA 36 -26.68 -28.68 11.58
N1 MIA IA 36 -25.58 -30.03 9.59
C2 MIA IA 36 -25.91 -30.54 8.39
N3 MIA IA 36 -27.17 -30.39 7.93
C4 MIA IA 36 -28.09 -29.73 8.66
S10 MIA IA 36 -24.60 -31.42 7.48
C11 MIA IA 36 -23.35 -32.14 8.61
C12 MIA IA 36 -25.56 -28.47 12.49
C13 MIA IA 36 -24.47 -29.55 12.24
C14 MIA IA 36 -23.18 -29.27 11.99
C15 MIA IA 36 -22.67 -27.84 11.95
C16 MIA IA 36 -22.20 -30.41 11.76
P G7M IA 45 -52.14 -48.83 17.43
OP1 G7M IA 45 -52.46 -49.02 15.98
OP2 G7M IA 45 -53.24 -48.45 18.38
O5' G7M IA 45 -51.49 -50.20 17.94
C5' G7M IA 45 -52.16 -51.45 17.81
C4' G7M IA 45 -51.43 -52.38 16.87
O4' G7M IA 45 -50.02 -52.35 17.16
C3' G7M IA 45 -51.84 -53.86 16.97
O3' G7M IA 45 -52.50 -54.28 15.77
C2' G7M IA 45 -50.50 -54.62 17.12
O2' G7M IA 45 -50.39 -55.78 16.32
C1' G7M IA 45 -49.46 -53.57 16.74
N9 G7M IA 45 -48.17 -53.78 17.37
C8 G7M IA 45 -47.89 -53.70 18.69
N7 G7M IA 45 -46.57 -53.99 18.83
CN7 G7M IA 45 -45.91 -53.99 20.14
C5 G7M IA 45 -46.04 -54.26 17.63
C6 G7M IA 45 -44.63 -54.65 17.16
O6 G7M IA 45 -43.74 -54.76 17.94
N1 G7M IA 45 -44.38 -54.87 15.76
C2 G7M IA 45 -45.44 -54.74 14.80
N2 G7M IA 45 -45.19 -54.98 13.34
N3 G7M IA 45 -46.78 -54.36 15.25
C4 G7M IA 45 -47.05 -54.13 16.72
P H2U IA 46 -53.47 -55.56 15.78
OP1 H2U IA 46 -54.89 -55.06 15.98
OP2 H2U IA 46 -52.93 -56.60 16.72
O5' H2U IA 46 -53.35 -56.14 14.30
C5' H2U IA 46 -53.90 -57.41 13.97
C4' H2U IA 46 -55.04 -57.78 14.90
O4' H2U IA 46 -56.29 -57.44 14.27
C3' H2U IA 46 -55.19 -59.26 15.22
O3' H2U IA 46 -54.40 -59.66 16.32
C1' H2U IA 46 -57.31 -58.14 14.91
C2' H2U IA 46 -56.71 -59.45 15.46
O2' H2U IA 46 -56.99 -59.52 16.85
N1 H2U IA 46 -58.40 -58.38 13.94
C2 H2U IA 46 -59.63 -59.15 14.33
O2 H2U IA 46 -59.74 -59.58 15.42
N3 H2U IA 46 -60.71 -59.36 13.33
C4 H2U IA 46 -60.58 -58.83 11.98
O4 H2U IA 46 -61.44 -59.00 11.18
C5 H2U IA 46 -59.35 -58.07 11.59
C6 H2U IA 46 -58.28 -57.85 12.60
P 5MC IA 47 -52.94 -60.31 16.11
OP1 5MC IA 47 -52.57 -61.01 17.41
OP2 5MC IA 47 -52.02 -59.25 15.58
O5' 5MC IA 47 -53.16 -61.40 14.98
C5' 5MC IA 47 -52.10 -62.26 14.57
C4' 5MC IA 47 -51.26 -61.63 13.49
O4' 5MC IA 47 -50.32 -60.70 14.09
C3' 5MC IA 47 -50.42 -62.59 12.68
O3' 5MC IA 47 -50.05 -61.95 11.46
C2' 5MC IA 47 -49.18 -62.71 13.56
O2' 5MC IA 47 -48.04 -63.19 12.90
C1' 5MC IA 47 -49.01 -61.27 14.05
N1 5MC IA 47 -48.44 -61.15 15.40
C2 5MC IA 47 -46.96 -61.18 15.63
O2 5MC IA 47 -46.20 -61.34 14.72
N3 5MC IA 47 -46.43 -61.05 17.02
C4 5MC IA 47 -47.34 -60.86 18.14
N4 5MC IA 47 -46.83 -60.73 19.48
C5 5MC IA 47 -48.81 -60.81 17.91
C6 5MC IA 47 -49.35 -60.95 16.52
CM5 5MC IA 47 -49.79 -60.62 19.11
P 5MC IA 48 -50.43 -62.59 10.03
OP1 5MC IA 48 -51.13 -63.92 10.26
OP2 5MC IA 48 -49.18 -62.55 9.20
O5' 5MC IA 48 -51.46 -61.56 9.42
C5' 5MC IA 48 -52.75 -61.37 9.99
C4' 5MC IA 48 -53.84 -61.85 9.07
O4' 5MC IA 48 -53.27 -62.64 8.01
C3' 5MC IA 48 -54.86 -62.79 9.70
O3' 5MC IA 48 -55.86 -62.08 10.42
C2' 5MC IA 48 -55.40 -63.59 8.51
O2' 5MC IA 48 -56.52 -62.94 7.93
C1' 5MC IA 48 -54.24 -63.53 7.50
N1 5MC IA 48 -53.60 -64.84 7.28
C2 5MC IA 48 -54.34 -66.09 6.92
O2 5MC IA 48 -55.54 -66.09 6.80
N3 5MC IA 48 -53.60 -67.35 6.71
C4 5MC IA 48 -52.14 -67.40 6.83
N4 5MC IA 48 -51.42 -68.63 6.62
C5 5MC IA 48 -51.40 -66.17 7.19
C6 5MC IA 48 -52.14 -64.89 7.41
CM5 5MC IA 48 -49.85 -66.19 7.33
N1 PSU IA 54 -51.41 -76.70 24.29
C2 PSU IA 54 -50.97 -75.44 23.93
N3 PSU IA 54 -49.63 -75.23 23.68
C4 PSU IA 54 -48.74 -76.28 23.77
C5 PSU IA 54 -49.19 -77.54 24.13
C6 PSU IA 54 -50.55 -77.74 24.38
O2 PSU IA 54 -51.75 -74.49 23.85
O4 PSU IA 54 -47.56 -76.11 23.54
C1' PSU IA 54 -48.19 -78.66 24.21
C2' PSU IA 54 -47.37 -78.59 25.50
O2' PSU IA 54 -46.04 -79.02 25.21
C3' PSU IA 54 -48.08 -79.62 26.37
C4' PSU IA 54 -48.49 -80.68 25.37
O3' PSU IA 54 -47.29 -80.14 27.43
O4' PSU IA 54 -48.85 -79.92 24.19
C5' PSU IA 54 -49.65 -81.55 25.79
O5' PSU IA 54 -50.75 -80.76 26.19
P PSU IA 54 -52.18 -80.99 25.55
OP1 PSU IA 54 -52.87 -82.04 26.33
OP2 PSU IA 54 -52.83 -79.68 25.34
P 1MA IA 57 -48.62 -70.65 24.43
OP1 1MA IA 57 -49.65 -69.57 24.33
OP2 1MA IA 57 -48.97 -72.05 23.97
O5' 1MA IA 57 -47.34 -70.18 23.59
C5' 1MA IA 57 -47.09 -68.80 23.34
C4' 1MA IA 57 -46.88 -68.53 21.88
O4' 1MA IA 57 -46.32 -69.71 21.25
C3' 1MA IA 57 -48.14 -68.17 21.10
O3' 1MA IA 57 -47.87 -67.13 20.15
C2' 1MA IA 57 -48.49 -69.46 20.37
O2' 1MA IA 57 -49.19 -69.30 19.15
C1' 1MA IA 57 -47.12 -70.09 20.15
N9 1MA IA 57 -47.17 -71.56 20.13
C8 1MA IA 57 -47.93 -72.61 20.48
N7 1MA IA 57 -47.27 -73.73 20.10
C5 1MA IA 57 -46.14 -73.37 19.52
C6 1MA IA 57 -45.00 -74.21 18.91
N6 1MA IA 57 -45.09 -75.47 18.91
N1 1MA IA 57 -43.86 -73.57 18.36
CM1 1MA IA 57 -42.79 -74.38 17.77
C2 1MA IA 57 -43.78 -72.12 18.37
N3 1MA IA 57 -44.87 -71.33 18.95
C4 1MA IA 57 -46.05 -72.00 19.53
MG MG JA . 4.67 13.19 10.37
MG MG KA . 15.53 14.73 -57.92
MG MG LA . -19.37 19.88 -64.23
MG MG MA . -21.89 5.79 -57.37
MG MG NA . -36.35 16.67 -71.29
MG MG OA . -36.36 9.15 -64.55
MG MG PA . -25.59 9.05 -54.53
MG MG QA . -23.92 12.08 -74.28
MG MG RA . -28.56 8.13 -77.73
MG MG SA . -1.37 -15.98 -3.05
MG MG TA . 9.87 -27.55 -18.12
MG MG UA . 21.83 -15.57 -36.39
MG MG VA . 10.88 -18.04 -24.29
MG MG WA . 0.25 -22.21 -26.64
MG MG XA . 4.07 -16.53 -22.83
MG MG YA . -1.28 -11.12 -18.69
MG MG ZA . -3.84 -13.49 -14.33
MG MG AB . -5.07 -8.47 -4.25
MG MG BB . -15.43 -6.19 -1.79
MG MG CB . -12.24 -4.75 -8.71
MG MG DB . -10.99 -6.18 -26.15
MG MG EB . -9.59 0.69 -26.70
MG MG FB . -2.83 2.03 -23.60
MG MG GB . -19.77 -20.06 4.96
MG MG HB . -4.99 -22.31 -2.44
MG MG IB . -3.07 -19.40 -0.27
MG MG JB . -16.82 -31.08 34.27
MG MG KB . -21.47 -22.15 29.63
MG MG LB . 6.16 -70.17 4.51
MG MG MB . 0.71 -1.77 -88.93
MG MG NB . 1.55 -6.81 -85.30
MG MG OB . 29.25 -31.86 -12.07
MG MG PB . 24.12 -44.37 -8.93
MG MG QB . 30.95 -9.49 -27.81
MG MG RB . 23.95 -23.29 -19.70
MG MG SB . 39.67 -20.77 -11.62
MG MG TB . 34.15 -14.64 -13.47
MG MG UB . -37.32 29.35 -17.58
MG MG VB . -36.38 19.83 -14.07
MG MG WB . -30.00 16.77 -12.14
MG MG XB . -38.06 21.50 -8.99
MG MG YB . -22.23 24.28 -7.80
MG MG ZB . -17.36 9.90 -25.33
MG MG AC . -3.66 17.38 -28.91
MG MG BC . 18.52 -11.65 -45.52
MG MG CC . 39.78 -10.05 -36.46
MG MG DC . -22.38 20.28 -71.48
MG MG EC . -38.31 19.59 -62.41
MG MG FC . -56.10 8.35 29.57
MG MG GC . -61.70 1.27 35.59
MG MG HC . -51.77 -8.37 44.83
MG MG IC . -40.94 -9.15 41.15
MG MG JC . -58.19 -2.21 36.85
MG MG KC . -48.13 -9.89 33.64
MG MG LC . -33.73 -29.64 44.74
MG MG MC . -33.42 -13.80 36.75
MG MG NC . -41.90 -7.68 53.21
MG MG OC . -36.66 -31.81 66.36
MG MG PC . -45.27 -35.30 57.06
MG MG QC . -35.41 -26.18 53.89
MG MG RC . -8.65 -3.92 44.40
MG MG SC . 6.68 12.19 3.54
MG MG TC . 3.89 11.29 13.73
MG MG UC . -6.98 -20.55 36.64
MG MG VC . -20.43 -11.20 27.54
MG MG WC . -30.69 5.98 22.86
MG MG XC . -31.38 2.86 19.67
MG MG YC . -37.39 8.12 27.90
MG MG ZC . -18.14 3.34 -2.76
MG MG AD . -26.81 -22.47 -2.81
MG MG BD . -13.65 -46.93 -8.71
MG MG CD . -14.33 -41.33 -11.20
MG MG DD . -10.83 -29.05 -5.69
MG MG ED . -9.99 -28.23 -2.13
MG MG FD . -15.15 -26.20 -0.83
MG MG GD . -24.29 1.75 -10.49
MG MG HD . -30.69 -45.79 56.90
MG MG ID . -12.77 3.31 -28.17
MG MG JD . -30.34 13.72 -21.70
MG MG KD . -25.35 19.02 -12.63
MG MG LD . -16.88 34.96 -78.10
ZN ZN MD . -40.42 10.74 39.08
ZN ZN ND . 3.99 -35.38 1.45
MG MG OD . -29.08 -23.98 -0.68
MG MG PD . -38.16 -33.05 15.15
MG MG QD . -32.67 -29.52 13.32
#